data_6RIQ
#
_entry.id   6RIQ
#
_cell.length_a   1.000
_cell.length_b   1.000
_cell.length_c   1.000
_cell.angle_alpha   90.00
_cell.angle_beta   90.00
_cell.angle_gamma   90.00
#
_symmetry.space_group_name_H-M   'P 1'
#
loop_
_entity.id
_entity.type
_entity.pdbx_description
1 polymer MinC
2 polymer 'Site-determining protein'
3 non-polymer 'MAGNESIUM ION'
4 non-polymer "ADENOSINE-5'-TRIPHOSPHATE"
#
loop_
_entity_poly.entity_id
_entity_poly.type
_entity_poly.pdbx_seq_one_letter_code
_entity_poly.pdbx_strand_id
1 'polypeptide(L)'
;KDSAPRKPAEEPSPSVGEARPEPAKAEEKPAEPVSRPTKVVKTPVRGGMQIYAAGGDLIVLAAVSPGAELLADGNIHVYG
PMRGRALAGVKGDATARIFCQQLAAELVSIAGNYKVAEDLRRSPQWGKAVHVSLSGDVLNITRL
;
A,B,E,F,H,I,L,O,P,S,T
2 'polypeptide(L)'
;MAKILVVTSGKGGVGKTTTSAAIGTGLALRGFKTVIVDFDVGLRNLDLIMGCERRVVYDFVNVVNGEATLTQALIKDKRL
ENLHVLAASQTRDKDALTKEGVEKVMAELRKDFEYIICDSPAGIEKGAHLAMYFADEAIVVTNPEVSSVRDSDRMLGLLA
SKSQRAEKGEEPIKEHLLLTRYNPERVTKGEMLSVDDVEEILAIRLLGVIPESQAVLKASNQGVPVILDEQSDAGQAYSD
AVDRLLGKEIPHRFLDVQKKGFLQRLFGGRE
;
C,D,G,J,K,M,N,Q,R,U,V
#
# COMPACT_ATOMS: atom_id res chain seq x y z
N PRO A 37 -40.32 1.04 -21.97
CA PRO A 37 -39.74 2.04 -22.87
C PRO A 37 -38.43 2.62 -22.36
N THR A 38 -37.72 1.88 -21.51
CA THR A 38 -36.35 2.21 -21.11
C THR A 38 -35.48 1.01 -21.50
N LYS A 39 -34.72 1.18 -22.57
CA LYS A 39 -33.95 0.08 -23.14
C LYS A 39 -32.78 -0.27 -22.23
N VAL A 40 -32.67 -1.55 -21.86
CA VAL A 40 -31.60 -2.04 -21.01
C VAL A 40 -30.65 -2.87 -21.86
N VAL A 41 -29.36 -2.59 -21.76
CA VAL A 41 -28.33 -3.32 -22.49
C VAL A 41 -27.47 -4.05 -21.45
N LYS A 42 -27.63 -5.37 -21.37
CA LYS A 42 -26.93 -6.16 -20.36
C LYS A 42 -25.67 -6.84 -20.87
N THR A 43 -25.33 -6.67 -22.14
CA THR A 43 -24.15 -7.26 -22.74
C THR A 43 -23.03 -6.25 -22.84
N PRO A 44 -21.77 -6.67 -23.01
CA PRO A 44 -20.71 -5.70 -23.28
C PRO A 44 -20.92 -5.02 -24.63
N VAL A 45 -20.85 -3.69 -24.62
CA VAL A 45 -21.09 -2.88 -25.83
C VAL A 45 -19.74 -2.66 -26.48
N ARG A 46 -19.38 -3.57 -27.38
CA ARG A 46 -18.00 -3.64 -27.85
C ARG A 46 -17.71 -2.47 -28.80
N GLY A 47 -16.42 -2.29 -29.11
CA GLY A 47 -16.02 -1.18 -29.94
C GLY A 47 -16.67 -1.24 -31.31
N GLY A 48 -16.98 -0.07 -31.86
CA GLY A 48 -17.63 0.03 -33.13
C GLY A 48 -19.13 -0.07 -33.09
N MET A 49 -19.68 -0.69 -32.05
CA MET A 49 -21.12 -0.81 -31.87
C MET A 49 -21.75 0.55 -31.57
N GLN A 50 -23.01 0.70 -31.96
CA GLN A 50 -23.79 1.87 -31.57
C GLN A 50 -25.16 1.40 -31.09
N ILE A 51 -25.60 1.89 -29.95
CA ILE A 51 -26.90 1.58 -29.39
C ILE A 51 -27.73 2.85 -29.41
N TYR A 52 -28.96 2.76 -29.90
CA TYR A 52 -29.81 3.94 -30.06
C TYR A 52 -31.15 3.69 -29.39
N ALA A 53 -31.30 4.17 -28.16
CA ALA A 53 -32.58 4.20 -27.46
C ALA A 53 -33.41 5.33 -28.05
N ALA A 54 -34.39 4.97 -28.89
CA ALA A 54 -35.04 5.96 -29.74
C ALA A 54 -36.09 6.79 -29.00
N GLY A 55 -36.68 6.26 -27.93
CA GLY A 55 -37.75 6.97 -27.26
C GLY A 55 -37.31 7.74 -26.04
N GLY A 56 -36.56 7.09 -25.15
CA GLY A 56 -36.17 7.73 -23.91
C GLY A 56 -34.83 7.27 -23.39
N ASP A 57 -34.79 6.81 -22.14
CA ASP A 57 -33.56 6.50 -21.46
C ASP A 57 -32.84 5.33 -22.11
N LEU A 58 -31.61 5.12 -21.68
CA LEU A 58 -30.80 3.96 -22.06
C LEU A 58 -29.95 3.58 -20.86
N ILE A 59 -30.10 2.36 -20.38
CA ILE A 59 -29.32 1.84 -19.26
C ILE A 59 -28.38 0.78 -19.82
N VAL A 60 -27.09 0.95 -19.57
CA VAL A 60 -26.08 0.00 -20.02
C VAL A 60 -25.44 -0.59 -18.76
N LEU A 61 -25.66 -1.88 -18.53
CA LEU A 61 -25.18 -2.52 -17.32
C LEU A 61 -23.87 -3.28 -17.51
N ALA A 62 -23.08 -2.92 -18.53
CA ALA A 62 -21.82 -3.62 -18.81
C ALA A 62 -20.77 -2.60 -19.19
N ALA A 63 -19.60 -3.10 -19.56
CA ALA A 63 -18.50 -2.23 -19.94
C ALA A 63 -18.66 -1.83 -21.41
N VAL A 64 -18.44 -0.55 -21.69
CA VAL A 64 -18.57 0.00 -23.03
C VAL A 64 -17.17 0.27 -23.54
N SER A 65 -16.73 -0.54 -24.51
CA SER A 65 -15.36 -0.49 -25.01
C SER A 65 -15.11 0.79 -25.80
N PRO A 66 -13.85 1.25 -25.84
CA PRO A 66 -13.56 2.49 -26.58
C PRO A 66 -13.85 2.33 -28.06
N GLY A 67 -14.52 3.33 -28.63
CA GLY A 67 -15.04 3.29 -29.98
C GLY A 67 -16.53 3.02 -30.07
N ALA A 68 -17.10 2.36 -29.06
CA ALA A 68 -18.54 2.22 -28.98
C ALA A 68 -19.18 3.58 -28.76
N GLU A 69 -20.43 3.73 -29.19
CA GLU A 69 -21.16 4.96 -28.95
C GLU A 69 -22.58 4.64 -28.51
N LEU A 70 -23.02 5.33 -27.46
CA LEU A 70 -24.35 5.16 -26.88
C LEU A 70 -25.09 6.47 -27.09
N LEU A 71 -26.13 6.46 -27.90
CA LEU A 71 -26.88 7.69 -28.12
C LEU A 71 -28.37 7.45 -27.93
N ALA A 72 -28.99 8.37 -27.19
CA ALA A 72 -30.39 8.28 -26.83
C ALA A 72 -30.89 9.70 -26.60
N ASP A 73 -32.17 9.94 -26.91
CA ASP A 73 -32.71 11.28 -26.74
C ASP A 73 -33.27 11.52 -25.34
N GLY A 74 -33.15 10.55 -24.45
CA GLY A 74 -33.39 10.80 -23.04
C GLY A 74 -32.09 10.79 -22.26
N ASN A 75 -32.09 10.20 -21.08
CA ASN A 75 -30.88 10.11 -20.28
C ASN A 75 -30.10 8.85 -20.66
N ILE A 76 -28.87 8.77 -20.18
CA ILE A 76 -28.00 7.61 -20.38
C ILE A 76 -27.40 7.26 -19.02
N HIS A 77 -27.64 6.04 -18.56
CA HIS A 77 -27.06 5.57 -17.31
C HIS A 77 -26.11 4.42 -17.63
N VAL A 78 -24.84 4.58 -17.32
CA VAL A 78 -23.82 3.59 -17.59
C VAL A 78 -23.25 3.11 -16.26
N TYR A 79 -23.60 1.89 -15.86
CA TYR A 79 -23.18 1.34 -14.58
C TYR A 79 -21.97 0.41 -14.71
N GLY A 80 -21.14 0.63 -15.73
CA GLY A 80 -19.89 -0.08 -15.87
C GLY A 80 -18.78 0.91 -16.12
N PRO A 81 -17.63 0.44 -16.59
CA PRO A 81 -16.57 1.37 -17.01
C PRO A 81 -16.81 1.83 -18.43
N MET A 82 -17.24 3.07 -18.60
CA MET A 82 -17.51 3.58 -19.94
C MET A 82 -16.26 4.21 -20.53
N ARG A 83 -15.89 3.76 -21.73
CA ARG A 83 -14.76 4.31 -22.47
C ARG A 83 -15.16 4.74 -23.87
N GLY A 84 -16.44 4.77 -24.19
CA GLY A 84 -16.92 5.14 -25.51
C GLY A 84 -17.49 6.53 -25.55
N ARG A 85 -18.41 6.77 -26.47
CA ARG A 85 -19.02 8.09 -26.69
C ARG A 85 -20.47 8.06 -26.24
N ALA A 86 -20.80 8.87 -25.24
CA ALA A 86 -22.17 9.02 -24.77
C ALA A 86 -22.78 10.29 -25.35
N LEU A 87 -23.92 10.14 -26.04
CA LEU A 87 -24.57 11.26 -26.72
C LEU A 87 -26.01 11.34 -26.23
N ALA A 88 -26.27 12.18 -25.24
CA ALA A 88 -27.59 12.29 -24.62
C ALA A 88 -28.44 13.37 -25.28
N GLY A 89 -29.75 13.15 -25.26
CA GLY A 89 -30.68 14.15 -25.79
C GLY A 89 -30.44 14.50 -27.24
N VAL A 90 -30.20 13.50 -28.09
CA VAL A 90 -29.71 13.77 -29.44
C VAL A 90 -30.73 14.52 -30.27
N LYS A 91 -32.01 14.30 -30.04
CA LYS A 91 -33.04 15.02 -30.80
C LYS A 91 -33.55 16.23 -30.04
N GLY A 92 -32.64 17.08 -29.59
CA GLY A 92 -32.98 18.38 -29.03
C GLY A 92 -33.71 18.38 -27.70
N ASP A 93 -32.99 18.08 -26.62
CA ASP A 93 -33.57 18.14 -25.28
C ASP A 93 -32.45 18.51 -24.30
N ALA A 94 -32.46 19.76 -23.85
CA ALA A 94 -31.42 20.26 -22.97
C ALA A 94 -31.64 19.85 -21.51
N THR A 95 -32.52 18.91 -21.24
CA THR A 95 -32.74 18.41 -19.89
C THR A 95 -32.26 16.97 -19.70
N ALA A 96 -31.65 16.38 -20.73
CA ALA A 96 -31.06 15.06 -20.63
C ALA A 96 -29.84 15.08 -19.70
N ARG A 97 -29.40 13.89 -19.29
CA ARG A 97 -28.29 13.75 -18.37
C ARG A 97 -27.53 12.47 -18.70
N ILE A 98 -26.25 12.46 -18.34
CA ILE A 98 -25.41 11.28 -18.45
C ILE A 98 -24.89 10.93 -17.06
N PHE A 99 -25.01 9.66 -16.69
CA PHE A 99 -24.50 9.19 -15.41
C PHE A 99 -23.55 8.04 -15.66
N CYS A 100 -22.31 8.17 -15.22
CA CYS A 100 -21.33 7.10 -15.34
C CYS A 100 -20.83 6.72 -13.96
N GLN A 101 -20.56 5.43 -13.77
CA GLN A 101 -19.90 5.03 -12.54
C GLN A 101 -18.40 5.30 -12.58
N GLN A 102 -17.81 5.22 -13.78
CA GLN A 102 -16.39 5.49 -13.97
C GLN A 102 -16.28 6.35 -15.22
N LEU A 103 -15.96 7.63 -15.03
CA LEU A 103 -15.88 8.55 -16.16
C LEU A 103 -14.56 8.31 -16.90
N ALA A 104 -14.65 7.63 -18.05
CA ALA A 104 -13.51 7.51 -18.94
C ALA A 104 -13.96 7.66 -20.39
N ALA A 105 -15.02 8.43 -20.63
CA ALA A 105 -15.57 8.55 -21.97
C ALA A 105 -14.58 9.24 -22.89
N GLU A 106 -14.69 8.91 -24.18
CA GLU A 106 -13.98 9.65 -25.22
C GLU A 106 -14.72 10.93 -25.61
N LEU A 107 -16.02 10.98 -25.38
CA LEU A 107 -16.84 12.14 -25.67
C LEU A 107 -18.12 12.04 -24.86
N VAL A 108 -18.54 13.14 -24.27
CA VAL A 108 -19.87 13.28 -23.68
C VAL A 108 -20.53 14.49 -24.31
N SER A 109 -21.81 14.37 -24.62
CA SER A 109 -22.48 15.46 -25.33
C SER A 109 -23.98 15.39 -25.04
N ILE A 110 -24.54 16.50 -24.55
CA ILE A 110 -25.97 16.61 -24.32
C ILE A 110 -26.55 17.61 -25.32
N ALA A 111 -27.42 17.12 -26.19
CA ALA A 111 -28.15 17.94 -27.16
C ALA A 111 -27.24 18.70 -28.12
N GLY A 112 -25.97 18.31 -28.23
CA GLY A 112 -25.05 18.90 -29.19
C GLY A 112 -23.80 19.51 -28.57
N ASN A 113 -23.90 19.98 -27.34
CA ASN A 113 -22.76 20.58 -26.65
C ASN A 113 -21.88 19.44 -26.13
N TYR A 114 -20.71 19.25 -26.76
CA TYR A 114 -19.88 18.12 -26.43
C TYR A 114 -18.75 18.53 -25.51
N LYS A 115 -17.91 17.54 -25.18
CA LYS A 115 -16.76 17.74 -24.30
C LYS A 115 -15.88 16.51 -24.49
N VAL A 116 -14.77 16.64 -25.24
CA VAL A 116 -13.99 15.47 -25.61
C VAL A 116 -13.16 15.00 -24.42
N ALA A 117 -12.51 13.84 -24.54
CA ALA A 117 -11.79 13.28 -23.42
C ALA A 117 -10.52 14.06 -23.08
N GLU A 118 -10.08 14.96 -23.97
CA GLU A 118 -8.80 15.62 -23.74
C GLU A 118 -8.93 16.60 -22.59
N ASP A 119 -10.00 17.40 -22.57
CA ASP A 119 -10.26 18.33 -21.49
C ASP A 119 -11.06 17.72 -20.34
N LEU A 120 -11.55 16.49 -20.49
CA LEU A 120 -12.15 15.81 -19.34
C LEU A 120 -11.09 15.19 -18.44
N ARG A 121 -9.98 14.72 -19.02
CA ARG A 121 -8.89 14.18 -18.22
C ARG A 121 -8.25 15.26 -17.36
N ARG A 122 -8.28 16.51 -17.84
CA ARG A 122 -7.66 17.61 -17.11
C ARG A 122 -8.39 17.90 -15.80
N SER A 123 -9.70 17.71 -15.77
CA SER A 123 -10.48 17.97 -14.57
C SER A 123 -10.32 16.81 -13.58
N PRO A 124 -10.74 17.00 -12.31
CA PRO A 124 -10.89 15.84 -11.43
C PRO A 124 -12.09 15.01 -11.87
N GLN A 125 -12.50 14.05 -11.05
CA GLN A 125 -13.59 13.13 -11.38
C GLN A 125 -13.32 12.34 -12.67
N TRP A 126 -12.07 12.23 -13.10
CA TRP A 126 -11.75 11.30 -14.17
C TRP A 126 -11.59 9.91 -13.57
N GLY A 127 -12.35 8.95 -14.06
CA GLY A 127 -12.45 7.65 -13.44
C GLY A 127 -13.33 7.60 -12.21
N LYS A 128 -14.08 8.66 -11.93
CA LYS A 128 -14.93 8.75 -10.76
C LYS A 128 -16.39 8.76 -11.19
N ALA A 129 -17.27 8.45 -10.24
CA ALA A 129 -18.70 8.44 -10.52
C ALA A 129 -19.15 9.87 -10.78
N VAL A 130 -19.66 10.12 -11.98
CA VAL A 130 -19.83 11.47 -12.48
C VAL A 130 -21.26 11.64 -12.97
N HIS A 131 -21.70 12.89 -13.07
CA HIS A 131 -23.07 13.20 -13.43
C HIS A 131 -23.06 14.44 -14.31
N VAL A 132 -23.30 14.24 -15.60
CA VAL A 132 -23.16 15.27 -16.62
C VAL A 132 -24.54 15.84 -16.91
N SER A 133 -24.62 17.17 -17.00
CA SER A 133 -25.86 17.88 -17.19
C SER A 133 -25.58 19.15 -17.97
N LEU A 134 -26.57 19.61 -18.73
CA LEU A 134 -26.41 20.80 -19.56
C LEU A 134 -27.10 21.99 -18.90
N SER A 135 -26.30 22.95 -18.42
CA SER A 135 -26.82 24.16 -17.80
C SER A 135 -26.78 25.29 -18.82
N GLY A 136 -27.92 25.52 -19.47
CA GLY A 136 -28.01 26.60 -20.43
C GLY A 136 -27.28 26.30 -21.72
N ASP A 137 -25.95 26.42 -21.69
CA ASP A 137 -25.14 26.16 -22.87
C ASP A 137 -23.80 25.49 -22.56
N VAL A 138 -23.49 25.22 -21.30
CA VAL A 138 -22.24 24.58 -20.92
C VAL A 138 -22.54 23.26 -20.22
N LEU A 139 -21.61 22.31 -20.34
CA LEU A 139 -21.71 21.03 -19.67
C LEU A 139 -21.21 21.16 -18.23
N ASN A 140 -21.84 20.43 -17.33
CA ASN A 140 -21.40 20.37 -15.93
C ASN A 140 -20.90 18.97 -15.61
N ILE A 141 -19.95 18.89 -14.68
CA ILE A 141 -19.29 17.64 -14.32
C ILE A 141 -19.31 17.58 -12.80
N THR A 142 -20.29 16.89 -12.24
CA THR A 142 -20.47 16.80 -10.80
C THR A 142 -19.93 15.46 -10.31
N ARG A 143 -19.82 15.32 -8.99
CA ARG A 143 -19.31 14.07 -8.47
C ARG A 143 -20.35 13.39 -7.59
N PRO B 37 -40.77 11.81 -19.96
CA PRO B 37 -41.43 10.75 -19.18
C PRO B 37 -40.47 10.03 -18.22
N THR B 38 -39.41 10.71 -17.80
CA THR B 38 -38.54 10.26 -16.71
C THR B 38 -38.51 11.38 -15.68
N LYS B 39 -39.26 11.20 -14.59
CA LYS B 39 -39.41 12.26 -13.59
C LYS B 39 -38.13 12.39 -12.77
N VAL B 40 -37.59 13.60 -12.71
CA VAL B 40 -36.36 13.90 -11.97
C VAL B 40 -36.70 14.70 -10.72
N VAL B 41 -36.15 14.28 -9.59
CA VAL B 41 -36.33 14.95 -8.30
C VAL B 41 -34.97 15.49 -7.87
N LYS B 42 -34.78 16.81 -7.94
CA LYS B 42 -33.49 17.40 -7.64
C LYS B 42 -33.38 17.96 -6.22
N THR B 43 -34.43 17.88 -5.42
CA THR B 43 -34.40 18.41 -4.06
C THR B 43 -34.22 17.28 -3.06
N PRO B 44 -33.83 17.57 -1.82
CA PRO B 44 -33.80 16.52 -0.79
C PRO B 44 -35.20 16.00 -0.52
N VAL B 45 -35.34 14.67 -0.55
CA VAL B 45 -36.63 14.01 -0.38
C VAL B 45 -36.78 13.70 1.10
N ARG B 46 -37.35 14.65 1.84
CA ARG B 46 -37.29 14.59 3.30
C ARG B 46 -38.23 13.50 3.83
N GLY B 47 -38.05 13.18 5.11
CA GLY B 47 -38.84 12.12 5.71
C GLY B 47 -40.32 12.46 5.69
N GLY B 48 -41.14 11.43 5.51
CA GLY B 48 -42.56 11.62 5.38
C GLY B 48 -43.03 11.89 3.98
N MET B 49 -42.15 12.40 3.11
CA MET B 49 -42.47 12.64 1.71
C MET B 49 -42.64 11.32 0.95
N GLN B 50 -43.46 11.36 -0.10
CA GLN B 50 -43.58 10.24 -1.03
C GLN B 50 -43.54 10.80 -2.44
N ILE B 51 -42.72 10.18 -3.29
CA ILE B 51 -42.59 10.57 -4.70
C ILE B 51 -43.11 9.40 -5.53
N TYR B 52 -43.98 9.69 -6.49
CA TYR B 52 -44.62 8.64 -7.28
C TYR B 52 -44.47 8.96 -8.77
N ALA B 53 -43.47 8.34 -9.42
CA ALA B 53 -43.33 8.40 -10.87
C ALA B 53 -44.35 7.46 -11.49
N ALA B 54 -45.42 8.03 -12.05
CA ALA B 54 -46.59 7.26 -12.41
C ALA B 54 -46.44 6.52 -13.74
N GLY B 55 -45.61 7.01 -14.65
CA GLY B 55 -45.50 6.41 -15.96
C GLY B 55 -44.31 5.49 -16.12
N GLY B 56 -43.13 5.94 -15.73
CA GLY B 56 -41.91 5.17 -15.91
C GLY B 56 -40.87 5.40 -14.84
N ASP B 57 -39.65 5.73 -15.27
CA ASP B 57 -38.51 5.85 -14.38
C ASP B 57 -38.68 6.98 -13.36
N LEU B 58 -37.80 6.97 -12.38
CA LEU B 58 -37.69 8.03 -11.38
C LEU B 58 -36.21 8.19 -11.05
N ILE B 59 -35.68 9.39 -11.25
CA ILE B 59 -34.29 9.73 -10.94
C ILE B 59 -34.32 10.68 -9.77
N VAL B 60 -33.63 10.32 -8.69
CA VAL B 60 -33.53 11.16 -7.50
C VAL B 60 -32.07 11.57 -7.34
N LEU B 61 -31.79 12.85 -7.51
CA LEU B 61 -30.42 13.34 -7.48
C LEU B 61 -30.03 13.92 -6.12
N ALA B 62 -30.73 13.55 -5.05
CA ALA B 62 -30.45 14.10 -3.74
C ALA B 62 -30.57 13.00 -2.69
N ALA B 63 -30.42 13.40 -1.43
CA ALA B 63 -30.51 12.45 -0.34
C ALA B 63 -31.98 12.21 0.02
N VAL B 64 -32.32 10.96 0.25
CA VAL B 64 -33.68 10.55 0.61
C VAL B 64 -33.66 10.19 2.08
N SER B 65 -34.27 11.05 2.89
CA SER B 65 -34.21 10.93 4.34
C SER B 65 -35.02 9.72 4.82
N PRO B 66 -34.66 9.14 5.97
CA PRO B 66 -35.37 7.94 6.43
C PRO B 66 -36.84 8.25 6.70
N GLY B 67 -37.71 7.36 6.23
CA GLY B 67 -39.14 7.58 6.25
C GLY B 67 -39.75 7.98 4.93
N ALA B 68 -38.98 8.58 4.03
CA ALA B 68 -39.44 8.85 2.68
C ALA B 68 -39.66 7.55 1.92
N GLU B 69 -40.56 7.59 0.93
CA GLU B 69 -40.77 6.43 0.08
C GLU B 69 -40.86 6.88 -1.37
N LEU B 70 -40.12 6.19 -2.23
CA LEU B 70 -40.04 6.50 -3.66
C LEU B 70 -40.61 5.29 -4.39
N LEU B 71 -41.74 5.46 -5.03
CA LEU B 71 -42.32 4.33 -5.76
C LEU B 71 -42.63 4.73 -7.19
N ALA B 72 -42.27 3.84 -8.11
CA ALA B 72 -42.40 4.08 -9.54
C ALA B 72 -42.58 2.73 -10.21
N ASP B 73 -43.35 2.71 -11.29
CA ASP B 73 -43.58 1.46 -11.99
C ASP B 73 -42.52 1.18 -13.04
N GLY B 74 -41.53 2.04 -13.18
CA GLY B 74 -40.33 1.74 -13.93
C GLY B 74 -39.14 1.54 -13.01
N ASN B 75 -37.99 2.04 -13.39
CA ASN B 75 -36.80 1.89 -12.57
C ASN B 75 -36.73 3.03 -11.57
N ILE B 76 -35.80 2.91 -10.63
CA ILE B 76 -35.52 3.96 -9.66
C ILE B 76 -34.01 4.14 -9.61
N HIS B 77 -33.55 5.33 -9.89
CA HIS B 77 -32.13 5.64 -9.81
C HIS B 77 -31.94 6.65 -8.70
N VAL B 78 -31.16 6.30 -7.68
CA VAL B 78 -30.91 7.21 -6.58
C VAL B 78 -29.43 7.52 -6.55
N TYR B 79 -29.07 8.75 -6.95
CA TYR B 79 -27.68 9.17 -7.02
C TYR B 79 -27.26 9.98 -5.78
N GLY B 80 -27.93 9.75 -4.65
CA GLY B 80 -27.52 10.32 -3.39
C GLY B 80 -27.45 9.24 -2.35
N PRO B 81 -27.40 9.61 -1.07
CA PRO B 81 -27.49 8.63 0.01
C PRO B 81 -28.95 8.30 0.32
N MET B 82 -29.38 7.11 -0.09
CA MET B 82 -30.77 6.72 0.15
C MET B 82 -30.92 6.05 1.50
N ARG B 83 -31.84 6.55 2.31
CA ARG B 83 -32.19 5.95 3.59
C ARG B 83 -33.67 5.64 3.72
N GLY B 84 -34.44 5.74 2.64
CA GLY B 84 -35.87 5.49 2.67
C GLY B 84 -36.26 4.16 2.06
N ARG B 85 -37.49 4.08 1.53
CA ARG B 85 -38.04 2.87 0.96
C ARG B 85 -38.17 3.05 -0.55
N ALA B 86 -37.49 2.20 -1.32
CA ALA B 86 -37.58 2.18 -2.77
C ALA B 86 -38.53 1.07 -3.21
N LEU B 87 -39.54 1.42 -3.99
CA LEU B 87 -40.56 0.46 -4.44
C LEU B 87 -40.63 0.55 -5.96
N ALA B 88 -39.88 -0.30 -6.65
CA ALA B 88 -39.79 -0.25 -8.10
C ALA B 88 -40.78 -1.20 -8.76
N GLY B 89 -41.23 -0.82 -9.96
CA GLY B 89 -42.15 -1.64 -10.72
C GLY B 89 -43.44 -1.94 -9.98
N VAL B 90 -44.03 -0.92 -9.35
CA VAL B 90 -45.11 -1.14 -8.38
C VAL B 90 -46.36 -1.73 -9.05
N LYS B 91 -46.61 -1.40 -10.30
CA LYS B 91 -47.80 -1.92 -11.00
C LYS B 91 -47.45 -3.15 -11.83
N GLY B 92 -46.86 -4.15 -11.18
CA GLY B 92 -46.66 -5.46 -11.77
C GLY B 92 -45.64 -5.48 -12.89
N ASP B 93 -44.35 -5.41 -12.55
CA ASP B 93 -43.28 -5.48 -13.53
C ASP B 93 -42.05 -6.08 -12.88
N ALA B 94 -41.74 -7.34 -13.18
CA ALA B 94 -40.59 -8.02 -12.59
C ALA B 94 -39.28 -7.71 -13.31
N THR B 95 -39.26 -6.72 -14.20
CA THR B 95 -38.05 -6.30 -14.88
C THR B 95 -37.56 -4.92 -14.47
N ALA B 96 -38.23 -4.28 -13.50
CA ALA B 96 -37.76 -3.01 -12.96
C ALA B 96 -36.46 -3.22 -12.18
N ARG B 97 -35.79 -2.12 -11.88
CA ARG B 97 -34.50 -2.19 -11.20
C ARG B 97 -34.33 -0.99 -10.29
N ILE B 98 -33.51 -1.15 -9.27
CA ILE B 98 -33.15 -0.08 -8.34
C ILE B 98 -31.65 0.09 -8.39
N PHE B 99 -31.19 1.33 -8.53
CA PHE B 99 -29.77 1.63 -8.49
C PHE B 99 -29.53 2.68 -7.42
N CYS B 100 -28.72 2.36 -6.44
CA CYS B 100 -28.36 3.32 -5.40
C CYS B 100 -26.85 3.54 -5.42
N GLN B 101 -26.43 4.76 -5.16
CA GLN B 101 -25.00 5.00 -5.02
C GLN B 101 -24.51 4.56 -3.65
N GLN B 102 -25.36 4.65 -2.64
CA GLN B 102 -25.04 4.23 -1.28
C GLN B 102 -26.25 3.46 -0.75
N LEU B 103 -26.13 2.15 -0.62
CA LEU B 103 -27.24 1.33 -0.14
C LEU B 103 -27.39 1.49 1.37
N ALA B 104 -28.39 2.26 1.78
CA ALA B 104 -28.78 2.36 3.19
C ALA B 104 -30.30 2.33 3.31
N ALA B 105 -30.98 1.67 2.38
CA ALA B 105 -32.43 1.69 2.33
C ALA B 105 -33.03 1.01 3.54
N GLU B 106 -34.24 1.44 3.91
CA GLU B 106 -35.05 0.74 4.90
C GLU B 106 -35.79 -0.44 4.29
N LEU B 107 -36.08 -0.38 2.99
CA LEU B 107 -36.78 -1.43 2.28
C LEU B 107 -36.56 -1.22 0.78
N VAL B 108 -36.28 -2.29 0.07
CA VAL B 108 -36.28 -2.28 -1.39
C VAL B 108 -37.23 -3.36 -1.88
N SER B 109 -38.00 -3.05 -2.92
CA SER B 109 -39.03 -3.99 -3.35
C SER B 109 -39.30 -3.78 -4.84
N ILE B 110 -39.18 -4.86 -5.60
CA ILE B 110 -39.49 -4.85 -7.02
C ILE B 110 -40.72 -5.71 -7.24
N ALA B 111 -41.80 -5.09 -7.72
CA ALA B 111 -43.03 -5.76 -8.10
C ALA B 111 -43.67 -6.53 -6.96
N GLY B 112 -43.28 -6.29 -5.71
CA GLY B 112 -43.91 -6.91 -4.56
C GLY B 112 -42.94 -7.68 -3.66
N ASN B 113 -41.87 -8.21 -4.23
CA ASN B 113 -40.87 -8.95 -3.45
C ASN B 113 -39.97 -7.96 -2.76
N TYR B 114 -40.09 -7.83 -1.44
CA TYR B 114 -39.34 -6.83 -0.71
C TYR B 114 -38.13 -7.44 -0.04
N LYS B 115 -37.41 -6.59 0.68
CA LYS B 115 -36.18 -6.97 1.38
C LYS B 115 -35.92 -5.84 2.37
N VAL B 116 -36.19 -6.06 3.65
CA VAL B 116 -36.13 -4.99 4.63
C VAL B 116 -34.69 -4.67 4.99
N ALA B 117 -34.48 -3.60 5.74
CA ALA B 117 -33.13 -3.15 6.07
C ALA B 117 -32.43 -4.08 7.04
N GLU B 118 -33.15 -5.01 7.66
CA GLU B 118 -32.54 -5.84 8.69
C GLU B 118 -31.60 -6.86 8.06
N ASP B 119 -32.04 -7.54 6.99
CA ASP B 119 -31.22 -8.52 6.29
C ASP B 119 -30.40 -7.91 5.16
N LEU B 120 -30.58 -6.62 4.85
CA LEU B 120 -29.68 -5.97 3.91
C LEU B 120 -28.37 -5.57 4.57
N ARG B 121 -28.41 -5.24 5.86
CA ARG B 121 -27.18 -4.95 6.58
C ARG B 121 -26.31 -6.19 6.71
N ARG B 122 -26.92 -7.38 6.76
CA ARG B 122 -26.15 -8.59 6.94
C ARG B 122 -25.27 -8.92 5.74
N SER B 123 -25.72 -8.62 4.53
CA SER B 123 -24.89 -8.89 3.35
C SER B 123 -23.82 -7.81 3.23
N PRO B 124 -22.79 -8.05 2.38
CA PRO B 124 -21.90 -6.94 2.02
C PRO B 124 -22.65 -5.96 1.13
N GLN B 125 -21.93 -5.01 0.53
CA GLN B 125 -22.53 -3.94 -0.26
C GLN B 125 -23.53 -3.11 0.54
N TRP B 126 -23.42 -3.12 1.87
CA TRP B 126 -24.19 -2.17 2.66
C TRP B 126 -23.40 -0.87 2.70
N GLY B 127 -24.05 0.22 2.27
CA GLY B 127 -23.37 1.48 2.06
C GLY B 127 -22.57 1.56 0.78
N LYS B 128 -22.75 0.61 -0.13
CA LYS B 128 -22.01 0.53 -1.38
C LYS B 128 -22.94 0.77 -2.56
N ALA B 129 -22.34 1.08 -3.71
CA ALA B 129 -23.13 1.27 -4.92
C ALA B 129 -23.72 -0.06 -5.34
N VAL B 130 -25.04 -0.14 -5.42
CA VAL B 130 -25.76 -1.39 -5.51
C VAL B 130 -26.72 -1.33 -6.68
N HIS B 131 -27.15 -2.51 -7.12
CA HIS B 131 -28.05 -2.64 -8.27
C HIS B 131 -28.99 -3.80 -8.00
N VAL B 132 -30.24 -3.49 -7.70
CA VAL B 132 -31.22 -4.47 -7.25
C VAL B 132 -32.09 -4.89 -8.44
N SER B 133 -32.30 -6.19 -8.58
CA SER B 133 -33.03 -6.75 -9.71
C SER B 133 -33.77 -7.99 -9.25
N LEU B 134 -34.87 -8.30 -9.91
CA LEU B 134 -35.70 -9.44 -9.55
C LEU B 134 -35.47 -10.58 -10.54
N SER B 135 -34.84 -11.65 -10.07
CA SER B 135 -34.59 -12.85 -10.87
C SER B 135 -35.66 -13.87 -10.50
N GLY B 136 -36.73 -13.92 -11.30
CA GLY B 136 -37.79 -14.88 -11.09
C GLY B 136 -38.65 -14.58 -9.87
N ASP B 137 -38.12 -14.86 -8.68
CA ASP B 137 -38.87 -14.62 -7.45
C ASP B 137 -38.02 -14.13 -6.29
N VAL B 138 -36.70 -14.00 -6.45
CA VAL B 138 -35.84 -13.51 -5.38
C VAL B 138 -35.15 -12.24 -5.85
N LEU B 139 -34.84 -11.36 -4.88
CA LEU B 139 -34.11 -10.14 -5.16
C LEU B 139 -32.60 -10.41 -5.18
N ASN B 140 -31.90 -9.73 -6.08
CA ASN B 140 -30.46 -9.81 -6.18
C ASN B 140 -29.83 -8.49 -5.78
N ILE B 141 -28.60 -8.55 -5.26
CA ILE B 141 -27.90 -7.39 -4.74
C ILE B 141 -26.50 -7.43 -5.34
N THR B 142 -26.28 -6.66 -6.40
CA THR B 142 -25.01 -6.64 -7.11
C THR B 142 -24.20 -5.44 -6.65
N ARG B 143 -22.93 -5.42 -7.03
CA ARG B 143 -22.11 -4.29 -6.65
C ARG B 143 -21.57 -3.59 -7.90
N ALA C 2 -55.85 -7.94 27.56
CA ALA C 2 -57.02 -7.84 28.42
C ALA C 2 -57.11 -6.47 29.08
N LYS C 3 -55.94 -5.85 29.33
CA LYS C 3 -55.85 -4.56 30.00
C LYS C 3 -55.14 -3.56 29.09
N ILE C 4 -55.90 -2.64 28.51
CA ILE C 4 -55.35 -1.54 27.71
C ILE C 4 -54.99 -0.40 28.65
N LEU C 5 -53.69 -0.11 28.80
CA LEU C 5 -53.25 1.05 29.55
C LEU C 5 -52.46 1.98 28.63
N VAL C 6 -52.79 3.26 28.67
CA VAL C 6 -52.18 4.28 27.82
C VAL C 6 -51.15 5.07 28.61
N VAL C 7 -49.99 5.29 28.00
CA VAL C 7 -49.02 6.23 28.53
C VAL C 7 -49.32 7.59 27.90
N THR C 8 -49.72 8.56 28.72
CA THR C 8 -50.04 9.89 28.22
C THR C 8 -49.38 10.95 29.08
N SER C 9 -49.48 12.20 28.62
CA SER C 9 -48.95 13.32 29.39
C SER C 9 -49.66 14.65 29.15
N GLY C 10 -49.79 15.02 27.87
CA GLY C 10 -50.20 16.37 27.52
C GLY C 10 -49.02 17.23 27.11
N LYS C 11 -48.09 17.44 28.04
CA LYS C 11 -46.87 18.17 27.75
C LYS C 11 -45.93 17.25 26.97
N GLY C 12 -45.48 17.71 25.80
CA GLY C 12 -44.60 16.89 24.97
C GLY C 12 -43.20 16.81 25.54
N GLY C 13 -42.53 15.70 25.25
CA GLY C 13 -41.15 15.54 25.60
C GLY C 13 -40.87 15.11 27.02
N VAL C 14 -41.90 14.77 27.79
CA VAL C 14 -41.70 14.39 29.19
C VAL C 14 -41.06 13.02 29.28
N GLY C 15 -41.29 12.18 28.28
CA GLY C 15 -40.70 10.86 28.21
C GLY C 15 -41.74 9.81 27.95
N LYS C 16 -42.77 10.07 27.11
CA LYS C 16 -43.82 9.06 27.00
C LYS C 16 -43.29 7.82 26.29
N THR C 17 -42.61 8.00 25.16
CA THR C 17 -42.06 6.85 24.43
C THR C 17 -41.05 6.10 25.27
N THR C 18 -40.19 6.82 25.98
CA THR C 18 -39.22 6.15 26.85
C THR C 18 -39.93 5.31 27.90
N THR C 19 -40.98 5.84 28.51
CA THR C 19 -41.74 5.08 29.49
C THR C 19 -42.53 3.97 28.85
N SER C 20 -43.09 4.21 27.66
CA SER C 20 -43.87 3.19 26.99
C SER C 20 -42.99 1.99 26.65
N ALA C 21 -41.80 2.24 26.08
CA ALA C 21 -40.89 1.14 25.80
C ALA C 21 -40.38 0.48 27.08
N ALA C 22 -40.21 1.26 28.16
CA ALA C 22 -39.69 0.69 29.39
C ALA C 22 -40.74 -0.17 30.07
N ILE C 23 -41.97 0.35 30.18
CA ILE C 23 -43.01 -0.42 30.85
C ILE C 23 -43.50 -1.54 29.96
N GLY C 24 -43.42 -1.37 28.64
CA GLY C 24 -43.82 -2.45 27.76
C GLY C 24 -42.87 -3.63 27.82
N THR C 25 -41.59 -3.38 28.06
CA THR C 25 -40.62 -4.46 28.22
C THR C 25 -40.68 -5.04 29.63
N GLY C 26 -40.87 -4.19 30.64
CA GLY C 26 -40.94 -4.67 31.99
C GLY C 26 -42.08 -5.65 32.23
N LEU C 27 -43.21 -5.47 31.54
CA LEU C 27 -44.31 -6.41 31.71
C LEU C 27 -44.15 -7.66 30.86
N ALA C 28 -43.26 -7.65 29.85
CA ALA C 28 -42.95 -8.87 29.12
C ALA C 28 -41.91 -9.72 29.85
N LEU C 29 -40.96 -9.08 30.54
CA LEU C 29 -40.06 -9.83 31.41
C LEU C 29 -40.81 -10.55 32.52
N ARG C 30 -41.88 -9.96 33.03
CA ARG C 30 -42.67 -10.63 34.06
C ARG C 30 -43.40 -11.83 33.51
N GLY C 31 -43.74 -11.84 32.22
CA GLY C 31 -44.33 -13.03 31.62
C GLY C 31 -45.60 -12.79 30.84
N PHE C 32 -46.18 -11.59 30.97
CA PHE C 32 -47.43 -11.28 30.28
C PHE C 32 -47.18 -11.07 28.79
N LYS C 33 -48.01 -11.68 27.96
CA LYS C 33 -47.92 -11.48 26.51
C LYS C 33 -48.41 -10.08 26.17
N THR C 34 -47.48 -9.20 25.83
CA THR C 34 -47.70 -7.77 25.72
C THR C 34 -47.56 -7.30 24.27
N VAL C 35 -48.27 -6.23 23.92
CA VAL C 35 -48.01 -5.48 22.70
C VAL C 35 -47.97 -4.00 23.03
N ILE C 36 -47.12 -3.26 22.31
CA ILE C 36 -47.05 -1.81 22.42
C ILE C 36 -47.47 -1.22 21.09
N VAL C 37 -48.42 -0.30 21.11
CA VAL C 37 -48.94 0.32 19.91
C VAL C 37 -48.46 1.77 19.88
N ASP C 38 -47.59 2.07 18.93
CA ASP C 38 -47.20 3.45 18.64
C ASP C 38 -48.37 4.17 17.98
N PHE C 39 -48.96 5.12 18.69
CA PHE C 39 -50.11 5.86 18.19
C PHE C 39 -49.73 7.18 17.52
N ASP C 40 -48.44 7.51 17.48
CA ASP C 40 -47.97 8.74 16.83
C ASP C 40 -47.79 8.48 15.35
N VAL C 41 -48.91 8.50 14.63
CA VAL C 41 -48.95 8.20 13.22
C VAL C 41 -48.40 9.38 12.44
N GLY C 42 -47.45 9.11 11.53
CA GLY C 42 -46.85 10.15 10.74
C GLY C 42 -45.63 10.79 11.35
N LEU C 43 -45.41 10.59 12.65
CA LEU C 43 -44.29 11.14 13.36
C LEU C 43 -43.72 10.05 14.28
N ARG C 44 -43.47 8.88 13.67
CA ARG C 44 -43.19 7.68 14.45
C ARG C 44 -41.90 7.80 15.23
N ASN C 45 -41.90 7.24 16.44
CA ASN C 45 -40.72 7.29 17.29
C ASN C 45 -40.46 6.00 18.07
N LEU C 46 -41.45 5.11 18.25
CA LEU C 46 -41.29 4.00 19.19
C LEU C 46 -40.38 2.91 18.66
N ASP C 47 -40.54 2.52 17.40
CA ASP C 47 -39.70 1.47 16.83
C ASP C 47 -38.23 1.86 16.81
N LEU C 48 -37.93 3.16 16.86
CA LEU C 48 -36.54 3.58 16.84
C LEU C 48 -35.83 3.21 18.13
N ILE C 49 -36.51 3.36 19.27
CA ILE C 49 -35.92 3.05 20.57
C ILE C 49 -36.26 1.66 21.06
N MET C 50 -37.18 0.96 20.39
CA MET C 50 -37.37 -0.47 20.60
C MET C 50 -36.37 -1.31 19.82
N GLY C 51 -35.56 -0.68 18.97
CA GLY C 51 -34.62 -1.39 18.11
C GLY C 51 -35.27 -2.21 17.03
N CYS C 52 -36.50 -1.86 16.63
CA CYS C 52 -37.29 -2.67 15.71
C CYS C 52 -37.46 -1.98 14.37
N GLU C 53 -36.66 -0.95 14.08
CA GLU C 53 -36.92 -0.07 12.94
C GLU C 53 -36.54 -0.70 11.61
N ARG C 54 -35.60 -1.65 11.60
CA ARG C 54 -35.20 -2.28 10.37
C ARG C 54 -36.09 -3.45 9.99
N ARG C 55 -36.89 -3.96 10.91
CA ARG C 55 -37.76 -5.09 10.63
C ARG C 55 -39.17 -4.67 10.22
N VAL C 56 -39.47 -3.37 10.24
CA VAL C 56 -40.83 -2.92 9.93
C VAL C 56 -41.09 -3.06 8.44
N VAL C 57 -42.18 -3.78 8.11
CA VAL C 57 -42.70 -3.83 6.76
C VAL C 57 -44.05 -3.15 6.67
N TYR C 58 -44.99 -3.55 7.53
CA TYR C 58 -46.30 -2.96 7.63
C TYR C 58 -46.45 -2.30 8.99
N ASP C 59 -47.33 -1.30 9.07
CA ASP C 59 -47.39 -0.46 10.26
C ASP C 59 -48.81 -0.31 10.80
N PHE C 60 -49.02 0.66 11.68
CA PHE C 60 -50.33 0.79 12.34
C PHE C 60 -51.42 1.14 11.35
N VAL C 61 -51.14 2.07 10.42
CA VAL C 61 -52.16 2.57 9.52
C VAL C 61 -52.49 1.57 8.41
N ASN C 62 -51.63 0.56 8.19
CA ASN C 62 -52.00 -0.50 7.27
C ASN C 62 -53.09 -1.39 7.84
N VAL C 63 -52.97 -1.76 9.12
CA VAL C 63 -53.97 -2.62 9.74
C VAL C 63 -55.32 -1.93 9.77
N VAL C 64 -55.34 -0.62 10.00
CA VAL C 64 -56.59 0.13 10.00
C VAL C 64 -57.22 0.12 8.62
N ASN C 65 -56.44 0.48 7.59
CA ASN C 65 -56.95 0.52 6.22
C ASN C 65 -57.12 -0.87 5.60
N GLY C 66 -56.62 -1.91 6.25
CA GLY C 66 -56.79 -3.26 5.74
C GLY C 66 -55.82 -3.68 4.67
N GLU C 67 -54.70 -2.96 4.51
CA GLU C 67 -53.67 -3.37 3.56
C GLU C 67 -52.81 -4.51 4.08
N ALA C 68 -52.99 -4.91 5.34
CA ALA C 68 -52.30 -6.06 5.90
C ALA C 68 -53.09 -6.53 7.11
N THR C 69 -52.75 -7.72 7.59
CA THR C 69 -53.40 -8.28 8.76
C THR C 69 -52.61 -7.93 10.01
N LEU C 70 -53.19 -8.25 11.17
CA LEU C 70 -52.50 -7.95 12.42
C LEU C 70 -51.32 -8.87 12.68
N THR C 71 -51.32 -10.07 12.11
CA THR C 71 -50.16 -10.94 12.23
C THR C 71 -49.05 -10.53 11.28
N GLN C 72 -49.40 -9.91 10.15
CA GLN C 72 -48.40 -9.42 9.21
C GLN C 72 -47.70 -8.16 9.70
N ALA C 73 -48.33 -7.39 10.58
CA ALA C 73 -47.79 -6.11 11.02
C ALA C 73 -47.06 -6.18 12.34
N LEU C 74 -47.41 -7.14 13.20
CA LEU C 74 -46.77 -7.24 14.50
C LEU C 74 -45.33 -7.70 14.34
N ILE C 75 -44.44 -7.10 15.10
CA ILE C 75 -43.02 -7.44 15.08
C ILE C 75 -42.73 -8.14 16.42
N LYS C 76 -42.57 -9.45 16.37
CA LYS C 76 -42.03 -10.17 17.52
C LYS C 76 -40.62 -9.67 17.81
N ASP C 77 -40.31 -9.49 19.09
CA ASP C 77 -38.95 -9.11 19.47
C ASP C 77 -37.98 -10.28 19.28
N LYS C 78 -36.70 -9.94 19.32
CA LYS C 78 -35.63 -10.92 19.27
C LYS C 78 -35.15 -11.33 20.67
N ARG C 79 -35.18 -10.39 21.62
CA ARG C 79 -34.75 -10.65 22.99
C ARG C 79 -35.87 -11.16 23.88
N LEU C 80 -37.11 -10.82 23.57
CA LEU C 80 -38.28 -11.23 24.34
C LEU C 80 -39.27 -11.95 23.44
N GLU C 81 -39.92 -12.99 23.97
CA GLU C 81 -40.95 -13.68 23.22
C GLU C 81 -42.36 -13.21 23.57
N ASN C 82 -42.53 -12.51 24.69
CA ASN C 82 -43.82 -11.96 25.07
C ASN C 82 -44.08 -10.57 24.52
N LEU C 83 -43.10 -9.95 23.87
CA LEU C 83 -43.19 -8.55 23.50
C LEU C 83 -43.34 -8.39 21.99
N HIS C 84 -44.40 -7.68 21.58
CA HIS C 84 -44.61 -7.34 20.18
C HIS C 84 -44.84 -5.84 20.04
N VAL C 85 -44.52 -5.31 18.87
CA VAL C 85 -44.61 -3.88 18.60
C VAL C 85 -45.38 -3.68 17.30
N LEU C 86 -46.44 -2.87 17.36
CA LEU C 86 -47.15 -2.43 16.16
C LEU C 86 -46.73 -0.99 15.89
N ALA C 87 -45.71 -0.81 15.06
CA ALA C 87 -45.15 0.51 14.82
C ALA C 87 -46.09 1.33 13.93
N ALA C 88 -45.78 2.62 13.79
CA ALA C 88 -46.62 3.54 13.03
C ALA C 88 -45.91 3.96 11.74
N SER C 89 -46.60 4.79 10.96
CA SER C 89 -46.09 5.22 9.67
C SER C 89 -45.35 6.55 9.79
N GLN C 90 -44.79 6.98 8.67
CA GLN C 90 -44.25 8.32 8.52
C GLN C 90 -44.95 9.11 7.44
N THR C 91 -45.64 8.43 6.49
CA THR C 91 -46.24 9.12 5.37
C THR C 91 -47.56 9.78 5.73
N ARG C 92 -48.50 9.00 6.22
CA ARG C 92 -49.84 9.51 6.51
C ARG C 92 -49.89 10.00 7.94
N ASP C 93 -50.52 11.16 8.15
CA ASP C 93 -50.57 11.80 9.46
C ASP C 93 -51.78 11.33 10.25
N LYS C 94 -52.09 12.00 11.36
CA LYS C 94 -52.99 11.46 12.36
C LYS C 94 -54.47 11.59 12.01
N ASP C 95 -54.82 12.12 10.84
CA ASP C 95 -56.22 12.10 10.45
C ASP C 95 -56.62 10.78 9.79
N ALA C 96 -55.63 9.96 9.38
CA ALA C 96 -55.86 8.67 8.75
C ALA C 96 -56.18 7.55 9.74
N LEU C 97 -56.47 7.90 11.00
CA LEU C 97 -56.93 6.95 12.01
C LEU C 97 -58.35 7.30 12.37
N THR C 98 -59.30 6.45 12.01
CA THR C 98 -60.67 6.68 12.41
C THR C 98 -60.86 6.17 13.83
N LYS C 99 -61.89 6.69 14.51
CA LYS C 99 -62.29 6.07 15.78
C LYS C 99 -62.80 4.66 15.55
N GLU C 100 -63.44 4.41 14.41
CA GLU C 100 -63.98 3.09 14.11
C GLU C 100 -62.89 2.12 13.68
N GLY C 101 -61.90 2.61 12.93
CA GLY C 101 -60.84 1.74 12.45
C GLY C 101 -59.93 1.29 13.57
N VAL C 102 -59.62 2.19 14.51
CA VAL C 102 -58.81 1.83 15.67
C VAL C 102 -59.59 0.94 16.63
N GLU C 103 -60.93 1.00 16.59
CA GLU C 103 -61.72 0.12 17.44
C GLU C 103 -61.56 -1.34 17.03
N LYS C 104 -61.46 -1.61 15.72
CA LYS C 104 -61.30 -2.98 15.25
C LYS C 104 -59.96 -3.56 15.66
N VAL C 105 -58.90 -2.74 15.59
CA VAL C 105 -57.58 -3.22 15.97
C VAL C 105 -57.50 -3.46 17.48
N MET C 106 -58.19 -2.64 18.27
CA MET C 106 -58.20 -2.85 19.71
C MET C 106 -58.97 -4.10 20.08
N ALA C 107 -59.98 -4.47 19.28
CA ALA C 107 -60.78 -5.65 19.59
C ALA C 107 -59.95 -6.92 19.44
N GLU C 108 -59.29 -7.11 18.29
CA GLU C 108 -58.55 -8.33 18.07
C GLU C 108 -57.18 -8.32 18.73
N LEU C 109 -56.71 -7.17 19.20
CA LEU C 109 -55.55 -7.16 20.08
C LEU C 109 -55.92 -7.61 21.48
N ARG C 110 -57.14 -7.30 21.91
CA ARG C 110 -57.58 -7.68 23.25
C ARG C 110 -57.85 -9.17 23.35
N LYS C 111 -58.07 -9.86 22.23
CA LYS C 111 -58.30 -11.31 22.27
C LYS C 111 -57.00 -12.07 22.50
N ASP C 112 -55.90 -11.61 21.92
CA ASP C 112 -54.65 -12.36 21.94
C ASP C 112 -53.70 -11.97 23.05
N PHE C 113 -53.74 -10.72 23.52
CA PHE C 113 -52.70 -10.20 24.39
C PHE C 113 -53.22 -9.94 25.80
N GLU C 114 -52.28 -9.90 26.73
CA GLU C 114 -52.55 -9.65 28.15
C GLU C 114 -52.50 -8.16 28.47
N TYR C 115 -51.44 -7.48 28.04
CA TYR C 115 -51.25 -6.06 28.26
C TYR C 115 -51.06 -5.35 26.93
N ILE C 116 -51.80 -4.27 26.72
CA ILE C 116 -51.65 -3.39 25.57
C ILE C 116 -51.18 -2.03 26.05
N ILE C 117 -49.98 -1.63 25.66
CA ILE C 117 -49.43 -0.35 26.06
C ILE C 117 -49.58 0.60 24.89
N CYS C 118 -50.18 1.77 25.12
CA CYS C 118 -50.49 2.72 24.04
C CYS C 118 -49.66 4.00 24.20
N ASP C 119 -48.58 4.11 23.43
CA ASP C 119 -47.72 5.29 23.46
C ASP C 119 -48.46 6.45 22.78
N SER C 120 -49.06 7.31 23.59
CA SER C 120 -49.84 8.42 23.08
C SER C 120 -48.92 9.51 22.51
N PRO C 121 -49.34 10.20 21.43
CA PRO C 121 -48.58 11.39 21.00
C PRO C 121 -48.84 12.57 21.94
N ALA C 122 -48.17 13.69 21.72
CA ALA C 122 -48.32 14.82 22.62
C ALA C 122 -49.56 15.63 22.27
N GLY C 123 -50.09 16.34 23.28
CA GLY C 123 -51.18 17.29 23.08
C GLY C 123 -52.53 16.77 23.51
N ILE C 124 -53.55 17.54 23.16
CA ILE C 124 -54.93 17.21 23.51
C ILE C 124 -55.77 17.09 22.24
N GLU C 125 -55.16 16.67 21.15
CA GLU C 125 -55.83 16.62 19.86
C GLU C 125 -56.25 15.19 19.50
N LYS C 126 -56.57 14.98 18.22
CA LYS C 126 -57.24 13.75 17.81
C LYS C 126 -56.33 12.53 17.88
N GLY C 127 -55.03 12.69 17.65
CA GLY C 127 -54.13 11.56 17.81
C GLY C 127 -53.96 11.16 19.26
N ALA C 128 -53.98 12.15 20.17
CA ALA C 128 -53.91 11.87 21.60
C ALA C 128 -55.24 11.43 22.17
N HIS C 129 -56.33 11.62 21.43
CA HIS C 129 -57.65 11.21 21.89
C HIS C 129 -57.90 9.74 21.61
N LEU C 130 -57.40 9.22 20.48
CA LEU C 130 -57.65 7.82 20.15
C LEU C 130 -56.83 6.88 21.03
N ALA C 131 -55.67 7.32 21.48
CA ALA C 131 -54.92 6.52 22.44
C ALA C 131 -55.61 6.52 23.80
N MET C 132 -56.15 7.68 24.20
CA MET C 132 -56.89 7.80 25.43
C MET C 132 -58.15 6.93 25.44
N TYR C 133 -58.81 6.79 24.28
CA TYR C 133 -60.23 6.43 24.24
C TYR C 133 -60.51 5.05 24.79
N PHE C 134 -59.92 4.01 24.21
CA PHE C 134 -60.26 2.64 24.57
C PHE C 134 -59.47 2.14 25.78
N ALA C 135 -58.87 3.03 26.56
CA ALA C 135 -57.99 2.64 27.63
C ALA C 135 -58.76 2.27 28.90
N ASP C 136 -58.15 1.37 29.68
CA ASP C 136 -58.65 0.92 30.97
C ASP C 136 -57.89 1.54 32.12
N GLU C 137 -56.58 1.72 31.95
CA GLU C 137 -55.76 2.51 32.85
C GLU C 137 -54.95 3.53 32.04
N ALA C 138 -54.31 4.44 32.74
CA ALA C 138 -53.55 5.50 32.10
C ALA C 138 -52.40 5.91 33.01
N ILE C 139 -51.18 5.84 32.50
CA ILE C 139 -50.02 6.39 33.19
C ILE C 139 -49.79 7.79 32.64
N VAL C 140 -49.84 8.78 33.53
CA VAL C 140 -49.62 10.17 33.17
C VAL C 140 -48.18 10.52 33.51
N VAL C 141 -47.44 11.03 32.52
CA VAL C 141 -46.02 11.30 32.67
C VAL C 141 -45.83 12.78 32.97
N THR C 142 -44.96 13.09 33.93
CA THR C 142 -44.85 14.44 34.44
C THR C 142 -43.40 14.79 34.72
N ASN C 143 -42.99 15.91 34.28
CA ASN C 143 -41.70 16.33 34.80
C ASN C 143 -41.92 17.13 36.08
N PRO C 144 -41.00 17.08 37.02
CA PRO C 144 -41.14 17.94 38.20
C PRO C 144 -40.83 19.40 37.86
N GLU C 145 -41.75 20.04 37.12
CA GLU C 145 -41.59 21.43 36.73
C GLU C 145 -42.98 22.06 36.64
N VAL C 146 -43.02 23.39 36.71
CA VAL C 146 -44.30 24.06 36.87
C VAL C 146 -45.20 23.84 35.65
N SER C 147 -44.61 23.83 34.45
CA SER C 147 -45.42 23.66 33.25
C SER C 147 -45.94 22.24 33.15
N SER C 148 -45.06 21.25 33.34
CA SER C 148 -45.44 19.87 33.14
C SER C 148 -46.43 19.36 34.18
N VAL C 149 -46.53 20.01 35.34
CA VAL C 149 -47.58 19.63 36.27
C VAL C 149 -48.91 20.26 35.88
N ARG C 150 -48.88 21.52 35.42
CA ARG C 150 -50.11 22.17 34.96
C ARG C 150 -50.71 21.44 33.77
N ASP C 151 -49.87 21.04 32.82
CA ASP C 151 -50.34 20.43 31.58
C ASP C 151 -50.58 18.95 31.71
N SER C 152 -50.10 18.33 32.79
CA SER C 152 -50.50 16.98 33.14
C SER C 152 -51.75 16.95 33.98
N ASP C 153 -52.16 18.10 34.53
CA ASP C 153 -53.42 18.23 35.26
C ASP C 153 -54.60 18.35 34.31
N ARG C 154 -54.41 19.07 33.19
CA ARG C 154 -55.41 19.07 32.15
C ARG C 154 -55.68 17.66 31.64
N MET C 155 -54.65 16.80 31.67
CA MET C 155 -54.78 15.47 31.12
C MET C 155 -55.62 14.55 32.02
N LEU C 156 -55.46 14.67 33.34
CA LEU C 156 -56.23 13.82 34.24
C LEU C 156 -57.71 14.14 34.20
N GLY C 157 -58.07 15.38 33.83
CA GLY C 157 -59.46 15.72 33.63
C GLY C 157 -60.02 15.28 32.30
N LEU C 158 -59.16 14.86 31.38
CA LEU C 158 -59.58 14.30 30.10
C LEU C 158 -59.65 12.77 30.15
N LEU C 159 -59.04 12.15 31.14
CA LEU C 159 -59.22 10.74 31.42
C LEU C 159 -60.37 10.50 32.40
N ALA C 160 -61.29 11.45 32.51
CA ALA C 160 -62.45 11.31 33.35
C ALA C 160 -63.75 11.72 32.66
N SER C 161 -63.69 12.34 31.50
CA SER C 161 -64.86 12.82 30.80
C SER C 161 -64.89 12.39 29.33
N LYS C 162 -63.73 12.36 28.67
CA LYS C 162 -63.66 12.10 27.25
C LYS C 162 -63.32 10.66 26.93
N SER C 163 -63.41 9.76 27.90
CA SER C 163 -62.96 8.38 27.70
C SER C 163 -64.07 7.62 26.97
N GLN C 164 -63.91 6.30 26.88
CA GLN C 164 -65.02 5.43 26.50
C GLN C 164 -65.75 4.91 27.72
N ARG C 165 -65.04 4.72 28.83
CA ARG C 165 -65.67 4.37 30.09
C ARG C 165 -66.27 5.58 30.79
N ALA C 166 -66.26 6.74 30.14
CA ALA C 166 -66.95 7.92 30.65
C ALA C 166 -68.23 8.23 29.87
N GLU C 167 -68.25 7.92 28.57
CA GLU C 167 -69.46 8.06 27.77
C GLU C 167 -70.33 6.82 27.82
N LYS C 168 -69.80 5.68 28.25
CA LYS C 168 -70.60 4.47 28.43
C LYS C 168 -70.85 4.16 29.90
N GLY C 169 -70.29 4.95 30.81
CA GLY C 169 -70.67 4.90 32.21
C GLY C 169 -70.11 3.76 33.01
N GLU C 170 -69.06 3.09 32.56
CA GLU C 170 -68.40 2.06 33.36
C GLU C 170 -67.53 2.72 34.41
N GLU C 171 -66.74 1.91 35.11
CA GLU C 171 -65.79 2.45 36.07
C GLU C 171 -64.73 3.27 35.33
N PRO C 172 -64.36 4.44 35.86
CA PRO C 172 -63.46 5.33 35.10
C PRO C 172 -62.06 4.76 34.99
N ILE C 173 -61.26 5.42 34.16
CA ILE C 173 -59.90 4.96 33.91
C ILE C 173 -59.08 5.10 35.19
N LYS C 174 -58.41 4.01 35.59
CA LYS C 174 -57.50 4.05 36.73
C LYS C 174 -56.22 4.79 36.32
N GLU C 175 -55.98 5.93 36.95
CA GLU C 175 -54.88 6.82 36.59
C GLU C 175 -53.66 6.58 37.48
N HIS C 176 -52.48 6.72 36.90
CA HIS C 176 -51.22 6.55 37.62
C HIS C 176 -50.26 7.67 37.26
N LEU C 177 -49.56 8.20 38.24
CA LEU C 177 -48.61 9.28 38.02
C LEU C 177 -47.20 8.76 38.03
N LEU C 178 -46.36 9.29 37.15
CA LEU C 178 -44.98 8.84 37.06
C LEU C 178 -44.12 10.06 36.75
N LEU C 179 -43.30 10.50 37.72
CA LEU C 179 -42.37 11.58 37.49
C LEU C 179 -41.14 11.05 36.76
N THR C 180 -40.88 11.62 35.59
CA THR C 180 -39.71 11.26 34.80
C THR C 180 -38.69 12.39 34.87
N ARG C 181 -37.46 12.05 34.45
CA ARG C 181 -36.28 12.91 34.47
C ARG C 181 -36.31 13.86 35.66
N TYR C 182 -36.52 13.23 36.83
CA TYR C 182 -36.51 13.90 38.14
C TYR C 182 -35.07 14.14 38.56
N ASN C 183 -34.73 15.39 38.85
CA ASN C 183 -33.38 15.71 39.29
C ASN C 183 -33.38 15.99 40.80
N PRO C 184 -32.91 15.06 41.63
CA PRO C 184 -33.02 15.28 43.09
C PRO C 184 -32.18 16.43 43.58
N GLU C 185 -31.12 16.77 42.86
CA GLU C 185 -30.25 17.86 43.28
C GLU C 185 -30.88 19.22 43.03
N ARG C 186 -31.68 19.34 41.96
CA ARG C 186 -32.34 20.59 41.62
C ARG C 186 -33.61 20.85 42.40
N VAL C 187 -34.16 19.86 43.10
CA VAL C 187 -35.32 20.13 43.94
C VAL C 187 -34.91 20.69 45.30
N THR C 188 -33.64 20.55 45.69
CA THR C 188 -33.17 21.18 46.92
C THR C 188 -32.79 22.63 46.69
N LYS C 189 -32.35 22.96 45.47
CA LYS C 189 -32.17 24.35 45.08
C LYS C 189 -33.48 25.06 44.85
N GLY C 190 -34.60 24.34 44.78
CA GLY C 190 -35.91 24.95 44.68
C GLY C 190 -36.39 25.24 43.27
N GLU C 191 -35.60 24.93 42.24
CA GLU C 191 -35.98 25.22 40.86
C GLU C 191 -36.80 24.11 40.23
N MET C 192 -37.04 23.01 40.94
CA MET C 192 -37.97 21.99 40.51
C MET C 192 -38.89 21.67 41.68
N LEU C 193 -40.04 21.07 41.37
CA LEU C 193 -40.96 20.66 42.40
C LEU C 193 -40.47 19.36 43.04
N SER C 194 -40.75 19.21 44.33
CA SER C 194 -40.34 18.00 45.01
C SER C 194 -41.28 16.86 44.66
N VAL C 195 -41.04 15.68 45.23
CA VAL C 195 -41.92 14.56 44.97
C VAL C 195 -43.27 14.73 45.66
N ASP C 196 -43.33 15.55 46.71
CA ASP C 196 -44.56 15.73 47.47
C ASP C 196 -45.39 16.91 47.00
N ASP C 197 -44.79 17.88 46.30
CA ASP C 197 -45.56 18.98 45.73
C ASP C 197 -46.40 18.48 44.56
N VAL C 198 -45.86 17.56 43.77
CA VAL C 198 -46.62 16.95 42.68
C VAL C 198 -47.67 16.00 43.24
N GLU C 199 -47.38 15.32 44.35
CA GLU C 199 -48.36 14.45 44.97
C GLU C 199 -49.48 15.24 45.62
N GLU C 200 -49.27 16.53 45.88
CA GLU C 200 -50.25 17.43 46.48
C GLU C 200 -51.04 18.22 45.47
N ILE C 201 -50.40 18.78 44.45
CA ILE C 201 -51.11 19.57 43.45
C ILE C 201 -51.96 18.67 42.56
N LEU C 202 -51.38 17.58 42.08
CA LEU C 202 -52.15 16.63 41.28
C LEU C 202 -53.03 15.75 42.16
N ALA C 203 -52.56 15.40 43.35
CA ALA C 203 -53.36 14.70 44.37
C ALA C 203 -53.78 13.31 43.91
N ILE C 204 -52.82 12.51 43.46
CA ILE C 204 -53.01 11.09 43.20
C ILE C 204 -51.77 10.32 43.69
N ARG C 205 -51.82 9.00 43.52
CA ARG C 205 -50.78 8.09 44.01
C ARG C 205 -49.67 7.93 42.97
N LEU C 206 -48.42 8.14 43.39
CA LEU C 206 -47.29 8.03 42.49
C LEU C 206 -46.99 6.58 42.12
N LEU C 207 -46.89 6.33 40.81
CA LEU C 207 -46.37 5.03 40.38
C LEU C 207 -44.87 4.94 40.58
N GLY C 208 -44.16 6.05 40.56
CA GLY C 208 -42.73 6.02 40.80
C GLY C 208 -42.06 7.29 40.32
N VAL C 209 -40.78 7.40 40.66
CA VAL C 209 -39.98 8.59 40.35
C VAL C 209 -38.69 8.11 39.69
N ILE C 210 -38.46 8.56 38.46
CA ILE C 210 -37.38 8.09 37.61
C ILE C 210 -36.35 9.19 37.49
N PRO C 211 -35.12 8.99 37.97
CA PRO C 211 -34.15 10.08 38.01
C PRO C 211 -33.69 10.51 36.62
N GLU C 212 -33.07 11.69 36.58
CA GLU C 212 -32.30 12.12 35.42
C GLU C 212 -31.10 11.19 35.23
N SER C 213 -30.93 10.68 34.01
CA SER C 213 -29.89 9.69 33.76
C SER C 213 -29.32 9.86 32.36
N GLN C 214 -28.00 9.73 32.25
CA GLN C 214 -27.39 9.62 30.94
C GLN C 214 -27.61 8.27 30.33
N ALA C 215 -28.05 7.28 31.12
CA ALA C 215 -28.30 5.95 30.60
C ALA C 215 -29.53 5.93 29.69
N VAL C 216 -30.42 6.91 29.83
CA VAL C 216 -31.63 6.94 29.00
C VAL C 216 -31.28 7.31 27.57
N LEU C 217 -30.42 8.30 27.38
CA LEU C 217 -30.00 8.65 26.02
C LEU C 217 -29.06 7.61 25.44
N LYS C 218 -28.27 6.92 26.27
CA LYS C 218 -27.40 5.89 25.75
C LYS C 218 -28.19 4.67 25.29
N ALA C 219 -29.27 4.34 26.00
CA ALA C 219 -30.02 3.14 25.65
C ALA C 219 -30.79 3.33 24.35
N SER C 220 -31.42 4.48 24.16
CA SER C 220 -32.11 4.73 22.90
C SER C 220 -31.14 4.92 21.75
N ASN C 221 -29.88 5.23 22.04
CA ASN C 221 -28.87 5.35 20.99
C ASN C 221 -28.36 3.99 20.52
N GLN C 222 -28.58 2.92 21.28
CA GLN C 222 -28.17 1.59 20.88
C GLN C 222 -29.35 0.67 20.60
N GLY C 223 -30.58 1.17 20.74
CA GLY C 223 -31.76 0.43 20.35
C GLY C 223 -32.47 -0.32 21.45
N VAL C 224 -31.95 -0.30 22.68
CA VAL C 224 -32.50 -1.11 23.77
C VAL C 224 -33.36 -0.24 24.69
N PRO C 225 -34.48 -0.74 25.20
CA PRO C 225 -35.15 -0.04 26.31
C PRO C 225 -34.25 -0.01 27.53
N VAL C 226 -34.49 1.00 28.39
CA VAL C 226 -33.62 1.24 29.53
C VAL C 226 -33.94 0.35 30.73
N ILE C 227 -35.08 -0.33 30.72
CA ILE C 227 -35.35 -1.32 31.76
C ILE C 227 -34.55 -2.60 31.54
N LEU C 228 -34.02 -2.79 30.32
CA LEU C 228 -33.07 -3.86 30.05
C LEU C 228 -31.64 -3.43 30.34
N ASP C 229 -31.45 -2.29 30.98
CA ASP C 229 -30.16 -1.83 31.49
C ASP C 229 -30.30 -1.71 33.01
N GLU C 230 -30.00 -2.81 33.72
CA GLU C 230 -30.22 -2.89 35.15
C GLU C 230 -29.06 -2.34 35.98
N GLN C 231 -27.92 -2.04 35.36
CA GLN C 231 -26.81 -1.49 36.11
C GLN C 231 -27.05 -0.03 36.50
N SER C 232 -27.86 0.70 35.74
CA SER C 232 -28.03 2.13 35.96
C SER C 232 -29.03 2.40 37.08
N ASP C 233 -29.21 3.69 37.37
CA ASP C 233 -30.17 4.09 38.38
C ASP C 233 -31.59 4.15 37.82
N ALA C 234 -31.73 4.60 36.56
CA ALA C 234 -33.06 4.72 35.97
C ALA C 234 -33.65 3.35 35.67
N GLY C 235 -32.83 2.40 35.21
CA GLY C 235 -33.34 1.07 34.94
C GLY C 235 -33.89 0.39 36.18
N GLN C 236 -33.26 0.61 37.32
CA GLN C 236 -33.86 0.18 38.58
C GLN C 236 -35.20 0.86 38.79
N ALA C 237 -35.22 2.19 38.66
CA ALA C 237 -36.43 2.96 38.94
C ALA C 237 -37.56 2.66 37.96
N TYR C 238 -37.23 2.20 36.75
CA TYR C 238 -38.27 1.76 35.82
C TYR C 238 -38.78 0.38 36.16
N SER C 239 -37.93 -0.48 36.72
CA SER C 239 -38.34 -1.85 37.02
C SER C 239 -39.07 -1.96 38.35
N ASP C 240 -39.14 -0.89 39.12
CA ASP C 240 -39.96 -0.88 40.32
C ASP C 240 -41.34 -0.31 40.03
N ALA C 241 -41.43 0.61 39.07
CA ALA C 241 -42.72 1.16 38.69
C ALA C 241 -43.62 0.11 38.06
N VAL C 242 -43.04 -0.92 37.43
CA VAL C 242 -43.85 -1.98 36.85
C VAL C 242 -44.34 -2.94 37.94
N ASP C 243 -43.53 -3.15 38.98
CA ASP C 243 -44.03 -3.92 40.12
C ASP C 243 -45.13 -3.16 40.85
N ARG C 244 -45.00 -1.83 40.93
CA ARG C 244 -46.05 -1.02 41.55
C ARG C 244 -47.31 -0.99 40.69
N LEU C 245 -47.18 -1.29 39.40
CA LEU C 245 -48.35 -1.49 38.55
C LEU C 245 -49.08 -2.77 38.92
N LEU C 246 -48.35 -3.78 39.39
CA LEU C 246 -48.92 -5.08 39.74
C LEU C 246 -49.20 -5.21 41.24
N GLY C 247 -49.45 -4.10 41.93
CA GLY C 247 -49.86 -4.09 43.32
C GLY C 247 -48.73 -4.11 44.35
N LYS C 248 -47.56 -4.63 43.98
CA LYS C 248 -46.46 -4.82 44.93
C LYS C 248 -45.87 -3.47 45.33
N GLU C 249 -46.18 -3.00 46.54
CA GLU C 249 -45.73 -1.68 46.97
C GLU C 249 -44.25 -1.70 47.37
N ILE C 250 -43.50 -0.73 46.84
CA ILE C 250 -42.06 -0.62 47.04
C ILE C 250 -41.73 0.80 47.50
N PRO C 251 -40.85 0.99 48.49
CA PRO C 251 -40.46 2.35 48.89
C PRO C 251 -39.58 3.01 47.82
N HIS C 252 -39.89 4.28 47.52
CA HIS C 252 -39.22 4.97 46.43
C HIS C 252 -37.75 5.22 46.76
N ARG C 253 -36.88 5.10 45.77
CA ARG C 253 -35.44 5.29 45.93
C ARG C 253 -34.93 6.43 45.04
N PHE C 254 -33.62 6.68 45.16
CA PHE C 254 -32.87 7.60 44.30
C PHE C 254 -33.25 9.06 44.48
N LEU C 255 -33.94 9.41 45.56
CA LEU C 255 -34.37 10.79 45.77
C LEU C 255 -33.37 11.57 46.64
N ALA D 2 -45.97 42.24 9.92
CA ALA D 2 -45.64 42.22 8.50
C ALA D 2 -44.92 40.92 8.14
N LYS D 3 -44.16 40.37 9.09
CA LYS D 3 -43.40 39.15 8.89
C LYS D 3 -43.86 38.14 9.94
N ILE D 4 -44.70 37.18 9.53
CA ILE D 4 -45.14 36.10 10.40
C ILE D 4 -44.14 34.96 10.31
N LEU D 5 -43.43 34.70 11.41
CA LEU D 5 -42.56 33.53 11.46
C LEU D 5 -43.03 32.61 12.59
N VAL D 6 -43.14 31.33 12.30
CA VAL D 6 -43.62 30.33 13.25
C VAL D 6 -42.43 29.59 13.83
N VAL D 7 -42.44 29.41 15.15
CA VAL D 7 -41.49 28.54 15.83
C VAL D 7 -42.14 27.17 15.92
N THR D 8 -41.57 26.18 15.24
CA THR D 8 -42.14 24.84 15.18
C THR D 8 -41.05 23.81 15.44
N SER D 9 -41.47 22.56 15.59
CA SER D 9 -40.50 21.48 15.75
C SER D 9 -40.99 20.14 15.24
N GLY D 10 -42.19 19.74 15.65
CA GLY D 10 -42.65 18.39 15.44
C GLY D 10 -42.48 17.55 16.70
N LYS D 11 -41.23 17.37 17.11
CA LYS D 11 -40.93 16.65 18.34
C LYS D 11 -41.22 17.55 19.53
N GLY D 12 -42.05 17.05 20.47
CA GLY D 12 -42.46 17.87 21.59
C GLY D 12 -41.36 18.02 22.62
N GLY D 13 -41.38 19.16 23.31
CA GLY D 13 -40.50 19.40 24.43
C GLY D 13 -39.11 19.85 24.07
N VAL D 14 -38.84 20.16 22.81
CA VAL D 14 -37.49 20.55 22.40
C VAL D 14 -37.16 21.94 22.89
N GLY D 15 -38.16 22.78 23.08
CA GLY D 15 -37.98 24.12 23.59
C GLY D 15 -38.69 25.13 22.73
N LYS D 16 -39.89 24.82 22.20
CA LYS D 16 -40.50 25.78 21.28
C LYS D 16 -40.95 27.01 22.02
N THR D 17 -41.67 26.83 23.14
CA THR D 17 -42.13 27.96 23.91
C THR D 17 -40.96 28.75 24.46
N THR D 18 -39.92 28.07 24.91
CA THR D 18 -38.72 28.76 25.36
C THR D 18 -38.12 29.61 24.25
N THR D 19 -38.01 29.05 23.05
CA THR D 19 -37.48 29.80 21.93
C THR D 19 -38.45 30.89 21.49
N SER D 20 -39.74 30.61 21.53
CA SER D 20 -40.72 31.59 21.10
C SER D 20 -40.67 32.84 21.98
N ALA D 21 -40.68 32.66 23.30
CA ALA D 21 -40.60 33.82 24.20
C ALA D 21 -39.25 34.51 24.08
N ALA D 22 -38.17 33.77 23.82
CA ALA D 22 -36.86 34.38 23.75
C ALA D 22 -36.71 35.20 22.47
N ILE D 23 -37.11 34.63 21.34
CA ILE D 23 -36.94 35.34 20.07
C ILE D 23 -37.96 36.46 19.95
N GLY D 24 -39.13 36.30 20.56
CA GLY D 24 -40.12 37.37 20.55
C GLY D 24 -39.69 38.55 21.40
N THR D 25 -38.97 38.29 22.48
CA THR D 25 -38.43 39.37 23.31
C THR D 25 -37.17 39.96 22.68
N GLY D 26 -36.34 39.12 22.07
CA GLY D 26 -35.15 39.63 21.43
C GLY D 26 -35.45 40.62 20.34
N LEU D 27 -36.56 40.44 19.63
CA LEU D 27 -36.94 41.39 18.59
C LEU D 27 -37.64 42.63 19.13
N ALA D 28 -38.14 42.60 20.36
CA ALA D 28 -38.68 43.81 20.96
C ALA D 28 -37.57 44.66 21.59
N LEU D 29 -36.52 44.03 22.14
CA LEU D 29 -35.35 44.77 22.57
C LEU D 29 -34.69 45.50 21.41
N ARG D 30 -34.73 44.91 20.22
CA ARG D 30 -34.15 45.59 19.06
C ARG D 30 -34.98 46.80 18.65
N GLY D 31 -36.29 46.78 18.90
CA GLY D 31 -37.12 47.93 18.62
C GLY D 31 -38.35 47.65 17.80
N PHE D 32 -38.43 46.46 17.23
CA PHE D 32 -39.57 46.08 16.39
C PHE D 32 -40.80 45.85 17.25
N LYS D 33 -41.93 46.41 16.84
CA LYS D 33 -43.19 46.21 17.56
C LYS D 33 -43.69 44.78 17.29
N THR D 34 -43.59 43.92 18.31
CA THR D 34 -43.76 42.48 18.17
C THR D 34 -45.02 41.99 18.89
N VAL D 35 -45.58 40.90 18.41
CA VAL D 35 -46.57 40.13 19.16
C VAL D 35 -46.17 38.66 19.11
N ILE D 36 -46.47 37.94 20.20
CA ILE D 36 -46.28 36.50 20.28
C ILE D 36 -47.65 35.87 20.50
N VAL D 37 -48.00 34.91 19.66
CA VAL D 37 -49.29 34.22 19.74
C VAL D 37 -49.05 32.80 20.22
N ASP D 38 -49.54 32.48 21.42
CA ASP D 38 -49.59 31.10 21.87
C ASP D 38 -50.66 30.36 21.08
N PHE D 39 -50.25 29.43 20.22
CA PHE D 39 -51.19 28.66 19.40
C PHE D 39 -51.60 27.35 20.04
N ASP D 40 -51.06 27.02 21.22
CA ASP D 40 -51.39 25.79 21.93
C ASP D 40 -52.66 26.02 22.74
N VAL D 41 -53.78 25.97 22.05
CA VAL D 41 -55.07 26.28 22.63
C VAL D 41 -55.52 25.10 23.49
N GLY D 42 -55.92 25.39 24.72
CA GLY D 42 -56.36 24.37 25.64
C GLY D 42 -55.27 23.76 26.49
N LEU D 43 -54.01 23.98 26.13
CA LEU D 43 -52.87 23.46 26.88
C LEU D 43 -51.81 24.55 26.96
N ARG D 44 -52.24 25.74 27.37
CA ARG D 44 -51.42 26.94 27.25
C ARG D 44 -50.19 26.89 28.15
N ASN D 45 -49.10 27.45 27.64
CA ASN D 45 -47.82 27.51 28.35
C ASN D 45 -47.06 28.81 28.17
N LEU D 46 -47.40 29.64 27.18
CA LEU D 46 -46.56 30.80 26.86
C LEU D 46 -46.71 31.90 27.89
N ASP D 47 -47.93 32.20 28.31
CA ASP D 47 -48.14 33.25 29.30
C ASP D 47 -47.45 32.92 30.62
N LEU D 48 -47.21 31.63 30.88
CA LEU D 48 -46.57 31.25 32.14
C LEU D 48 -45.11 31.67 32.16
N ILE D 49 -44.41 31.52 31.03
CA ILE D 49 -42.98 31.89 30.96
C ILE D 49 -42.78 33.29 30.39
N MET D 50 -43.82 33.94 29.86
CA MET D 50 -43.77 35.35 29.55
C MET D 50 -44.02 36.21 30.77
N GLY D 51 -44.41 35.60 31.90
CA GLY D 51 -44.76 36.31 33.11
C GLY D 51 -46.05 37.09 33.04
N CYS D 52 -46.96 36.72 32.15
CA CYS D 52 -48.17 37.48 31.89
C CYS D 52 -49.43 36.75 32.38
N GLU D 53 -49.27 35.74 33.23
CA GLU D 53 -50.38 34.83 33.54
C GLU D 53 -51.43 35.45 34.44
N ARG D 54 -51.06 36.46 35.23
CA ARG D 54 -52.02 37.11 36.10
C ARG D 54 -52.78 38.23 35.40
N ARG D 55 -52.29 38.70 34.25
CA ARG D 55 -52.96 39.76 33.51
C ARG D 55 -53.88 39.26 32.41
N VAL D 56 -53.96 37.95 32.18
CA VAL D 56 -54.79 37.44 31.09
C VAL D 56 -56.26 37.56 31.49
N VAL D 57 -57.03 38.25 30.67
CA VAL D 57 -58.49 38.27 30.79
C VAL D 57 -59.15 37.62 29.57
N TYR D 58 -58.79 38.07 28.38
CA TYR D 58 -59.25 37.49 27.13
C TYR D 58 -58.06 36.89 26.39
N ASP D 59 -58.34 35.87 25.59
CA ASP D 59 -57.29 35.05 25.00
C ASP D 59 -57.49 34.90 23.50
N PHE D 60 -56.78 33.94 22.91
CA PHE D 60 -56.81 33.73 21.47
C PHE D 60 -58.18 33.27 21.01
N VAL D 61 -58.81 32.34 21.74
CA VAL D 61 -60.07 31.77 21.30
C VAL D 61 -61.24 32.72 21.53
N ASN D 62 -61.09 33.73 22.39
CA ASN D 62 -62.11 34.76 22.48
C ASN D 62 -62.10 35.67 21.25
N VAL D 63 -60.91 36.03 20.77
CA VAL D 63 -60.83 36.89 19.59
C VAL D 63 -61.40 36.18 18.37
N VAL D 64 -61.16 34.86 18.27
CA VAL D 64 -61.67 34.10 17.14
C VAL D 64 -63.20 34.07 17.16
N ASN D 65 -63.79 33.70 18.30
CA ASN D 65 -65.24 33.64 18.41
C ASN D 65 -65.89 35.02 18.50
N GLY D 66 -65.10 36.08 18.65
CA GLY D 66 -65.66 37.41 18.71
C GLY D 66 -66.15 37.83 20.08
N GLU D 67 -65.76 37.11 21.13
CA GLU D 67 -66.13 37.48 22.50
C GLU D 67 -65.29 38.63 23.03
N ALA D 68 -64.30 39.09 22.27
CA ALA D 68 -63.50 40.26 22.63
C ALA D 68 -62.83 40.77 21.36
N THR D 69 -62.27 41.96 21.45
CA THR D 69 -61.56 42.55 20.34
C THR D 69 -60.07 42.22 20.45
N LEU D 70 -59.32 42.56 19.39
CA LEU D 70 -57.89 42.27 19.45
C LEU D 70 -57.14 43.21 20.38
N THR D 71 -57.64 44.41 20.61
CA THR D 71 -57.02 45.29 21.59
C THR D 71 -57.41 44.93 23.01
N GLN D 72 -58.59 44.33 23.21
CA GLN D 72 -59.01 43.90 24.54
C GLN D 72 -58.25 42.67 25.01
N ALA D 73 -57.69 41.88 24.09
CA ALA D 73 -57.03 40.63 24.45
C ALA D 73 -55.51 40.73 24.51
N LEU D 74 -54.91 41.66 23.77
CA LEU D 74 -53.46 41.76 23.76
C LEU D 74 -52.94 42.29 25.09
N ILE D 75 -51.87 41.68 25.57
CA ILE D 75 -51.25 42.06 26.85
C ILE D 75 -49.93 42.74 26.57
N LYS D 76 -49.90 44.06 26.72
CA LYS D 76 -48.65 44.79 26.73
C LYS D 76 -47.79 44.30 27.88
N ASP D 77 -46.49 44.13 27.63
CA ASP D 77 -45.56 43.81 28.71
C ASP D 77 -45.37 45.01 29.63
N LYS D 78 -44.79 44.75 30.80
CA LYS D 78 -44.45 45.81 31.74
C LYS D 78 -43.00 46.29 31.56
N ARG D 79 -42.10 45.39 31.19
CA ARG D 79 -40.70 45.72 30.99
C ARG D 79 -40.40 46.21 29.58
N LEU D 80 -41.20 45.79 28.58
CA LEU D 80 -41.02 46.18 27.19
C LEU D 80 -42.30 46.82 26.67
N GLU D 81 -42.16 47.84 25.82
CA GLU D 81 -43.32 48.47 25.20
C GLU D 81 -43.61 47.96 23.79
N ASN D 82 -42.65 47.32 23.14
CA ASN D 82 -42.90 46.77 21.81
C ASN D 82 -43.44 45.36 21.84
N LEU D 83 -43.56 44.74 23.02
CA LEU D 83 -43.88 43.33 23.12
C LEU D 83 -45.30 43.16 23.64
N HIS D 84 -46.12 42.45 22.88
CA HIS D 84 -47.48 42.10 23.29
C HIS D 84 -47.66 40.60 23.16
N VAL D 85 -48.57 40.04 23.95
CA VAL D 85 -48.80 38.61 24.00
C VAL D 85 -50.30 38.35 23.84
N LEU D 86 -50.65 37.52 22.86
CA LEU D 86 -52.01 37.02 22.71
C LEU D 86 -52.03 35.59 23.23
N ALA D 87 -52.38 35.43 24.51
CA ALA D 87 -52.34 34.12 25.15
C ALA D 87 -53.51 33.24 24.66
N ALA D 88 -53.46 31.96 25.04
CA ALA D 88 -54.45 30.98 24.63
C ALA D 88 -55.31 30.57 25.84
N SER D 89 -56.27 29.69 25.61
CA SER D 89 -57.20 29.26 26.64
C SER D 89 -56.75 27.96 27.30
N GLN D 90 -57.50 27.55 28.32
CA GLN D 90 -57.42 26.22 28.91
C GLN D 90 -58.73 25.46 28.80
N THR D 91 -59.85 26.14 28.56
CA THR D 91 -61.15 25.47 28.52
C THR D 91 -61.37 24.76 27.19
N ARG D 92 -61.30 25.51 26.09
CA ARG D 92 -61.57 24.98 24.76
C ARG D 92 -60.27 24.50 24.13
N ASP D 93 -60.32 23.33 23.48
CA ASP D 93 -59.12 22.74 22.89
C ASP D 93 -58.95 23.22 21.44
N LYS D 94 -58.04 22.56 20.71
CA LYS D 94 -57.54 23.11 19.45
C LYS D 94 -58.49 22.91 18.27
N ASP D 95 -59.67 22.36 18.49
CA ASP D 95 -60.64 22.29 17.40
C ASP D 95 -61.44 23.58 17.26
N ALA D 96 -61.43 24.44 18.27
CA ALA D 96 -62.16 25.71 18.26
C ALA D 96 -61.44 26.81 17.48
N LEU D 97 -60.43 26.46 16.69
CA LEU D 97 -59.72 27.40 15.83
C LEU D 97 -60.02 27.03 14.38
N THR D 98 -60.76 27.89 13.69
CA THR D 98 -61.02 27.68 12.28
C THR D 98 -59.83 28.19 11.47
N LYS D 99 -59.69 27.68 10.24
CA LYS D 99 -58.75 28.32 9.34
C LYS D 99 -59.22 29.72 8.97
N GLU D 100 -60.54 29.92 8.89
CA GLU D 100 -61.07 31.23 8.55
C GLU D 100 -61.01 32.19 9.72
N GLY D 101 -61.26 31.69 10.94
CA GLY D 101 -61.23 32.56 12.10
C GLY D 101 -59.83 33.02 12.45
N VAL D 102 -58.84 32.14 12.32
CA VAL D 102 -57.45 32.52 12.51
C VAL D 102 -56.94 33.36 11.34
N GLU D 103 -57.57 33.24 10.17
CA GLU D 103 -57.18 34.09 9.05
C GLU D 103 -57.49 35.56 9.32
N LYS D 104 -58.64 35.83 9.98
CA LYS D 104 -59.01 37.21 10.28
C LYS D 104 -58.07 37.82 11.31
N VAL D 105 -57.68 37.04 12.32
CA VAL D 105 -56.81 37.57 13.38
C VAL D 105 -55.42 37.84 12.83
N MET D 106 -54.93 36.98 11.93
CA MET D 106 -53.63 37.23 11.33
C MET D 106 -53.66 38.45 10.43
N ALA D 107 -54.83 38.75 9.85
CA ALA D 107 -54.95 39.90 8.97
C ALA D 107 -54.79 41.20 9.75
N GLU D 108 -55.57 41.37 10.81
CA GLU D 108 -55.51 42.63 11.56
C GLU D 108 -54.33 42.68 12.53
N LEU D 109 -53.65 41.57 12.77
CA LEU D 109 -52.36 41.62 13.46
C LEU D 109 -51.26 42.14 12.55
N ARG D 110 -51.35 41.84 11.26
CA ARG D 110 -50.33 42.27 10.30
C ARG D 110 -50.38 43.77 10.04
N LYS D 111 -51.51 44.42 10.33
CA LYS D 111 -51.60 45.87 10.12
C LYS D 111 -50.85 46.63 11.20
N ASP D 112 -50.86 46.14 12.43
CA ASP D 112 -50.27 46.88 13.55
C ASP D 112 -48.84 46.49 13.89
N PHE D 113 -48.43 45.25 13.61
CA PHE D 113 -47.18 44.74 14.13
C PHE D 113 -46.16 44.50 13.02
N GLU D 114 -44.90 44.48 13.43
CA GLU D 114 -43.75 44.25 12.56
C GLU D 114 -43.39 42.77 12.49
N TYR D 115 -43.30 42.12 13.65
CA TYR D 115 -42.98 40.70 13.75
C TYR D 115 -44.09 40.00 14.52
N ILE D 116 -44.57 38.88 13.98
CA ILE D 116 -45.51 38.00 14.66
C ILE D 116 -44.82 36.65 14.89
N ILE D 117 -44.66 36.28 16.14
CA ILE D 117 -44.03 35.00 16.49
C ILE D 117 -45.15 34.03 16.86
N CYS D 118 -45.12 32.84 16.25
CA CYS D 118 -46.19 31.85 16.41
C CYS D 118 -45.65 30.63 17.15
N ASP D 119 -45.96 30.55 18.44
CA ASP D 119 -45.54 29.43 19.27
C ASP D 119 -46.39 28.22 18.88
N SER D 120 -45.83 27.35 18.03
CA SER D 120 -46.57 26.18 17.53
C SER D 120 -46.67 25.11 18.62
N PRO D 121 -47.81 24.40 18.70
CA PRO D 121 -47.85 23.20 19.56
C PRO D 121 -47.09 22.05 18.91
N ALA D 122 -46.97 20.93 19.62
CA ALA D 122 -46.21 19.80 19.11
C ALA D 122 -47.06 18.96 18.16
N GLY D 123 -46.39 18.27 17.25
CA GLY D 123 -47.04 17.30 16.37
C GLY D 123 -47.26 17.82 14.96
N ILE D 124 -48.00 17.02 14.19
CA ILE D 124 -48.29 17.34 12.79
C ILE D 124 -49.79 17.40 12.59
N GLU D 125 -50.52 17.83 13.62
CA GLU D 125 -51.96 17.83 13.60
C GLU D 125 -52.52 19.23 13.34
N LYS D 126 -53.81 19.43 13.64
CA LYS D 126 -54.50 20.63 13.22
C LYS D 126 -54.05 21.88 13.97
N GLY D 127 -53.68 21.75 15.24
CA GLY D 127 -53.15 22.91 15.95
C GLY D 127 -51.77 23.31 15.47
N ALA D 128 -50.96 22.34 15.04
CA ALA D 128 -49.66 22.64 14.45
C ALA D 128 -49.76 23.05 12.99
N HIS D 129 -50.89 22.81 12.35
CA HIS D 129 -51.07 23.21 10.96
C HIS D 129 -51.49 24.65 10.83
N LEU D 130 -52.32 25.16 11.76
CA LEU D 130 -52.78 26.54 11.64
C LEU D 130 -51.67 27.53 11.97
N ALA D 131 -50.72 27.15 12.82
CA ALA D 131 -49.58 28.02 13.06
C ALA D 131 -48.66 28.02 11.84
N MET D 132 -48.48 26.84 11.23
CA MET D 132 -47.69 26.71 10.02
C MET D 132 -48.26 27.53 8.87
N TYR D 133 -49.59 27.63 8.77
CA TYR D 133 -50.23 27.97 7.51
C TYR D 133 -49.88 29.38 7.03
N PHE D 134 -50.21 30.40 7.81
CA PHE D 134 -50.04 31.77 7.35
C PHE D 134 -48.65 32.30 7.58
N ALA D 135 -47.67 31.43 7.81
CA ALA D 135 -46.33 31.87 8.16
C ALA D 135 -45.53 32.26 6.93
N ASP D 136 -44.61 33.19 7.14
CA ASP D 136 -43.69 33.66 6.12
C ASP D 136 -42.29 33.08 6.30
N GLU D 137 -41.87 32.92 7.55
CA GLU D 137 -40.66 32.17 7.90
C GLU D 137 -41.02 31.13 8.96
N ALA D 138 -40.08 30.24 9.24
CA ALA D 138 -40.32 29.17 10.20
C ALA D 138 -38.99 28.80 10.84
N ILE D 139 -38.92 28.88 12.16
CA ILE D 139 -37.77 28.37 12.91
C ILE D 139 -38.12 26.96 13.38
N VAL D 140 -37.30 25.99 12.97
CA VAL D 140 -37.47 24.60 13.38
C VAL D 140 -36.52 24.34 14.55
N VAL D 141 -37.05 23.84 15.65
CA VAL D 141 -36.30 23.64 16.88
C VAL D 141 -35.91 22.17 16.98
N THR D 142 -34.66 21.89 17.34
CA THR D 142 -34.12 20.54 17.21
C THR D 142 -33.26 20.23 18.42
N ASN D 143 -33.47 19.11 18.99
CA ASN D 143 -32.46 18.71 19.95
C ASN D 143 -31.38 17.91 19.24
N PRO D 144 -30.13 18.01 19.65
CA PRO D 144 -29.09 17.19 19.01
C PRO D 144 -29.20 15.72 19.40
N GLU D 145 -30.23 15.04 18.89
CA GLU D 145 -30.44 13.63 19.14
C GLU D 145 -31.10 13.02 17.92
N VAL D 146 -30.98 11.70 17.79
CA VAL D 146 -31.40 11.05 16.54
C VAL D 146 -32.91 11.20 16.34
N SER D 147 -33.69 11.13 17.43
CA SER D 147 -35.13 11.22 17.30
C SER D 147 -35.56 12.61 16.90
N SER D 148 -35.01 13.64 17.57
CA SER D 148 -35.42 15.01 17.32
C SER D 148 -34.97 15.53 15.96
N VAL D 149 -33.96 14.90 15.35
CA VAL D 149 -33.61 15.27 13.98
C VAL D 149 -34.55 14.61 12.97
N ARG D 150 -34.95 13.35 13.21
CA ARG D 150 -35.90 12.69 12.31
C ARG D 150 -37.22 13.45 12.25
N ASP D 151 -37.71 13.92 13.40
CA ASP D 151 -39.02 14.56 13.46
C ASP D 151 -38.96 16.04 13.14
N SER D 152 -37.78 16.63 13.11
CA SER D 152 -37.58 17.95 12.56
C SER D 152 -37.34 17.90 11.06
N ASP D 153 -37.05 16.70 10.54
CA ASP D 153 -36.94 16.46 9.11
C ASP D 153 -38.31 16.28 8.48
N ARG D 154 -39.22 15.60 9.18
CA ARG D 154 -40.61 15.54 8.75
C ARG D 154 -41.22 16.93 8.70
N MET D 155 -40.75 17.83 9.57
CA MET D 155 -41.37 19.15 9.65
C MET D 155 -40.99 20.03 8.46
N LEU D 156 -39.74 19.98 8.01
CA LEU D 156 -39.32 20.80 6.87
C LEU D 156 -40.01 20.39 5.59
N GLY D 157 -40.46 19.13 5.50
CA GLY D 157 -41.24 18.73 4.34
C GLY D 157 -42.69 19.15 4.40
N LEU D 158 -43.15 19.59 5.57
CA LEU D 158 -44.49 20.15 5.71
C LEU D 158 -44.51 21.68 5.61
N LEU D 159 -43.36 22.33 5.78
CA LEU D 159 -43.21 23.75 5.50
C LEU D 159 -42.80 24.01 4.06
N ALA D 160 -43.05 23.05 3.18
CA ALA D 160 -42.78 23.22 1.78
C ALA D 160 -43.95 22.78 0.90
N SER D 161 -44.96 22.14 1.47
CA SER D 161 -46.08 21.59 0.74
C SER D 161 -47.42 21.97 1.34
N LYS D 162 -47.52 22.03 2.67
CA LYS D 162 -48.78 22.23 3.35
C LYS D 162 -49.00 23.68 3.76
N SER D 163 -48.19 24.61 3.25
CA SER D 163 -48.24 25.99 3.70
C SER D 163 -49.39 26.72 3.00
N GLN D 164 -49.43 28.05 3.14
CA GLN D 164 -50.28 28.87 2.30
C GLN D 164 -49.54 29.39 1.08
N ARG D 165 -48.24 29.63 1.22
CA ARG D 165 -47.40 30.00 0.08
C ARG D 165 -46.99 28.81 -0.76
N ALA D 166 -47.51 27.61 -0.45
CA ALA D 166 -47.30 26.44 -1.29
C ALA D 166 -48.54 26.06 -2.07
N GLU D 167 -49.73 26.33 -1.53
CA GLU D 167 -50.98 26.13 -2.24
C GLU D 167 -51.36 27.33 -3.09
N LYS D 168 -50.79 28.51 -2.83
CA LYS D 168 -51.02 29.68 -3.65
C LYS D 168 -49.81 30.04 -4.51
N GLY D 169 -48.71 29.30 -4.39
CA GLY D 169 -47.62 29.40 -5.33
C GLY D 169 -46.70 30.59 -5.19
N GLU D 170 -46.69 31.26 -4.04
CA GLU D 170 -45.72 32.31 -3.80
C GLU D 170 -44.36 31.69 -3.48
N GLU D 171 -43.41 32.52 -3.10
CA GLU D 171 -42.12 32.02 -2.66
C GLU D 171 -42.29 31.23 -1.36
N PRO D 172 -41.62 30.08 -1.22
CA PRO D 172 -41.89 29.21 -0.07
C PRO D 172 -41.39 29.83 1.24
N ILE D 173 -41.76 29.16 2.34
CA ILE D 173 -41.38 29.63 3.66
C ILE D 173 -39.88 29.56 3.83
N LYS D 174 -39.27 30.66 4.27
CA LYS D 174 -37.85 30.65 4.61
C LYS D 174 -37.65 29.94 5.94
N GLU D 175 -36.95 28.80 5.91
CA GLU D 175 -36.77 27.94 7.07
C GLU D 175 -35.42 28.19 7.73
N HIS D 176 -35.39 28.06 9.05
CA HIS D 176 -34.19 28.25 9.86
C HIS D 176 -34.08 27.12 10.88
N LEU D 177 -32.86 26.67 11.11
CA LEU D 177 -32.62 25.60 12.07
C LEU D 177 -32.03 26.19 13.35
N LEU D 178 -32.43 25.64 14.49
CA LEU D 178 -31.97 26.11 15.79
C LEU D 178 -31.80 24.91 16.71
N LEU D 179 -30.56 24.57 17.08
CA LEU D 179 -30.33 23.53 18.07
C LEU D 179 -30.50 24.10 19.47
N THR D 180 -31.42 23.53 20.23
CA THR D 180 -31.61 23.89 21.62
C THR D 180 -31.07 22.78 22.51
N ARG D 181 -30.90 23.12 23.79
CA ARG D 181 -30.33 22.27 24.84
C ARG D 181 -29.26 21.34 24.29
N TYR D 182 -28.32 21.96 23.58
CA TYR D 182 -27.12 21.31 23.06
C TYR D 182 -26.12 21.14 24.19
N ASN D 183 -25.69 19.91 24.43
CA ASN D 183 -24.73 19.65 25.49
C ASN D 183 -23.36 19.40 24.87
N PRO D 184 -22.42 20.35 24.94
CA PRO D 184 -21.15 20.18 24.22
C PRO D 184 -20.31 19.02 24.73
N GLU D 185 -20.49 18.66 26.01
CA GLU D 185 -19.72 17.57 26.61
C GLU D 185 -20.22 16.21 26.17
N ARG D 186 -21.53 16.06 25.90
CA ARG D 186 -22.08 14.78 25.45
C ARG D 186 -21.92 14.53 23.97
N VAL D 187 -21.57 15.54 23.17
CA VAL D 187 -21.32 15.25 21.76
C VAL D 187 -19.92 14.71 21.54
N THR D 188 -19.01 14.88 22.50
CA THR D 188 -17.69 14.29 22.38
C THR D 188 -17.67 12.83 22.85
N LYS D 189 -18.54 12.49 23.80
CA LYS D 189 -18.75 11.09 24.15
C LYS D 189 -19.51 10.34 23.07
N GLY D 190 -20.09 11.05 22.10
CA GLY D 190 -20.74 10.44 20.95
C GLY D 190 -22.21 10.12 21.11
N GLU D 191 -22.79 10.39 22.28
CA GLU D 191 -24.19 10.07 22.54
C GLU D 191 -25.16 11.16 22.08
N MET D 192 -24.66 12.25 21.53
CA MET D 192 -25.49 13.25 20.85
C MET D 192 -24.86 13.56 19.51
N LEU D 193 -25.65 14.12 18.61
CA LEU D 193 -25.12 14.52 17.33
C LEU D 193 -24.38 15.84 17.47
N SER D 194 -23.33 16.02 16.68
CA SER D 194 -22.55 17.25 16.75
C SER D 194 -23.30 18.37 16.01
N VAL D 195 -22.67 19.54 15.97
CA VAL D 195 -23.28 20.66 15.27
C VAL D 195 -23.24 20.46 13.76
N ASP D 196 -22.34 19.61 13.26
CA ASP D 196 -22.21 19.38 11.82
C ASP D 196 -23.00 18.18 11.33
N ASP D 197 -23.35 17.24 12.22
CA ASP D 197 -24.20 16.14 11.82
C ASP D 197 -25.62 16.63 11.56
N VAL D 198 -26.09 17.57 12.37
CA VAL D 198 -27.41 18.15 12.15
C VAL D 198 -27.38 19.07 10.93
N GLU D 199 -26.26 19.75 10.71
CA GLU D 199 -26.13 20.60 9.52
C GLU D 199 -26.01 19.79 8.24
N GLU D 200 -25.67 18.50 8.35
CA GLU D 200 -25.53 17.61 7.21
C GLU D 200 -26.78 16.80 6.92
N ILE D 201 -27.41 16.24 7.96
CA ILE D 201 -28.62 15.43 7.76
C ILE D 201 -29.80 16.32 7.39
N LEU D 202 -29.98 17.42 8.13
CA LEU D 202 -31.08 18.34 7.81
C LEU D 202 -30.73 19.23 6.63
N ALA D 203 -29.46 19.59 6.49
CA ALA D 203 -28.94 20.28 5.31
C ALA D 203 -29.57 21.66 5.10
N ILE D 204 -29.56 22.48 6.16
CA ILE D 204 -29.87 23.90 6.07
C ILE D 204 -28.90 24.66 6.98
N ARG D 205 -29.05 25.99 6.99
CA ARG D 205 -28.16 26.89 7.70
C ARG D 205 -28.64 27.06 9.15
N LEU D 206 -27.73 26.86 10.10
CA LEU D 206 -28.07 26.98 11.52
C LEU D 206 -28.29 28.42 11.91
N LEU D 207 -29.44 28.69 12.55
CA LEU D 207 -29.66 29.98 13.19
C LEU D 207 -28.85 30.11 14.47
N GLY D 208 -28.53 29.00 15.11
CA GLY D 208 -27.69 29.06 16.30
C GLY D 208 -27.79 27.78 17.08
N VAL D 209 -26.91 27.68 18.08
CA VAL D 209 -26.81 26.51 18.95
C VAL D 209 -26.88 27.00 20.39
N ILE D 210 -27.88 26.55 21.12
CA ILE D 210 -28.20 27.08 22.44
C ILE D 210 -27.83 26.03 23.47
N PRO D 211 -26.90 26.29 24.37
CA PRO D 211 -26.39 25.24 25.27
C PRO D 211 -27.42 24.78 26.28
N GLU D 212 -27.13 23.64 26.87
CA GLU D 212 -27.82 23.20 28.08
C GLU D 212 -27.52 24.15 29.23
N SER D 213 -28.56 24.64 29.90
CA SER D 213 -28.39 25.64 30.94
C SER D 213 -29.39 25.44 32.06
N GLN D 214 -28.93 25.61 33.30
CA GLN D 214 -29.88 25.73 34.40
C GLN D 214 -30.57 27.08 34.41
N ALA D 215 -30.06 28.03 33.62
CA ALA D 215 -30.66 29.36 33.56
C ALA D 215 -32.02 29.35 32.88
N VAL D 216 -32.29 28.36 32.03
CA VAL D 216 -33.56 28.32 31.31
C VAL D 216 -34.69 27.91 32.25
N LEU D 217 -34.46 26.91 33.10
CA LEU D 217 -35.49 26.54 34.07
C LEU D 217 -35.61 27.56 35.20
N LYS D 218 -34.51 28.25 35.53
CA LYS D 218 -34.58 29.28 36.56
C LYS D 218 -35.37 30.48 36.07
N ALA D 219 -35.23 30.83 34.79
CA ALA D 219 -35.90 32.01 34.27
C ALA D 219 -37.41 31.78 34.15
N SER D 220 -37.83 30.62 33.66
CA SER D 220 -39.26 30.34 33.58
C SER D 220 -39.89 30.14 34.94
N ASN D 221 -39.08 29.86 35.97
CA ASN D 221 -39.61 29.75 37.33
C ASN D 221 -39.84 31.10 37.98
N GLN D 222 -39.25 32.17 37.43
CA GLN D 222 -39.46 33.50 37.96
C GLN D 222 -40.19 34.41 36.99
N GLY D 223 -40.60 33.89 35.82
CA GLY D 223 -41.46 34.62 34.92
C GLY D 223 -40.75 35.38 33.81
N VAL D 224 -39.42 35.33 33.77
CA VAL D 224 -38.65 36.12 32.80
C VAL D 224 -38.21 35.25 31.64
N PRO D 225 -38.22 35.77 30.41
CA PRO D 225 -37.52 35.06 29.32
C PRO D 225 -36.02 35.02 29.60
N VAL D 226 -35.35 34.03 28.98
CA VAL D 226 -33.94 33.82 29.26
C VAL D 226 -33.03 34.73 28.44
N ILE D 227 -33.56 35.42 27.43
CA ILE D 227 -32.79 36.44 26.74
C ILE D 227 -32.67 37.72 27.55
N LEU D 228 -33.53 37.90 28.56
CA LEU D 228 -33.40 38.98 29.54
C LEU D 228 -32.49 38.58 30.70
N ASP D 229 -31.81 37.45 30.60
CA ASP D 229 -30.79 37.04 31.55
C ASP D 229 -29.48 36.93 30.76
N GLU D 230 -28.75 38.04 30.68
CA GLU D 230 -27.57 38.12 29.83
C GLU D 230 -26.30 37.63 30.50
N GLN D 231 -26.34 37.35 31.80
CA GLN D 231 -25.16 36.83 32.48
C GLN D 231 -24.88 35.37 32.14
N SER D 232 -25.91 34.62 31.74
CA SER D 232 -25.77 33.19 31.52
C SER D 232 -25.21 32.91 30.13
N ASP D 233 -25.00 31.63 29.84
CA ASP D 233 -24.51 31.20 28.53
C ASP D 233 -25.65 31.09 27.52
N ALA D 234 -26.83 30.65 27.96
CA ALA D 234 -27.95 30.51 27.04
C ALA D 234 -28.50 31.87 26.62
N GLY D 235 -28.57 32.82 27.57
CA GLY D 235 -29.06 34.14 27.22
C GLY D 235 -28.21 34.83 26.16
N GLN D 236 -26.90 34.64 26.23
CA GLN D 236 -26.02 35.10 25.16
C GLN D 236 -26.40 34.43 23.85
N ALA D 237 -26.45 33.09 23.84
CA ALA D 237 -26.68 32.35 22.62
C ALA D 237 -28.06 32.58 22.03
N TYR D 238 -29.04 32.98 22.85
CA TYR D 238 -30.33 33.34 22.30
C TYR D 238 -30.30 34.70 21.65
N SER D 239 -29.48 35.61 22.17
CA SER D 239 -29.44 36.96 21.64
C SER D 239 -28.55 37.08 20.41
N ASP D 240 -27.82 36.03 20.06
CA ASP D 240 -27.06 36.02 18.81
C ASP D 240 -27.88 35.43 17.68
N ALA D 241 -28.76 34.48 17.99
CA ALA D 241 -29.65 33.93 16.98
C ALA D 241 -30.65 34.97 16.50
N VAL D 242 -30.95 35.97 17.34
CA VAL D 242 -31.86 37.03 16.91
C VAL D 242 -31.15 37.99 15.97
N ASP D 243 -29.85 38.19 16.17
CA ASP D 243 -29.07 38.96 15.20
C ASP D 243 -28.94 38.19 13.90
N ARG D 244 -28.77 36.86 13.98
CA ARG D 244 -28.69 36.03 12.78
C ARG D 244 -30.02 35.97 12.04
N LEU D 245 -31.13 36.23 12.72
CA LEU D 245 -32.40 36.39 12.03
C LEU D 245 -32.43 37.67 11.20
N LEU D 246 -31.70 38.69 11.65
CA LEU D 246 -31.68 39.99 10.98
C LEU D 246 -30.45 40.18 10.08
N GLY D 247 -29.92 39.08 9.53
CA GLY D 247 -28.85 39.13 8.55
C GLY D 247 -27.43 39.19 9.11
N LYS D 248 -27.26 39.69 10.33
CA LYS D 248 -25.94 39.90 10.91
C LYS D 248 -25.29 38.55 11.24
N GLU D 249 -24.33 38.12 10.43
CA GLU D 249 -23.70 36.82 10.66
C GLU D 249 -22.69 36.90 11.81
N ILE D 250 -22.81 35.95 12.73
CA ILE D 250 -21.98 35.91 13.95
C ILE D 250 -21.38 34.52 14.09
N PRO D 251 -20.10 34.41 14.46
CA PRO D 251 -19.50 33.07 14.67
C PRO D 251 -20.04 32.41 15.92
N HIS D 252 -20.39 31.13 15.81
CA HIS D 252 -21.04 30.41 16.90
C HIS D 252 -20.10 30.21 18.07
N ARG D 253 -20.64 30.30 19.28
CA ARG D 253 -19.86 30.14 20.51
C ARG D 253 -20.42 28.98 21.35
N PHE D 254 -19.76 28.73 22.47
CA PHE D 254 -20.17 27.77 23.50
C PHE D 254 -20.12 26.32 23.04
N LEU D 255 -19.43 26.03 21.93
CA LEU D 255 -19.37 24.66 21.41
C LEU D 255 -18.14 23.92 21.93
N PRO E 37 10.93 51.84 21.59
CA PRO E 37 12.13 51.06 21.90
C PRO E 37 11.84 49.61 22.31
N THR E 38 10.69 49.08 21.88
CA THR E 38 10.37 47.66 22.00
C THR E 38 10.12 47.14 20.59
N LYS E 39 11.09 46.40 20.06
CA LYS E 39 11.05 45.98 18.66
C LYS E 39 9.98 44.89 18.48
N VAL E 40 9.08 45.10 17.54
CA VAL E 40 8.02 44.15 17.24
C VAL E 40 8.33 43.49 15.90
N VAL E 41 8.27 42.17 15.87
CA VAL E 41 8.51 41.38 14.66
C VAL E 41 7.20 40.70 14.29
N LYS E 42 6.54 41.19 13.24
CA LYS E 42 5.23 40.68 12.84
C LYS E 42 5.30 39.66 11.71
N THR E 43 6.48 39.33 11.20
CA THR E 43 6.65 38.37 10.13
C THR E 43 7.11 37.03 10.69
N PRO E 44 6.98 35.94 9.93
CA PRO E 44 7.56 34.66 10.38
C PRO E 44 9.08 34.75 10.42
N VAL E 45 9.66 34.35 11.54
CA VAL E 45 11.11 34.43 11.76
C VAL E 45 11.68 33.09 11.31
N ARG E 46 12.05 33.00 10.03
CA ARG E 46 12.34 31.72 9.43
C ARG E 46 13.68 31.17 9.93
N GLY E 47 13.93 29.90 9.63
CA GLY E 47 15.14 29.26 10.11
C GLY E 47 16.39 29.96 9.61
N GLY E 48 17.41 29.98 10.44
CA GLY E 48 18.65 30.64 10.11
C GLY E 48 18.69 32.12 10.43
N MET E 49 17.52 32.77 10.50
CA MET E 49 17.43 34.17 10.82
C MET E 49 17.81 34.42 12.28
N GLN E 50 18.32 35.62 12.55
CA GLN E 50 18.55 36.05 13.92
C GLN E 50 18.03 37.48 14.06
N ILE E 51 17.26 37.73 15.12
CA ILE E 51 16.73 39.05 15.42
C ILE E 51 17.38 39.52 16.70
N TYR E 52 17.87 40.75 16.71
CA TYR E 52 18.60 41.28 17.86
C TYR E 52 18.00 42.61 18.28
N ALA E 53 17.14 42.57 19.28
CA ALA E 53 16.63 43.78 19.93
C ALA E 53 17.73 44.31 20.84
N ALA E 54 18.38 45.38 20.40
CA ALA E 54 19.63 45.81 21.02
C ALA E 54 19.42 46.58 22.33
N GLY E 55 18.28 47.23 22.50
CA GLY E 55 18.09 48.06 23.67
C GLY E 55 17.30 47.39 24.78
N GLY E 56 16.16 46.79 24.43
CA GLY E 56 15.30 46.20 25.44
C GLY E 56 14.53 44.99 24.95
N ASP E 57 13.21 45.02 25.12
CA ASP E 57 12.36 43.89 24.85
C ASP E 57 12.37 43.52 23.37
N LEU E 58 11.79 42.36 23.07
CA LEU E 58 11.56 41.90 21.71
C LEU E 58 10.26 41.12 21.72
N ILE E 59 9.29 41.56 20.93
CA ILE E 59 8.00 40.89 20.79
C ILE E 59 7.95 40.28 19.40
N VAL E 60 7.71 38.97 19.33
CA VAL E 60 7.60 38.25 18.07
C VAL E 60 6.17 37.74 17.96
N LEU E 61 5.40 38.28 17.02
CA LEU E 61 4.00 37.93 16.90
C LEU E 61 3.74 36.86 15.83
N ALA E 62 4.74 36.05 15.48
CA ALA E 62 4.58 35.03 14.46
C ALA E 62 5.29 33.76 14.89
N ALA E 63 5.30 32.77 14.01
CA ALA E 63 5.95 31.51 14.33
C ALA E 63 7.44 31.62 14.05
N VAL E 64 8.24 31.09 14.96
CA VAL E 64 9.69 31.13 14.86
C VAL E 64 10.16 29.73 14.51
N SER E 65 10.63 29.56 13.28
CA SER E 65 10.99 28.25 12.77
C SER E 65 12.24 27.70 13.44
N PRO E 66 12.39 26.38 13.51
CA PRO E 66 13.58 25.81 14.17
C PRO E 66 14.86 26.19 13.43
N GLY E 67 15.86 26.60 14.20
CA GLY E 67 17.08 27.17 13.69
C GLY E 67 17.16 28.69 13.78
N ALA E 68 16.01 29.36 13.82
CA ALA E 68 16.00 30.79 14.09
C ALA E 68 16.45 31.05 15.52
N GLU E 69 17.01 32.24 15.75
CA GLU E 69 17.39 32.61 17.11
C GLU E 69 16.96 34.05 17.39
N LEU E 70 16.37 34.26 18.55
CA LEU E 70 15.88 35.56 18.98
C LEU E 70 16.71 35.95 20.19
N LEU E 71 17.52 36.99 20.08
CA LEU E 71 18.31 37.41 21.22
C LEU E 71 18.15 38.89 21.47
N ALA E 72 17.95 39.23 22.74
CA ALA E 72 17.70 40.60 23.19
C ALA E 72 18.16 40.71 24.63
N ASP E 73 18.66 41.89 25.00
CA ASP E 73 19.14 42.07 26.37
C ASP E 73 18.04 42.49 27.34
N GLY E 74 16.80 42.58 26.88
CA GLY E 74 15.67 42.69 27.78
C GLY E 74 14.87 41.40 27.81
N ASN E 75 13.55 41.51 27.83
CA ASN E 75 12.72 40.32 27.82
C ASN E 75 12.44 39.91 26.37
N ILE E 76 11.87 38.72 26.21
CA ILE E 76 11.45 38.19 24.92
C ILE E 76 10.05 37.64 25.08
N HIS E 77 9.11 38.16 24.29
CA HIS E 77 7.74 37.67 24.30
C HIS E 77 7.44 37.07 22.94
N VAL E 78 7.13 35.77 22.91
CA VAL E 78 6.85 35.06 21.67
C VAL E 78 5.41 34.58 21.74
N TYR E 79 4.54 35.21 20.94
CA TYR E 79 3.13 34.89 20.95
C TYR E 79 2.73 33.96 19.80
N GLY E 80 3.67 33.16 19.31
CA GLY E 80 3.38 32.14 18.34
C GLY E 80 3.95 30.81 18.80
N PRO E 81 4.07 29.84 17.90
CA PRO E 81 4.78 28.60 18.25
C PRO E 81 6.27 28.77 18.06
N MET E 82 7.01 28.88 19.16
CA MET E 82 8.45 29.06 19.07
C MET E 82 9.16 27.72 19.03
N ARG E 83 9.99 27.53 18.01
CA ARG E 83 10.81 26.34 17.88
C ARG E 83 12.29 26.66 17.71
N GLY E 84 12.69 27.90 17.90
CA GLY E 84 14.07 28.33 17.75
C GLY E 84 14.76 28.53 19.08
N ARG E 85 15.76 29.41 19.09
CA ARG E 85 16.59 29.65 20.27
C ARG E 85 16.29 31.04 20.81
N ALA E 86 15.78 31.11 22.04
CA ALA E 86 15.54 32.38 22.72
C ALA E 86 16.67 32.67 23.68
N LEU E 87 17.31 33.83 23.53
CA LEU E 87 18.47 34.21 24.35
C LEU E 87 18.19 35.57 24.99
N ALA E 88 17.70 35.55 26.22
CA ALA E 88 17.29 36.77 26.92
C ALA E 88 18.42 37.34 27.76
N GLY E 89 18.41 38.67 27.91
CA GLY E 89 19.40 39.34 28.75
C GLY E 89 20.83 39.07 28.35
N VAL E 90 21.12 39.12 27.04
CA VAL E 90 22.42 38.64 26.55
C VAL E 90 23.57 39.47 27.07
N LYS E 91 23.37 40.75 27.31
CA LYS E 91 24.45 41.60 27.83
C LYS E 91 24.35 41.75 29.34
N GLY E 92 24.25 40.63 30.05
CA GLY E 92 24.36 40.61 31.50
C GLY E 92 23.24 41.26 32.27
N ASP E 93 22.08 40.59 32.33
CA ASP E 93 20.95 41.08 33.12
C ASP E 93 20.17 39.87 33.61
N ALA E 94 20.31 39.53 34.88
CA ALA E 94 19.66 38.36 35.46
C ALA E 94 18.20 38.61 35.82
N THR E 95 17.60 39.71 35.35
CA THR E 95 16.20 39.98 35.57
C THR E 95 15.36 39.87 34.31
N ALA E 96 15.97 39.48 33.18
CA ALA E 96 15.23 39.24 31.95
C ALA E 96 14.32 38.02 32.09
N ARG E 97 13.40 37.89 31.14
CA ARG E 97 12.42 36.81 31.15
C ARG E 97 12.09 36.42 29.73
N ILE E 98 11.65 35.17 29.57
CA ILE E 98 11.17 34.66 28.28
C ILE E 98 9.74 34.20 28.48
N PHE E 99 8.85 34.62 27.60
CA PHE E 99 7.45 34.19 27.65
C PHE E 99 7.08 33.59 26.31
N CYS E 100 6.66 32.33 26.31
CA CYS E 100 6.20 31.67 25.10
C CYS E 100 4.77 31.22 25.26
N GLN E 101 4.01 31.27 24.17
CA GLN E 101 2.68 30.69 24.22
C GLN E 101 2.72 29.18 24.06
N GLN E 102 3.70 28.67 23.32
CA GLN E 102 3.88 27.24 23.10
C GLN E 102 5.37 26.97 23.27
N LEU E 103 5.75 26.33 24.37
CA LEU E 103 7.16 26.05 24.63
C LEU E 103 7.60 24.89 23.76
N ALA E 104 8.34 25.19 22.70
CA ALA E 104 9.00 24.16 21.90
C ALA E 104 10.38 24.62 21.48
N ALA E 105 11.02 25.44 22.31
CA ALA E 105 12.31 26.01 21.94
C ALA E 105 13.37 24.91 21.87
N GLU E 106 14.39 25.15 21.03
CA GLU E 106 15.59 24.32 21.02
C GLU E 106 16.55 24.72 22.13
N LEU E 107 16.47 25.96 22.59
CA LEU E 107 17.31 26.47 23.68
C LEU E 107 16.64 27.70 24.26
N VAL E 108 16.65 27.80 25.59
CA VAL E 108 16.28 29.02 26.29
C VAL E 108 17.44 29.38 27.20
N SER E 109 17.77 30.66 27.29
CA SER E 109 18.93 31.06 28.08
C SER E 109 18.76 32.50 28.51
N ILE E 110 18.86 32.75 29.81
CA ILE E 110 18.82 34.10 30.36
C ILE E 110 20.19 34.43 30.91
N ALA E 111 20.83 35.45 30.32
CA ALA E 111 22.11 35.98 30.78
C ALA E 111 23.24 34.95 30.76
N GLY E 112 23.06 33.81 30.07
CA GLY E 112 24.11 32.83 29.92
C GLY E 112 23.73 31.43 30.40
N ASN E 113 22.84 31.36 31.40
CA ASN E 113 22.40 30.07 31.93
C ASN E 113 21.37 29.49 30.97
N TYR E 114 21.75 28.45 30.24
CA TYR E 114 20.88 27.91 29.21
C TYR E 114 20.17 26.67 29.70
N LYS E 115 19.36 26.10 28.79
CA LYS E 115 18.58 24.90 29.08
C LYS E 115 18.13 24.37 27.71
N VAL E 116 18.77 23.31 27.23
CA VAL E 116 18.51 22.87 25.86
C VAL E 116 17.18 22.14 25.78
N ALA E 117 16.72 21.82 24.57
CA ALA E 117 15.41 21.20 24.41
C ALA E 117 15.37 19.77 24.93
N GLU E 118 16.52 19.15 25.18
CA GLU E 118 16.50 17.74 25.55
C GLU E 118 15.92 17.55 26.94
N ASP E 119 16.35 18.39 27.89
CA ASP E 119 15.81 18.35 29.24
C ASP E 119 14.59 19.24 29.44
N LEU E 120 14.20 20.03 28.44
CA LEU E 120 12.92 20.74 28.52
C LEU E 120 11.76 19.83 28.13
N ARG E 121 11.99 18.90 27.18
CA ARG E 121 10.94 17.96 26.82
C ARG E 121 10.61 17.03 27.97
N ARG E 122 11.59 16.76 28.84
CA ARG E 122 11.38 15.85 29.95
C ARG E 122 10.41 16.42 30.97
N SER E 123 10.39 17.74 31.15
CA SER E 123 9.49 18.37 32.10
C SER E 123 8.09 18.48 31.51
N PRO E 124 7.07 18.78 32.34
CA PRO E 124 5.78 19.19 31.78
C PRO E 124 5.89 20.57 31.16
N GLN E 125 4.77 21.18 30.81
CA GLN E 125 4.74 22.47 30.13
C GLN E 125 5.53 22.47 28.83
N TRP E 126 5.75 21.32 28.21
CA TRP E 126 6.28 21.30 26.87
C TRP E 126 5.10 21.45 25.91
N GLY E 127 5.19 22.46 25.04
CA GLY E 127 4.06 22.87 24.22
C GLY E 127 3.00 23.67 24.95
N LYS E 128 3.29 24.11 26.17
CA LYS E 128 2.35 24.86 26.99
C LYS E 128 2.85 26.29 27.16
N ALA E 129 1.94 27.19 27.54
CA ALA E 129 2.30 28.58 27.77
C ALA E 129 3.20 28.66 28.99
N VAL E 130 4.42 29.13 28.80
CA VAL E 130 5.48 28.98 29.76
C VAL E 130 6.11 30.35 30.04
N HIS E 131 6.79 30.44 31.17
CA HIS E 131 7.36 31.71 31.63
C HIS E 131 8.70 31.42 32.29
N VAL E 132 9.78 31.75 31.59
CA VAL E 132 11.14 31.40 31.98
C VAL E 132 11.76 32.59 32.69
N SER E 133 12.42 32.32 33.81
CA SER E 133 13.01 33.37 34.63
C SER E 133 14.25 32.80 35.31
N LEU E 134 15.20 33.68 35.61
CA LEU E 134 16.46 33.24 36.21
C LEU E 134 16.47 33.58 37.70
N SER E 135 16.40 32.55 38.54
CA SER E 135 16.41 32.70 39.99
C SER E 135 17.83 32.43 40.49
N GLY E 136 18.61 33.49 40.68
CA GLY E 136 19.95 33.35 41.20
C GLY E 136 20.91 32.77 40.19
N ASP E 137 20.83 31.45 39.97
CA ASP E 137 21.70 30.79 39.02
C ASP E 137 21.02 29.66 38.25
N VAL E 138 19.75 29.37 38.51
CA VAL E 138 19.03 28.31 37.82
C VAL E 138 17.84 28.90 37.07
N LEU E 139 17.46 28.26 35.97
CA LEU E 139 16.29 28.65 35.21
C LEU E 139 15.03 28.07 35.83
N ASN E 140 13.94 28.83 35.78
CA ASN E 140 12.65 28.36 36.23
C ASN E 140 11.69 28.22 35.05
N ILE E 141 10.76 27.28 35.18
CA ILE E 141 9.83 26.96 34.11
C ILE E 141 8.44 26.92 34.74
N THR E 142 7.71 28.02 34.65
CA THR E 142 6.40 28.16 35.25
C THR E 142 5.32 27.96 34.20
N ARG E 143 4.08 27.83 34.63
CA ARG E 143 3.02 27.63 33.66
C ARG E 143 2.02 28.79 33.73
N PRO F 37 13.96 49.44 31.85
CA PRO F 37 12.85 50.30 31.46
C PRO F 37 11.59 49.52 31.03
N THR F 38 11.44 48.30 31.55
CA THR F 38 10.20 47.54 31.45
C THR F 38 9.77 47.18 32.86
N LYS F 39 8.78 47.91 33.38
CA LYS F 39 8.37 47.73 34.77
C LYS F 39 7.59 46.43 34.94
N VAL F 40 8.04 45.59 35.87
CA VAL F 40 7.42 44.30 36.15
C VAL F 40 6.68 44.37 37.48
N VAL F 41 5.44 43.90 37.50
CA VAL F 41 4.60 43.85 38.70
C VAL F 41 4.35 42.38 39.01
N LYS F 42 4.98 41.87 40.07
CA LYS F 42 4.87 40.46 40.41
C LYS F 42 3.85 40.15 41.50
N THR F 43 3.19 41.15 42.04
CA THR F 43 2.21 40.93 43.11
C THR F 43 0.79 40.99 42.53
N PRO F 44 -0.21 40.49 43.25
CA PRO F 44 -1.60 40.69 42.80
C PRO F 44 -1.96 42.17 42.81
N VAL F 45 -2.52 42.64 41.70
CA VAL F 45 -2.85 44.05 41.53
C VAL F 45 -4.31 44.21 41.96
N ARG F 46 -4.50 44.49 43.25
CA ARG F 46 -5.82 44.39 43.83
C ARG F 46 -6.71 45.55 43.38
N GLY F 47 -8.01 45.40 43.63
CA GLY F 47 -8.97 46.41 43.19
C GLY F 47 -8.68 47.75 43.84
N GLY F 48 -8.91 48.82 43.07
CA GLY F 48 -8.60 50.16 43.53
C GLY F 48 -7.18 50.60 43.25
N MET F 49 -6.25 49.65 43.07
CA MET F 49 -4.87 49.95 42.72
C MET F 49 -4.77 50.48 41.30
N GLN F 50 -3.75 51.30 41.07
CA GLN F 50 -3.41 51.75 39.72
C GLN F 50 -1.89 51.62 39.55
N ILE F 51 -1.47 51.03 38.43
CA ILE F 51 -0.07 50.87 38.10
C ILE F 51 0.20 51.70 36.86
N TYR F 52 1.26 52.51 36.88
CA TYR F 52 1.54 53.42 35.78
C TYR F 52 3.00 53.26 35.35
N ALA F 53 3.23 52.49 34.29
CA ALA F 53 4.54 52.39 33.64
C ALA F 53 4.76 53.65 32.81
N ALA F 54 5.59 54.56 33.32
CA ALA F 54 5.67 55.90 32.78
C ALA F 54 6.50 55.99 31.51
N GLY F 55 7.47 55.11 31.33
CA GLY F 55 8.37 55.21 30.19
C GLY F 55 8.01 54.31 29.02
N GLY F 56 7.77 53.03 29.30
CA GLY F 56 7.49 52.06 28.26
C GLY F 56 6.55 50.95 28.68
N ASP F 57 6.99 49.71 28.48
CA ASP F 57 6.14 48.53 28.70
C ASP F 57 5.76 48.38 30.16
N LEU F 58 4.82 47.48 30.38
CA LEU F 58 4.39 47.06 31.71
C LEU F 58 4.04 45.57 31.64
N ILE F 59 4.72 44.77 32.44
CA ILE F 59 4.48 43.33 32.52
C ILE F 59 3.85 43.06 33.87
N VAL F 60 2.68 42.44 33.88
CA VAL F 60 1.98 42.08 35.11
C VAL F 60 1.89 40.57 35.18
N LEU F 61 2.61 39.97 36.13
CA LEU F 61 2.68 38.51 36.24
C LEU F 61 1.70 37.94 37.25
N ALA F 62 0.64 38.67 37.58
CA ALA F 62 -0.31 38.19 38.58
C ALA F 62 -1.72 38.55 38.13
N ALA F 63 -2.68 38.26 39.00
CA ALA F 63 -4.07 38.54 38.70
C ALA F 63 -4.38 40.00 39.01
N VAL F 64 -5.11 40.65 38.12
CA VAL F 64 -5.51 42.04 38.27
C VAL F 64 -6.99 42.06 38.62
N SER F 65 -7.28 42.39 39.88
CA SER F 65 -8.64 42.30 40.41
C SER F 65 -9.53 43.37 39.78
N PRO F 66 -10.84 43.12 39.71
CA PRO F 66 -11.73 44.10 39.08
C PRO F 66 -11.72 45.43 39.81
N GLY F 67 -11.62 46.51 39.06
CA GLY F 67 -11.44 47.84 39.61
C GLY F 67 -10.04 48.38 39.51
N ALA F 68 -9.03 47.52 39.43
CA ALA F 68 -7.66 47.95 39.16
C ALA F 68 -7.54 48.54 37.76
N GLU F 69 -6.57 49.43 37.58
CA GLU F 69 -6.31 49.97 36.24
C GLU F 69 -4.81 50.00 36.00
N LEU F 70 -4.40 49.49 34.85
CA LEU F 70 -3.01 49.39 34.44
C LEU F 70 -2.85 50.29 33.23
N LEU F 71 -2.10 51.37 33.36
CA LEU F 71 -1.91 52.23 32.20
C LEU F 71 -0.43 52.50 31.98
N ALA F 72 -0.03 52.41 30.71
CA ALA F 72 1.35 52.53 30.30
C ALA F 72 1.37 53.08 28.90
N ASP F 73 2.39 53.89 28.59
CA ASP F 73 2.47 54.46 27.25
C ASP F 73 3.20 53.55 26.26
N GLY F 74 3.62 52.37 26.72
CA GLY F 74 4.08 51.33 25.82
C GLY F 74 3.07 50.19 25.76
N ASN F 75 3.54 48.96 25.74
CA ASN F 75 2.64 47.84 25.69
C ASN F 75 2.26 47.42 27.10
N ILE F 76 1.29 46.51 27.19
CA ILE F 76 0.85 45.93 28.46
C ILE F 76 0.78 44.43 28.26
N HIS F 77 1.53 43.69 29.04
CA HIS F 77 1.48 42.23 29.00
C HIS F 77 0.92 41.74 30.32
N VAL F 78 -0.20 41.04 30.28
CA VAL F 78 -0.81 40.52 31.50
C VAL F 78 -0.80 39.00 31.41
N TYR F 79 0.07 38.37 32.19
CA TYR F 79 0.20 36.92 32.19
C TYR F 79 -0.57 36.26 33.33
N GLY F 80 -1.62 36.92 33.80
CA GLY F 80 -2.53 36.32 34.75
C GLY F 80 -3.95 36.49 34.27
N PRO F 81 -4.92 36.29 35.17
CA PRO F 81 -6.32 36.58 34.82
C PRO F 81 -6.61 38.07 35.05
N MET F 82 -6.77 38.80 33.95
CA MET F 82 -7.03 40.23 34.07
C MET F 82 -8.53 40.49 34.12
N ARG F 83 -8.95 41.22 35.16
CA ARG F 83 -10.33 41.65 35.29
C ARG F 83 -10.47 43.16 35.45
N GLY F 84 -9.41 43.92 35.24
CA GLY F 84 -9.42 45.37 35.39
C GLY F 84 -9.46 46.11 34.08
N ARG F 85 -8.90 47.33 34.07
CA ARG F 85 -8.89 48.20 32.91
C ARG F 85 -7.46 48.35 32.42
N ALA F 86 -7.21 47.93 31.18
CA ALA F 86 -5.91 48.09 30.54
C ALA F 86 -5.94 49.30 29.61
N LEU F 87 -5.00 50.23 29.81
CA LEU F 87 -4.95 51.48 29.04
C LEU F 87 -3.55 51.59 28.44
N ALA F 88 -3.37 51.11 27.23
CA ALA F 88 -2.06 51.07 26.60
C ALA F 88 -1.81 52.29 25.73
N GLY F 89 -0.54 52.68 25.64
CA GLY F 89 -0.16 53.81 24.80
C GLY F 89 -0.85 55.10 25.19
N VAL F 90 -0.92 55.38 26.51
CA VAL F 90 -1.78 56.45 27.01
C VAL F 90 -1.35 57.83 26.51
N LYS F 91 -0.06 58.05 26.29
CA LYS F 91 0.42 59.35 25.83
C LYS F 91 0.58 59.38 24.32
N GLY F 92 -0.49 59.03 23.61
CA GLY F 92 -0.56 59.19 22.16
C GLY F 92 0.35 58.26 21.39
N ASP F 93 -0.02 56.98 21.30
CA ASP F 93 0.74 56.01 20.51
C ASP F 93 -0.20 54.93 20.00
N ALA F 94 -0.52 54.98 18.71
CA ALA F 94 -1.44 54.02 18.10
C ALA F 94 -0.77 52.71 17.72
N THR F 95 0.47 52.47 18.17
CA THR F 95 1.17 51.22 17.92
C THR F 95 1.37 50.37 19.17
N ALA F 96 0.85 50.82 20.32
CA ALA F 96 0.89 50.02 21.53
C ALA F 96 0.00 48.78 21.38
N ARG F 97 0.16 47.84 22.30
CA ARG F 97 -0.58 46.57 22.24
C ARG F 97 -0.87 46.08 23.64
N ILE F 98 -1.92 45.28 23.76
CA ILE F 98 -2.30 44.62 25.00
C ILE F 98 -2.30 43.13 24.75
N PHE F 99 -1.66 42.37 25.63
CA PHE F 99 -1.67 40.92 25.55
C PHE F 99 -2.17 40.39 26.88
N CYS F 100 -3.26 39.63 26.85
CA CYS F 100 -3.78 38.99 28.05
C CYS F 100 -3.79 37.49 27.85
N GLN F 101 -3.51 36.76 28.93
CA GLN F 101 -3.64 35.32 28.83
C GLN F 101 -5.09 34.89 28.95
N GLN F 102 -5.90 35.65 29.70
CA GLN F 102 -7.32 35.40 29.88
C GLN F 102 -8.04 36.74 29.75
N LEU F 103 -8.76 36.94 28.65
CA LEU F 103 -9.45 38.20 28.43
C LEU F 103 -10.71 38.25 29.28
N ALA F 104 -10.67 39.00 30.38
CA ALA F 104 -11.84 39.30 31.19
C ALA F 104 -11.85 40.76 31.60
N ALA F 105 -11.25 41.63 30.79
CA ALA F 105 -11.08 43.03 31.13
C ALA F 105 -12.43 43.72 31.25
N GLU F 106 -12.46 44.77 32.07
CA GLU F 106 -13.60 45.69 32.12
C GLU F 106 -13.52 46.74 31.02
N LEU F 107 -12.31 47.06 30.56
CA LEU F 107 -12.08 48.03 29.51
C LEU F 107 -10.68 47.82 28.96
N VAL F 108 -10.53 47.86 27.64
CA VAL F 108 -9.22 47.91 27.00
C VAL F 108 -9.20 49.12 26.10
N SER F 109 -8.07 49.83 26.07
CA SER F 109 -8.02 51.09 25.33
C SER F 109 -6.59 51.37 24.91
N ILE F 110 -6.38 51.54 23.61
CA ILE F 110 -5.09 51.90 23.05
C ILE F 110 -5.18 53.32 22.52
N ALA F 111 -4.39 54.22 23.11
CA ALA F 111 -4.26 55.61 22.66
C ALA F 111 -5.56 56.38 22.67
N GLY F 112 -6.60 55.88 23.34
CA GLY F 112 -7.86 56.60 23.48
C GLY F 112 -9.07 55.83 22.99
N ASN F 113 -8.88 54.95 22.01
CA ASN F 113 -9.98 54.15 21.48
C ASN F 113 -10.24 52.98 22.42
N TYR F 114 -11.35 53.02 23.14
CA TYR F 114 -11.60 52.01 24.16
C TYR F 114 -12.57 50.96 23.64
N LYS F 115 -12.90 50.01 24.51
CA LYS F 115 -13.79 48.91 24.20
C LYS F 115 -14.19 48.32 25.54
N VAL F 116 -15.41 48.58 25.99
CA VAL F 116 -15.81 48.21 27.34
C VAL F 116 -16.10 46.72 27.42
N ALA F 117 -16.31 46.21 28.63
CA ALA F 117 -16.52 44.78 28.83
C ALA F 117 -17.85 44.30 28.28
N GLU F 118 -18.76 45.22 27.96
CA GLU F 118 -20.09 44.80 27.55
C GLU F 118 -20.07 44.17 26.16
N ASP F 119 -19.38 44.82 25.22
CA ASP F 119 -19.25 44.31 23.85
C ASP F 119 -18.03 43.40 23.66
N LEU F 120 -17.18 43.26 24.67
CA LEU F 120 -16.11 42.26 24.58
C LEU F 120 -16.62 40.87 24.91
N ARG F 121 -17.63 40.77 25.78
CA ARG F 121 -18.25 39.47 26.05
C ARG F 121 -18.98 38.94 24.82
N ARG F 122 -19.50 39.83 23.97
CA ARG F 122 -20.27 39.39 22.82
C ARG F 122 -19.41 38.68 21.79
N SER F 123 -18.16 39.08 21.62
CA SER F 123 -17.30 38.41 20.65
C SER F 123 -16.79 37.10 21.25
N PRO F 124 -16.22 36.21 20.42
CA PRO F 124 -15.47 35.07 20.98
C PRO F 124 -14.19 35.59 21.62
N GLN F 125 -13.28 34.67 21.98
CA GLN F 125 -12.05 35.02 22.69
C GLN F 125 -12.32 35.73 24.00
N TRP F 126 -13.52 35.58 24.57
CA TRP F 126 -13.75 36.04 25.92
C TRP F 126 -13.27 34.95 26.88
N GLY F 127 -12.35 35.32 27.77
CA GLY F 127 -11.65 34.35 28.60
C GLY F 127 -10.54 33.61 27.88
N LYS F 128 -10.13 34.05 26.70
CA LYS F 128 -9.11 33.41 25.89
C LYS F 128 -7.88 34.30 25.81
N ALA F 129 -6.77 33.69 25.40
CA ALA F 129 -5.54 34.46 25.22
C ALA F 129 -5.70 35.39 24.02
N VAL F 130 -5.57 36.68 24.26
CA VAL F 130 -5.99 37.70 23.32
C VAL F 130 -4.84 38.66 23.08
N HIS F 131 -4.93 39.41 21.99
CA HIS F 131 -3.90 40.34 21.56
C HIS F 131 -4.58 41.53 20.92
N VAL F 132 -4.61 42.66 21.63
CA VAL F 132 -5.36 43.84 21.23
C VAL F 132 -4.43 44.82 20.56
N SER F 133 -4.86 45.38 19.43
CA SER F 133 -4.05 46.27 18.64
C SER F 133 -4.95 47.27 17.94
N LEU F 134 -4.41 48.45 17.65
CA LEU F 134 -5.17 49.53 17.05
C LEU F 134 -4.82 49.64 15.56
N SER F 135 -5.77 49.28 14.70
CA SER F 135 -5.60 49.38 13.25
C SER F 135 -6.30 50.66 12.80
N GLY F 136 -5.52 51.74 12.67
CA GLY F 136 -6.06 53.00 12.20
C GLY F 136 -6.94 53.70 13.21
N ASP F 137 -8.16 53.21 13.38
CA ASP F 137 -9.10 53.83 14.32
C ASP F 137 -9.99 52.83 15.06
N VAL F 138 -9.89 51.54 14.77
CA VAL F 138 -10.69 50.53 15.45
C VAL F 138 -9.77 49.55 16.16
N LEU F 139 -10.26 48.99 17.28
CA LEU F 139 -9.53 47.98 18.03
C LEU F 139 -9.75 46.61 17.41
N ASN F 140 -8.70 45.79 17.42
CA ASN F 140 -8.76 44.42 16.94
C ASN F 140 -8.57 43.46 18.10
N ILE F 141 -9.16 42.27 17.98
CA ILE F 141 -9.17 41.27 19.04
C ILE F 141 -8.77 39.96 18.40
N THR F 142 -7.49 39.59 18.53
CA THR F 142 -6.95 38.39 17.91
C THR F 142 -6.89 37.28 18.94
N ARG F 143 -6.65 36.06 18.48
CA ARG F 143 -6.54 34.96 19.42
C ARG F 143 -5.16 34.33 19.32
N ALA G 2 -36.03 67.05 39.98
CA ALA G 2 -36.66 68.11 40.75
C ALA G 2 -36.64 67.82 42.24
N LYS G 3 -36.67 66.53 42.59
CA LYS G 3 -36.70 66.09 43.99
C LYS G 3 -35.50 65.19 44.26
N ILE G 4 -34.52 65.70 44.97
CA ILE G 4 -33.36 64.93 45.43
C ILE G 4 -33.73 64.25 46.74
N LEU G 5 -33.84 62.92 46.73
CA LEU G 5 -34.01 62.16 47.96
C LEU G 5 -32.86 61.20 48.14
N VAL G 6 -32.29 61.18 49.35
CA VAL G 6 -31.11 60.38 49.68
C VAL G 6 -31.55 59.15 50.46
N VAL G 7 -30.99 57.99 50.10
CA VAL G 7 -31.13 56.79 50.90
C VAL G 7 -29.94 56.76 51.85
N THR G 8 -30.21 56.86 53.15
CA THR G 8 -29.15 56.86 54.15
C THR G 8 -29.50 55.91 55.29
N SER G 9 -28.53 55.71 56.18
CA SER G 9 -28.76 54.88 57.35
C SER G 9 -27.89 55.23 58.56
N GLY G 10 -26.58 55.32 58.35
CA GLY G 10 -25.63 55.38 59.44
C GLY G 10 -24.98 54.04 59.70
N LYS G 11 -25.79 53.05 60.07
CA LYS G 11 -25.30 51.70 60.26
C LYS G 11 -25.08 51.06 58.89
N GLY G 12 -23.88 50.56 58.65
CA GLY G 12 -23.58 49.96 57.37
C GLY G 12 -24.22 48.60 57.20
N GLY G 13 -24.52 48.25 55.96
CA GLY G 13 -25.01 46.93 55.63
C GLY G 13 -26.48 46.72 55.84
N VAL G 14 -27.25 47.77 56.14
CA VAL G 14 -28.67 47.61 56.40
C VAL G 14 -29.42 47.34 55.11
N GLY G 15 -28.88 47.81 53.99
CA GLY G 15 -29.44 47.59 52.68
C GLY G 15 -29.60 48.88 51.90
N LYS G 16 -28.66 49.83 52.02
CA LYS G 16 -28.92 51.11 51.36
C LYS G 16 -28.88 50.95 49.84
N THR G 17 -27.84 50.29 49.32
CA THR G 17 -27.75 50.10 47.88
C THR G 17 -28.91 49.27 47.35
N THR G 18 -29.30 48.22 48.08
CA THR G 18 -30.45 47.43 47.66
C THR G 18 -31.70 48.27 47.58
N THR G 19 -31.93 49.13 48.58
CA THR G 19 -33.08 50.02 48.55
C THR G 19 -32.94 51.09 47.49
N SER G 20 -31.73 51.62 47.32
CA SER G 20 -31.51 52.66 46.33
C SER G 20 -31.81 52.13 44.92
N ALA G 21 -31.29 50.95 44.59
CA ALA G 21 -31.61 50.36 43.29
C ALA G 21 -33.08 49.98 43.19
N ALA G 22 -33.71 49.57 44.29
CA ALA G 22 -35.10 49.16 44.22
C ALA G 22 -36.00 50.37 44.06
N ILE G 23 -35.78 51.41 44.84
CA ILE G 23 -36.63 52.60 44.75
C ILE G 23 -36.30 53.39 43.51
N GLY G 24 -35.06 53.33 43.04
CA GLY G 24 -34.72 54.03 41.81
C GLY G 24 -35.37 53.41 40.60
N THR G 25 -35.57 52.09 40.61
CA THR G 25 -36.28 51.44 39.52
C THR G 25 -37.78 51.58 39.66
N GLY G 26 -38.28 51.49 40.89
CA GLY G 26 -39.72 51.64 41.11
C GLY G 26 -40.27 52.98 40.65
N LEU G 27 -39.48 54.05 40.78
CA LEU G 27 -39.96 55.35 40.31
C LEU G 27 -39.77 55.54 38.81
N ALA G 28 -38.94 54.72 38.17
CA ALA G 28 -38.86 54.77 36.71
C ALA G 28 -39.96 53.94 36.05
N LEU G 29 -40.37 52.84 36.66
CA LEU G 29 -41.55 52.12 36.19
C LEU G 29 -42.80 52.99 36.26
N ARG G 30 -42.91 53.85 37.27
CA ARG G 30 -44.07 54.74 37.36
C ARG G 30 -44.06 55.78 36.25
N GLY G 31 -42.88 56.16 35.75
CA GLY G 31 -42.82 57.05 34.60
C GLY G 31 -41.93 58.26 34.77
N PHE G 32 -41.47 58.50 36.00
CA PHE G 32 -40.61 59.65 36.26
C PHE G 32 -39.20 59.42 35.71
N LYS G 33 -38.66 60.42 35.01
CA LYS G 33 -37.30 60.35 34.52
C LYS G 33 -36.33 60.48 35.69
N THR G 34 -35.70 59.36 36.05
CA THR G 34 -34.95 59.22 37.29
C THR G 34 -33.47 59.02 37.01
N VAL G 35 -32.62 59.45 37.95
CA VAL G 35 -31.22 59.05 37.97
C VAL G 35 -30.86 58.63 39.39
N ILE G 36 -29.96 57.65 39.49
CA ILE G 36 -29.41 57.20 40.75
C ILE G 36 -27.93 57.51 40.77
N VAL G 37 -27.48 58.20 41.81
CA VAL G 37 -26.07 58.59 41.93
C VAL G 37 -25.45 57.76 43.04
N ASP G 38 -24.53 56.87 42.66
CA ASP G 38 -23.69 56.16 43.61
C ASP G 38 -22.68 57.13 44.23
N PHE G 39 -22.86 57.44 45.51
CA PHE G 39 -21.99 58.38 46.21
C PHE G 39 -20.83 57.70 46.94
N ASP G 40 -20.75 56.36 46.89
CA ASP G 40 -19.67 55.63 47.54
C ASP G 40 -18.47 55.58 46.60
N VAL G 41 -17.73 56.69 46.59
CA VAL G 41 -16.60 56.87 45.69
C VAL G 41 -15.42 56.07 46.21
N GLY G 42 -14.81 55.25 45.34
CA GLY G 42 -13.69 54.44 45.72
C GLY G 42 -14.05 53.07 46.26
N LEU G 43 -15.30 52.86 46.61
CA LEU G 43 -15.80 51.60 47.14
C LEU G 43 -17.13 51.30 46.46
N ARG G 44 -17.15 51.38 45.13
CA ARG G 44 -18.39 51.39 44.38
C ARG G 44 -19.14 50.07 44.51
N ASN G 45 -20.46 50.16 44.56
CA ASN G 45 -21.30 48.98 44.70
C ASN G 45 -22.59 49.03 43.89
N LEU G 46 -23.06 50.19 43.45
CA LEU G 46 -24.41 50.28 42.88
C LEU G 46 -24.49 49.71 41.48
N ASP G 47 -23.52 50.01 40.62
CA ASP G 47 -23.55 49.50 39.26
C ASP G 47 -23.47 47.98 39.22
N LEU G 48 -22.96 47.37 40.28
CA LEU G 48 -22.86 45.91 40.29
C LEU G 48 -24.24 45.27 40.39
N ILE G 49 -25.14 45.83 41.20
CA ILE G 49 -26.48 45.29 41.36
C ILE G 49 -27.51 45.96 40.46
N MET G 50 -27.15 47.04 39.79
CA MET G 50 -27.96 47.59 38.71
C MET G 50 -27.72 46.87 37.40
N GLY G 51 -26.73 45.96 37.34
CA GLY G 51 -26.37 45.27 36.12
C GLY G 51 -25.71 46.16 35.09
N CYS G 52 -25.11 47.26 35.51
CA CYS G 52 -24.58 48.27 34.61
C CYS G 52 -23.06 48.32 34.63
N GLU G 53 -22.40 47.30 35.19
CA GLU G 53 -20.98 47.37 35.50
C GLU G 53 -20.11 47.22 34.26
N ARG G 54 -20.59 46.55 33.22
CA ARG G 54 -19.80 46.38 32.01
C ARG G 54 -19.91 47.56 31.07
N ARG G 55 -20.91 48.42 31.24
CA ARG G 55 -21.09 49.56 30.36
C ARG G 55 -20.42 50.83 30.88
N VAL G 56 -19.84 50.80 32.08
CA VAL G 56 -19.26 52.00 32.67
C VAL G 56 -17.97 52.36 31.94
N VAL G 57 -17.91 53.60 31.45
CA VAL G 57 -16.68 54.17 30.91
C VAL G 57 -16.19 55.31 31.80
N TYR G 58 -17.07 56.28 32.08
CA TYR G 58 -16.78 57.40 32.95
C TYR G 58 -17.69 57.31 34.16
N ASP G 59 -17.25 57.89 35.27
CA ASP G 59 -17.93 57.69 36.54
C ASP G 59 -18.23 59.00 37.26
N PHE G 60 -18.58 58.93 38.55
CA PHE G 60 -19.01 60.12 39.28
C PHE G 60 -17.87 61.12 39.40
N VAL G 61 -16.67 60.66 39.70
CA VAL G 61 -15.55 61.56 39.98
C VAL G 61 -14.98 62.17 38.71
N ASN G 62 -15.30 61.62 37.54
CA ASN G 62 -14.91 62.28 36.30
C ASN G 62 -15.75 63.54 36.07
N VAL G 63 -17.06 63.46 36.30
CA VAL G 63 -17.91 64.62 36.08
C VAL G 63 -17.53 65.75 37.02
N VAL G 64 -17.14 65.41 38.25
CA VAL G 64 -16.72 66.44 39.20
C VAL G 64 -15.43 67.11 38.72
N ASN G 65 -14.42 66.30 38.39
CA ASN G 65 -13.14 66.84 37.92
C ASN G 65 -13.20 67.39 36.51
N GLY G 66 -14.27 67.15 35.77
CA GLY G 66 -14.41 67.68 34.43
C GLY G 66 -13.72 66.89 33.34
N GLU G 67 -13.34 65.64 33.61
CA GLU G 67 -12.75 64.78 32.58
C GLU G 67 -13.80 64.23 31.62
N ALA G 68 -15.08 64.45 31.88
CA ALA G 68 -16.15 64.06 30.98
C ALA G 68 -17.38 64.88 31.32
N THR G 69 -18.36 64.84 30.43
CA THR G 69 -19.59 65.57 30.64
C THR G 69 -20.62 64.65 31.30
N LEU G 70 -21.75 65.25 31.69
CA LEU G 70 -22.79 64.46 32.35
C LEU G 70 -23.52 63.54 31.37
N THR G 71 -23.55 63.87 30.09
CA THR G 71 -24.15 62.96 29.12
C THR G 71 -23.19 61.83 28.76
N GLN G 72 -21.87 62.06 28.87
CA GLN G 72 -20.90 61.01 28.62
C GLN G 72 -20.83 59.99 29.75
N ALA G 73 -21.22 60.36 30.96
CA ALA G 73 -21.09 59.49 32.12
C ALA G 73 -22.37 58.76 32.48
N LEU G 74 -23.53 59.30 32.13
CA LEU G 74 -24.78 58.65 32.48
C LEU G 74 -24.95 57.39 31.65
N ILE G 75 -25.44 56.34 32.29
CA ILE G 75 -25.69 55.06 31.64
C ILE G 75 -27.20 54.89 31.57
N LYS G 76 -27.77 55.08 30.38
CA LYS G 76 -29.15 54.70 30.15
C LYS G 76 -29.30 53.19 30.36
N ASP G 77 -30.39 52.79 31.02
CA ASP G 77 -30.66 51.37 31.17
C ASP G 77 -31.09 50.74 29.85
N LYS G 78 -31.08 49.41 29.84
CA LYS G 78 -31.55 48.63 28.71
C LYS G 78 -33.02 48.22 28.87
N ARG G 79 -33.45 47.97 30.10
CA ARG G 79 -34.82 47.55 30.40
C ARG G 79 -35.76 48.74 30.63
N LEU G 80 -35.23 49.87 31.10
CA LEU G 80 -36.02 51.06 31.37
C LEU G 80 -35.44 52.24 30.59
N GLU G 81 -36.32 53.11 30.11
CA GLU G 81 -35.88 54.32 29.43
C GLU G 81 -35.88 55.55 30.34
N ASN G 82 -36.55 55.47 31.48
CA ASN G 82 -36.54 56.57 32.44
C ASN G 82 -35.41 56.49 33.45
N LEU G 83 -34.63 55.41 33.45
CA LEU G 83 -33.67 55.14 34.51
C LEU G 83 -32.24 55.32 34.01
N HIS G 84 -31.48 56.17 34.69
CA HIS G 84 -30.06 56.36 34.42
C HIS G 84 -29.26 56.20 35.69
N VAL G 85 -28.00 55.80 35.53
CA VAL G 85 -27.11 55.53 36.66
C VAL G 85 -25.81 56.28 36.45
N LEU G 86 -25.42 57.09 37.43
CA LEU G 86 -24.10 57.71 37.45
C LEU G 86 -23.25 56.95 38.45
N ALA G 87 -22.50 55.95 37.98
CA ALA G 87 -21.75 55.09 38.87
C ALA G 87 -20.52 55.82 39.41
N ALA G 88 -19.84 55.21 40.38
CA ALA G 88 -18.69 55.81 41.04
C ALA G 88 -17.41 55.08 40.64
N SER G 89 -16.29 55.56 41.17
CA SER G 89 -14.98 55.01 40.83
C SER G 89 -14.56 53.95 41.84
N GLN G 90 -13.41 53.35 41.58
CA GLN G 90 -12.73 52.50 42.53
C GLN G 90 -11.35 53.01 42.88
N THR G 91 -10.76 53.88 42.06
CA THR G 91 -9.40 54.33 42.28
C THR G 91 -9.32 55.43 43.34
N ARG G 92 -10.04 56.53 43.12
CA ARG G 92 -9.97 57.67 44.02
C ARG G 92 -11.03 57.54 45.10
N ASP G 93 -10.64 57.83 46.34
CA ASP G 93 -11.52 57.66 47.49
C ASP G 93 -12.34 58.93 47.73
N LYS G 94 -13.00 59.00 48.90
CA LYS G 94 -14.07 59.97 49.10
C LYS G 94 -13.59 61.38 49.43
N ASP G 95 -12.28 61.63 49.43
CA ASP G 95 -11.83 63.01 49.58
C ASP G 95 -11.79 63.76 48.25
N ALA G 96 -11.87 63.03 47.13
CA ALA G 96 -11.85 63.61 45.79
C ALA G 96 -13.22 64.15 45.35
N LEU G 97 -14.15 64.30 46.29
CA LEU G 97 -15.45 64.93 46.04
C LEU G 97 -15.51 66.21 46.86
N THR G 98 -15.48 67.35 46.19
CA THR G 98 -15.63 68.61 46.91
C THR G 98 -17.11 68.86 47.17
N LYS G 99 -17.40 69.70 48.17
CA LYS G 99 -18.77 70.18 48.30
C LYS G 99 -19.17 71.06 47.12
N GLU G 100 -18.20 71.79 46.55
CA GLU G 100 -18.49 72.65 45.41
C GLU G 100 -18.61 71.86 44.12
N GLY G 101 -17.80 70.81 43.96
CA GLY G 101 -17.86 70.04 42.73
C GLY G 101 -19.13 69.22 42.63
N VAL G 102 -19.59 68.65 43.75
CA VAL G 102 -20.84 67.92 43.76
C VAL G 102 -22.04 68.85 43.62
N GLU G 103 -21.86 70.13 43.98
CA GLU G 103 -22.95 71.08 43.80
C GLU G 103 -23.24 71.32 42.32
N LYS G 104 -22.20 71.35 41.49
CA LYS G 104 -22.41 71.57 40.05
C LYS G 104 -23.14 70.40 39.41
N VAL G 105 -22.80 69.17 39.82
CA VAL G 105 -23.46 68.01 39.25
C VAL G 105 -24.91 67.94 39.71
N MET G 106 -25.19 68.34 40.94
CA MET G 106 -26.58 68.36 41.41
C MET G 106 -27.41 69.40 40.68
N ALA G 107 -26.77 70.50 40.25
CA ALA G 107 -27.51 71.56 39.58
C ALA G 107 -28.01 71.09 38.21
N GLU G 108 -27.12 70.56 37.39
CA GLU G 108 -27.52 70.16 36.04
C GLU G 108 -28.21 68.80 36.02
N LEU G 109 -28.16 68.04 37.10
CA LEU G 109 -29.03 66.87 37.22
C LEU G 109 -30.45 67.29 37.55
N ARG G 110 -30.61 68.37 38.32
CA ARG G 110 -31.93 68.84 38.70
C ARG G 110 -32.66 69.47 37.52
N LYS G 111 -31.95 69.92 36.49
CA LYS G 111 -32.62 70.50 35.32
C LYS G 111 -33.26 69.44 34.44
N ASP G 112 -32.62 68.28 34.31
CA ASP G 112 -33.08 67.26 33.36
C ASP G 112 -33.97 66.20 33.97
N PHE G 113 -33.82 65.89 35.26
CA PHE G 113 -34.45 64.72 35.84
C PHE G 113 -35.55 65.10 36.82
N GLU G 114 -36.44 64.14 37.06
CA GLU G 114 -37.57 64.28 37.96
C GLU G 114 -37.21 63.83 39.38
N TYR G 115 -36.60 62.66 39.50
CA TYR G 115 -36.18 62.10 40.79
C TYR G 115 -34.70 61.80 40.74
N ILE G 116 -33.98 62.24 41.76
CA ILE G 116 -32.56 61.92 41.95
C ILE G 116 -32.42 61.10 43.22
N ILE G 117 -32.00 59.86 43.10
CA ILE G 117 -31.82 58.98 44.24
C ILE G 117 -30.34 58.93 44.57
N CYS G 118 -29.98 59.19 45.82
CA CYS G 118 -28.58 59.30 46.23
C CYS G 118 -28.21 58.17 47.19
N ASP G 119 -27.57 57.13 46.68
CA ASP G 119 -27.13 55.99 47.49
C ASP G 119 -25.96 56.44 48.37
N SER G 120 -26.25 56.77 49.62
CA SER G 120 -25.23 57.26 50.53
C SER G 120 -24.32 56.11 50.98
N PRO G 121 -23.01 56.38 51.19
CA PRO G 121 -22.16 55.37 51.84
C PRO G 121 -22.45 55.27 53.33
N ALA G 122 -21.81 54.35 54.04
CA ALA G 122 -22.11 54.16 55.45
C ALA G 122 -21.33 55.17 56.30
N GLY G 123 -21.87 55.47 57.49
CA GLY G 123 -21.18 56.28 58.47
C GLY G 123 -21.69 57.70 58.55
N ILE G 124 -20.95 58.51 59.31
CA ILE G 124 -21.30 59.91 59.53
C ILE G 124 -20.17 60.80 59.07
N GLU G 125 -19.43 60.36 58.05
CA GLU G 125 -18.24 61.08 57.60
C GLU G 125 -18.52 61.87 56.33
N LYS G 126 -17.45 62.29 55.63
CA LYS G 126 -17.58 63.27 54.56
C LYS G 126 -18.25 62.69 53.32
N GLY G 127 -18.08 61.40 53.03
CA GLY G 127 -18.80 60.82 51.92
C GLY G 127 -20.28 60.68 52.18
N ALA G 128 -20.65 60.42 53.44
CA ALA G 128 -22.05 60.36 53.83
C ALA G 128 -22.66 61.74 54.04
N HIS G 129 -21.83 62.77 54.14
CA HIS G 129 -22.31 64.13 54.32
C HIS G 129 -22.70 64.77 53.00
N LEU G 130 -21.96 64.47 51.91
CA LEU G 130 -22.27 65.08 50.63
C LEU G 130 -23.53 64.50 50.02
N ALA G 131 -23.84 63.23 50.31
CA ALA G 131 -25.10 62.67 49.86
C ALA G 131 -26.26 63.28 50.65
N MET G 132 -26.06 63.49 51.96
CA MET G 132 -27.06 64.13 52.80
C MET G 132 -27.35 65.56 52.36
N TYR G 133 -26.33 66.28 51.88
CA TYR G 133 -26.32 67.75 51.91
C TYR G 133 -27.42 68.36 51.04
N PHE G 134 -27.40 68.07 49.74
CA PHE G 134 -28.31 68.73 48.80
C PHE G 134 -29.67 68.05 48.72
N ALA G 135 -30.01 67.21 49.70
CA ALA G 135 -31.22 66.41 49.63
C ALA G 135 -32.46 67.19 50.07
N ASP G 136 -33.60 66.80 49.49
CA ASP G 136 -34.91 67.35 49.80
C ASP G 136 -35.72 66.41 50.68
N GLU G 137 -35.60 65.11 50.44
CA GLU G 137 -36.12 64.07 51.32
C GLU G 137 -35.01 63.07 51.61
N ALA G 138 -35.27 62.18 52.56
CA ALA G 138 -34.28 61.20 52.99
C ALA G 138 -35.01 59.96 53.46
N ILE G 139 -34.68 58.82 52.87
CA ILE G 139 -35.14 57.53 53.37
C ILE G 139 -34.05 56.98 54.28
N VAL G 140 -34.40 56.72 55.54
CA VAL G 140 -33.47 56.17 56.52
C VAL G 140 -33.74 54.68 56.61
N VAL G 141 -32.69 53.88 56.42
CA VAL G 141 -32.81 52.42 56.37
C VAL G 141 -32.44 51.85 57.72
N THR G 142 -33.22 50.90 58.21
CA THR G 142 -33.09 50.43 59.57
C THR G 142 -33.30 48.93 59.64
N ASN G 143 -32.43 48.25 60.30
CA ASN G 143 -32.82 46.88 60.58
C ASN G 143 -33.59 46.83 61.90
N PRO G 144 -34.52 45.92 62.06
CA PRO G 144 -35.18 45.79 63.35
C PRO G 144 -34.25 45.13 64.37
N GLU G 145 -33.24 45.89 64.82
CA GLU G 145 -32.28 45.39 65.81
C GLU G 145 -31.81 46.57 66.65
N VAL G 146 -31.29 46.27 67.83
CA VAL G 146 -31.02 47.33 68.80
C VAL G 146 -29.96 48.30 68.27
N SER G 147 -28.94 47.79 67.58
CA SER G 147 -27.88 48.67 67.10
C SER G 147 -28.38 49.53 65.95
N SER G 148 -29.06 48.93 64.98
CA SER G 148 -29.46 49.66 63.79
C SER G 148 -30.55 50.70 64.08
N VAL G 149 -31.28 50.58 65.17
CA VAL G 149 -32.21 51.66 65.53
C VAL G 149 -31.46 52.78 66.22
N ARG G 150 -30.49 52.46 67.09
CA ARG G 150 -29.70 53.50 67.74
C ARG G 150 -28.93 54.32 66.72
N ASP G 151 -28.31 53.64 65.74
CA ASP G 151 -27.44 54.31 64.79
C ASP G 151 -28.20 54.92 63.63
N SER G 152 -29.48 54.57 63.47
CA SER G 152 -30.35 55.27 62.56
C SER G 152 -31.03 56.46 63.23
N ASP G 153 -30.95 56.55 64.56
CA ASP G 153 -31.46 57.70 65.31
C ASP G 153 -30.46 58.84 65.27
N ARG G 154 -29.16 58.53 65.34
CA ARG G 154 -28.15 59.54 65.12
C ARG G 154 -28.31 60.17 63.75
N MET G 155 -28.80 59.40 62.78
CA MET G 155 -28.89 59.89 61.41
C MET G 155 -30.02 60.89 61.25
N LEU G 156 -31.18 60.65 61.90
CA LEU G 156 -32.30 61.58 61.77
C LEU G 156 -31.99 62.93 62.39
N GLY G 157 -31.09 62.97 63.37
CA GLY G 157 -30.65 64.24 63.91
C GLY G 157 -29.61 64.96 63.07
N LEU G 158 -29.04 64.27 62.09
CA LEU G 158 -28.12 64.86 61.13
C LEU G 158 -28.83 65.33 59.87
N LEU G 159 -30.04 64.85 59.62
CA LEU G 159 -30.90 65.36 58.58
C LEU G 159 -31.79 66.50 59.10
N ALA G 160 -31.39 67.15 60.19
CA ALA G 160 -32.12 68.27 60.74
C ALA G 160 -31.22 69.45 61.10
N SER G 161 -29.91 69.27 61.09
CA SER G 161 -28.97 70.31 61.48
C SER G 161 -27.86 70.51 60.47
N LYS G 162 -27.38 69.43 59.86
CA LYS G 162 -26.22 69.48 58.97
C LYS G 162 -26.61 69.55 57.51
N SER G 163 -27.87 69.81 57.20
CA SER G 163 -28.33 69.75 55.83
C SER G 163 -27.94 71.04 55.11
N GLN G 164 -28.46 71.23 53.88
CA GLN G 164 -28.42 72.54 53.24
C GLN G 164 -29.68 73.33 53.52
N ARG G 165 -30.80 72.64 53.69
CA ARG G 165 -32.04 73.28 54.11
C ARG G 165 -32.07 73.53 55.61
N ALA G 166 -30.98 73.25 56.32
CA ALA G 166 -30.85 73.59 57.72
C ALA G 166 -29.92 74.77 57.96
N GLU G 167 -28.90 74.93 57.11
CA GLU G 167 -28.03 76.10 57.16
C GLU G 167 -28.56 77.26 56.35
N LYS G 168 -29.49 77.02 55.42
CA LYS G 168 -30.12 78.08 54.66
C LYS G 168 -31.55 78.35 55.13
N GLY G 169 -32.06 77.57 56.08
CA GLY G 169 -33.29 77.88 56.76
C GLY G 169 -34.57 77.62 56.00
N GLU G 170 -34.55 76.78 54.96
CA GLU G 170 -35.77 76.38 54.28
C GLU G 170 -36.48 75.32 55.11
N GLU G 171 -37.52 74.74 54.52
CA GLU G 171 -38.22 73.65 55.17
C GLU G 171 -37.28 72.44 55.29
N PRO G 172 -37.26 71.76 56.43
CA PRO G 172 -36.27 70.70 56.65
C PRO G 172 -36.52 69.49 55.75
N ILE G 173 -35.55 68.58 55.75
CA ILE G 173 -35.64 67.39 54.91
C ILE G 173 -36.79 66.52 55.40
N LYS G 174 -37.68 66.14 54.49
CA LYS G 174 -38.75 65.19 54.80
C LYS G 174 -38.16 63.80 54.95
N GLU G 175 -38.24 63.24 56.15
CA GLU G 175 -37.60 61.97 56.47
C GLU G 175 -38.60 60.82 56.37
N HIS G 176 -38.11 59.65 55.93
CA HIS G 176 -38.93 58.45 55.80
C HIS G 176 -38.18 57.25 56.37
N LEU G 177 -38.89 56.41 57.09
CA LEU G 177 -38.28 55.23 57.69
C LEU G 177 -38.64 53.99 56.88
N LEU G 178 -37.68 53.09 56.74
CA LEU G 178 -37.90 51.86 55.97
C LEU G 178 -37.16 50.74 56.68
N LEU G 179 -37.89 49.80 57.29
CA LEU G 179 -37.28 48.62 57.88
C LEU G 179 -36.96 47.60 56.80
N THR G 180 -35.68 47.25 56.69
CA THR G 180 -35.23 46.26 55.74
C THR G 180 -34.87 44.98 56.49
N ARG G 181 -34.74 43.89 55.70
CA ARG G 181 -34.48 42.53 56.16
C ARG G 181 -35.12 42.28 57.52
N TYR G 182 -36.42 42.58 57.57
CA TYR G 182 -37.29 42.35 58.71
C TYR G 182 -37.67 40.88 58.77
N ASN G 183 -37.40 40.22 59.88
CA ASN G 183 -37.76 38.81 60.02
C ASN G 183 -38.97 38.68 60.93
N PRO G 184 -40.18 38.43 60.40
CA PRO G 184 -41.36 38.43 61.26
C PRO G 184 -41.36 37.30 62.28
N GLU G 185 -40.66 36.21 61.98
CA GLU G 185 -40.61 35.07 62.88
C GLU G 185 -39.74 35.35 64.09
N ARG G 186 -38.66 36.13 63.91
CA ARG G 186 -37.75 36.47 65.00
C ARG G 186 -38.23 37.60 65.89
N VAL G 187 -39.26 38.35 65.48
CA VAL G 187 -39.79 39.36 66.38
C VAL G 187 -40.78 38.76 67.37
N THR G 188 -41.30 37.56 67.11
CA THR G 188 -42.15 36.91 68.09
C THR G 188 -41.33 36.16 69.14
N LYS G 189 -40.13 35.70 68.76
CA LYS G 189 -39.18 35.19 69.74
C LYS G 189 -38.55 36.29 70.58
N GLY G 190 -38.72 37.55 70.19
CA GLY G 190 -38.26 38.67 70.99
C GLY G 190 -36.84 39.12 70.73
N GLU G 191 -36.13 38.47 69.81
CA GLU G 191 -34.74 38.82 69.53
C GLU G 191 -34.59 39.92 68.48
N MET G 192 -35.70 40.41 67.93
CA MET G 192 -35.70 41.59 67.09
C MET G 192 -36.81 42.52 67.56
N LEU G 193 -36.70 43.78 67.19
CA LEU G 193 -37.73 44.74 67.53
C LEU G 193 -38.92 44.58 66.59
N SER G 194 -40.12 44.82 67.10
CA SER G 194 -41.29 44.70 66.27
C SER G 194 -41.41 45.93 65.36
N VAL G 195 -42.47 45.98 64.55
CA VAL G 195 -42.66 47.12 63.69
C VAL G 195 -43.10 48.34 64.48
N ASP G 196 -43.66 48.16 65.68
CA ASP G 196 -44.16 49.27 66.47
C ASP G 196 -43.15 49.79 67.49
N ASP G 197 -42.16 48.98 67.85
CA ASP G 197 -41.09 49.48 68.71
C ASP G 197 -40.19 50.47 67.98
N VAL G 198 -39.94 50.20 66.70
CA VAL G 198 -39.19 51.14 65.87
C VAL G 198 -40.02 52.38 65.56
N GLU G 199 -41.34 52.22 65.41
CA GLU G 199 -42.20 53.36 65.18
C GLU G 199 -42.35 54.22 66.43
N GLU G 200 -42.02 53.67 67.60
CA GLU G 200 -42.08 54.36 68.88
C GLU G 200 -40.76 54.98 69.30
N ILE G 201 -39.65 54.25 69.17
CA ILE G 201 -38.35 54.78 69.57
C ILE G 201 -37.89 55.86 68.61
N LEU G 202 -38.00 55.60 67.31
CA LEU G 202 -37.65 56.63 66.34
C LEU G 202 -38.75 57.66 66.19
N ALA G 203 -40.01 57.25 66.31
CA ALA G 203 -41.16 58.15 66.36
C ALA G 203 -41.34 58.95 65.07
N ILE G 204 -41.36 58.23 63.95
CA ILE G 204 -41.76 58.80 62.65
C ILE G 204 -42.62 57.77 61.90
N ARG G 205 -43.06 58.17 60.71
CA ARG G 205 -43.98 57.37 59.89
C ARG G 205 -43.21 56.38 59.01
N LEU G 206 -43.60 55.11 59.08
CA LEU G 206 -42.92 54.08 58.30
C LEU G 206 -43.26 54.18 56.82
N LEU G 207 -42.23 54.19 55.97
CA LEU G 207 -42.44 54.05 54.54
C LEU G 207 -42.79 52.61 54.17
N GLY G 208 -42.32 51.64 54.96
CA GLY G 208 -42.67 50.25 54.68
C GLY G 208 -41.74 49.31 55.39
N VAL G 209 -42.09 48.03 55.32
CA VAL G 209 -41.35 46.97 56.00
C VAL G 209 -41.07 45.86 54.99
N ILE G 210 -39.79 45.59 54.76
CA ILE G 210 -39.33 44.70 53.70
C ILE G 210 -38.82 43.42 54.34
N PRO G 211 -39.43 42.27 54.08
CA PRO G 211 -39.05 41.04 54.80
C PRO G 211 -37.66 40.55 54.43
N GLU G 212 -37.15 39.65 55.27
CA GLU G 212 -35.99 38.85 54.92
C GLU G 212 -36.32 37.94 53.74
N SER G 213 -35.48 37.95 52.72
CA SER G 213 -35.77 37.21 51.50
C SER G 213 -34.49 36.68 50.88
N GLN G 214 -34.56 35.44 50.39
CA GLN G 214 -33.48 34.93 49.57
C GLN G 214 -33.53 35.52 48.16
N ALA G 215 -34.63 36.16 47.79
CA ALA G 215 -34.74 36.78 46.48
C ALA G 215 -33.84 37.99 46.35
N VAL G 216 -33.46 38.61 47.47
CA VAL G 216 -32.62 39.80 47.42
C VAL G 216 -31.20 39.43 47.01
N LEU G 217 -30.65 38.35 47.57
CA LEU G 217 -29.32 37.91 47.16
C LEU G 217 -29.34 37.29 45.77
N LYS G 218 -30.45 36.68 45.36
CA LYS G 218 -30.51 36.12 44.02
C LYS G 218 -30.58 37.21 42.96
N ALA G 219 -31.27 38.31 43.27
CA ALA G 219 -31.45 39.36 42.27
C ALA G 219 -30.14 40.11 42.02
N SER G 220 -29.41 40.43 43.09
CA SER G 220 -28.12 41.09 42.91
C SER G 220 -27.08 40.15 42.31
N ASN G 221 -27.30 38.84 42.39
CA ASN G 221 -26.40 37.88 41.78
C ASN G 221 -26.61 37.74 40.28
N GLN G 222 -27.75 38.20 39.76
CA GLN G 222 -28.01 38.16 38.33
C GLN G 222 -28.08 39.55 37.71
N GLY G 223 -27.89 40.61 38.50
CA GLY G 223 -27.77 41.95 37.98
C GLY G 223 -29.04 42.79 38.01
N VAL G 224 -30.16 42.22 38.45
CA VAL G 224 -31.45 42.92 38.39
C VAL G 224 -31.82 43.48 39.76
N PRO G 225 -32.41 44.68 39.84
CA PRO G 225 -33.03 45.09 41.10
C PRO G 225 -34.18 44.17 41.46
N VAL G 226 -34.48 44.11 42.76
CA VAL G 226 -35.46 43.14 43.26
C VAL G 226 -36.90 43.64 43.12
N ILE G 227 -37.11 44.91 42.81
CA ILE G 227 -38.45 45.38 42.50
C ILE G 227 -38.88 44.95 41.10
N LEU G 228 -37.94 44.54 40.25
CA LEU G 228 -38.22 43.90 38.99
C LEU G 228 -38.41 42.41 39.13
N ASP G 229 -38.50 41.90 40.36
CA ASP G 229 -38.85 40.52 40.66
C ASP G 229 -40.15 40.55 41.47
N GLU G 230 -41.28 40.51 40.78
CA GLU G 230 -42.58 40.69 41.42
C GLU G 230 -43.17 39.40 41.96
N GLN G 231 -42.57 38.24 41.67
CA GLN G 231 -43.09 36.99 42.20
C GLN G 231 -42.77 36.83 43.69
N SER G 232 -41.70 37.47 44.16
CA SER G 232 -41.24 37.26 45.54
C SER G 232 -42.04 38.11 46.52
N ASP G 233 -41.72 37.94 47.80
CA ASP G 233 -42.37 38.73 48.85
C ASP G 233 -41.71 40.10 48.99
N ALA G 234 -40.39 40.18 48.85
CA ALA G 234 -39.71 41.45 49.01
C ALA G 234 -40.00 42.39 47.85
N GLY G 235 -40.08 41.85 46.63
CA GLY G 235 -40.38 42.69 45.48
C GLY G 235 -41.74 43.36 45.59
N GLN G 236 -42.73 42.63 46.14
CA GLN G 236 -43.99 43.27 46.48
C GLN G 236 -43.76 44.39 47.49
N ALA G 237 -43.06 44.08 48.59
CA ALA G 237 -42.87 45.03 49.67
C ALA G 237 -42.04 46.23 49.24
N TYR G 238 -41.19 46.10 48.22
CA TYR G 238 -40.48 47.25 47.69
C TYR G 238 -41.35 48.08 46.79
N SER G 239 -42.30 47.46 46.09
CA SER G 239 -43.14 48.18 45.15
C SER G 239 -44.32 48.87 45.82
N ASP G 240 -44.54 48.62 47.10
CA ASP G 240 -45.52 49.36 47.87
C ASP G 240 -44.91 50.56 48.56
N ALA G 241 -43.64 50.46 48.93
CA ALA G 241 -42.96 51.59 49.56
C ALA G 241 -42.78 52.75 48.60
N VAL G 242 -42.73 52.47 47.29
CA VAL G 242 -42.62 53.55 46.31
C VAL G 242 -43.97 54.21 46.10
N ASP G 243 -45.06 53.45 46.20
CA ASP G 243 -46.38 54.08 46.16
C ASP G 243 -46.60 54.92 47.42
N ARG G 244 -46.10 54.45 48.57
CA ARG G 244 -46.21 55.23 49.79
C ARG G 244 -45.33 56.48 49.74
N LEU G 245 -44.32 56.48 48.87
CA LEU G 245 -43.57 57.70 48.60
C LEU G 245 -44.40 58.72 47.85
N LEU G 246 -45.34 58.25 47.02
CA LEU G 246 -46.18 59.11 46.20
C LEU G 246 -47.55 59.35 46.83
N GLY G 247 -47.65 59.29 48.16
CA GLY G 247 -48.86 59.62 48.89
C GLY G 247 -49.87 58.50 49.06
N LYS G 248 -49.87 57.51 48.16
CA LYS G 248 -50.89 56.46 48.16
C LYS G 248 -50.69 55.53 49.35
N GLU G 249 -51.53 55.66 50.37
CA GLU G 249 -51.36 54.86 51.59
C GLU G 249 -51.84 53.43 51.38
N ILE G 250 -51.01 52.47 51.79
CA ILE G 250 -51.25 51.04 51.62
C ILE G 250 -51.05 50.35 52.97
N PRO G 251 -51.92 49.41 53.35
CA PRO G 251 -51.70 48.66 54.61
C PRO G 251 -50.53 47.70 54.49
N HIS G 252 -49.67 47.68 55.51
CA HIS G 252 -48.44 46.90 55.45
C HIS G 252 -48.75 45.41 55.45
N ARG G 253 -47.96 44.64 54.69
CA ARG G 253 -48.15 43.19 54.57
C ARG G 253 -46.90 42.44 55.01
N PHE G 254 -46.99 41.10 54.96
CA PHE G 254 -45.87 40.18 55.18
C PHE G 254 -45.35 40.17 56.61
N LEU G 255 -46.11 40.71 57.56
CA LEU G 255 -45.65 40.76 58.96
C LEU G 255 -46.15 39.56 59.76
N PRO H 37 -9.42 -12.48 72.15
CA PRO H 37 -10.13 -13.45 71.32
C PRO H 37 -11.11 -12.81 70.34
N THR H 38 -10.87 -11.56 69.97
CA THR H 38 -11.58 -10.89 68.88
C THR H 38 -10.54 -10.45 67.87
N LYS H 39 -10.46 -11.18 66.76
CA LYS H 39 -9.42 -10.97 65.77
C LYS H 39 -9.65 -9.66 65.03
N VAL H 40 -8.64 -8.79 65.00
CA VAL H 40 -8.70 -7.51 64.31
C VAL H 40 -7.83 -7.59 63.07
N VAL H 41 -8.39 -7.19 61.92
CA VAL H 41 -7.67 -7.17 60.65
C VAL H 41 -7.55 -5.72 60.23
N LYS H 42 -6.33 -5.17 60.33
CA LYS H 42 -6.10 -3.76 60.04
C LYS H 42 -5.56 -3.50 58.64
N THR H 43 -5.35 -4.55 57.84
CA THR H 43 -4.83 -4.42 56.49
C THR H 43 -5.96 -4.55 55.48
N PRO H 44 -5.76 -4.10 54.23
CA PRO H 44 -6.77 -4.36 53.20
C PRO H 44 -6.88 -5.86 52.92
N VAL H 45 -8.11 -6.36 52.93
CA VAL H 45 -8.38 -7.79 52.74
C VAL H 45 -8.62 -7.98 51.24
N ARG H 46 -7.56 -8.26 50.51
CA ARG H 46 -7.61 -8.19 49.06
C ARG H 46 -8.40 -9.36 48.49
N GLY H 47 -8.73 -9.26 47.20
CA GLY H 47 -9.54 -10.29 46.57
C GLY H 47 -8.86 -11.65 46.63
N GLY H 48 -9.68 -12.69 46.77
CA GLY H 48 -9.19 -14.04 46.88
C GLY H 48 -8.82 -14.47 48.28
N MET H 49 -8.50 -13.51 49.16
CA MET H 49 -8.16 -13.79 50.55
C MET H 49 -9.38 -14.28 51.31
N GLN H 50 -9.13 -15.10 52.33
CA GLN H 50 -10.18 -15.49 53.27
C GLN H 50 -9.62 -15.35 54.68
N ILE H 51 -10.40 -14.71 55.56
CA ILE H 51 -10.03 -14.56 56.96
C ILE H 51 -11.02 -15.35 57.78
N TYR H 52 -10.53 -16.15 58.73
CA TYR H 52 -11.38 -17.04 59.51
C TYR H 52 -11.11 -16.82 60.99
N ALA H 53 -11.95 -16.00 61.63
CA ALA H 53 -11.96 -15.84 63.08
C ALA H 53 -12.61 -17.08 63.67
N ALA H 54 -11.80 -17.97 64.24
CA ALA H 54 -12.26 -19.32 64.56
C ALA H 54 -13.08 -19.37 65.86
N GLY H 55 -12.84 -18.44 66.79
CA GLY H 55 -13.51 -18.51 68.08
C GLY H 55 -14.73 -17.62 68.19
N GLY H 56 -14.60 -16.36 67.80
CA GLY H 56 -15.70 -15.42 67.96
C GLY H 56 -15.74 -14.35 66.89
N ASP H 57 -15.77 -13.09 67.32
CA ASP H 57 -15.96 -11.96 66.43
C ASP H 57 -14.80 -11.82 65.45
N LEU H 58 -15.01 -10.95 64.47
CA LEU H 58 -13.99 -10.54 63.51
C LEU H 58 -14.23 -9.09 63.18
N ILE H 59 -13.25 -8.24 63.43
CA ILE H 59 -13.32 -6.82 63.11
C ILE H 59 -12.35 -6.55 61.97
N VAL H 60 -12.85 -5.99 60.88
CA VAL H 60 -12.04 -5.65 59.73
C VAL H 60 -12.06 -4.13 59.59
N LEU H 61 -10.92 -3.48 59.81
CA LEU H 61 -10.85 -2.03 59.80
C LEU H 61 -10.36 -1.46 58.47
N ALA H 62 -10.49 -2.20 57.38
CA ALA H 62 -10.00 -1.75 56.08
C ALA H 62 -11.02 -2.13 55.02
N ALA H 63 -10.67 -1.84 53.76
CA ALA H 63 -11.56 -2.17 52.66
C ALA H 63 -11.38 -3.62 52.26
N VAL H 64 -12.50 -4.30 52.02
CA VAL H 64 -12.51 -5.70 51.65
C VAL H 64 -12.86 -5.79 50.17
N SER H 65 -11.87 -6.15 49.36
CA SER H 65 -12.02 -6.14 47.91
C SER H 65 -12.96 -7.24 47.45
N PRO H 66 -13.63 -7.05 46.30
CA PRO H 66 -14.57 -8.07 45.81
C PRO H 66 -13.84 -9.37 45.49
N GLY H 67 -14.42 -10.47 45.95
CA GLY H 67 -13.80 -11.78 45.90
C GLY H 67 -13.23 -12.25 47.23
N ALA H 68 -12.86 -11.31 48.11
CA ALA H 68 -12.47 -11.67 49.46
C ALA H 68 -13.66 -12.24 50.21
N GLU H 69 -13.38 -13.08 51.20
CA GLU H 69 -14.45 -13.62 52.03
C GLU H 69 -14.03 -13.58 53.49
N LEU H 70 -14.93 -13.11 54.35
CA LEU H 70 -14.71 -12.99 55.78
C LEU H 70 -15.68 -13.93 56.45
N LEU H 71 -15.18 -14.98 57.10
CA LEU H 71 -16.08 -15.90 57.78
C LEU H 71 -15.63 -16.14 59.20
N ALA H 72 -16.60 -16.09 60.12
CA ALA H 72 -16.36 -16.21 61.54
C ALA H 72 -17.63 -16.75 62.17
N ASP H 73 -17.49 -17.53 63.22
CA ASP H 73 -18.66 -18.11 63.88
C ASP H 73 -19.25 -17.20 64.94
N GLY H 74 -18.70 -16.00 65.12
CA GLY H 74 -19.37 -14.99 65.90
C GLY H 74 -19.90 -13.88 65.00
N ASN H 75 -19.77 -12.63 65.43
CA ASN H 75 -20.22 -11.52 64.61
C ASN H 75 -19.10 -11.07 63.69
N ILE H 76 -19.44 -10.22 62.73
CA ILE H 76 -18.48 -9.63 61.79
C ILE H 76 -18.75 -8.14 61.74
N HIS H 77 -17.76 -7.34 62.07
CA HIS H 77 -17.87 -5.89 61.98
C HIS H 77 -16.91 -5.39 60.93
N VAL H 78 -17.43 -4.75 59.89
CA VAL H 78 -16.62 -4.26 58.78
C VAL H 78 -16.77 -2.74 58.75
N TYR H 79 -15.71 -2.03 59.15
CA TYR H 79 -15.75 -0.58 59.23
C TYR H 79 -15.09 0.08 58.02
N GLY H 80 -15.10 -0.59 56.88
CA GLY H 80 -14.67 -0.01 55.63
C GLY H 80 -15.72 -0.24 54.57
N PRO H 81 -15.35 -0.08 53.30
CA PRO H 81 -16.27 -0.45 52.21
C PRO H 81 -16.13 -1.94 51.91
N MET H 82 -17.12 -2.72 52.31
CA MET H 82 -17.07 -4.15 52.07
C MET H 82 -17.70 -4.50 50.74
N ARG H 83 -16.94 -5.21 49.90
CA ARG H 83 -17.41 -5.68 48.61
C ARG H 83 -17.24 -7.19 48.45
N GLY H 84 -16.89 -7.90 49.50
CA GLY H 84 -16.67 -9.34 49.46
C GLY H 84 -17.83 -10.12 50.06
N ARG H 85 -17.53 -11.31 50.57
CA ARG H 85 -18.54 -12.22 51.11
C ARG H 85 -18.38 -12.31 52.62
N ALA H 86 -19.40 -11.89 53.35
CA ALA H 86 -19.42 -12.00 54.81
C ALA H 86 -20.24 -13.22 55.21
N LEU H 87 -19.65 -14.12 55.99
CA LEU H 87 -20.31 -15.37 56.39
C LEU H 87 -20.25 -15.47 57.91
N ALA H 88 -21.32 -15.05 58.58
CA ALA H 88 -21.36 -14.99 60.03
C ALA H 88 -21.94 -16.27 60.62
N GLY H 89 -21.49 -16.60 61.83
CA GLY H 89 -22.02 -17.76 62.54
C GLY H 89 -21.89 -19.06 61.78
N VAL H 90 -20.72 -19.30 61.16
CA VAL H 90 -20.60 -20.40 60.21
C VAL H 90 -20.79 -21.76 60.87
N LYS H 91 -20.41 -21.90 62.14
CA LYS H 91 -20.59 -23.18 62.83
C LYS H 91 -21.86 -23.18 63.66
N GLY H 92 -22.99 -22.84 63.04
CA GLY H 92 -24.30 -23.00 63.64
C GLY H 92 -24.60 -22.10 64.83
N ASP H 93 -24.87 -20.83 64.57
CA ASP H 93 -25.27 -19.89 65.62
C ASP H 93 -26.17 -18.84 64.99
N ALA H 94 -27.47 -18.95 65.25
CA ALA H 94 -28.45 -18.05 64.66
C ALA H 94 -28.55 -16.72 65.40
N THR H 95 -27.59 -16.40 66.27
CA THR H 95 -27.56 -15.11 66.96
C THR H 95 -26.42 -14.23 66.50
N ALA H 96 -25.64 -14.67 65.51
CA ALA H 96 -24.58 -13.84 64.94
C ALA H 96 -25.18 -12.66 64.17
N ARG H 97 -24.32 -11.69 63.85
CA ARG H 97 -24.73 -10.47 63.17
C ARG H 97 -23.61 -9.99 62.28
N ILE H 98 -23.99 -9.25 61.24
CA ILE H 98 -23.04 -8.60 60.35
C ILE H 98 -23.30 -7.10 60.39
N PHE H 99 -22.25 -6.31 60.59
CA PHE H 99 -22.37 -4.86 60.58
C PHE H 99 -21.42 -4.29 59.55
N CYS H 100 -21.95 -3.56 58.58
CA CYS H 100 -21.12 -2.91 57.57
C CYS H 100 -21.36 -1.40 57.61
N GLN H 101 -20.31 -0.64 57.36
CA GLN H 101 -20.49 0.79 57.21
C GLN H 101 -21.04 1.14 55.83
N GLN H 102 -20.67 0.35 54.82
CA GLN H 102 -21.13 0.56 53.46
C GLN H 102 -21.51 -0.82 52.93
N LEU H 103 -22.82 -1.07 52.78
CA LEU H 103 -23.28 -2.37 52.30
C LEU H 103 -23.06 -2.46 50.81
N ALA H 104 -22.04 -3.21 50.40
CA ALA H 104 -21.83 -3.54 49.01
C ALA H 104 -21.38 -4.98 48.86
N ALA H 105 -21.79 -5.85 49.79
CA ALA H 105 -21.30 -7.22 49.78
C ALA H 105 -21.81 -7.97 48.55
N GLU H 106 -21.04 -8.97 48.13
CA GLU H 106 -21.49 -9.92 47.12
C GLU H 106 -22.39 -11.00 47.73
N LEU H 107 -22.24 -11.26 49.02
CA LEU H 107 -23.05 -12.24 49.73
C LEU H 107 -22.97 -11.94 51.22
N VAL H 108 -24.11 -12.02 51.90
CA VAL H 108 -24.15 -12.02 53.35
C VAL H 108 -24.92 -13.26 53.79
N SER H 109 -24.44 -13.91 54.85
CA SER H 109 -25.05 -15.17 55.25
C SER H 109 -24.79 -15.38 56.72
N ILE H 110 -25.85 -15.60 57.49
CA ILE H 110 -25.75 -15.94 58.92
C ILE H 110 -26.19 -17.37 59.12
N ALA H 111 -25.26 -18.21 59.56
CA ALA H 111 -25.53 -19.61 59.90
C ALA H 111 -26.06 -20.43 58.73
N GLY H 112 -25.95 -19.94 57.50
CA GLY H 112 -26.32 -20.69 56.32
C GLY H 112 -27.36 -19.99 55.44
N ASN H 113 -28.20 -19.16 56.03
CA ASN H 113 -29.21 -18.42 55.28
C ASN H 113 -28.54 -17.25 54.61
N TYR H 114 -28.37 -17.31 53.29
CA TYR H 114 -27.62 -16.30 52.58
C TYR H 114 -28.56 -15.30 51.90
N LYS H 115 -27.94 -14.35 51.20
CA LYS H 115 -28.66 -13.30 50.50
C LYS H 115 -27.65 -12.66 49.55
N VAL H 116 -27.73 -12.99 48.25
CA VAL H 116 -26.69 -12.58 47.32
C VAL H 116 -26.84 -11.09 46.99
N ALA H 117 -25.86 -10.52 46.29
CA ALA H 117 -25.89 -9.10 46.00
C ALA H 117 -26.98 -8.70 45.01
N GLU H 118 -27.58 -9.67 44.32
CA GLU H 118 -28.53 -9.31 43.27
C GLU H 118 -29.81 -8.75 43.88
N ASP H 119 -30.31 -9.42 44.92
CA ASP H 119 -31.50 -8.96 45.63
C ASP H 119 -31.18 -8.00 46.78
N LEU H 120 -29.90 -7.79 47.11
CA LEU H 120 -29.57 -6.74 48.06
C LEU H 120 -29.53 -5.38 47.40
N ARG H 121 -29.12 -5.32 46.12
CA ARG H 121 -29.13 -4.04 45.41
C ARG H 121 -30.54 -3.54 45.21
N ARG H 122 -31.51 -4.46 45.13
CA ARG H 122 -32.89 -4.07 44.89
C ARG H 122 -33.48 -3.32 46.09
N SER H 123 -33.04 -3.64 47.30
CA SER H 123 -33.54 -2.98 48.49
C SER H 123 -32.86 -1.62 48.66
N PRO H 124 -33.39 -0.75 49.56
CA PRO H 124 -32.60 0.42 49.97
C PRO H 124 -31.45 -0.03 50.85
N GLN H 125 -30.77 0.92 51.48
CA GLN H 125 -29.59 0.64 52.30
C GLN H 125 -28.49 -0.06 51.52
N TRP H 126 -28.48 0.05 50.20
CA TRP H 126 -27.32 -0.40 49.45
C TRP H 126 -26.30 0.73 49.44
N GLY H 127 -25.08 0.43 49.89
CA GLY H 127 -24.09 1.45 50.15
C GLY H 127 -24.30 2.23 51.43
N LYS H 128 -25.22 1.80 52.29
CA LYS H 128 -25.53 2.48 53.54
C LYS H 128 -25.10 1.63 54.72
N ALA H 129 -24.96 2.26 55.88
CA ALA H 129 -24.57 1.54 57.09
C ALA H 129 -25.70 0.61 57.48
N VAL H 130 -25.41 -0.69 57.50
CA VAL H 130 -26.43 -1.71 57.54
C VAL H 130 -26.12 -2.68 58.68
N HIS H 131 -27.14 -3.42 59.10
CA HIS H 131 -27.03 -4.31 60.26
C HIS H 131 -27.85 -5.54 59.98
N VAL H 132 -27.16 -6.64 59.68
CA VAL H 132 -27.78 -7.88 59.22
C VAL H 132 -27.92 -8.82 60.40
N SER H 133 -29.09 -9.45 60.52
CA SER H 133 -29.41 -10.31 61.64
C SER H 133 -30.37 -11.39 61.15
N LEU H 134 -30.32 -12.55 61.80
CA LEU H 134 -31.14 -13.69 61.39
C LEU H 134 -32.33 -13.83 62.35
N SER H 135 -33.54 -13.54 61.85
CA SER H 135 -34.76 -13.65 62.63
C SER H 135 -35.45 -14.97 62.27
N GLY H 136 -35.20 -15.99 63.08
CA GLY H 136 -35.83 -17.29 62.87
C GLY H 136 -35.26 -18.02 61.67
N ASP H 137 -35.64 -17.59 60.47
CA ASP H 137 -35.16 -18.24 59.25
C ASP H 137 -34.92 -17.25 58.10
N VAL H 138 -35.18 -15.96 58.29
CA VAL H 138 -34.98 -14.97 57.24
C VAL H 138 -33.96 -13.93 57.71
N LEU H 139 -33.24 -13.37 56.75
CA LEU H 139 -32.28 -12.30 57.04
C LEU H 139 -33.00 -10.95 57.12
N ASN H 140 -32.52 -10.10 58.03
CA ASN H 140 -33.04 -8.74 58.16
C ASN H 140 -31.97 -7.74 57.73
N ILE H 141 -32.43 -6.61 57.21
CA ILE H 141 -31.54 -5.57 56.69
C ILE H 141 -32.01 -4.25 57.28
N THR H 142 -31.38 -3.83 58.37
CA THR H 142 -31.76 -2.61 59.08
C THR H 142 -30.82 -1.48 58.69
N ARG H 143 -31.17 -0.27 59.10
CA ARG H 143 -30.31 0.84 58.75
C ARG H 143 -29.78 1.52 60.01
N PRO I 37 -19.87 -15.22 73.96
CA PRO I 37 -19.04 -14.35 74.79
C PRO I 37 -18.92 -12.91 74.24
N THR I 38 -19.90 -12.49 73.46
CA THR I 38 -20.05 -11.08 73.07
C THR I 38 -21.44 -10.63 73.50
N LYS I 39 -21.50 -9.89 74.60
CA LYS I 39 -22.79 -9.50 75.19
C LYS I 39 -23.46 -8.43 74.33
N VAL I 40 -24.70 -8.69 73.92
CA VAL I 40 -25.47 -7.77 73.09
C VAL I 40 -26.57 -7.13 73.93
N VAL I 41 -26.69 -5.81 73.84
CA VAL I 41 -27.71 -5.03 74.53
C VAL I 41 -28.64 -4.43 73.48
N LYS I 42 -29.86 -4.96 73.37
CA LYS I 42 -30.78 -4.51 72.32
C LYS I 42 -31.80 -3.48 72.80
N THR I 43 -31.79 -3.12 74.08
CA THR I 43 -32.76 -2.17 74.60
C THR I 43 -32.11 -0.80 74.75
N PRO I 44 -32.89 0.27 74.89
CA PRO I 44 -32.29 1.58 75.20
C PRO I 44 -31.62 1.56 76.56
N VAL I 45 -30.38 2.03 76.61
CA VAL I 45 -29.56 1.99 77.83
C VAL I 45 -29.77 3.34 78.52
N ARG I 46 -30.78 3.40 79.39
CA ARG I 46 -31.23 4.68 79.88
C ARG I 46 -30.25 5.26 80.89
N GLY I 47 -30.44 6.55 81.20
CA GLY I 47 -29.52 7.22 82.10
C GLY I 47 -29.52 6.58 83.48
N GLY I 48 -28.34 6.55 84.10
CA GLY I 48 -28.19 5.90 85.38
C GLY I 48 -27.85 4.43 85.29
N MET I 49 -28.19 3.78 84.17
CA MET I 49 -27.86 2.38 83.93
C MET I 49 -26.36 2.20 83.72
N GLN I 50 -25.86 1.02 84.07
CA GLN I 50 -24.49 0.63 83.75
C GLN I 50 -24.51 -0.78 83.20
N ILE I 51 -23.81 -0.99 82.09
CA ILE I 51 -23.69 -2.30 81.44
C ILE I 51 -22.24 -2.72 81.53
N TYR I 52 -21.99 -3.95 81.99
CA TYR I 52 -20.63 -4.41 82.21
C TYR I 52 -20.43 -5.76 81.51
N ALA I 53 -19.84 -5.73 80.31
CA ALA I 53 -19.41 -6.95 79.62
C ALA I 53 -18.12 -7.44 80.26
N ALA I 54 -18.24 -8.51 81.07
CA ALA I 54 -17.16 -8.90 81.97
C ALA I 54 -16.06 -9.68 81.27
N GLY I 55 -16.37 -10.38 80.18
CA GLY I 55 -15.37 -11.22 79.54
C GLY I 55 -14.70 -10.60 78.33
N GLY I 56 -15.51 -10.04 77.42
CA GLY I 56 -14.99 -9.49 76.19
C GLY I 56 -15.77 -8.31 75.65
N ASP I 57 -16.18 -8.41 74.39
CA ASP I 57 -16.83 -7.31 73.69
C ASP I 57 -18.18 -6.96 74.30
N LEU I 58 -18.70 -5.82 73.86
CA LEU I 58 -20.04 -5.35 74.20
C LEU I 58 -20.61 -4.64 72.99
N ILE I 59 -21.74 -5.13 72.49
CA ILE I 59 -22.44 -4.53 71.35
C ILE I 59 -23.71 -3.91 71.88
N VAL I 60 -23.90 -2.62 71.63
CA VAL I 60 -25.10 -1.91 72.06
C VAL I 60 -25.82 -1.44 70.80
N LEU I 61 -27.00 -2.01 70.54
CA LEU I 61 -27.74 -1.72 69.32
C LEU I 61 -28.82 -0.67 69.53
N ALA I 62 -28.71 0.16 70.57
CA ALA I 62 -29.74 1.15 70.84
C ALA I 62 -29.07 2.44 71.29
N ALA I 63 -29.90 3.41 71.67
CA ALA I 63 -29.40 4.69 72.12
C ALA I 63 -29.01 4.61 73.59
N VAL I 64 -27.86 5.19 73.92
CA VAL I 64 -27.35 5.20 75.28
C VAL I 64 -27.53 6.62 75.83
N SER I 65 -28.48 6.77 76.74
CA SER I 65 -28.89 8.07 77.25
C SER I 65 -27.79 8.69 78.11
N PRO I 66 -27.73 10.02 78.19
CA PRO I 66 -26.65 10.66 78.96
C PRO I 66 -26.73 10.28 80.42
N GLY I 67 -25.57 9.94 80.99
CA GLY I 67 -25.49 9.40 82.33
C GLY I 67 -25.27 7.90 82.40
N ALA I 68 -25.66 7.16 81.38
CA ALA I 68 -25.34 5.73 81.29
C ALA I 68 -23.84 5.53 81.14
N GLU I 69 -23.36 4.38 81.58
CA GLU I 69 -21.96 4.04 81.38
C GLU I 69 -21.84 2.60 80.94
N LEU I 70 -21.06 2.37 79.88
CA LEU I 70 -20.86 1.07 79.27
C LEU I 70 -19.39 0.74 79.44
N LEU I 71 -19.08 -0.27 80.24
CA LEU I 71 -17.68 -0.62 80.43
C LEU I 71 -17.48 -2.11 80.19
N ALA I 72 -16.43 -2.42 79.45
CA ALA I 72 -16.11 -3.78 79.03
C ALA I 72 -14.62 -3.87 78.85
N ASP I 73 -14.05 -5.04 79.16
CA ASP I 73 -12.62 -5.21 79.03
C ASP I 73 -12.21 -5.64 77.63
N GLY I 74 -13.16 -5.77 76.71
CA GLY I 74 -12.86 -5.89 75.30
C GLY I 74 -13.23 -4.64 74.55
N ASN I 75 -13.80 -4.78 73.37
CA ASN I 75 -14.19 -3.62 72.59
C ASN I 75 -15.60 -3.20 72.97
N ILE I 76 -16.01 -2.04 72.47
CA ILE I 76 -17.36 -1.53 72.65
C ILE I 76 -17.85 -1.06 71.28
N HIS I 77 -18.94 -1.63 70.81
CA HIS I 77 -19.53 -1.21 69.56
C HIS I 77 -20.89 -0.59 69.88
N VAL I 78 -21.08 0.67 69.54
CA VAL I 78 -22.35 1.34 69.78
C VAL I 78 -22.94 1.72 68.43
N TYR I 79 -23.99 1.02 68.02
CA TYR I 79 -24.64 1.26 66.75
C TYR I 79 -25.90 2.12 66.89
N GLY I 80 -25.94 2.95 67.92
CA GLY I 80 -26.99 3.93 68.07
C GLY I 80 -26.37 5.29 68.35
N PRO I 81 -27.18 6.25 68.81
CA PRO I 81 -26.63 7.53 69.25
C PRO I 81 -26.15 7.43 70.70
N MET I 82 -24.83 7.43 70.87
CA MET I 82 -24.27 7.32 72.22
C MET I 82 -24.09 8.70 72.85
N ARG I 83 -24.66 8.87 74.04
CA ARG I 83 -24.48 10.10 74.81
C ARG I 83 -23.94 9.83 76.21
N GLY I 84 -23.50 8.62 76.51
CA GLY I 84 -22.99 8.25 77.81
C GLY I 84 -21.48 8.15 77.87
N ARG I 85 -20.98 7.31 78.79
CA ARG I 85 -19.55 7.13 79.01
C ARG I 85 -19.16 5.72 78.56
N ALA I 86 -18.26 5.64 77.58
CA ALA I 86 -17.72 4.37 77.11
C ALA I 86 -16.35 4.13 77.73
N LEU I 87 -16.19 2.98 78.39
CA LEU I 87 -14.95 2.65 79.10
C LEU I 87 -14.49 1.28 78.60
N ALA I 88 -13.62 1.29 77.59
CA ALA I 88 -13.18 0.06 76.94
C ALA I 88 -11.88 -0.47 77.54
N GLY I 89 -11.73 -1.78 77.52
CA GLY I 89 -10.51 -2.41 78.02
C GLY I 89 -10.24 -2.08 79.48
N VAL I 90 -11.28 -2.15 80.32
CA VAL I 90 -11.19 -1.61 81.67
C VAL I 90 -10.17 -2.35 82.53
N LYS I 91 -9.98 -3.64 82.30
CA LYS I 91 -9.01 -4.42 83.09
C LYS I 91 -7.67 -4.53 82.39
N GLY I 92 -7.10 -3.37 82.05
CA GLY I 92 -5.75 -3.28 81.55
C GLY I 92 -5.53 -3.90 80.17
N ASP I 93 -5.99 -3.21 79.13
CA ASP I 93 -5.78 -3.66 77.75
C ASP I 93 -5.73 -2.45 76.83
N ALA I 94 -4.54 -2.10 76.38
CA ALA I 94 -4.34 -0.94 75.51
C ALA I 94 -4.64 -1.24 74.03
N THR I 95 -5.24 -2.39 73.73
CA THR I 95 -5.63 -2.73 72.37
C THR I 95 -7.14 -2.77 72.17
N ALA I 96 -7.93 -2.43 73.19
CA ALA I 96 -9.37 -2.31 73.04
C ALA I 96 -9.71 -1.14 72.13
N ARG I 97 -10.97 -1.08 71.69
CA ARG I 97 -11.41 -0.05 70.76
C ARG I 97 -12.85 0.31 71.04
N ILE I 98 -13.23 1.52 70.66
CA ILE I 98 -14.61 1.99 70.75
C ILE I 98 -15.05 2.40 69.35
N PHE I 99 -16.22 1.92 68.95
CA PHE I 99 -16.80 2.31 67.66
C PHE I 99 -18.18 2.88 67.93
N CYS I 100 -18.40 4.12 67.53
CA CYS I 100 -19.71 4.74 67.65
C CYS I 100 -20.21 5.15 66.29
N GLN I 101 -21.51 5.01 66.06
CA GLN I 101 -22.06 5.52 64.81
C GLN I 101 -22.24 7.03 64.86
N GLN I 102 -22.51 7.57 66.04
CA GLN I 102 -22.66 9.01 66.26
C GLN I 102 -21.90 9.36 67.53
N LEU I 103 -20.76 10.04 67.39
CA LEU I 103 -19.95 10.41 68.55
C LEU I 103 -20.60 11.58 69.27
N ALA I 104 -21.25 11.29 70.40
CA ALA I 104 -21.74 12.32 71.31
C ALA I 104 -21.46 11.94 72.75
N ALA I 105 -20.39 11.18 72.99
CA ALA I 105 -20.09 10.63 74.30
C ALA I 105 -19.78 11.75 75.29
N GLU I 106 -20.05 11.48 76.56
CA GLU I 106 -19.60 12.35 77.65
C GLU I 106 -18.15 12.05 78.03
N LEU I 107 -17.70 10.82 77.80
CA LEU I 107 -16.35 10.39 78.11
C LEU I 107 -16.06 9.11 77.34
N VAL I 108 -14.88 9.02 76.75
CA VAL I 108 -14.39 7.76 76.19
C VAL I 108 -13.04 7.47 76.80
N SER I 109 -12.79 6.20 77.13
CA SER I 109 -11.58 5.85 77.85
C SER I 109 -11.19 4.42 77.55
N ILE I 110 -9.97 4.24 77.08
CA ILE I 110 -9.41 2.91 76.81
C ILE I 110 -8.29 2.67 77.81
N ALA I 111 -8.49 1.65 78.66
CA ALA I 111 -7.48 1.18 79.61
C ALA I 111 -7.05 2.24 80.61
N GLY I 112 -7.79 3.35 80.73
CA GLY I 112 -7.50 4.38 81.72
C GLY I 112 -7.30 5.76 81.13
N ASN I 113 -6.83 5.85 79.90
CA ASN I 113 -6.62 7.14 79.23
C ASN I 113 -7.96 7.65 78.72
N TYR I 114 -8.51 8.68 79.36
CA TYR I 114 -9.83 9.14 79.00
C TYR I 114 -9.76 10.37 78.10
N LYS I 115 -10.94 10.88 77.78
CA LYS I 115 -11.08 12.04 76.90
C LYS I 115 -12.52 12.52 77.10
N VAL I 116 -12.70 13.61 77.84
CA VAL I 116 -14.04 14.04 78.22
C VAL I 116 -14.75 14.70 77.04
N ALA I 117 -16.04 14.98 77.20
CA ALA I 117 -16.83 15.54 76.12
C ALA I 117 -16.45 16.97 75.79
N GLU I 118 -15.69 17.63 76.64
CA GLU I 118 -15.41 19.04 76.43
C GLU I 118 -14.44 19.23 75.26
N ASP I 119 -13.37 18.45 75.22
CA ASP I 119 -12.39 18.50 74.14
C ASP I 119 -12.72 17.57 72.97
N LEU I 120 -13.75 16.74 73.09
CA LEU I 120 -14.20 15.97 71.94
C LEU I 120 -15.07 16.80 71.02
N ARG I 121 -15.81 17.77 71.57
CA ARG I 121 -16.58 18.68 70.73
C ARG I 121 -15.67 19.57 69.91
N ARG I 122 -14.47 19.89 70.43
CA ARG I 122 -13.57 20.78 69.72
C ARG I 122 -13.03 20.19 68.42
N SER I 123 -12.80 18.88 68.38
CA SER I 123 -12.31 18.26 67.16
C SER I 123 -13.46 18.08 66.17
N PRO I 124 -13.16 17.79 64.89
CA PRO I 124 -14.23 17.33 64.00
C PRO I 124 -14.67 15.93 64.40
N GLN I 125 -15.47 15.29 63.56
CA GLN I 125 -16.04 13.98 63.87
C GLN I 125 -16.89 14.00 65.14
N TRP I 126 -17.35 15.16 65.56
CA TRP I 126 -18.34 15.22 66.62
C TRP I 126 -19.71 14.99 66.00
N GLY I 127 -20.43 13.98 66.49
CA GLY I 127 -21.65 13.51 65.85
C GLY I 127 -21.44 12.65 64.62
N LYS I 128 -20.22 12.20 64.37
CA LYS I 128 -19.85 11.41 63.21
C LYS I 128 -19.48 10.00 63.63
N ALA I 129 -19.47 9.09 62.65
CA ALA I 129 -19.07 7.71 62.92
C ALA I 129 -17.57 7.69 63.22
N VAL I 130 -17.22 7.22 64.41
CA VAL I 130 -15.90 7.40 64.97
C VAL I 130 -15.34 6.05 65.39
N HIS I 131 -14.03 6.01 65.56
CA HIS I 131 -13.32 4.79 65.93
C HIS I 131 -12.16 5.17 66.83
N VAL I 132 -12.30 4.88 68.12
CA VAL I 132 -11.35 5.33 69.15
C VAL I 132 -10.39 4.19 69.44
N SER I 133 -9.09 4.52 69.52
CA SER I 133 -8.06 3.53 69.73
C SER I 133 -6.92 4.18 70.51
N LEU I 134 -6.19 3.36 71.25
CA LEU I 134 -5.10 3.85 72.09
C LEU I 134 -3.76 3.55 71.43
N SER I 135 -3.07 4.59 70.98
CA SER I 135 -1.75 4.47 70.37
C SER I 135 -0.71 4.83 71.44
N GLY I 136 -0.19 3.82 72.11
CA GLY I 136 0.84 4.02 73.11
C GLY I 136 0.31 4.65 74.39
N ASP I 137 0.04 5.96 74.35
CA ASP I 137 -0.45 6.66 75.52
C ASP I 137 -1.48 7.75 75.22
N VAL I 138 -1.81 8.00 73.96
CA VAL I 138 -2.80 9.00 73.61
C VAL I 138 -3.95 8.33 72.85
N LEU I 139 -5.15 8.90 73.00
CA LEU I 139 -6.32 8.42 72.28
C LEU I 139 -6.36 9.00 70.88
N ASN I 140 -6.82 8.20 69.92
CA ASN I 140 -7.00 8.63 68.54
C ASN I 140 -8.49 8.65 68.20
N ILE I 141 -8.84 9.52 67.27
CA ILE I 141 -10.23 9.74 66.89
C ILE I 141 -10.29 9.71 65.36
N THR I 142 -10.66 8.58 64.80
CA THR I 142 -10.68 8.39 63.36
C THR I 142 -12.11 8.57 62.85
N ARG I 143 -12.26 8.66 61.54
CA ARG I 143 -13.59 8.80 60.99
C ARG I 143 -13.89 7.64 60.06
N ALA J 2 56.63 -44.08 -20.49
CA ALA J 2 56.33 -43.99 -19.05
C ALA J 2 54.87 -43.61 -18.82
N LYS J 3 54.29 -42.85 -19.76
CA LYS J 3 52.92 -42.36 -19.65
C LYS J 3 52.12 -42.85 -20.84
N ILE J 4 51.25 -43.83 -20.63
CA ILE J 4 50.31 -44.31 -21.64
C ILE J 4 49.07 -43.43 -21.61
N LEU J 5 48.84 -42.65 -22.65
CA LEU J 5 47.61 -41.90 -22.80
C LEU J 5 46.87 -42.33 -24.06
N VAL J 6 45.57 -42.61 -23.92
CA VAL J 6 44.74 -43.11 -25.01
C VAL J 6 43.90 -41.96 -25.57
N VAL J 7 43.83 -41.88 -26.89
CA VAL J 7 42.88 -41.00 -27.57
C VAL J 7 41.63 -41.82 -27.82
N THR J 8 40.53 -41.45 -27.18
CA THR J 8 39.26 -42.17 -27.34
C THR J 8 38.13 -41.19 -27.58
N SER J 9 36.96 -41.74 -27.89
CA SER J 9 35.77 -40.93 -28.09
C SER J 9 34.46 -41.63 -27.79
N GLY J 10 34.26 -42.82 -28.38
CA GLY J 10 32.97 -43.46 -28.39
C GLY J 10 32.25 -43.26 -29.71
N LYS J 11 31.96 -42.01 -30.03
CA LYS J 11 31.35 -41.67 -31.32
C LYS J 11 32.42 -41.74 -32.41
N GLY J 12 32.17 -42.52 -33.44
CA GLY J 12 33.15 -42.68 -34.50
C GLY J 12 33.23 -41.46 -35.40
N GLY J 13 34.41 -41.22 -35.95
CA GLY J 13 34.60 -40.18 -36.93
C GLY J 13 34.82 -38.80 -36.37
N VAL J 14 34.98 -38.66 -35.06
CA VAL J 14 35.16 -37.34 -34.46
C VAL J 14 36.53 -36.79 -34.77
N GLY J 15 37.50 -37.68 -34.99
CA GLY J 15 38.84 -37.30 -35.35
C GLY J 15 39.87 -37.97 -34.47
N LYS J 16 39.67 -39.24 -34.08
CA LYS J 16 40.63 -39.80 -33.12
C LYS J 16 41.99 -39.99 -33.78
N THR J 17 42.02 -40.61 -34.96
CA THR J 17 43.29 -40.82 -35.64
C THR J 17 43.97 -39.50 -35.98
N THR J 18 43.20 -38.51 -36.43
CA THR J 18 43.79 -37.20 -36.70
C THR J 18 44.42 -36.61 -35.47
N THR J 19 43.73 -36.71 -34.32
CA THR J 19 44.30 -36.21 -33.07
C THR J 19 45.46 -37.06 -32.60
N SER J 20 45.35 -38.38 -32.76
CA SER J 20 46.42 -39.28 -32.33
C SER J 20 47.71 -38.98 -33.10
N ALA J 21 47.61 -38.84 -34.42
CA ALA J 21 48.80 -38.49 -35.19
C ALA J 21 49.27 -37.07 -34.88
N ALA J 22 48.36 -36.16 -34.57
CA ALA J 22 48.76 -34.79 -34.29
C ALA J 22 49.45 -34.70 -32.94
N ILE J 23 48.85 -35.30 -31.91
CA ILE J 23 49.45 -35.22 -30.59
C ILE J 23 50.67 -36.11 -30.49
N GLY J 24 50.71 -37.20 -31.26
CA GLY J 24 51.88 -38.05 -31.25
C GLY J 24 53.09 -37.38 -31.87
N THR J 25 52.87 -36.52 -32.86
CA THR J 25 53.97 -35.77 -33.44
C THR J 25 54.33 -34.56 -32.60
N GLY J 26 53.32 -33.90 -32.02
CA GLY J 26 53.60 -32.74 -31.19
C GLY J 26 54.46 -33.06 -29.98
N LEU J 27 54.32 -34.25 -29.41
CA LEU J 27 55.16 -34.61 -28.28
C LEU J 27 56.54 -35.12 -28.69
N ALA J 28 56.72 -35.49 -29.96
CA ALA J 28 58.05 -35.82 -30.44
C ALA J 28 58.84 -34.57 -30.85
N LEU J 29 58.16 -33.55 -31.36
CA LEU J 29 58.83 -32.26 -31.58
C LEU J 29 59.33 -31.67 -30.28
N ARG J 30 58.61 -31.86 -29.18
CA ARG J 30 59.06 -31.34 -27.90
C ARG J 30 60.30 -32.09 -27.40
N GLY J 31 60.47 -33.34 -27.79
CA GLY J 31 61.70 -34.04 -27.45
C GLY J 31 61.51 -35.41 -26.81
N PHE J 32 60.28 -35.72 -26.41
CA PHE J 32 60.00 -36.98 -25.75
C PHE J 32 60.03 -38.13 -26.76
N LYS J 33 60.72 -39.22 -26.42
CA LYS J 33 60.74 -40.40 -27.26
C LYS J 33 59.37 -41.09 -27.21
N THR J 34 58.62 -40.97 -28.30
CA THR J 34 57.20 -41.33 -28.34
C THR J 34 56.96 -42.50 -29.27
N VAL J 35 55.91 -43.28 -28.99
CA VAL J 35 55.38 -44.24 -29.95
C VAL J 35 53.87 -44.08 -29.99
N ILE J 36 53.30 -44.31 -31.18
CA ILE J 36 51.86 -44.32 -31.38
C ILE J 36 51.45 -45.73 -31.79
N VAL J 37 50.48 -46.30 -31.08
CA VAL J 37 50.02 -47.65 -31.35
C VAL J 37 48.63 -47.55 -31.95
N ASP J 38 48.51 -47.93 -33.23
CA ASP J 38 47.22 -48.09 -33.89
C ASP J 38 46.54 -49.34 -33.33
N PHE J 39 45.46 -49.15 -32.57
CA PHE J 39 44.73 -50.25 -31.96
C PHE J 39 43.57 -50.74 -32.80
N ASP J 40 43.31 -50.12 -33.96
CA ASP J 40 42.22 -50.53 -34.84
C ASP J 40 42.72 -51.66 -35.74
N VAL J 41 42.73 -52.85 -35.16
CA VAL J 41 43.25 -54.04 -35.83
C VAL J 41 42.24 -54.52 -36.85
N GLY J 42 42.68 -54.75 -38.08
CA GLY J 42 41.82 -55.20 -39.14
C GLY J 42 41.16 -54.09 -39.93
N LEU J 43 41.17 -52.88 -39.41
CA LEU J 43 40.58 -51.72 -40.06
C LEU J 43 41.55 -50.56 -39.94
N ARG J 44 42.82 -50.81 -40.30
CA ARG J 44 43.90 -49.90 -39.98
C ARG J 44 43.74 -48.56 -40.69
N ASN J 45 44.12 -47.49 -39.99
CA ASN J 45 44.01 -46.15 -40.54
C ASN J 45 45.17 -45.23 -40.20
N LEU J 46 45.97 -45.51 -39.16
CA LEU J 46 46.93 -44.53 -38.66
C LEU J 46 48.14 -44.39 -39.56
N ASP J 47 48.71 -45.50 -40.04
CA ASP J 47 49.87 -45.44 -40.90
C ASP J 47 49.59 -44.71 -42.20
N LEU J 48 48.31 -44.63 -42.60
CA LEU J 48 47.98 -43.95 -43.85
C LEU J 48 48.18 -42.45 -43.72
N ILE J 49 47.83 -41.87 -42.57
CA ILE J 49 47.98 -40.43 -42.36
C ILE J 49 49.25 -40.07 -41.63
N MET J 50 50.00 -41.06 -41.12
CA MET J 50 51.36 -40.84 -40.66
C MET J 50 52.36 -40.88 -41.81
N GLY J 51 51.92 -41.23 -43.02
CA GLY J 51 52.80 -41.38 -44.16
C GLY J 51 53.74 -42.56 -44.07
N CYS J 52 53.38 -43.58 -43.29
CA CYS J 52 54.26 -44.70 -42.99
C CYS J 52 53.78 -45.99 -43.64
N GLU J 53 52.85 -45.90 -44.60
CA GLU J 53 52.15 -47.09 -45.07
C GLU J 53 52.99 -47.94 -46.01
N ARG J 54 53.97 -47.36 -46.68
CA ARG J 54 54.81 -48.12 -47.58
C ARG J 54 55.96 -48.80 -46.88
N ARG J 55 56.29 -48.39 -45.65
CA ARG J 55 57.39 -48.99 -44.92
C ARG J 55 56.96 -50.13 -44.00
N VAL J 56 55.66 -50.39 -43.89
CA VAL J 56 55.17 -51.41 -42.97
C VAL J 56 55.53 -52.80 -43.50
N VAL J 57 56.22 -53.57 -42.66
CA VAL J 57 56.44 -54.99 -42.93
C VAL J 57 55.71 -55.85 -41.90
N TYR J 58 55.91 -55.58 -40.62
CA TYR J 58 55.24 -56.26 -39.52
C TYR J 58 54.38 -55.26 -38.79
N ASP J 59 53.34 -55.75 -38.14
CA ASP J 59 52.33 -54.87 -37.57
C ASP J 59 52.02 -55.19 -36.11
N PHE J 60 50.91 -54.64 -35.59
CA PHE J 60 50.60 -54.79 -34.17
C PHE J 60 50.34 -56.25 -33.80
N VAL J 61 49.59 -56.97 -34.64
CA VAL J 61 49.17 -58.32 -34.31
C VAL J 61 50.30 -59.33 -34.48
N ASN J 62 51.37 -58.96 -35.19
CA ASN J 62 52.54 -59.83 -35.23
C ASN J 62 53.26 -59.83 -33.89
N VAL J 63 53.45 -58.66 -33.28
CA VAL J 63 54.16 -58.59 -32.01
C VAL J 63 53.38 -59.35 -30.93
N VAL J 64 52.06 -59.30 -30.97
CA VAL J 64 51.25 -60.03 -30.01
C VAL J 64 51.43 -61.53 -30.20
N ASN J 65 51.26 -62.02 -31.43
CA ASN J 65 51.41 -63.44 -31.72
C ASN J 65 52.86 -63.92 -31.71
N GLY J 66 53.83 -63.00 -31.67
CA GLY J 66 55.22 -63.39 -31.61
C GLY J 66 55.86 -63.73 -32.94
N GLU J 67 55.23 -63.35 -34.06
CA GLU J 67 55.84 -63.56 -35.37
C GLU J 67 56.93 -62.56 -35.68
N ALA J 68 57.13 -61.56 -34.83
CA ALA J 68 58.22 -60.61 -34.96
C ALA J 68 58.45 -59.96 -33.61
N THR J 69 59.58 -59.26 -33.50
CA THR J 69 59.92 -58.57 -32.26
C THR J 69 59.44 -57.13 -32.33
N LEU J 70 59.54 -56.43 -31.20
CA LEU J 70 59.09 -55.04 -31.17
C LEU J 70 60.03 -54.11 -31.91
N THR J 71 61.31 -54.47 -32.06
CA THR J 71 62.21 -53.66 -32.86
C THR J 71 62.01 -53.92 -34.35
N GLN J 72 61.55 -55.12 -34.71
CA GLN J 72 61.27 -55.43 -36.11
C GLN J 72 59.99 -54.76 -36.61
N ALA J 73 59.06 -54.42 -35.72
CA ALA J 73 57.77 -53.90 -36.12
C ALA J 73 57.68 -52.38 -36.03
N LEU J 74 58.47 -51.76 -35.17
CA LEU J 74 58.41 -50.31 -35.02
C LEU J 74 58.98 -49.65 -36.27
N ILE J 75 58.32 -48.58 -36.70
CA ILE J 75 58.75 -47.80 -37.85
C ILE J 75 59.24 -46.47 -37.33
N LYS J 76 60.56 -46.29 -37.31
CA LYS J 76 61.13 -44.97 -37.09
C LYS J 76 60.67 -44.03 -38.19
N ASP J 77 60.32 -42.79 -37.81
CA ASP J 77 59.97 -41.80 -38.81
C ASP J 77 61.20 -41.33 -39.58
N LYS J 78 60.94 -40.64 -40.69
CA LYS J 78 61.98 -40.01 -41.48
C LYS J 78 62.20 -38.55 -41.12
N ARG J 79 61.13 -37.85 -40.72
CA ARG J 79 61.20 -36.45 -40.34
C ARG J 79 61.51 -36.25 -38.86
N LEU J 80 61.15 -37.21 -38.00
CA LEU J 80 61.38 -37.13 -36.57
C LEU J 80 62.16 -38.36 -36.12
N GLU J 81 63.06 -38.16 -35.15
CA GLU J 81 63.80 -39.27 -34.58
C GLU J 81 63.21 -39.76 -33.27
N ASN J 82 62.33 -38.98 -32.65
CA ASN J 82 61.67 -39.40 -31.42
C ASN J 82 60.36 -40.13 -31.67
N LEU J 83 59.90 -40.23 -32.92
CA LEU J 83 58.57 -40.71 -33.22
C LEU J 83 58.62 -42.07 -33.88
N HIS J 84 57.93 -43.06 -33.30
CA HIS J 84 57.78 -44.38 -33.88
C HIS J 84 56.31 -44.77 -33.95
N VAL J 85 55.99 -45.63 -34.91
CA VAL J 85 54.62 -46.04 -35.15
C VAL J 85 54.56 -47.56 -35.19
N LEU J 86 53.69 -48.15 -34.39
CA LEU J 86 53.39 -49.57 -34.46
C LEU J 86 52.04 -49.73 -35.14
N ALA J 87 52.05 -49.90 -36.47
CA ALA J 87 50.82 -49.94 -37.22
C ALA J 87 50.08 -51.26 -37.00
N ALA J 88 48.84 -51.33 -37.49
CA ALA J 88 48.00 -52.50 -37.30
C ALA J 88 47.83 -53.26 -38.61
N SER J 89 47.08 -54.36 -38.55
CA SER J 89 46.88 -55.23 -39.70
C SER J 89 45.60 -54.86 -40.43
N GLN J 90 45.37 -55.54 -41.54
CA GLN J 90 44.10 -55.51 -42.24
C GLN J 90 43.44 -56.87 -42.33
N THR J 91 44.21 -57.95 -42.14
CA THR J 91 43.67 -59.30 -42.32
C THR J 91 42.88 -59.76 -41.10
N ARG J 92 43.53 -59.77 -39.94
CA ARG J 92 42.91 -60.28 -38.72
C ARG J 92 42.20 -59.15 -38.00
N ASP J 93 40.98 -59.43 -37.51
CA ASP J 93 40.16 -58.42 -36.87
C ASP J 93 40.44 -58.35 -35.38
N LYS J 94 39.58 -57.66 -34.63
CA LYS J 94 39.92 -57.23 -33.27
C LYS J 94 39.76 -58.31 -32.22
N ASP J 95 39.39 -59.53 -32.61
CA ASP J 95 39.39 -60.61 -31.62
C ASP J 95 40.78 -61.25 -31.46
N ALA J 96 41.69 -60.99 -32.39
CA ALA J 96 43.04 -61.53 -32.36
C ALA J 96 43.98 -60.74 -31.45
N LEU J 97 43.44 -59.88 -30.59
CA LEU J 97 44.20 -59.18 -29.56
C LEU J 97 43.71 -59.66 -28.20
N THR J 98 44.56 -60.39 -27.49
CA THR J 98 44.19 -60.80 -26.15
C THR J 98 44.46 -59.66 -25.18
N LYS J 99 43.79 -59.70 -24.02
CA LYS J 99 44.19 -58.78 -22.96
C LYS J 99 45.59 -59.10 -22.45
N GLU J 100 45.97 -60.38 -22.47
CA GLU J 100 47.29 -60.79 -22.00
C GLU J 100 48.37 -60.48 -23.03
N GLY J 101 48.06 -60.64 -24.32
CA GLY J 101 49.05 -60.38 -25.34
C GLY J 101 49.38 -58.91 -25.48
N VAL J 102 48.36 -58.05 -25.36
CA VAL J 102 48.59 -56.61 -25.40
C VAL J 102 49.28 -56.12 -24.13
N GLU J 103 49.15 -56.88 -23.03
CA GLU J 103 49.85 -56.50 -21.81
C GLU J 103 51.36 -56.62 -21.97
N LYS J 104 51.83 -57.64 -22.70
CA LYS J 104 53.26 -57.82 -22.90
C LYS J 104 53.84 -56.70 -23.75
N VAL J 105 53.12 -56.28 -24.78
CA VAL J 105 53.61 -55.21 -25.64
C VAL J 105 53.62 -53.89 -24.89
N MET J 106 52.65 -53.66 -24.01
CA MET J 106 52.64 -52.43 -23.21
C MET J 106 53.78 -52.41 -22.21
N ALA J 107 54.21 -53.58 -21.74
CA ALA J 107 55.28 -53.63 -20.76
C ALA J 107 56.60 -53.18 -21.36
N GLU J 108 56.99 -53.80 -22.48
CA GLU J 108 58.28 -53.46 -23.08
C GLU J 108 58.25 -52.19 -23.89
N LEU J 109 57.06 -51.65 -24.19
CA LEU J 109 56.99 -50.30 -24.72
C LEU J 109 57.21 -49.27 -23.62
N ARG J 110 56.76 -49.58 -22.40
CA ARG J 110 56.91 -48.66 -21.28
C ARG J 110 58.37 -48.56 -20.82
N LYS J 111 59.19 -49.57 -21.12
CA LYS J 111 60.60 -49.50 -20.72
C LYS J 111 61.40 -48.55 -21.60
N ASP J 112 61.09 -48.50 -22.90
CA ASP J 112 61.91 -47.75 -23.84
C ASP J 112 61.40 -46.35 -24.12
N PHE J 113 60.10 -46.09 -24.01
CA PHE J 113 59.52 -44.86 -24.50
C PHE J 113 59.02 -43.98 -23.37
N GLU J 114 58.89 -42.69 -23.67
CA GLU J 114 58.42 -41.67 -22.75
C GLU J 114 56.90 -41.51 -22.81
N TYR J 115 56.35 -41.38 -24.02
CA TYR J 115 54.93 -41.24 -24.24
C TYR J 115 54.45 -42.32 -25.18
N ILE J 116 53.35 -42.99 -24.81
CA ILE J 116 52.69 -43.98 -25.65
C ILE J 116 51.29 -43.45 -25.97
N ILE J 117 51.03 -43.17 -27.23
CA ILE J 117 49.72 -42.66 -27.65
C ILE J 117 48.96 -43.83 -28.26
N CYS J 118 47.74 -44.06 -27.78
CA CYS J 118 46.94 -45.21 -28.20
C CYS J 118 45.71 -44.77 -28.98
N ASP J 119 45.77 -44.86 -30.30
CA ASP J 119 44.65 -44.49 -31.18
C ASP J 119 43.57 -45.56 -31.05
N SER J 120 42.56 -45.29 -30.23
CA SER J 120 41.49 -46.24 -29.99
C SER J 120 40.56 -46.34 -31.19
N PRO J 121 40.01 -47.53 -31.50
CA PRO J 121 38.95 -47.61 -32.50
C PRO J 121 37.64 -47.07 -31.96
N ALA J 122 36.59 -47.01 -32.78
CA ALA J 122 35.33 -46.43 -32.32
C ALA J 122 34.51 -47.46 -31.56
N GLY J 123 33.63 -46.98 -30.68
CA GLY J 123 32.67 -47.81 -30.00
C GLY J 123 33.04 -48.12 -28.56
N ILE J 124 32.27 -49.03 -27.97
CA ILE J 124 32.47 -49.43 -26.58
C ILE J 124 32.72 -50.93 -26.51
N GLU J 125 33.34 -51.49 -27.55
CA GLU J 125 33.54 -52.92 -27.64
C GLU J 125 34.97 -53.31 -27.29
N LYS J 126 35.37 -54.53 -27.66
CA LYS J 126 36.60 -55.13 -27.15
C LYS J 126 37.85 -54.46 -27.73
N GLY J 127 37.80 -53.98 -28.97
CA GLY J 127 38.94 -53.25 -29.49
C GLY J 127 39.12 -51.91 -28.84
N ALA J 128 38.02 -51.25 -28.47
CA ALA J 128 38.08 -49.98 -27.76
C ALA J 128 38.35 -50.16 -26.27
N HIS J 129 38.21 -51.38 -25.76
CA HIS J 129 38.47 -51.66 -24.36
C HIS J 129 39.95 -51.89 -24.10
N LEU J 130 40.66 -52.52 -25.04
CA LEU J 130 42.08 -52.80 -24.82
C LEU J 130 42.92 -51.54 -24.93
N ALA J 131 42.48 -50.57 -25.75
CA ALA J 131 43.17 -49.30 -25.77
C ALA J 131 42.93 -48.52 -24.49
N MET J 132 41.69 -48.58 -23.98
CA MET J 132 41.35 -47.94 -22.71
C MET J 132 42.14 -48.53 -21.54
N TYR J 133 42.41 -49.84 -21.58
CA TYR J 133 42.68 -50.60 -20.34
C TYR J 133 43.95 -50.15 -19.64
N PHE J 134 45.10 -50.23 -20.32
CA PHE J 134 46.38 -49.96 -19.67
C PHE J 134 46.74 -48.48 -19.65
N ALA J 135 45.76 -47.60 -19.85
CA ALA J 135 46.04 -46.18 -19.99
C ALA J 135 46.19 -45.49 -18.64
N ASP J 136 46.99 -44.42 -18.63
CA ASP J 136 47.21 -43.56 -17.48
C ASP J 136 46.46 -42.25 -17.61
N GLU J 137 46.39 -41.70 -18.81
CA GLU J 137 45.52 -40.59 -19.14
C GLU J 137 44.70 -40.94 -20.38
N ALA J 138 43.72 -40.10 -20.68
CA ALA J 138 42.81 -40.35 -21.80
C ALA J 138 42.35 -39.01 -22.33
N ILE J 139 42.56 -38.78 -23.63
CA ILE J 139 41.98 -37.63 -24.32
C ILE J 139 40.68 -38.10 -24.97
N VAL J 140 39.57 -37.48 -24.61
CA VAL J 140 38.27 -37.81 -25.15
C VAL J 140 37.97 -36.79 -26.24
N VAL J 141 37.65 -37.27 -27.44
CA VAL J 141 37.44 -36.41 -28.59
C VAL J 141 35.95 -36.20 -28.80
N THR J 142 35.55 -34.97 -29.07
CA THR J 142 34.14 -34.62 -29.06
C THR J 142 33.84 -33.64 -30.19
N ASN J 143 32.82 -33.90 -30.92
CA ASN J 143 32.40 -32.81 -31.79
C ASN J 143 31.41 -31.93 -31.04
N PRO J 144 31.37 -30.65 -31.32
CA PRO J 144 30.33 -29.80 -30.70
C PRO J 144 28.97 -30.09 -31.32
N GLU J 145 28.40 -31.24 -31.01
CA GLU J 145 27.09 -31.63 -31.53
C GLU J 145 26.40 -32.50 -30.49
N VAL J 146 25.07 -32.59 -30.58
CA VAL J 146 24.30 -33.21 -29.51
C VAL J 146 24.67 -34.68 -29.36
N SER J 147 24.88 -35.38 -30.47
CA SER J 147 25.18 -36.81 -30.39
C SER J 147 26.57 -37.04 -29.83
N SER J 148 27.56 -36.31 -30.34
CA SER J 148 28.95 -36.54 -29.94
C SER J 148 29.23 -36.14 -28.50
N VAL J 149 28.42 -35.28 -27.90
CA VAL J 149 28.59 -35.01 -26.47
C VAL J 149 27.95 -36.11 -25.65
N ARG J 150 26.77 -36.61 -26.07
CA ARG J 150 26.13 -37.71 -25.35
C ARG J 150 27.00 -38.96 -25.36
N ASP J 151 27.59 -39.28 -26.52
CA ASP J 151 28.33 -40.51 -26.68
C ASP J 151 29.77 -40.38 -26.23
N SER J 152 30.24 -39.17 -25.99
CA SER J 152 31.50 -38.95 -25.31
C SER J 152 31.34 -38.90 -23.79
N ASP J 153 30.10 -38.79 -23.32
CA ASP J 153 29.78 -38.84 -21.89
C ASP J 153 29.75 -40.29 -21.40
N ARG J 154 29.21 -41.19 -22.23
CA ARG J 154 29.30 -42.60 -21.92
C ARG J 154 30.76 -43.03 -21.79
N MET J 155 31.65 -42.37 -22.53
CA MET J 155 33.06 -42.78 -22.53
C MET J 155 33.77 -42.38 -21.25
N LEU J 156 33.46 -41.19 -20.70
CA LEU J 156 34.12 -40.76 -19.47
C LEU J 156 33.73 -41.62 -18.29
N GLY J 157 32.55 -42.24 -18.34
CA GLY J 157 32.16 -43.17 -17.31
C GLY J 157 32.76 -44.55 -17.47
N LEU J 158 33.35 -44.84 -18.62
CA LEU J 158 34.08 -46.08 -18.85
C LEU J 158 35.57 -45.93 -18.57
N LEU J 159 36.08 -44.70 -18.51
CA LEU J 159 37.42 -44.43 -18.02
C LEU J 159 37.44 -44.19 -16.52
N ALA J 160 36.44 -44.69 -15.80
CA ALA J 160 36.39 -44.59 -14.36
C ALA J 160 36.00 -45.89 -13.67
N SER J 161 35.57 -46.89 -14.42
CA SER J 161 35.12 -48.16 -13.85
C SER J 161 35.77 -49.36 -14.52
N LYS J 162 35.97 -49.29 -15.84
CA LYS J 162 36.44 -50.43 -16.61
C LYS J 162 37.94 -50.39 -16.88
N SER J 163 38.67 -49.52 -16.18
CA SER J 163 40.08 -49.32 -16.48
C SER J 163 40.89 -50.45 -15.83
N GLN J 164 42.21 -50.32 -15.84
CA GLN J 164 43.06 -51.14 -14.99
C GLN J 164 43.35 -50.46 -13.68
N ARG J 165 43.41 -49.13 -13.68
CA ARG J 165 43.54 -48.36 -12.45
C ARG J 165 42.20 -48.22 -11.73
N ALA J 166 41.15 -48.86 -12.23
CA ALA J 166 39.87 -48.92 -11.53
C ALA J 166 39.61 -50.28 -10.90
N GLU J 167 40.10 -51.35 -11.51
CA GLU J 167 40.03 -52.69 -10.93
C GLU J 167 41.18 -52.99 -9.99
N LYS J 168 42.28 -52.24 -10.08
CA LYS J 168 43.39 -52.39 -9.16
C LYS J 168 43.47 -51.26 -8.14
N GLY J 169 42.59 -50.27 -8.24
CA GLY J 169 42.40 -49.30 -7.19
C GLY J 169 43.44 -48.21 -7.09
N GLU J 170 44.22 -47.97 -8.14
CA GLU J 170 45.16 -46.85 -8.14
C GLU J 170 44.39 -45.55 -8.42
N GLU J 171 45.14 -44.47 -8.62
CA GLU J 171 44.53 -43.21 -9.00
C GLU J 171 43.88 -43.35 -10.37
N PRO J 172 42.68 -42.81 -10.57
CA PRO J 172 41.96 -43.06 -11.83
C PRO J 172 42.63 -42.36 -13.00
N ILE J 173 42.15 -42.70 -14.20
CA ILE J 173 42.72 -42.13 -15.42
C ILE J 173 42.43 -40.64 -15.46
N LYS J 174 43.48 -39.85 -15.68
CA LYS J 174 43.33 -38.41 -15.87
C LYS J 174 42.73 -38.13 -17.24
N GLU J 175 41.52 -37.59 -17.27
CA GLU J 175 40.76 -37.39 -18.50
C GLU J 175 40.93 -35.98 -19.03
N HIS J 176 40.95 -35.85 -20.37
CA HIS J 176 41.09 -34.56 -21.03
C HIS J 176 40.08 -34.47 -22.17
N LEU J 177 39.46 -33.31 -22.32
CA LEU J 177 38.48 -33.10 -23.37
C LEU J 177 39.09 -32.28 -24.50
N LEU J 178 38.74 -32.63 -25.73
CA LEU J 178 39.26 -31.94 -26.88
C LEU J 178 38.16 -31.84 -27.92
N LEU J 179 37.63 -30.64 -28.16
CA LEU J 179 36.65 -30.45 -29.22
C LEU J 179 37.35 -30.35 -30.56
N THR J 180 36.99 -31.25 -31.47
CA THR J 180 37.52 -31.27 -32.82
C THR J 180 36.47 -30.77 -33.79
N ARG J 181 36.92 -30.45 -35.00
CA ARG J 181 36.14 -29.88 -36.10
C ARG J 181 35.03 -28.98 -35.57
N TYR J 182 35.45 -28.05 -34.71
CA TYR J 182 34.61 -27.01 -34.13
C TYR J 182 34.38 -25.91 -35.15
N ASN J 183 33.13 -25.61 -35.45
CA ASN J 183 32.83 -24.54 -36.41
C ASN J 183 32.33 -23.32 -35.66
N PRO J 184 33.13 -22.27 -35.50
CA PRO J 184 32.71 -21.13 -34.68
C PRO J 184 31.53 -20.37 -35.28
N GLU J 185 31.37 -20.44 -36.60
CA GLU J 185 30.28 -19.73 -37.26
C GLU J 185 28.95 -20.42 -37.02
N ARG J 186 28.94 -21.75 -36.92
CA ARG J 186 27.71 -22.51 -36.70
C ARG J 186 27.27 -22.56 -35.25
N VAL J 187 28.12 -22.16 -34.30
CA VAL J 187 27.66 -22.09 -32.91
C VAL J 187 26.91 -20.79 -32.64
N THR J 188 27.08 -19.77 -33.49
CA THR J 188 26.29 -18.55 -33.32
C THR J 188 24.92 -18.69 -33.95
N LYS J 189 24.80 -19.51 -35.00
CA LYS J 189 23.49 -19.86 -35.54
C LYS J 189 22.74 -20.83 -34.63
N GLY J 190 23.41 -21.42 -33.63
CA GLY J 190 22.75 -22.26 -32.66
C GLY J 190 22.66 -23.72 -33.02
N GLU J 191 23.15 -24.13 -34.18
CA GLU J 191 23.05 -25.52 -34.61
C GLU J 191 24.19 -26.39 -34.11
N MET J 192 25.16 -25.81 -33.40
CA MET J 192 26.18 -26.57 -32.70
C MET J 192 26.28 -26.04 -31.27
N LEU J 193 26.84 -26.86 -30.39
CA LEU J 193 27.04 -26.45 -29.02
C LEU J 193 28.25 -25.52 -28.93
N SER J 194 28.19 -24.57 -28.02
CA SER J 194 29.31 -23.66 -27.86
C SER J 194 30.43 -24.35 -27.09
N VAL J 195 31.52 -23.62 -26.85
CA VAL J 195 32.62 -24.20 -26.09
C VAL J 195 32.27 -24.35 -24.62
N ASP J 196 31.29 -23.58 -24.12
CA ASP J 196 30.93 -23.62 -22.71
C ASP J 196 29.79 -24.57 -22.40
N ASP J 197 28.97 -24.93 -23.40
CA ASP J 197 27.94 -25.93 -23.19
C ASP J 197 28.55 -27.31 -23.02
N VAL J 198 29.61 -27.60 -23.78
CA VAL J 198 30.33 -28.85 -23.62
C VAL J 198 31.12 -28.86 -22.32
N GLU J 199 31.64 -27.71 -21.91
CA GLU J 199 32.36 -27.61 -20.64
C GLU J 199 31.41 -27.75 -19.46
N GLU J 200 30.11 -27.54 -19.67
CA GLU J 200 29.08 -27.63 -18.65
C GLU J 200 28.41 -28.99 -18.59
N ILE J 201 28.04 -29.55 -19.75
CA ILE J 201 27.37 -30.86 -19.76
C ILE J 201 28.34 -31.96 -19.39
N LEU J 202 29.53 -31.96 -19.99
CA LEU J 202 30.53 -32.94 -19.63
C LEU J 202 31.22 -32.59 -18.32
N ALA J 203 31.42 -31.29 -18.06
CA ALA J 203 31.90 -30.80 -16.76
C ALA J 203 33.32 -31.28 -16.45
N ILE J 204 34.23 -31.06 -17.41
CA ILE J 204 35.67 -31.24 -17.20
C ILE J 204 36.42 -30.12 -17.89
N ARG J 205 37.75 -30.14 -17.77
CA ARG J 205 38.63 -29.10 -18.29
C ARG J 205 39.01 -29.37 -19.74
N LEU J 206 38.81 -28.36 -20.59
CA LEU J 206 39.12 -28.51 -22.02
C LEU J 206 40.62 -28.53 -22.26
N LEU J 207 41.08 -29.55 -23.00
CA LEU J 207 42.45 -29.52 -23.50
C LEU J 207 42.61 -28.54 -24.65
N GLY J 208 41.54 -28.28 -25.41
CA GLY J 208 41.62 -27.32 -26.49
C GLY J 208 40.48 -27.48 -27.46
N VAL J 209 40.39 -26.53 -28.37
CA VAL J 209 39.32 -26.48 -29.37
C VAL J 209 39.95 -26.31 -30.74
N ILE J 210 39.71 -27.26 -31.62
CA ILE J 210 40.37 -27.36 -32.92
C ILE J 210 39.35 -27.01 -34.00
N PRO J 211 39.56 -25.95 -34.77
CA PRO J 211 38.52 -25.49 -35.70
C PRO J 211 38.33 -26.46 -36.87
N GLU J 212 37.22 -26.27 -37.56
CA GLU J 212 37.02 -26.89 -38.87
C GLU J 212 38.03 -26.32 -39.86
N SER J 213 38.72 -27.21 -40.57
CA SER J 213 39.79 -26.77 -41.46
C SER J 213 39.87 -27.65 -42.69
N GLN J 214 40.08 -27.03 -43.84
CA GLN J 214 40.42 -27.81 -45.02
C GLN J 214 41.85 -28.30 -44.99
N ALA J 215 42.67 -27.77 -44.07
CA ALA J 215 44.05 -28.23 -43.95
C ALA J 215 44.14 -29.63 -43.39
N VAL J 216 43.10 -30.10 -42.70
CA VAL J 216 43.13 -31.43 -42.11
C VAL J 216 43.00 -32.49 -43.19
N LEU J 217 42.09 -32.29 -44.14
CA LEU J 217 41.98 -33.24 -45.25
C LEU J 217 43.15 -33.13 -46.21
N LYS J 218 43.75 -31.94 -46.35
CA LYS J 218 44.90 -31.82 -47.23
C LYS J 218 46.12 -32.50 -46.65
N ALA J 219 46.28 -32.45 -45.33
CA ALA J 219 47.47 -33.03 -44.71
C ALA J 219 47.44 -34.55 -44.76
N SER J 220 46.29 -35.16 -44.47
CA SER J 220 46.19 -36.61 -44.58
C SER J 220 46.23 -37.08 -46.02
N ASN J 221 45.96 -36.20 -46.98
CA ASN J 221 46.06 -36.55 -48.38
C ASN J 221 47.49 -36.54 -48.90
N GLN J 222 48.41 -35.92 -48.18
CA GLN J 222 49.82 -35.91 -48.56
C GLN J 222 50.70 -36.67 -47.59
N GLY J 223 50.12 -37.27 -46.54
CA GLY J 223 50.84 -38.15 -45.65
C GLY J 223 51.37 -37.53 -44.38
N VAL J 224 51.20 -36.22 -44.19
CA VAL J 224 51.79 -35.52 -43.04
C VAL J 224 50.75 -35.28 -41.96
N PRO J 225 51.10 -35.40 -40.68
CA PRO J 225 50.21 -34.90 -39.64
C PRO J 225 50.04 -33.40 -39.76
N VAL J 226 48.92 -32.90 -39.24
CA VAL J 226 48.56 -31.49 -39.42
C VAL J 226 49.23 -30.57 -38.41
N ILE J 227 49.85 -31.11 -37.37
CA ILE J 227 50.65 -30.29 -36.47
C ILE J 227 51.99 -29.93 -37.10
N LEU J 228 52.40 -30.65 -38.15
CA LEU J 228 53.54 -30.28 -38.96
C LEU J 228 53.16 -29.31 -40.07
N ASP J 229 51.94 -28.78 -40.03
CA ASP J 229 51.49 -27.71 -40.93
C ASP J 229 51.15 -26.52 -40.04
N GLU J 230 52.13 -25.65 -39.79
CA GLU J 230 51.98 -24.56 -38.84
C GLU J 230 51.40 -23.30 -39.46
N GLN J 231 51.25 -23.24 -40.79
CA GLN J 231 50.65 -22.07 -41.41
C GLN J 231 49.14 -22.00 -41.19
N SER J 232 48.49 -23.15 -40.99
CA SER J 232 47.04 -23.20 -40.92
C SER J 232 46.55 -22.82 -39.53
N ASP J 233 45.23 -22.79 -39.38
CA ASP J 233 44.61 -22.49 -38.09
C ASP J 233 44.55 -23.73 -37.21
N ALA J 234 44.29 -24.89 -37.79
CA ALA J 234 44.19 -26.11 -37.00
C ALA J 234 45.54 -26.55 -36.47
N GLY J 235 46.60 -26.41 -37.28
CA GLY J 235 47.93 -26.77 -36.84
C GLY J 235 48.38 -25.97 -35.63
N GLN J 236 48.03 -24.68 -35.60
CA GLN J 236 48.24 -23.90 -34.38
C GLN J 236 47.45 -24.51 -33.23
N ALA J 237 46.15 -24.75 -33.44
CA ALA J 237 45.28 -25.24 -32.38
C ALA J 237 45.66 -26.63 -31.90
N TYR J 238 46.31 -27.44 -32.75
CA TYR J 238 46.82 -28.72 -32.29
C TYR J 238 48.11 -28.58 -31.50
N SER J 239 48.93 -27.57 -31.82
CA SER J 239 50.20 -27.40 -31.16
C SER J 239 50.08 -26.67 -29.82
N ASP J 240 48.91 -26.14 -29.51
CA ASP J 240 48.65 -25.58 -28.20
C ASP J 240 48.07 -26.61 -27.25
N ALA J 241 47.30 -27.56 -27.78
CA ALA J 241 46.74 -28.61 -26.95
C ALA J 241 47.82 -29.53 -26.39
N VAL J 242 48.96 -29.64 -27.08
CA VAL J 242 50.04 -30.46 -26.56
C VAL J 242 50.80 -29.72 -25.47
N ASP J 243 50.90 -28.39 -25.57
CA ASP J 243 51.46 -27.63 -24.47
C ASP J 243 50.53 -27.67 -23.26
N ARG J 244 49.21 -27.65 -23.49
CA ARG J 244 48.26 -27.78 -22.39
C ARG J 244 48.30 -29.16 -21.78
N LEU J 245 48.80 -30.16 -22.51
CA LEU J 245 49.05 -31.47 -21.93
C LEU J 245 50.21 -31.42 -20.96
N LEU J 246 51.19 -30.55 -21.20
CA LEU J 246 52.38 -30.43 -20.38
C LEU J 246 52.27 -29.30 -19.35
N GLY J 247 51.05 -28.96 -18.91
CA GLY J 247 50.81 -28.01 -17.85
C GLY J 247 50.75 -26.54 -18.27
N LYS J 248 51.38 -26.17 -19.38
CA LYS J 248 51.48 -24.77 -19.79
C LYS J 248 50.13 -24.25 -20.26
N GLU J 249 49.47 -23.45 -19.43
CA GLU J 249 48.13 -22.97 -19.76
C GLU J 249 48.18 -21.85 -20.80
N ILE J 250 47.34 -21.98 -21.83
CA ILE J 250 47.29 -21.07 -22.96
C ILE J 250 45.83 -20.64 -23.17
N PRO J 251 45.54 -19.36 -23.43
CA PRO J 251 44.16 -18.95 -23.73
C PRO J 251 43.72 -19.44 -25.10
N HIS J 252 42.50 -19.98 -25.16
CA HIS J 252 42.02 -20.62 -26.39
C HIS J 252 41.80 -19.58 -27.49
N ARG J 253 42.12 -19.94 -28.73
CA ARG J 253 41.99 -19.05 -29.88
C ARG J 253 41.04 -19.63 -30.92
N PHE J 254 40.85 -18.87 -32.00
CA PHE J 254 40.11 -19.27 -33.20
C PHE J 254 38.62 -19.47 -32.97
N LEU J 255 38.07 -18.97 -31.87
CA LEU J 255 36.65 -19.14 -31.57
C LEU J 255 35.80 -17.96 -32.07
N ALA K 2 10.30 -58.53 -44.41
CA ALA K 2 10.57 -59.53 -45.43
C ALA K 2 11.93 -59.33 -46.07
N LYS K 3 12.38 -58.07 -46.15
CA LYS K 3 13.67 -57.72 -46.73
C LYS K 3 14.48 -56.99 -45.67
N ILE K 4 15.43 -57.68 -45.05
CA ILE K 4 16.35 -57.09 -44.08
C ILE K 4 17.54 -56.52 -44.82
N LEU K 5 17.69 -55.19 -44.83
CA LEU K 5 18.87 -54.56 -45.37
C LEU K 5 19.58 -53.78 -44.28
N VAL K 6 20.89 -53.96 -44.18
CA VAL K 6 21.70 -53.32 -43.15
C VAL K 6 22.41 -52.12 -43.76
N VAL K 7 22.39 -51.00 -43.04
CA VAL K 7 23.20 -49.84 -43.38
C VAL K 7 24.51 -49.98 -42.61
N THR K 8 25.62 -50.16 -43.32
CA THR K 8 26.91 -50.38 -42.69
C THR K 8 27.95 -49.48 -43.34
N SER K 9 29.14 -49.45 -42.75
CA SER K 9 30.24 -48.70 -43.35
C SER K 9 31.61 -49.26 -43.04
N GLY K 10 31.87 -49.52 -41.76
CA GLY K 10 33.22 -49.81 -41.29
C GLY K 10 33.86 -48.58 -40.68
N LYS K 11 34.06 -47.55 -41.50
CA LYS K 11 34.60 -46.28 -41.03
C LYS K 11 33.51 -45.52 -40.27
N GLY K 12 33.81 -45.13 -39.03
CA GLY K 12 32.82 -44.48 -38.20
C GLY K 12 32.58 -43.04 -38.61
N GLY K 13 31.35 -42.59 -38.39
CA GLY K 13 31.00 -41.20 -38.57
C GLY K 13 30.68 -40.80 -39.99
N VAL K 14 30.58 -41.75 -40.92
CA VAL K 14 30.34 -41.41 -42.32
C VAL K 14 28.91 -40.96 -42.53
N GLY K 15 28.00 -41.43 -41.69
CA GLY K 15 26.61 -41.03 -41.75
C GLY K 15 25.70 -42.22 -41.72
N LYS K 16 26.02 -43.27 -40.96
CA LYS K 16 25.17 -44.47 -41.04
C LYS K 16 23.82 -44.20 -40.43
N THR K 17 23.80 -43.63 -39.21
CA THR K 17 22.53 -43.32 -38.56
C THR K 17 21.73 -42.32 -39.37
N THR K 18 22.40 -41.33 -39.93
CA THR K 18 21.72 -40.37 -40.81
C THR K 18 21.09 -41.06 -41.99
N THR K 19 21.83 -41.96 -42.63
CA THR K 19 21.28 -42.70 -43.76
C THR K 19 20.21 -43.69 -43.31
N SER K 20 20.41 -44.32 -42.15
CA SER K 20 19.44 -45.29 -41.69
C SER K 20 18.09 -44.65 -41.44
N ALA K 21 18.07 -43.53 -40.70
CA ALA K 21 16.80 -42.84 -40.47
C ALA K 21 16.21 -42.28 -41.75
N ALA K 22 17.04 -41.87 -42.69
CA ALA K 22 16.52 -41.28 -43.93
C ALA K 22 15.92 -42.36 -44.82
N ILE K 23 16.62 -43.47 -45.01
CA ILE K 23 16.11 -44.51 -45.89
C ILE K 23 14.97 -45.27 -45.23
N GLY K 24 14.97 -45.36 -43.90
CA GLY K 24 13.87 -45.99 -43.22
C GLY K 24 12.59 -45.16 -43.29
N THR K 25 12.73 -43.83 -43.31
CA THR K 25 11.57 -42.97 -43.48
C THR K 25 11.15 -42.88 -44.93
N GLY K 26 12.12 -42.86 -45.84
CA GLY K 26 11.79 -42.82 -47.26
C GLY K 26 10.95 -44.00 -47.70
N LEU K 27 11.17 -45.18 -47.10
CA LEU K 27 10.37 -46.35 -47.44
C LEU K 27 9.03 -46.38 -46.73
N ALA K 28 8.85 -45.61 -45.66
CA ALA K 28 7.53 -45.50 -45.05
C ALA K 28 6.66 -44.47 -45.78
N LEU K 29 7.27 -43.40 -46.28
CA LEU K 29 6.53 -42.47 -47.15
C LEU K 29 6.02 -43.16 -48.40
N ARG K 30 6.78 -44.13 -48.92
CA ARG K 30 6.31 -44.87 -50.09
C ARG K 30 5.14 -45.78 -49.76
N GLY K 31 5.05 -46.25 -48.52
CA GLY K 31 3.89 -47.04 -48.11
C GLY K 31 4.23 -48.37 -47.46
N PHE K 32 5.49 -48.77 -47.54
CA PHE K 32 5.91 -50.04 -46.97
C PHE K 32 5.96 -49.95 -45.44
N LYS K 33 5.39 -50.95 -44.78
CA LYS K 33 5.41 -51.00 -43.31
C LYS K 33 6.82 -51.35 -42.84
N THR K 34 7.53 -50.36 -42.29
CA THR K 34 8.96 -50.43 -42.04
C THR K 34 9.27 -50.44 -40.54
N VAL K 35 10.39 -51.04 -40.17
CA VAL K 35 10.98 -50.86 -38.85
C VAL K 35 12.46 -50.55 -39.01
N ILE K 36 12.99 -49.71 -38.11
CA ILE K 36 14.40 -49.41 -38.04
C ILE K 36 14.91 -49.90 -36.70
N VAL K 37 15.97 -50.70 -36.71
CA VAL K 37 16.55 -51.25 -35.49
C VAL K 37 17.91 -50.58 -35.26
N ASP K 38 18.02 -49.81 -34.19
CA ASP K 38 19.30 -49.31 -33.72
C ASP K 38 20.09 -50.47 -33.13
N PHE K 39 21.16 -50.89 -33.81
CA PHE K 39 21.99 -52.00 -33.35
C PHE K 39 23.17 -51.56 -32.51
N ASP K 40 23.35 -50.26 -32.30
CA ASP K 40 24.45 -49.71 -31.50
C ASP K 40 24.01 -49.72 -30.03
N VAL K 41 24.10 -50.90 -29.45
CA VAL K 41 23.64 -51.12 -28.08
C VAL K 41 24.64 -50.53 -27.11
N GLY K 42 24.15 -49.72 -26.17
CA GLY K 42 25.00 -49.09 -25.18
C GLY K 42 25.53 -47.74 -25.59
N LEU K 43 25.45 -47.39 -26.87
CA LEU K 43 25.91 -46.11 -27.37
C LEU K 43 24.88 -45.58 -28.37
N ARG K 44 23.62 -45.57 -27.95
CA ARG K 44 22.50 -45.36 -28.86
C ARG K 44 22.48 -43.95 -29.42
N ASN K 45 22.07 -43.84 -30.69
CA ASN K 45 21.99 -42.57 -31.40
C ASN K 45 20.77 -42.45 -32.29
N LEU K 46 20.08 -43.54 -32.64
CA LEU K 46 19.03 -43.47 -33.65
C LEU K 46 17.78 -42.79 -33.14
N ASP K 47 17.35 -43.12 -31.92
CA ASP K 47 16.15 -42.49 -31.37
C ASP K 47 16.32 -40.99 -31.23
N LEU K 48 17.56 -40.51 -31.13
CA LEU K 48 17.79 -39.08 -30.97
C LEU K 48 17.46 -38.32 -32.25
N ILE K 49 17.82 -38.88 -33.41
CA ILE K 49 17.54 -38.23 -34.69
C ILE K 49 16.27 -38.73 -35.35
N MET K 50 15.65 -39.79 -34.82
CA MET K 50 14.29 -40.17 -35.20
C MET K 50 13.24 -39.36 -34.46
N GLY K 51 13.67 -38.56 -33.47
CA GLY K 51 12.76 -37.79 -32.64
C GLY K 51 11.92 -38.62 -31.69
N CYS K 52 12.37 -39.81 -31.33
CA CYS K 52 11.60 -40.75 -30.54
C CYS K 52 12.17 -40.93 -29.14
N GLU K 53 13.04 -40.03 -28.69
CA GLU K 53 13.83 -40.28 -27.49
C GLU K 53 13.02 -40.14 -26.21
N ARG K 54 11.94 -39.37 -26.23
CA ARG K 54 11.10 -39.22 -25.06
C ARG K 54 10.06 -40.32 -24.93
N ARG K 55 9.80 -41.06 -25.99
CA ARG K 55 8.82 -42.14 -25.94
C ARG K 55 9.43 -43.51 -25.67
N VAL K 56 10.76 -43.63 -25.56
CA VAL K 56 11.37 -44.94 -25.36
C VAL K 56 11.11 -45.38 -23.93
N VAL K 57 10.50 -46.56 -23.77
CA VAL K 57 10.39 -47.23 -22.50
C VAL K 57 11.17 -48.54 -22.49
N TYR K 58 10.92 -49.40 -23.47
CA TYR K 58 11.66 -50.65 -23.66
C TYR K 58 12.43 -50.57 -24.97
N ASP K 59 13.54 -51.30 -25.02
CA ASP K 59 14.50 -51.15 -26.10
C ASP K 59 14.85 -52.51 -26.69
N PHE K 60 15.94 -52.54 -27.47
CA PHE K 60 16.35 -53.74 -28.17
C PHE K 60 16.81 -54.82 -27.20
N VAL K 61 17.56 -54.44 -26.16
CA VAL K 61 18.12 -55.44 -25.25
C VAL K 61 17.08 -55.96 -24.26
N ASN K 62 15.97 -55.24 -24.08
CA ASN K 62 14.88 -55.81 -23.29
C ASN K 62 14.18 -56.93 -24.07
N VAL K 63 13.94 -56.73 -25.36
CA VAL K 63 13.28 -57.77 -26.15
C VAL K 63 14.14 -59.03 -26.22
N VAL K 64 15.46 -58.86 -26.30
CA VAL K 64 16.36 -60.00 -26.36
C VAL K 64 16.30 -60.81 -25.06
N ASN K 65 16.46 -60.13 -23.92
CA ASN K 65 16.41 -60.80 -22.63
C ASN K 65 15.01 -61.20 -22.21
N GLY K 66 13.98 -60.75 -22.93
CA GLY K 66 12.62 -61.12 -22.60
C GLY K 66 11.98 -60.28 -21.52
N GLU K 67 12.55 -59.12 -21.21
CA GLU K 67 11.96 -58.20 -20.25
C GLU K 67 10.79 -57.41 -20.82
N ALA K 68 10.51 -57.56 -22.12
CA ALA K 68 9.36 -56.96 -22.75
C ALA K 68 9.08 -57.71 -24.05
N THR K 69 7.91 -57.46 -24.62
CA THR K 69 7.55 -58.07 -25.88
C THR K 69 7.94 -57.17 -27.04
N LEU K 70 7.81 -57.68 -28.26
CA LEU K 70 8.17 -56.84 -29.41
C LEU K 70 7.14 -55.75 -29.68
N THR K 71 5.88 -55.95 -29.28
CA THR K 71 4.91 -54.87 -29.41
C THR K 71 5.04 -53.84 -28.29
N GLN K 72 5.53 -54.25 -27.12
CA GLN K 72 5.73 -53.32 -26.03
C GLN K 72 6.91 -52.39 -26.27
N ALA K 73 7.87 -52.79 -27.12
CA ALA K 73 9.09 -52.03 -27.32
C ALA K 73 9.06 -51.17 -28.58
N LEU K 74 8.29 -51.56 -29.60
CA LEU K 74 8.27 -50.81 -30.84
C LEU K 74 7.59 -49.47 -30.66
N ILE K 75 8.18 -48.42 -31.23
CA ILE K 75 7.65 -47.07 -31.14
C ILE K 75 7.10 -46.67 -32.49
N LYS K 76 5.77 -46.66 -32.60
CA LYS K 76 5.12 -46.05 -33.75
C LYS K 76 5.48 -44.56 -33.82
N ASP K 77 5.76 -44.07 -35.02
CA ASP K 77 5.97 -42.64 -35.20
C ASP K 77 4.65 -41.89 -35.05
N LYS K 78 4.77 -40.56 -34.90
CA LYS K 78 3.60 -39.70 -34.84
C LYS K 78 3.24 -39.12 -36.20
N ARG K 79 4.24 -38.87 -37.05
CA ARG K 79 4.02 -38.32 -38.38
C ARG K 79 3.78 -39.41 -39.43
N LEU K 80 4.29 -40.62 -39.21
CA LEU K 80 4.12 -41.73 -40.14
C LEU K 80 3.49 -42.91 -39.40
N GLU K 81 2.62 -43.65 -40.09
CA GLU K 81 2.03 -44.85 -39.52
C GLU K 81 2.72 -46.15 -39.94
N ASN K 82 3.51 -46.13 -41.01
CA ASN K 82 4.24 -47.32 -41.43
C ASN K 82 5.60 -47.45 -40.76
N LEU K 83 6.02 -46.46 -39.98
CA LEU K 83 7.38 -46.41 -39.46
C LEU K 83 7.39 -46.71 -37.98
N HIS K 84 8.16 -47.72 -37.59
CA HIS K 84 8.37 -48.05 -36.19
C HIS K 84 9.86 -48.12 -35.90
N VAL K 85 10.22 -47.88 -34.65
CA VAL K 85 11.62 -47.83 -34.24
C VAL K 85 11.82 -48.73 -33.04
N LEU K 86 12.76 -49.66 -33.14
CA LEU K 86 13.20 -50.47 -32.01
C LEU K 86 14.54 -49.90 -31.54
N ALA K 87 14.48 -49.00 -30.55
CA ALA K 87 15.68 -48.32 -30.09
C ALA K 87 16.54 -49.25 -29.24
N ALA K 88 17.76 -48.79 -28.93
CA ALA K 88 18.73 -49.57 -28.16
C ALA K 88 18.90 -48.95 -26.77
N SER K 89 19.76 -49.59 -25.96
CA SER K 89 19.97 -49.18 -24.58
C SER K 89 21.18 -48.25 -24.46
N GLN K 90 21.39 -47.76 -23.23
CA GLN K 90 22.61 -47.08 -22.83
C GLN K 90 23.32 -47.80 -21.69
N THR K 91 22.61 -48.67 -20.95
CA THR K 91 23.20 -49.33 -19.79
C THR K 91 24.09 -50.50 -20.20
N ARG K 92 23.51 -51.45 -20.92
CA ARG K 92 24.22 -52.66 -21.33
C ARG K 92 24.86 -52.45 -22.69
N ASP K 93 26.11 -52.91 -22.83
CA ASP K 93 26.86 -52.72 -24.07
C ASP K 93 26.62 -53.88 -25.03
N LYS K 94 27.41 -53.96 -26.09
CA LYS K 94 27.10 -54.80 -27.24
C LYS K 94 27.41 -56.27 -27.02
N ASP K 95 27.86 -56.68 -25.84
CA ASP K 95 28.04 -58.10 -25.58
C ASP K 95 26.74 -58.78 -25.14
N ALA K 96 25.73 -58.00 -24.73
CA ALA K 96 24.44 -58.52 -24.29
C ALA K 96 23.51 -58.88 -25.44
N LEU K 97 24.04 -58.99 -26.66
CA LEU K 97 23.28 -59.42 -27.83
C LEU K 97 23.84 -60.77 -28.29
N THR K 98 23.06 -61.82 -28.12
CA THR K 98 23.46 -63.13 -28.61
C THR K 98 23.14 -63.23 -30.10
N LYS K 99 23.84 -64.13 -30.79
CA LYS K 99 23.40 -64.46 -32.14
C LYS K 99 22.05 -65.15 -32.11
N GLU K 100 21.78 -65.93 -31.06
CA GLU K 100 20.51 -66.64 -30.95
C GLU K 100 19.39 -65.71 -30.52
N GLY K 101 19.69 -64.77 -29.61
CA GLY K 101 18.66 -63.87 -29.15
C GLY K 101 18.22 -62.88 -30.22
N VAL K 102 19.19 -62.38 -31.00
CA VAL K 102 18.85 -61.50 -32.13
C VAL K 102 18.24 -62.30 -33.27
N GLU K 103 18.48 -63.62 -33.33
CA GLU K 103 17.84 -64.43 -34.36
C GLU K 103 16.33 -64.50 -34.13
N LYS K 104 15.89 -64.58 -32.87
CA LYS K 104 14.47 -64.66 -32.58
C LYS K 104 13.76 -63.36 -32.91
N VAL K 105 14.40 -62.22 -32.60
CA VAL K 105 13.78 -60.92 -32.86
C VAL K 105 13.67 -60.66 -34.36
N MET K 106 14.68 -61.08 -35.12
CA MET K 106 14.60 -60.92 -36.57
C MET K 106 13.53 -61.81 -37.17
N ALA K 107 13.26 -62.95 -36.52
CA ALA K 107 12.25 -63.87 -37.03
C ALA K 107 10.86 -63.26 -36.92
N GLU K 108 10.47 -62.79 -35.73
CA GLU K 108 9.14 -62.26 -35.56
C GLU K 108 9.00 -60.82 -36.05
N LEU K 109 10.11 -60.15 -36.37
CA LEU K 109 10.02 -58.88 -37.10
C LEU K 109 9.71 -59.11 -38.57
N ARG K 110 10.19 -60.22 -39.13
CA ARG K 110 9.97 -60.52 -40.54
C ARG K 110 8.53 -60.91 -40.82
N LYS K 111 7.78 -61.34 -39.81
CA LYS K 111 6.37 -61.69 -40.02
C LYS K 111 5.50 -60.46 -40.20
N ASP K 112 5.81 -59.37 -39.48
CA ASP K 112 4.94 -58.20 -39.48
C ASP K 112 5.36 -57.12 -40.47
N PHE K 113 6.64 -57.02 -40.81
CA PHE K 113 7.13 -55.86 -41.53
C PHE K 113 7.61 -56.23 -42.93
N GLU K 114 7.63 -55.21 -43.79
CA GLU K 114 8.06 -55.32 -45.18
C GLU K 114 9.55 -55.04 -45.33
N TYR K 115 10.02 -53.96 -44.73
CA TYR K 115 11.42 -53.57 -44.75
C TYR K 115 11.94 -53.44 -43.33
N ILE K 116 13.10 -54.04 -43.07
CA ILE K 116 13.82 -53.88 -41.81
C ILE K 116 15.15 -53.20 -42.10
N ILE K 117 15.34 -52.01 -41.53
CA ILE K 117 16.58 -51.27 -41.71
C ILE K 117 17.43 -51.44 -40.47
N CYS K 118 18.69 -51.83 -40.64
CA CYS K 118 19.57 -52.17 -39.53
C CYS K 118 20.69 -51.15 -39.44
N ASP K 119 20.57 -50.21 -38.50
CA ASP K 119 21.58 -49.19 -38.29
C ASP K 119 22.78 -49.85 -37.61
N SER K 120 23.80 -50.19 -38.41
CA SER K 120 24.98 -50.88 -37.90
C SER K 120 25.87 -49.92 -37.12
N PRO K 121 26.50 -50.38 -36.02
CA PRO K 121 27.56 -49.58 -35.39
C PRO K 121 28.82 -49.60 -36.22
N ALA K 122 29.84 -48.83 -35.81
CA ALA K 122 31.07 -48.75 -36.58
C ALA K 122 31.98 -49.92 -36.23
N GLY K 123 32.85 -50.27 -37.19
CA GLY K 123 33.89 -51.26 -36.97
C GLY K 123 33.58 -52.61 -37.58
N ILE K 124 34.44 -53.57 -37.25
CA ILE K 124 34.33 -54.93 -37.78
C ILE K 124 34.20 -55.91 -36.61
N GLU K 125 33.59 -55.46 -35.53
CA GLU K 125 33.51 -56.26 -34.31
C GLU K 125 32.14 -56.90 -34.16
N LYS K 126 31.82 -57.35 -32.94
CA LYS K 126 30.65 -58.20 -32.72
C LYS K 126 29.33 -57.44 -32.88
N GLY K 127 29.29 -56.16 -32.51
CA GLY K 127 28.08 -55.40 -32.74
C GLY K 127 27.83 -55.11 -34.21
N ALA K 128 28.90 -54.94 -35.00
CA ALA K 128 28.77 -54.77 -36.43
C ALA K 128 28.57 -56.09 -37.16
N HIS K 129 28.84 -57.22 -36.50
CA HIS K 129 28.64 -58.51 -37.12
C HIS K 129 27.21 -58.99 -37.02
N LEU K 130 26.52 -58.70 -35.91
CA LEU K 130 25.15 -59.17 -35.76
C LEU K 130 24.20 -58.41 -36.65
N ALA K 131 24.49 -57.15 -36.96
CA ALA K 131 23.67 -56.43 -37.92
C ALA K 131 23.91 -56.97 -39.33
N MET K 132 25.16 -57.26 -39.64
CA MET K 132 25.53 -57.85 -40.93
C MET K 132 24.85 -59.21 -41.15
N TYR K 133 24.69 -59.99 -40.08
CA TYR K 133 24.51 -61.44 -40.23
C TYR K 133 23.22 -61.79 -40.96
N PHE K 134 22.06 -61.41 -40.40
CA PHE K 134 20.80 -61.84 -40.97
C PHE K 134 20.31 -60.95 -42.10
N ALA K 135 21.20 -60.16 -42.70
CA ALA K 135 20.80 -59.19 -43.69
C ALA K 135 20.63 -59.84 -45.05
N ASP K 136 19.74 -59.26 -45.85
CA ASP K 136 19.49 -59.67 -47.22
C ASP K 136 20.10 -58.73 -48.23
N GLU K 137 20.11 -57.44 -47.92
CA GLU K 137 20.86 -56.43 -48.65
C GLU K 137 21.71 -55.62 -47.68
N ALA K 138 22.60 -54.80 -48.22
CA ALA K 138 23.49 -54.01 -47.37
C ALA K 138 23.84 -52.75 -48.12
N ILE K 139 23.57 -51.60 -47.50
CA ILE K 139 24.03 -50.32 -48.02
C ILE K 139 25.33 -49.96 -47.30
N VAL K 140 26.39 -49.77 -48.08
CA VAL K 140 27.69 -49.38 -47.55
C VAL K 140 27.84 -47.87 -47.71
N VAL K 141 28.13 -47.18 -46.62
CA VAL K 141 28.18 -45.72 -46.60
C VAL K 141 29.64 -45.29 -46.68
N THR K 142 29.94 -44.30 -47.51
CA THR K 142 31.32 -43.99 -47.87
C THR K 142 31.49 -42.49 -47.93
N ASN K 143 32.50 -42.00 -47.32
CA ASN K 143 32.81 -40.62 -47.61
C ASN K 143 33.77 -40.56 -48.79
N PRO K 144 33.67 -39.56 -49.65
CA PRO K 144 34.65 -39.47 -50.74
C PRO K 144 36.03 -39.07 -50.26
N GLU K 145 36.71 -39.98 -49.58
CA GLU K 145 38.06 -39.74 -49.08
C GLU K 145 38.81 -41.06 -49.08
N VAL K 146 40.14 -40.98 -49.09
CA VAL K 146 40.94 -42.18 -49.29
C VAL K 146 40.73 -43.17 -48.14
N SER K 147 40.60 -42.66 -46.91
CA SER K 147 40.45 -43.55 -45.77
C SER K 147 39.10 -44.25 -45.79
N SER K 148 38.03 -43.49 -46.04
CA SER K 148 36.69 -44.06 -46.00
C SER K 148 36.40 -45.00 -47.16
N VAL K 149 37.17 -44.94 -48.25
CA VAL K 149 37.03 -45.92 -49.30
C VAL K 149 37.78 -47.21 -48.94
N ARG K 150 38.97 -47.10 -48.31
CA ARG K 150 39.69 -48.30 -47.90
C ARG K 150 38.88 -49.12 -46.91
N ASP K 151 38.21 -48.46 -45.96
CA ASP K 151 37.50 -49.17 -44.92
C ASP K 151 36.09 -49.56 -45.32
N SER K 152 35.58 -49.00 -46.41
CA SER K 152 34.36 -49.50 -47.02
C SER K 152 34.66 -50.62 -48.00
N ASP K 153 35.93 -50.79 -48.35
CA ASP K 153 36.39 -51.91 -49.16
C ASP K 153 36.58 -53.15 -48.31
N ARG K 154 37.12 -52.98 -47.09
CA ARG K 154 37.15 -54.08 -46.14
C ARG K 154 35.75 -54.57 -45.83
N MET K 155 34.75 -53.68 -45.88
CA MET K 155 33.40 -54.07 -45.48
C MET K 155 32.73 -54.96 -46.53
N LEU K 156 32.93 -54.66 -47.82
CA LEU K 156 32.32 -55.47 -48.88
C LEU K 156 32.88 -56.89 -48.90
N GLY K 157 34.10 -57.08 -48.41
CA GLY K 157 34.62 -58.42 -48.29
C GLY K 157 34.12 -59.18 -47.09
N LEU K 158 33.47 -58.50 -46.16
CA LEU K 158 32.83 -59.14 -45.01
C LEU K 158 31.33 -59.38 -45.25
N LEU K 159 30.73 -58.69 -46.22
CA LEU K 159 29.37 -58.99 -46.67
C LEU K 159 29.36 -60.00 -47.80
N ALA K 160 30.42 -60.79 -47.92
CA ALA K 160 30.48 -61.85 -48.91
C ALA K 160 30.99 -63.16 -48.32
N SER K 161 31.47 -63.15 -47.10
CA SER K 161 32.06 -64.31 -46.45
C SER K 161 31.51 -64.54 -45.05
N LYS K 162 31.25 -63.49 -44.30
CA LYS K 162 30.88 -63.61 -42.89
C LYS K 162 29.38 -63.53 -42.68
N SER K 163 28.59 -63.61 -43.74
CA SER K 163 27.15 -63.39 -43.65
C SER K 163 26.46 -64.66 -43.13
N GLN K 164 25.13 -64.69 -43.19
CA GLN K 164 24.40 -65.93 -43.01
C GLN K 164 24.11 -66.61 -44.35
N ARG K 165 23.93 -65.83 -45.41
CA ARG K 165 23.78 -66.37 -46.75
C ARG K 165 25.12 -66.76 -47.38
N ALA K 166 26.22 -66.65 -46.64
CA ALA K 166 27.51 -67.13 -47.09
C ALA K 166 27.92 -68.41 -46.39
N GLU K 167 27.50 -68.61 -45.15
CA GLU K 167 27.74 -69.85 -44.44
C GLU K 167 26.66 -70.89 -44.70
N LYS K 168 25.50 -70.49 -45.21
CA LYS K 168 24.45 -71.42 -45.60
C LYS K 168 24.29 -71.53 -47.11
N GLY K 169 25.07 -70.76 -47.88
CA GLY K 169 25.18 -70.99 -49.31
C GLY K 169 24.04 -70.50 -50.16
N GLU K 170 23.21 -69.59 -49.65
CA GLU K 170 22.18 -68.98 -50.49
C GLU K 170 22.82 -67.93 -51.37
N GLU K 171 21.99 -67.17 -52.10
CA GLU K 171 22.50 -66.07 -52.90
C GLU K 171 23.07 -64.99 -51.97
N PRO K 172 24.22 -64.42 -52.31
CA PRO K 172 24.90 -63.50 -51.39
C PRO K 172 24.13 -62.19 -51.21
N ILE K 173 24.60 -61.40 -50.24
CA ILE K 173 23.95 -60.13 -49.92
C ILE K 173 24.09 -59.17 -51.10
N LYS K 174 22.97 -58.59 -51.53
CA LYS K 174 23.01 -57.55 -52.56
C LYS K 174 23.54 -56.25 -51.94
N GLU K 175 24.70 -55.81 -52.39
CA GLU K 175 25.39 -54.65 -51.84
C GLU K 175 25.11 -53.40 -52.67
N HIS K 176 25.04 -52.25 -51.99
CA HIS K 176 24.81 -50.95 -52.61
C HIS K 176 25.77 -49.93 -52.03
N LEU K 177 26.27 -49.05 -52.88
CA LEU K 177 27.19 -48.00 -52.46
C LEU K 177 26.45 -46.67 -52.36
N LEU K 178 26.79 -45.87 -51.36
CA LEU K 178 26.16 -44.58 -51.14
C LEU K 178 27.22 -43.59 -50.64
N LEU K 179 27.56 -42.60 -51.46
CA LEU K 179 28.46 -41.54 -51.00
C LEU K 179 27.68 -40.50 -50.20
N THR K 180 28.08 -40.30 -48.96
CA THR K 180 27.49 -39.27 -48.13
C THR K 180 28.49 -38.12 -47.97
N ARG K 181 27.97 -36.99 -47.51
CA ARG K 181 28.69 -35.73 -47.32
C ARG K 181 29.75 -35.53 -48.40
N TYR K 182 29.29 -35.67 -49.64
CA TYR K 182 30.08 -35.42 -50.84
C TYR K 182 30.14 -33.92 -51.08
N ASN K 183 31.34 -33.37 -51.16
CA ASN K 183 31.51 -31.94 -51.39
C ASN K 183 31.92 -31.71 -52.83
N PRO K 184 31.03 -31.24 -53.71
CA PRO K 184 31.38 -31.16 -55.13
C PRO K 184 32.50 -30.17 -55.42
N GLU K 185 32.65 -29.17 -54.58
CA GLU K 185 33.67 -28.15 -54.78
C GLU K 185 35.06 -28.65 -54.41
N ARG K 186 35.17 -29.55 -53.43
CA ARG K 186 36.47 -30.09 -53.02
C ARG K 186 36.95 -31.24 -53.90
N VAL K 187 36.09 -31.82 -54.74
CA VAL K 187 36.59 -32.85 -55.64
C VAL K 187 37.25 -32.24 -56.87
N THR K 188 36.99 -30.96 -57.17
CA THR K 188 37.66 -30.30 -58.27
C THR K 188 39.02 -29.75 -57.84
N LYS K 189 39.17 -29.39 -56.57
CA LYS K 189 40.49 -29.07 -56.04
C LYS K 189 41.36 -30.30 -55.86
N GLY K 190 40.77 -31.50 -55.96
CA GLY K 190 41.51 -32.75 -55.94
C GLY K 190 41.70 -33.36 -54.57
N GLU K 191 41.23 -32.72 -53.51
CA GLU K 191 41.43 -33.22 -52.15
C GLU K 191 40.38 -34.22 -51.70
N MET K 192 39.40 -34.52 -52.55
CA MET K 192 38.47 -35.62 -52.33
C MET K 192 38.40 -36.44 -53.60
N LEU K 193 37.94 -37.69 -53.47
CA LEU K 193 37.76 -38.52 -54.64
C LEU K 193 36.48 -38.14 -55.36
N SER K 194 36.49 -38.27 -56.68
CA SER K 194 35.30 -37.92 -57.46
C SER K 194 34.26 -39.03 -57.36
N VAL K 195 33.15 -38.86 -58.06
CA VAL K 195 32.11 -39.87 -58.05
C VAL K 195 32.55 -41.10 -58.84
N ASP K 196 33.51 -40.96 -59.75
CA ASP K 196 33.95 -42.08 -60.58
C ASP K 196 35.17 -42.79 -60.01
N ASP K 197 35.95 -42.14 -59.15
CA ASP K 197 37.04 -42.83 -58.47
C ASP K 197 36.52 -43.85 -57.48
N VAL K 198 35.44 -43.50 -56.77
CA VAL K 198 34.82 -44.45 -55.86
C VAL K 198 34.11 -45.54 -56.63
N GLU K 199 33.53 -45.21 -57.78
CA GLU K 199 32.88 -46.21 -58.61
C GLU K 199 33.88 -47.15 -59.28
N GLU K 200 35.15 -46.76 -59.35
CA GLU K 200 36.21 -47.55 -59.95
C GLU K 200 36.97 -48.39 -58.93
N ILE K 201 37.34 -47.80 -57.79
CA ILE K 201 38.10 -48.52 -56.77
C ILE K 201 37.21 -49.55 -56.07
N LEU K 202 36.00 -49.13 -55.68
CA LEU K 202 35.08 -50.07 -55.04
C LEU K 202 34.40 -50.97 -56.06
N ALA K 203 34.12 -50.44 -57.25
CA ALA K 203 33.66 -51.23 -58.39
C ALA K 203 32.28 -51.87 -58.14
N ILE K 204 31.33 -51.05 -57.71
CA ILE K 204 29.91 -51.42 -57.67
C ILE K 204 29.08 -50.22 -58.11
N ARG K 205 27.77 -50.42 -58.16
CA ARG K 205 26.82 -49.43 -58.65
C ARG K 205 26.41 -48.49 -57.52
N LEU K 206 26.52 -47.18 -57.77
CA LEU K 206 26.17 -46.19 -56.76
C LEU K 206 24.67 -46.11 -56.54
N LEU K 207 24.25 -46.21 -55.28
CA LEU K 207 22.86 -45.91 -54.93
C LEU K 207 22.59 -44.42 -54.96
N GLY K 208 23.60 -43.59 -54.76
CA GLY K 208 23.42 -42.16 -54.86
C GLY K 208 24.56 -41.42 -54.22
N VAL K 209 24.55 -40.11 -54.42
CA VAL K 209 25.59 -39.21 -53.90
C VAL K 209 24.89 -38.09 -53.17
N ILE K 210 25.16 -37.97 -51.87
CA ILE K 210 24.42 -37.07 -50.99
C ILE K 210 25.34 -35.91 -50.63
N PRO K 211 24.98 -34.68 -50.98
CA PRO K 211 25.92 -33.55 -50.82
C PRO K 211 26.15 -33.21 -49.36
N GLU K 212 27.22 -32.44 -49.14
CA GLU K 212 27.43 -31.75 -47.87
C GLU K 212 26.32 -30.72 -47.67
N SER K 213 25.70 -30.75 -46.50
CA SER K 213 24.56 -29.88 -46.24
C SER K 213 24.53 -29.46 -44.78
N GLN K 214 24.21 -28.18 -44.54
CA GLN K 214 23.88 -27.78 -43.19
C GLN K 214 22.50 -28.26 -42.78
N ALA K 215 21.70 -28.74 -43.73
CA ALA K 215 20.36 -29.24 -43.42
C ALA K 215 20.40 -30.55 -42.64
N VAL K 216 21.49 -31.31 -42.73
CA VAL K 216 21.57 -32.58 -42.02
C VAL K 216 21.76 -32.35 -40.52
N LEU K 217 22.64 -31.42 -40.15
CA LEU K 217 22.80 -31.12 -38.72
C LEU K 217 21.61 -30.32 -38.18
N LYS K 218 20.94 -29.53 -39.01
CA LYS K 218 19.77 -28.79 -38.54
C LYS K 218 18.61 -29.74 -38.29
N ALA K 219 18.47 -30.78 -39.11
CA ALA K 219 17.35 -31.69 -38.96
C ALA K 219 17.50 -32.57 -37.73
N SER K 220 18.70 -33.10 -37.48
CA SER K 220 18.91 -33.90 -36.29
C SER K 220 18.85 -33.06 -35.01
N ASN K 221 19.02 -31.74 -35.12
CA ASN K 221 18.91 -30.87 -33.97
C ASN K 221 17.46 -30.58 -33.60
N GLN K 222 16.52 -30.82 -34.52
CA GLN K 222 15.11 -30.62 -34.24
C GLN K 222 14.32 -31.91 -34.24
N GLY K 223 14.97 -33.06 -34.44
CA GLY K 223 14.35 -34.35 -34.27
C GLY K 223 13.81 -34.98 -35.55
N VAL K 224 13.94 -34.32 -36.68
CA VAL K 224 13.35 -34.77 -37.93
C VAL K 224 14.41 -35.45 -38.80
N PRO K 225 14.09 -36.54 -39.50
CA PRO K 225 14.97 -37.01 -40.56
C PRO K 225 15.07 -35.98 -41.68
N VAL K 226 16.17 -36.04 -42.44
CA VAL K 226 16.42 -35.03 -43.47
C VAL K 226 15.69 -35.32 -44.77
N ILE K 227 15.14 -36.52 -44.93
CA ILE K 227 14.28 -36.80 -46.08
C ILE K 227 12.90 -36.18 -45.92
N LEU K 228 12.52 -35.80 -44.69
CA LEU K 228 11.32 -35.02 -44.44
C LEU K 228 11.58 -33.52 -44.54
N ASP K 229 12.76 -33.13 -45.03
CA ASP K 229 13.08 -31.74 -45.35
C ASP K 229 13.38 -31.71 -46.85
N GLU K 230 12.33 -31.49 -47.65
CA GLU K 230 12.45 -31.60 -49.10
C GLU K 230 12.92 -30.31 -49.76
N GLN K 231 12.99 -29.20 -49.01
CA GLN K 231 13.47 -27.95 -49.60
C GLN K 231 14.98 -27.95 -49.82
N SER K 232 15.72 -28.76 -49.06
CA SER K 232 17.18 -28.73 -49.11
C SER K 232 17.70 -29.58 -50.28
N ASP K 233 19.02 -29.58 -50.44
CA ASP K 233 19.65 -30.38 -51.47
C ASP K 233 19.85 -31.83 -51.03
N ALA K 234 20.15 -32.04 -49.73
CA ALA K 234 20.36 -33.40 -49.25
C ALA K 234 19.05 -34.17 -49.18
N GLY K 235 17.97 -33.51 -48.76
CA GLY K 235 16.69 -34.20 -48.69
C GLY K 235 16.22 -34.69 -50.05
N GLN K 236 16.47 -33.92 -51.10
CA GLN K 236 16.22 -34.40 -52.44
C GLN K 236 17.06 -35.64 -52.72
N ALA K 237 18.38 -35.55 -52.51
CA ALA K 237 19.28 -36.63 -52.87
C ALA K 237 19.06 -37.87 -52.02
N TYR K 238 18.49 -37.75 -50.83
CA TYR K 238 18.14 -38.93 -50.06
C TYR K 238 16.89 -39.59 -50.61
N SER K 239 15.97 -38.81 -51.14
CA SER K 239 14.72 -39.36 -51.63
C SER K 239 14.84 -39.92 -53.04
N ASP K 240 15.97 -39.73 -53.70
CA ASP K 240 16.20 -40.39 -54.98
C ASP K 240 16.91 -41.71 -54.80
N ALA K 241 17.75 -41.83 -53.77
CA ALA K 241 18.40 -43.10 -53.47
C ALA K 241 17.38 -44.13 -53.01
N VAL K 242 16.25 -43.69 -52.45
CA VAL K 242 15.22 -44.62 -52.04
C VAL K 242 14.45 -45.12 -53.25
N ASP K 243 14.30 -44.29 -54.28
CA ASP K 243 13.73 -44.78 -55.52
C ASP K 243 14.70 -45.73 -56.23
N ARG K 244 16.01 -45.43 -56.15
CA ARG K 244 17.00 -46.33 -56.73
C ARG K 244 17.11 -47.65 -56.00
N LEU K 245 16.68 -47.69 -54.73
CA LEU K 245 16.55 -48.97 -54.05
C LEU K 245 15.41 -49.80 -54.61
N LEU K 246 14.37 -49.14 -55.12
CA LEU K 246 13.19 -49.81 -55.65
C LEU K 246 13.22 -49.93 -57.18
N GLY K 247 14.42 -50.01 -57.78
CA GLY K 247 14.58 -50.26 -59.20
C GLY K 247 14.52 -49.06 -60.11
N LYS K 248 13.85 -47.98 -59.68
CA LYS K 248 13.63 -46.80 -60.54
C LYS K 248 14.94 -46.05 -60.73
N GLU K 249 15.54 -46.18 -61.91
CA GLU K 249 16.83 -45.53 -62.17
C GLU K 249 16.64 -44.05 -62.42
N ILE K 250 17.43 -43.23 -61.72
CA ILE K 250 17.33 -41.77 -61.78
C ILE K 250 18.72 -41.19 -62.05
N PRO K 251 18.85 -40.19 -62.93
CA PRO K 251 20.17 -39.57 -63.15
C PRO K 251 20.61 -38.73 -61.94
N HIS K 252 21.88 -38.89 -61.55
CA HIS K 252 22.39 -38.26 -60.34
C HIS K 252 22.46 -36.75 -60.51
N ARG K 253 22.15 -36.01 -59.43
CA ARG K 253 22.16 -34.56 -59.42
C ARG K 253 23.15 -34.05 -58.38
N PHE K 254 23.28 -32.72 -58.31
CA PHE K 254 24.04 -31.98 -57.31
C PHE K 254 25.55 -32.20 -57.41
N LEU K 255 26.04 -32.73 -58.52
CA LEU K 255 27.47 -33.01 -58.68
C LEU K 255 28.19 -31.85 -59.36
N PRO L 37 3.38 -8.89 -84.59
CA PRO L 37 2.52 -9.91 -83.97
C PRO L 37 3.28 -10.85 -83.02
N THR L 38 4.41 -10.38 -82.48
CA THR L 38 5.10 -11.06 -81.38
C THR L 38 5.22 -10.07 -80.23
N LYS L 39 4.36 -10.22 -79.22
CA LYS L 39 4.30 -9.25 -78.13
C LYS L 39 5.52 -9.39 -77.22
N VAL L 40 6.23 -8.28 -77.01
CA VAL L 40 7.43 -8.26 -76.17
C VAL L 40 7.11 -7.54 -74.87
N VAL L 41 7.50 -8.14 -73.74
CA VAL L 41 7.33 -7.58 -72.42
C VAL L 41 8.72 -7.30 -71.85
N LYS L 42 9.10 -6.02 -71.76
CA LYS L 42 10.44 -5.66 -71.32
C LYS L 42 10.52 -5.26 -69.85
N THR L 43 9.41 -5.26 -69.13
CA THR L 43 9.42 -4.85 -67.73
C THR L 43 9.35 -6.09 -66.85
N PRO L 44 9.69 -5.98 -65.55
CA PRO L 44 9.47 -7.12 -64.65
C PRO L 44 7.99 -7.44 -64.52
N VAL L 45 7.66 -8.72 -64.68
CA VAL L 45 6.27 -9.18 -64.67
C VAL L 45 5.97 -9.59 -63.24
N ARG L 46 5.49 -8.64 -62.43
CA ARG L 46 5.42 -8.85 -61.01
C ARG L 46 4.30 -9.81 -60.64
N GLY L 47 4.33 -10.28 -59.39
CA GLY L 47 3.35 -11.25 -58.95
C GLY L 47 1.94 -10.69 -59.03
N GLY L 48 0.99 -11.55 -59.36
CA GLY L 48 -0.38 -11.14 -59.56
C GLY L 48 -0.69 -10.66 -60.96
N MET L 49 0.32 -10.22 -61.71
CA MET L 49 0.16 -9.81 -63.10
C MET L 49 -0.16 -11.00 -64.00
N GLN L 50 -0.87 -10.74 -65.08
CA GLN L 50 -1.08 -11.73 -66.13
C GLN L 50 -0.85 -11.07 -67.47
N ILE L 51 -0.07 -11.72 -68.33
CA ILE L 51 0.22 -11.24 -69.68
C ILE L 51 -0.39 -12.22 -70.66
N TYR L 52 -1.14 -11.71 -71.64
CA TYR L 52 -1.87 -12.57 -72.57
C TYR L 52 -1.56 -12.15 -74.01
N ALA L 53 -0.61 -12.85 -74.64
CA ALA L 53 -0.35 -12.69 -76.08
C ALA L 53 -1.45 -13.39 -76.85
N ALA L 54 -2.38 -12.61 -77.42
CA ALA L 54 -3.62 -13.15 -77.93
C ALA L 54 -3.47 -13.79 -79.31
N GLY L 55 -2.51 -13.33 -80.11
CA GLY L 55 -2.39 -13.83 -81.47
C GLY L 55 -1.35 -14.91 -81.66
N GLY L 56 -0.15 -14.68 -81.14
CA GLY L 56 0.95 -15.61 -81.32
C GLY L 56 1.93 -15.65 -80.17
N ASP L 57 3.22 -15.47 -80.48
CA ASP L 57 4.29 -15.62 -79.52
C ASP L 57 4.21 -14.58 -78.41
N LEU L 58 5.01 -14.80 -77.37
CA LEU L 58 5.20 -13.88 -76.28
C LEU L 58 6.65 -13.97 -75.83
N ILE L 59 7.36 -12.86 -75.88
CA ILE L 59 8.76 -12.79 -75.44
C ILE L 59 8.78 -11.95 -74.18
N VAL L 60 9.33 -12.51 -73.12
CA VAL L 60 9.46 -11.81 -71.83
C VAL L 60 10.94 -11.66 -71.54
N LEU L 61 11.44 -10.42 -71.56
CA LEU L 61 12.85 -10.16 -71.39
C LEU L 61 13.21 -9.76 -69.97
N ALA L 62 12.38 -10.12 -68.98
CA ALA L 62 12.64 -9.75 -67.60
C ALA L 62 12.29 -10.91 -66.69
N ALA L 63 12.38 -10.65 -65.39
CA ALA L 63 12.07 -11.67 -64.40
C ALA L 63 10.57 -11.71 -64.16
N VAL L 64 10.03 -12.92 -64.10
CA VAL L 64 8.60 -13.14 -63.86
C VAL L 64 8.44 -13.63 -62.43
N SER L 65 7.91 -12.77 -61.57
CA SER L 65 7.84 -13.02 -60.15
C SER L 65 6.82 -14.12 -59.84
N PRO L 66 7.00 -14.86 -58.74
CA PRO L 66 6.08 -15.97 -58.45
C PRO L 66 4.66 -15.46 -58.24
N GLY L 67 3.71 -16.16 -58.85
CA GLY L 67 2.33 -15.72 -58.90
C GLY L 67 1.89 -15.11 -60.21
N ALA L 68 2.81 -14.56 -60.99
CA ALA L 68 2.50 -14.10 -62.34
C ALA L 68 2.15 -15.27 -63.24
N GLU L 69 1.35 -15.00 -64.27
CA GLU L 69 1.04 -16.03 -65.25
C GLU L 69 1.12 -15.44 -66.65
N LEU L 70 1.81 -16.14 -67.53
CA LEU L 70 2.06 -15.73 -68.90
C LEU L 70 1.36 -16.76 -69.79
N LEU L 71 0.33 -16.36 -70.49
CA LEU L 71 -0.35 -17.32 -71.35
C LEU L 71 -0.50 -16.75 -72.76
N ALA L 72 -0.20 -17.58 -73.74
CA ALA L 72 -0.18 -17.20 -75.14
C ALA L 72 -0.50 -18.44 -75.96
N ASP L 73 -1.19 -18.23 -77.08
CA ASP L 73 -1.56 -19.36 -77.92
C ASP L 73 -0.47 -19.71 -78.93
N GLY L 74 0.66 -19.00 -78.90
CA GLY L 74 1.85 -19.41 -79.61
C GLY L 74 2.91 -19.89 -78.65
N ASN L 75 4.16 -19.53 -78.90
CA ASN L 75 5.24 -19.95 -78.02
C ASN L 75 5.40 -18.92 -76.91
N ILE L 76 6.23 -19.27 -75.93
CA ILE L 76 6.60 -18.38 -74.83
C ILE L 76 8.10 -18.45 -74.68
N HIS L 77 8.77 -17.31 -74.81
CA HIS L 77 10.20 -17.24 -74.61
C HIS L 77 10.45 -16.38 -73.38
N VAL L 78 11.08 -16.93 -72.37
CA VAL L 78 11.38 -16.18 -71.16
C VAL L 78 12.89 -16.11 -71.01
N TYR L 79 13.45 -14.93 -71.26
CA TYR L 79 14.90 -14.72 -71.19
C TYR L 79 15.32 -14.10 -69.86
N GLY L 80 14.55 -14.33 -68.81
CA GLY L 80 14.94 -13.95 -67.47
C GLY L 80 14.76 -15.13 -66.54
N PRO L 81 14.77 -14.88 -65.23
CA PRO L 81 14.45 -15.94 -64.26
C PRO L 81 12.94 -16.05 -64.09
N MET L 82 12.37 -17.13 -64.63
CA MET L 82 10.93 -17.31 -64.52
C MET L 82 10.57 -18.08 -63.26
N ARG L 83 9.67 -17.51 -62.46
CA ARG L 83 9.15 -18.17 -61.28
C ARG L 83 7.63 -18.26 -61.28
N GLY L 84 6.97 -17.93 -62.38
CA GLY L 84 5.52 -17.95 -62.47
C GLY L 84 4.98 -19.15 -63.23
N ARG L 85 3.80 -18.98 -63.85
CA ARG L 85 3.12 -20.04 -64.57
C ARG L 85 3.13 -19.71 -66.07
N ALA L 86 3.75 -20.58 -66.86
CA ALA L 86 3.76 -20.44 -68.32
C ALA L 86 2.70 -21.35 -68.93
N LEU L 87 1.80 -20.77 -69.73
CA LEU L 87 0.70 -21.52 -70.33
C LEU L 87 0.75 -21.28 -71.84
N ALA L 88 1.42 -22.17 -72.57
CA ALA L 88 1.63 -21.99 -74.00
C ALA L 88 0.57 -22.71 -74.82
N GLY L 89 0.27 -22.15 -75.99
CA GLY L 89 -0.70 -22.76 -76.89
C GLY L 89 -2.07 -22.92 -76.26
N VAL L 90 -2.55 -21.88 -75.56
CA VAL L 90 -3.72 -22.02 -74.71
C VAL L 90 -4.99 -22.34 -75.50
N LYS L 91 -5.09 -21.87 -76.73
CA LYS L 91 -6.28 -22.12 -77.54
C LYS L 91 -6.08 -23.31 -78.48
N GLY L 92 -5.69 -24.44 -77.90
CA GLY L 92 -5.63 -25.71 -78.60
C GLY L 92 -4.54 -25.79 -79.66
N ASP L 93 -3.29 -25.94 -79.22
CA ASP L 93 -2.17 -26.10 -80.15
C ASP L 93 -1.09 -26.94 -79.49
N ALA L 94 -0.96 -28.19 -79.89
CA ALA L 94 0.02 -29.09 -79.31
C ALA L 94 1.41 -28.93 -79.90
N THR L 95 1.66 -27.88 -80.68
CA THR L 95 2.97 -27.59 -81.25
C THR L 95 3.62 -26.34 -80.66
N ALA L 96 2.99 -25.70 -79.67
CA ALA L 96 3.59 -24.58 -78.98
C ALA L 96 4.79 -25.06 -78.15
N ARG L 97 5.59 -24.12 -77.68
CA ARG L 97 6.80 -24.45 -76.94
C ARG L 97 7.07 -23.37 -75.90
N ILE L 98 7.78 -23.76 -74.85
CA ILE L 98 8.22 -22.85 -73.80
C ILE L 98 9.73 -22.91 -73.74
N PHE L 99 10.38 -21.76 -73.72
CA PHE L 99 11.82 -21.69 -73.57
C PHE L 99 12.12 -20.78 -72.38
N CYS L 100 12.82 -21.32 -71.39
CA CYS L 100 13.23 -20.52 -70.23
C CYS L 100 14.73 -20.54 -70.14
N GLN L 101 15.33 -19.42 -69.73
CA GLN L 101 16.75 -19.44 -69.47
C GLN L 101 17.07 -20.07 -68.13
N GLN L 102 16.16 -19.94 -67.16
CA GLN L 102 16.31 -20.52 -65.84
C GLN L 102 14.96 -21.14 -65.47
N LEU L 103 14.88 -22.47 -65.47
CA LEU L 103 13.62 -23.14 -65.14
C LEU L 103 13.39 -23.10 -63.65
N ALA L 104 12.48 -22.22 -63.22
CA ALA L 104 12.00 -22.20 -61.84
C ALA L 104 10.49 -21.99 -61.81
N ALA L 105 9.79 -22.46 -62.84
CA ALA L 105 8.37 -22.20 -62.98
C ALA L 105 7.58 -22.89 -61.88
N GLU L 106 6.42 -22.31 -61.55
CA GLU L 106 5.44 -22.96 -60.69
C GLU L 106 4.59 -23.95 -61.46
N LEU L 107 4.41 -23.72 -62.76
CA LEU L 107 3.62 -24.58 -63.63
C LEU L 107 3.98 -24.27 -65.07
N VAL L 108 4.15 -25.31 -65.88
CA VAL L 108 4.27 -25.15 -67.32
C VAL L 108 3.21 -26.03 -67.98
N SER L 109 2.58 -25.52 -69.02
CA SER L 109 1.46 -26.23 -69.63
C SER L 109 1.34 -25.86 -71.08
N ILE L 110 1.36 -26.85 -71.95
CA ILE L 110 1.17 -26.67 -73.39
C ILE L 110 -0.16 -27.31 -73.77
N ALA L 111 -1.09 -26.48 -74.23
CA ALA L 111 -2.38 -26.91 -74.77
C ALA L 111 -3.23 -27.68 -73.75
N GLY L 112 -2.89 -27.62 -72.46
CA GLY L 112 -3.69 -28.23 -71.42
C GLY L 112 -2.93 -29.22 -70.55
N ASN L 113 -1.90 -29.85 -71.11
CA ASN L 113 -1.10 -30.81 -70.35
C ASN L 113 -0.10 -30.04 -69.50
N TYR L 114 -0.32 -30.03 -68.18
CA TYR L 114 0.52 -29.22 -67.32
C TYR L 114 1.58 -30.07 -66.64
N LYS L 115 2.36 -29.41 -65.78
CA LYS L 115 3.45 -30.04 -65.05
C LYS L 115 3.80 -29.06 -63.93
N VAL L 116 3.40 -29.36 -62.71
CA VAL L 116 3.55 -28.40 -61.62
C VAL L 116 4.99 -28.35 -61.14
N ALA L 117 5.30 -27.38 -60.26
CA ALA L 117 6.67 -27.20 -59.81
C ALA L 117 7.15 -28.32 -58.91
N GLU L 118 6.24 -29.17 -58.43
CA GLU L 118 6.64 -30.17 -57.45
C GLU L 118 7.47 -31.26 -58.12
N ASP L 119 7.01 -31.77 -59.28
CA ASP L 119 7.73 -32.79 -60.03
C ASP L 119 8.72 -32.22 -61.03
N LEU L 120 8.76 -30.90 -61.22
CA LEU L 120 9.82 -30.30 -62.03
C LEU L 120 11.11 -30.18 -61.25
N ARG L 121 11.03 -29.97 -59.94
CA ARG L 121 12.22 -29.95 -59.12
C ARG L 121 12.89 -31.30 -59.06
N ARG L 122 12.10 -32.38 -59.18
CA ARG L 122 12.66 -33.72 -59.07
C ARG L 122 13.58 -34.07 -60.25
N SER L 123 13.28 -33.59 -61.44
CA SER L 123 14.14 -33.88 -62.58
C SER L 123 15.37 -32.99 -62.54
N PRO L 124 16.41 -33.29 -63.34
CA PRO L 124 17.48 -32.31 -63.52
C PRO L 124 16.96 -31.14 -64.35
N GLN L 125 17.85 -30.26 -64.80
CA GLN L 125 17.48 -29.05 -65.52
C GLN L 125 16.56 -28.15 -64.70
N TRP L 126 16.57 -28.30 -63.38
CA TRP L 126 15.89 -27.33 -62.54
C TRP L 126 16.85 -26.16 -62.31
N GLY L 127 16.41 -24.96 -62.66
CA GLY L 127 17.28 -23.80 -62.71
C GLY L 127 18.19 -23.72 -63.92
N LYS L 128 17.95 -24.55 -64.93
CA LYS L 128 18.76 -24.63 -66.13
C LYS L 128 17.97 -24.13 -67.33
N ALA L 129 18.69 -23.82 -68.42
CA ALA L 129 18.04 -23.40 -69.64
C ALA L 129 17.28 -24.58 -70.24
N VAL L 130 15.98 -24.43 -70.40
CA VAL L 130 15.09 -25.54 -70.66
C VAL L 130 14.25 -25.23 -71.89
N HIS L 131 13.67 -26.28 -72.46
CA HIS L 131 12.87 -26.16 -73.68
C HIS L 131 11.74 -27.18 -73.59
N VAL L 132 10.53 -26.71 -73.33
CA VAL L 132 9.37 -27.57 -73.05
C VAL L 132 8.56 -27.73 -74.32
N SER L 133 8.16 -28.97 -74.61
CA SER L 133 7.45 -29.29 -75.84
C SER L 133 6.50 -30.45 -75.55
N LEU L 134 5.41 -30.51 -76.32
CA LEU L 134 4.40 -31.54 -76.13
C LEU L 134 4.53 -32.60 -77.21
N SER L 135 4.96 -33.80 -76.81
CA SER L 135 5.08 -34.94 -77.72
C SER L 135 3.86 -35.82 -77.53
N GLY L 136 2.86 -35.62 -78.38
CA GLY L 136 1.65 -36.43 -78.34
C GLY L 136 0.76 -36.11 -77.16
N ASP L 137 1.14 -36.57 -75.97
CA ASP L 137 0.35 -36.33 -74.78
C ASP L 137 1.17 -36.09 -73.51
N VAL L 138 2.49 -36.16 -73.58
CA VAL L 138 3.33 -35.90 -72.41
C VAL L 138 4.24 -34.72 -72.70
N LEU L 139 4.59 -33.99 -71.64
CA LEU L 139 5.53 -32.88 -71.74
C LEU L 139 6.97 -33.38 -71.70
N ASN L 140 7.84 -32.73 -72.47
CA ASN L 140 9.26 -33.04 -72.49
C ASN L 140 10.04 -31.86 -71.92
N ILE L 141 11.20 -32.17 -71.34
CA ILE L 141 12.02 -31.18 -70.65
C ILE L 141 13.45 -31.39 -71.16
N THR L 142 13.85 -30.57 -72.12
CA THR L 142 15.17 -30.68 -72.75
C THR L 142 16.11 -29.67 -72.12
N ARG L 143 17.39 -29.81 -72.41
CA ARG L 143 18.35 -28.86 -71.87
C ARG L 143 19.07 -28.14 -73.01
N ALA M 2 -18.11 -30.33 -40.39
CA ALA M 2 -19.31 -30.13 -39.60
C ALA M 2 -19.25 -28.83 -38.80
N LYS M 3 -18.03 -28.43 -38.43
CA LYS M 3 -17.79 -27.23 -37.62
C LYS M 3 -16.88 -26.28 -38.38
N ILE M 4 -17.44 -25.20 -38.90
CA ILE M 4 -16.68 -24.14 -39.55
C ILE M 4 -16.22 -23.15 -38.47
N LEU M 5 -14.91 -23.09 -38.22
CA LEU M 5 -14.36 -22.08 -37.33
C LEU M 5 -13.37 -21.22 -38.09
N VAL M 6 -13.51 -19.90 -37.94
CA VAL M 6 -12.69 -18.92 -38.64
C VAL M 6 -11.63 -18.37 -37.72
N VAL M 7 -10.40 -18.27 -38.22
CA VAL M 7 -9.33 -17.55 -37.54
C VAL M 7 -9.37 -16.12 -38.05
N THR M 8 -9.68 -15.17 -37.17
CA THR M 8 -9.77 -13.78 -37.54
C THR M 8 -9.03 -12.91 -36.54
N SER M 9 -8.91 -11.62 -36.86
CA SER M 9 -8.28 -10.68 -35.95
C SER M 9 -8.75 -9.24 -36.10
N GLY M 10 -8.73 -8.73 -37.34
CA GLY M 10 -8.91 -7.31 -37.58
C GLY M 10 -7.58 -6.61 -37.82
N LYS M 11 -6.71 -6.64 -36.81
CA LYS M 11 -5.37 -6.09 -36.95
C LYS M 11 -4.53 -7.07 -37.76
N GLY M 12 -3.92 -6.57 -38.85
CA GLY M 12 -3.12 -7.43 -39.70
C GLY M 12 -1.78 -7.79 -39.06
N GLY M 13 -1.28 -8.96 -39.41
CA GLY M 13 0.05 -9.37 -39.00
C GLY M 13 0.14 -9.97 -37.61
N VAL M 14 -0.99 -10.21 -36.95
CA VAL M 14 -0.95 -10.74 -35.59
C VAL M 14 -0.54 -12.20 -35.60
N GLY M 15 -0.81 -12.89 -36.69
CA GLY M 15 -0.42 -14.28 -36.86
C GLY M 15 -1.59 -15.13 -37.30
N LYS M 16 -2.48 -14.63 -38.16
CA LYS M 16 -3.67 -15.45 -38.45
C LYS M 16 -3.28 -16.69 -39.24
N THR M 17 -2.49 -16.51 -40.30
CA THR M 17 -2.07 -17.66 -41.12
C THR M 17 -1.25 -18.63 -40.29
N THR M 18 -0.35 -18.12 -39.46
CA THR M 18 0.44 -19.01 -38.61
C THR M 18 -0.45 -19.83 -37.70
N THR M 19 -1.46 -19.19 -37.10
CA THR M 19 -2.41 -19.91 -36.25
C THR M 19 -3.30 -20.83 -37.05
N SER M 20 -3.72 -20.38 -38.24
CA SER M 20 -4.59 -21.21 -39.07
C SER M 20 -3.88 -22.49 -39.47
N ALA M 21 -2.64 -22.39 -39.93
CA ALA M 21 -1.87 -23.59 -40.27
C ALA M 21 -1.57 -24.43 -39.03
N ALA M 22 -1.36 -23.79 -37.88
CA ALA M 22 -1.04 -24.55 -36.68
C ALA M 22 -2.25 -25.28 -36.16
N ILE M 23 -3.39 -24.59 -36.07
CA ILE M 23 -4.59 -25.25 -35.55
C ILE M 23 -5.16 -26.20 -36.58
N GLY M 24 -4.96 -25.92 -37.87
CA GLY M 24 -5.45 -26.84 -38.88
C GLY M 24 -4.69 -28.16 -38.88
N THR M 25 -3.42 -28.12 -38.53
CA THR M 25 -2.64 -29.35 -38.43
C THR M 25 -2.89 -30.04 -37.09
N GLY M 26 -3.02 -29.27 -36.01
CA GLY M 26 -3.27 -29.86 -34.72
C GLY M 26 -4.55 -30.67 -34.66
N LEU M 27 -5.59 -30.25 -35.40
CA LEU M 27 -6.82 -31.01 -35.40
C LEU M 27 -6.79 -32.20 -36.35
N ALA M 28 -5.84 -32.23 -37.30
CA ALA M 28 -5.66 -33.41 -38.13
C ALA M 28 -4.81 -34.47 -37.43
N LEU M 29 -3.84 -34.06 -36.62
CA LEU M 29 -3.13 -35.02 -35.77
C LEU M 29 -4.06 -35.71 -34.79
N ARG M 30 -5.07 -35.00 -34.30
CA ARG M 30 -6.02 -35.63 -33.38
C ARG M 30 -6.89 -36.66 -34.11
N GLY M 31 -7.12 -36.49 -35.41
CA GLY M 31 -7.83 -37.51 -36.16
C GLY M 31 -8.99 -37.01 -36.99
N PHE M 32 -9.39 -35.76 -36.78
CA PHE M 32 -10.51 -35.19 -37.50
C PHE M 32 -10.13 -34.88 -38.95
N LYS M 33 -10.97 -35.27 -39.89
CA LYS M 33 -10.75 -34.96 -41.30
C LYS M 33 -10.99 -33.48 -41.52
N THR M 34 -9.91 -32.72 -41.72
CA THR M 34 -9.92 -31.27 -41.70
C THR M 34 -9.59 -30.70 -43.07
N VAL M 35 -10.10 -29.50 -43.35
CA VAL M 35 -9.64 -28.69 -44.47
C VAL M 35 -9.40 -27.27 -43.99
N ILE M 36 -8.41 -26.62 -44.58
CA ILE M 36 -8.12 -25.22 -44.32
C ILE M 36 -8.34 -24.45 -45.61
N VAL M 37 -9.16 -23.40 -45.54
CA VAL M 37 -9.48 -22.59 -46.70
C VAL M 37 -8.79 -21.24 -46.55
N ASP M 38 -7.80 -20.99 -47.41
CA ASP M 38 -7.18 -19.67 -47.54
C ASP M 38 -8.19 -18.72 -48.19
N PHE M 39 -8.68 -17.75 -47.42
CA PHE M 39 -9.66 -16.80 -47.91
C PHE M 39 -9.04 -15.51 -48.42
N ASP M 40 -7.71 -15.37 -48.34
CA ASP M 40 -7.02 -14.18 -48.83
C ASP M 40 -6.76 -14.32 -50.33
N VAL M 41 -7.81 -14.06 -51.09
CA VAL M 41 -7.78 -14.23 -52.53
C VAL M 41 -7.01 -13.08 -53.15
N GLY M 42 -6.05 -13.41 -54.01
CA GLY M 42 -5.22 -12.41 -54.67
C GLY M 42 -3.98 -12.02 -53.92
N LEU M 43 -3.91 -12.37 -52.64
CA LEU M 43 -2.76 -12.07 -51.79
C LEU M 43 -2.43 -13.31 -50.98
N ARG M 44 -2.31 -14.45 -51.66
CA ARG M 44 -2.29 -15.75 -51.00
C ARG M 44 -1.05 -15.91 -50.14
N ASN M 45 -1.23 -16.57 -49.00
CA ASN M 45 -0.13 -16.78 -48.07
C ASN M 45 -0.12 -18.16 -47.41
N LEU M 46 -1.23 -18.89 -47.39
CA LEU M 46 -1.32 -20.09 -46.56
C LEU M 46 -0.55 -21.27 -47.14
N ASP M 47 -0.68 -21.51 -48.44
CA ASP M 47 0.04 -22.62 -49.06
C ASP M 47 1.55 -22.46 -48.95
N LEU M 48 2.04 -21.24 -48.75
CA LEU M 48 3.47 -21.03 -48.64
C LEU M 48 4.02 -21.63 -47.35
N ILE M 49 3.29 -21.47 -46.25
CA ILE M 49 3.73 -22.00 -44.95
C ILE M 49 3.13 -23.36 -44.63
N MET M 50 2.17 -23.84 -45.43
CA MET M 50 1.75 -25.23 -45.38
C MET M 50 2.69 -26.14 -46.17
N GLY M 51 3.64 -25.57 -46.91
CA GLY M 51 4.52 -26.35 -47.77
C GLY M 51 3.85 -26.95 -48.98
N CYS M 52 2.73 -26.38 -49.41
CA CYS M 52 1.89 -26.96 -50.46
C CYS M 52 1.93 -26.14 -51.73
N GLU M 53 2.90 -25.22 -51.85
CA GLU M 53 2.85 -24.22 -52.91
C GLU M 53 3.24 -24.77 -54.27
N ARG M 54 4.03 -25.83 -54.32
CA ARG M 54 4.42 -26.41 -55.58
C ARG M 54 3.39 -27.38 -56.14
N ARG M 55 2.47 -27.85 -55.32
CA ARG M 55 1.45 -28.80 -55.78
C ARG M 55 0.17 -28.13 -56.23
N VAL M 56 0.06 -26.81 -56.09
CA VAL M 56 -1.18 -26.12 -56.43
C VAL M 56 -1.36 -26.08 -57.95
N VAL M 57 -2.51 -26.58 -58.41
CA VAL M 57 -2.92 -26.44 -59.80
C VAL M 57 -4.15 -25.54 -59.90
N TYR M 58 -5.19 -25.86 -59.14
CA TYR M 58 -6.42 -25.08 -59.07
C TYR M 58 -6.56 -24.54 -57.65
N ASP M 59 -7.27 -23.44 -57.53
CA ASP M 59 -7.32 -22.71 -56.27
C ASP M 59 -8.73 -22.39 -55.81
N PHE M 60 -8.87 -21.48 -54.84
CA PHE M 60 -10.18 -21.21 -54.25
C PHE M 60 -11.13 -20.59 -55.27
N VAL M 61 -10.64 -19.65 -56.08
CA VAL M 61 -11.51 -18.92 -56.99
C VAL M 61 -11.90 -19.75 -58.21
N ASN M 62 -11.18 -20.85 -58.48
CA ASN M 62 -11.63 -21.75 -59.53
C ASN M 62 -12.88 -22.51 -59.11
N VAL M 63 -12.92 -23.00 -57.88
CA VAL M 63 -14.07 -23.75 -57.41
C VAL M 63 -15.31 -22.87 -57.39
N VAL M 64 -15.15 -21.59 -57.03
CA VAL M 64 -16.28 -20.67 -57.03
C VAL M 64 -16.79 -20.45 -58.45
N ASN M 65 -15.89 -20.12 -59.38
CA ASN M 65 -16.28 -19.87 -60.77
C ASN M 65 -16.61 -21.16 -61.54
N GLY M 66 -16.31 -22.32 -60.97
CA GLY M 66 -16.65 -23.58 -61.62
C GLY M 66 -15.67 -24.05 -62.66
N GLU M 67 -14.44 -23.50 -62.69
CA GLU M 67 -13.42 -23.96 -63.61
C GLU M 67 -12.78 -25.27 -63.16
N ALA M 68 -13.12 -25.76 -61.96
CA ALA M 68 -12.66 -27.05 -61.48
C ALA M 68 -13.60 -27.49 -60.37
N THR M 69 -13.48 -28.76 -60.00
CA THR M 69 -14.29 -29.32 -58.94
C THR M 69 -13.55 -29.22 -57.61
N LEU M 70 -14.26 -29.55 -56.53
CA LEU M 70 -13.65 -29.47 -55.21
C LEU M 70 -12.64 -30.58 -54.98
N THR M 71 -12.77 -31.72 -55.66
CA THR M 71 -11.76 -32.77 -55.55
C THR M 71 -10.52 -32.45 -56.40
N GLN M 72 -10.71 -31.68 -57.48
CA GLN M 72 -9.57 -31.27 -58.30
C GLN M 72 -8.73 -30.18 -57.64
N ALA M 73 -9.30 -29.41 -56.72
CA ALA M 73 -8.61 -28.28 -56.13
C ALA M 73 -8.01 -28.58 -54.77
N LEU M 74 -8.56 -29.54 -54.03
CA LEU M 74 -8.04 -29.86 -52.72
C LEU M 74 -6.69 -30.52 -52.84
N ILE M 75 -5.77 -30.14 -51.95
CA ILE M 75 -4.43 -30.70 -51.92
C ILE M 75 -4.34 -31.55 -50.66
N LYS M 76 -4.38 -32.87 -50.82
CA LYS M 76 -4.04 -33.77 -49.72
C LYS M 76 -2.60 -33.52 -49.29
N ASP M 77 -2.37 -33.50 -47.99
CA ASP M 77 -1.00 -33.39 -47.50
C ASP M 77 -0.20 -34.67 -47.74
N LYS M 78 1.11 -34.53 -47.57
CA LYS M 78 2.02 -35.66 -47.66
C LYS M 78 2.32 -36.26 -46.28
N ARG M 79 2.37 -35.43 -45.25
CA ARG M 79 2.64 -35.88 -43.90
C ARG M 79 1.39 -36.29 -43.13
N LEU M 80 0.23 -35.72 -43.48
CA LEU M 80 -1.04 -36.03 -42.83
C LEU M 80 -2.05 -36.49 -43.86
N GLU M 81 -2.89 -37.45 -43.48
CA GLU M 81 -3.95 -37.90 -44.36
C GLU M 81 -5.29 -37.26 -44.05
N ASN M 82 -5.44 -36.65 -42.89
CA ASN M 82 -6.66 -35.95 -42.53
C ASN M 82 -6.67 -34.48 -42.95
N LEU M 83 -5.56 -33.96 -43.47
CA LEU M 83 -5.40 -32.53 -43.69
C LEU M 83 -5.42 -32.22 -45.18
N HIS M 84 -6.31 -31.32 -45.58
CA HIS M 84 -6.38 -30.82 -46.95
C HIS M 84 -6.36 -29.30 -46.95
N VAL M 85 -5.87 -28.72 -48.04
CA VAL M 85 -5.72 -27.28 -48.17
C VAL M 85 -6.36 -26.84 -49.48
N LEU M 86 -7.29 -25.88 -49.40
CA LEU M 86 -7.82 -25.23 -50.59
C LEU M 86 -7.17 -23.85 -50.69
N ALA M 87 -6.07 -23.76 -51.44
CA ALA M 87 -5.31 -22.52 -51.50
C ALA M 87 -6.05 -21.49 -52.36
N ALA M 88 -5.54 -20.26 -52.34
CA ALA M 88 -6.17 -19.15 -53.05
C ALA M 88 -5.31 -18.74 -54.25
N SER M 89 -5.80 -17.74 -54.98
CA SER M 89 -5.15 -17.27 -56.19
C SER M 89 -4.23 -16.09 -55.89
N GLN M 90 -3.52 -15.66 -56.92
CA GLN M 90 -2.78 -14.40 -56.89
C GLN M 90 -3.27 -13.42 -57.94
N THR M 91 -3.96 -13.89 -58.98
CA THR M 91 -4.36 -13.02 -60.07
C THR M 91 -5.60 -12.19 -59.73
N ARG M 92 -6.69 -12.86 -59.37
CA ARG M 92 -7.95 -12.18 -59.11
C ARG M 92 -8.03 -11.82 -57.64
N ASP M 93 -8.50 -10.60 -57.36
CA ASP M 93 -8.55 -10.08 -56.00
C ASP M 93 -9.89 -10.43 -55.34
N LYS M 94 -10.17 -9.81 -54.19
CA LYS M 94 -11.22 -10.31 -53.31
C LYS M 94 -12.63 -9.91 -53.73
N ASP M 95 -12.81 -9.23 -54.85
CA ASP M 95 -14.15 -9.00 -55.33
C ASP M 95 -14.69 -10.17 -56.15
N ALA M 96 -13.81 -11.09 -56.58
CA ALA M 96 -14.19 -12.27 -57.36
C ALA M 96 -14.74 -13.40 -56.50
N LEU M 97 -15.08 -13.14 -55.24
CA LEU M 97 -15.74 -14.10 -54.36
C LEU M 97 -17.13 -13.56 -54.05
N THR M 98 -18.15 -14.21 -54.57
CA THR M 98 -19.50 -13.81 -54.22
C THR M 98 -19.88 -14.41 -52.88
N LYS M 99 -20.87 -13.80 -52.22
CA LYS M 99 -21.45 -14.46 -51.06
C LYS M 99 -22.15 -15.75 -51.45
N GLU M 100 -22.74 -15.79 -52.64
CA GLU M 100 -23.44 -16.98 -53.10
C GLU M 100 -22.47 -18.06 -53.57
N GLY M 101 -21.37 -17.67 -54.21
CA GLY M 101 -20.42 -18.65 -54.70
C GLY M 101 -19.66 -19.33 -53.58
N VAL M 102 -19.31 -18.57 -52.54
CA VAL M 102 -18.65 -19.17 -51.38
C VAL M 102 -19.63 -20.00 -50.56
N GLU M 103 -20.93 -19.74 -50.67
CA GLU M 103 -21.91 -20.56 -49.97
C GLU M 103 -21.93 -21.99 -50.53
N LYS M 104 -21.78 -22.14 -51.85
CA LYS M 104 -21.79 -23.48 -52.44
C LYS M 104 -20.59 -24.29 -52.01
N VAL M 105 -19.42 -23.64 -51.93
CA VAL M 105 -18.22 -24.35 -51.52
C VAL M 105 -18.29 -24.75 -50.04
N MET M 106 -18.91 -23.90 -49.21
CA MET M 106 -19.06 -24.24 -47.80
C MET M 106 -20.04 -25.39 -47.61
N ALA M 107 -21.02 -25.51 -48.51
CA ALA M 107 -22.00 -26.58 -48.38
C ALA M 107 -21.37 -27.94 -48.60
N GLU M 108 -20.67 -28.13 -49.72
CA GLU M 108 -20.10 -29.43 -50.02
C GLU M 108 -18.79 -29.69 -49.28
N LEU M 109 -18.19 -28.67 -48.65
CA LEU M 109 -17.12 -28.93 -47.71
C LEU M 109 -17.65 -29.44 -46.39
N ARG M 110 -18.85 -28.98 -46.00
CA ARG M 110 -19.44 -29.41 -44.75
C ARG M 110 -19.94 -30.85 -44.82
N LYS M 111 -20.19 -31.39 -46.02
CA LYS M 111 -20.62 -32.78 -46.14
C LYS M 111 -19.48 -33.76 -45.91
N ASP M 112 -18.27 -33.42 -46.37
CA ASP M 112 -17.15 -34.36 -46.35
C ASP M 112 -16.24 -34.22 -45.15
N PHE M 113 -16.13 -33.02 -44.56
CA PHE M 113 -15.10 -32.76 -43.57
C PHE M 113 -15.69 -32.56 -42.18
N GLU M 114 -14.82 -32.74 -41.19
CA GLU M 114 -15.16 -32.59 -39.78
C GLU M 114 -14.91 -31.16 -39.30
N TYR M 115 -13.73 -30.62 -39.60
CA TYR M 115 -13.35 -29.27 -39.21
C TYR M 115 -12.96 -28.48 -40.45
N ILE M 116 -13.50 -27.28 -40.59
CA ILE M 116 -13.14 -26.33 -41.64
C ILE M 116 -12.52 -25.12 -40.99
N ILE M 117 -11.24 -24.87 -41.26
CA ILE M 117 -10.53 -23.73 -40.70
C ILE M 117 -10.45 -22.67 -41.77
N CYS M 118 -10.88 -21.45 -41.45
CA CYS M 118 -10.96 -20.37 -42.44
C CYS M 118 -9.98 -19.26 -42.11
N ASP M 119 -8.83 -19.24 -42.79
CA ASP M 119 -7.80 -18.22 -42.58
C ASP M 119 -8.31 -16.91 -43.19
N SER M 120 -8.84 -16.04 -42.33
CA SER M 120 -9.40 -14.77 -42.78
C SER M 120 -8.28 -13.80 -43.17
N PRO M 121 -8.50 -12.95 -44.20
CA PRO M 121 -7.55 -11.86 -44.45
C PRO M 121 -7.70 -10.75 -43.42
N ALA M 122 -6.85 -9.72 -43.48
CA ALA M 122 -6.90 -8.67 -42.48
C ALA M 122 -7.98 -7.65 -42.82
N GLY M 123 -8.48 -6.96 -41.78
CA GLY M 123 -9.39 -5.84 -41.95
C GLY M 123 -10.83 -6.18 -41.67
N ILE M 124 -11.71 -5.23 -41.99
CA ILE M 124 -13.14 -5.38 -41.77
C ILE M 124 -13.89 -5.25 -43.08
N GLU M 125 -13.26 -5.65 -44.18
CA GLU M 125 -13.83 -5.47 -45.50
C GLU M 125 -14.43 -6.78 -46.03
N LYS M 126 -14.67 -6.83 -47.34
CA LYS M 126 -15.48 -7.89 -47.93
C LYS M 126 -14.77 -9.24 -47.91
N GLY M 127 -13.45 -9.26 -48.05
CA GLY M 127 -12.75 -10.53 -47.95
C GLY M 127 -12.75 -11.08 -46.54
N ALA M 128 -12.69 -10.19 -45.54
CA ALA M 128 -12.78 -10.60 -44.15
C ALA M 128 -14.21 -10.89 -43.71
N HIS M 129 -15.19 -10.46 -44.49
CA HIS M 129 -16.59 -10.70 -44.15
C HIS M 129 -17.03 -12.08 -44.61
N LEU M 130 -16.53 -12.56 -45.75
CA LEU M 130 -16.96 -13.87 -46.23
C LEU M 130 -16.36 -15.00 -45.42
N ALA M 131 -15.18 -14.80 -44.84
CA ALA M 131 -14.64 -15.79 -43.92
C ALA M 131 -15.42 -15.80 -42.62
N MET M 132 -15.80 -14.62 -42.14
CA MET M 132 -16.63 -14.50 -40.94
C MET M 132 -17.99 -15.16 -41.11
N TYR M 133 -18.57 -15.09 -42.31
CA TYR M 133 -20.02 -15.21 -42.48
C TYR M 133 -20.56 -16.58 -42.09
N PHE M 134 -20.08 -17.63 -42.74
CA PHE M 134 -20.64 -18.97 -42.54
C PHE M 134 -20.03 -19.71 -41.35
N ALA M 135 -19.38 -18.98 -40.44
CA ALA M 135 -18.64 -19.60 -39.36
C ALA M 135 -19.55 -19.97 -38.19
N ASP M 136 -19.15 -21.02 -37.47
CA ASP M 136 -19.81 -21.50 -36.27
C ASP M 136 -19.05 -21.11 -35.01
N GLU M 137 -17.73 -21.12 -35.08
CA GLU M 137 -16.87 -20.56 -34.05
C GLU M 137 -15.86 -19.62 -34.70
N ALA M 138 -15.14 -18.88 -33.88
CA ALA M 138 -14.18 -17.90 -34.37
C ALA M 138 -13.08 -17.76 -33.34
N ILE M 139 -11.83 -17.98 -33.78
CA ILE M 139 -10.66 -17.68 -32.97
C ILE M 139 -10.19 -16.28 -33.35
N VAL M 140 -10.15 -15.38 -32.36
CA VAL M 140 -9.69 -14.02 -32.57
C VAL M 140 -8.25 -13.93 -32.10
N VAL M 141 -7.37 -13.46 -32.98
CA VAL M 141 -5.94 -13.42 -32.72
C VAL M 141 -5.55 -12.02 -32.26
N THR M 142 -4.73 -11.95 -31.22
CA THR M 142 -4.47 -10.68 -30.57
C THR M 142 -3.00 -10.60 -30.16
N ASN M 143 -2.40 -9.51 -30.46
CA ASN M 143 -1.09 -9.35 -29.82
C ASN M 143 -1.29 -8.65 -28.49
N PRO M 144 -0.47 -8.93 -27.49
CA PRO M 144 -0.56 -8.16 -26.24
C PRO M 144 -0.03 -6.74 -26.42
N GLU M 145 -0.77 -5.91 -27.14
CA GLU M 145 -0.38 -4.52 -27.38
C GLU M 145 -1.64 -3.68 -27.48
N VAL M 146 -1.49 -2.37 -27.28
CA VAL M 146 -2.67 -1.52 -27.13
C VAL M 146 -3.49 -1.49 -28.42
N SER M 147 -2.82 -1.48 -29.58
CA SER M 147 -3.55 -1.41 -30.84
C SER M 147 -4.27 -2.72 -31.12
N SER M 148 -3.57 -3.84 -30.97
CA SER M 148 -4.14 -5.13 -31.34
C SER M 148 -5.26 -5.57 -30.42
N VAL M 149 -5.35 -5.03 -29.21
CA VAL M 149 -6.52 -5.33 -28.38
C VAL M 149 -7.70 -4.45 -28.79
N ARG M 150 -7.45 -3.17 -29.12
CA ARG M 150 -8.53 -2.31 -29.59
C ARG M 150 -9.13 -2.83 -30.88
N ASP M 151 -8.30 -3.26 -31.81
CA ASP M 151 -8.76 -3.66 -33.13
C ASP M 151 -9.22 -5.11 -33.17
N SER M 152 -8.92 -5.88 -32.14
CA SER M 152 -9.54 -7.18 -31.94
C SER M 152 -10.85 -7.10 -31.19
N ASP M 153 -11.13 -5.95 -30.57
CA ASP M 153 -12.40 -5.69 -29.90
C ASP M 153 -13.47 -5.31 -30.92
N ARG M 154 -13.10 -4.52 -31.93
CA ARG M 154 -14.01 -4.27 -33.03
C ARG M 154 -14.42 -5.56 -33.69
N MET M 155 -13.55 -6.57 -33.68
CA MET M 155 -13.84 -7.81 -34.38
C MET M 155 -14.86 -8.66 -33.63
N LEU M 156 -14.79 -8.69 -32.29
CA LEU M 156 -15.75 -9.50 -31.53
C LEU M 156 -17.16 -8.94 -31.65
N GLY M 157 -17.30 -7.64 -31.91
CA GLY M 157 -18.61 -7.07 -32.15
C GLY M 157 -19.13 -7.29 -33.55
N LEU M 158 -18.27 -7.74 -34.46
CA LEU M 158 -18.67 -8.12 -35.80
C LEU M 158 -18.96 -9.61 -35.92
N LEU M 159 -18.53 -10.41 -34.96
CA LEU M 159 -18.94 -11.79 -34.84
C LEU M 159 -20.18 -11.94 -33.97
N ALA M 160 -20.95 -10.88 -33.83
CA ALA M 160 -22.20 -10.91 -33.07
C ALA M 160 -23.36 -10.25 -33.80
N SER M 161 -23.10 -9.54 -34.88
CA SER M 161 -24.14 -8.81 -35.60
C SER M 161 -24.12 -9.09 -37.10
N LYS M 162 -22.94 -9.25 -37.68
CA LYS M 162 -22.80 -9.38 -39.13
C LYS M 162 -22.66 -10.83 -39.57
N SER M 163 -22.94 -11.78 -38.70
CA SER M 163 -22.70 -13.18 -39.01
C SER M 163 -23.84 -13.70 -39.88
N GLN M 164 -23.88 -15.01 -40.10
CA GLN M 164 -25.08 -15.66 -40.64
C GLN M 164 -25.97 -16.17 -39.53
N ARG M 165 -25.38 -16.57 -38.40
CA ARG M 165 -26.14 -16.93 -37.22
C ARG M 165 -26.62 -15.71 -36.44
N ALA M 166 -26.37 -14.51 -36.96
CA ALA M 166 -26.92 -13.29 -36.38
C ALA M 166 -28.07 -12.72 -37.21
N GLU M 167 -28.04 -12.90 -38.52
CA GLU M 167 -29.15 -12.49 -39.39
C GLU M 167 -30.21 -13.58 -39.52
N LYS M 168 -29.88 -14.82 -39.17
CA LYS M 168 -30.86 -15.91 -39.17
C LYS M 168 -31.27 -16.31 -37.76
N GLY M 169 -30.67 -15.70 -36.74
CA GLY M 169 -31.16 -15.81 -35.39
C GLY M 169 -30.85 -17.11 -34.66
N GLU M 170 -29.87 -17.88 -35.12
CA GLU M 170 -29.44 -19.08 -34.39
C GLU M 170 -28.56 -18.66 -33.21
N GLU M 171 -27.96 -19.64 -32.56
CA GLU M 171 -27.02 -19.35 -31.49
C GLU M 171 -25.80 -18.63 -32.07
N PRO M 172 -25.29 -17.60 -31.41
CA PRO M 172 -24.22 -16.79 -32.01
C PRO M 172 -22.91 -17.57 -32.10
N ILE M 173 -21.96 -16.96 -32.80
CA ILE M 173 -20.66 -17.60 -33.00
C ILE M 173 -19.93 -17.71 -31.67
N LYS M 174 -19.48 -18.92 -31.35
CA LYS M 174 -18.65 -19.14 -30.16
C LYS M 174 -17.26 -18.57 -30.40
N GLU M 175 -16.90 -17.54 -29.65
CA GLU M 175 -15.65 -16.80 -29.84
C GLU M 175 -14.56 -17.31 -28.91
N HIS M 176 -13.32 -17.30 -29.39
CA HIS M 176 -12.16 -17.74 -28.62
C HIS M 176 -11.02 -16.75 -28.81
N LEU M 177 -10.33 -16.43 -27.73
CA LEU M 177 -9.22 -15.49 -27.79
C LEU M 177 -7.90 -16.23 -27.73
N LEU M 178 -6.93 -15.77 -28.51
CA LEU M 178 -5.62 -16.41 -28.55
C LEU M 178 -4.57 -15.32 -28.67
N LEU M 179 -3.78 -15.10 -27.62
CA LEU M 179 -2.67 -14.16 -27.69
C LEU M 179 -1.49 -14.80 -28.38
N THR M 180 -1.05 -14.18 -29.46
CA THR M 180 0.10 -14.64 -30.22
C THR M 180 1.28 -13.70 -29.97
N ARG M 181 2.47 -14.18 -30.34
CA ARG M 181 3.76 -13.53 -30.16
C ARG M 181 3.77 -12.71 -28.88
N TYR M 182 3.39 -13.38 -27.80
CA TYR M 182 3.40 -12.86 -26.44
C TYR M 182 4.82 -12.88 -25.89
N ASN M 183 5.31 -11.74 -25.46
CA ASN M 183 6.66 -11.68 -24.91
C ASN M 183 6.59 -11.54 -23.38
N PRO M 184 6.84 -12.60 -22.62
CA PRO M 184 6.65 -12.50 -21.16
C PRO M 184 7.62 -11.54 -20.50
N GLU M 185 8.78 -11.31 -21.11
CA GLU M 185 9.77 -10.42 -20.53
C GLU M 185 9.36 -8.96 -20.68
N ARG M 186 8.67 -8.61 -21.77
CA ARG M 186 8.24 -7.24 -22.03
C ARG M 186 6.95 -6.87 -21.31
N VAL M 187 6.22 -7.83 -20.74
CA VAL M 187 5.05 -7.46 -19.95
C VAL M 187 5.44 -7.08 -18.53
N THR M 188 6.64 -7.47 -18.07
CA THR M 188 7.09 -7.03 -16.76
C THR M 188 7.71 -5.64 -16.82
N LYS M 189 8.28 -5.27 -17.97
CA LYS M 189 8.70 -3.90 -18.19
C LYS M 189 7.53 -2.96 -18.43
N GLY M 190 6.32 -3.50 -18.65
CA GLY M 190 5.13 -2.69 -18.77
C GLY M 190 4.81 -2.20 -20.16
N GLU M 191 5.63 -2.53 -21.16
CA GLU M 191 5.41 -2.06 -22.52
C GLU M 191 4.48 -2.97 -23.32
N MET M 192 4.02 -4.07 -22.75
CA MET M 192 2.98 -4.90 -23.33
C MET M 192 1.93 -5.17 -22.27
N LEU M 193 0.74 -5.55 -22.72
CA LEU M 193 -0.32 -5.91 -21.78
C LEU M 193 -0.07 -7.31 -21.25
N SER M 194 -0.47 -7.54 -20.00
CA SER M 194 -0.29 -8.86 -19.42
C SER M 194 -1.37 -9.79 -19.95
N VAL M 195 -1.35 -11.05 -19.49
CA VAL M 195 -2.37 -12.00 -19.92
C VAL M 195 -3.73 -11.68 -19.30
N ASP M 196 -3.75 -10.96 -18.18
CA ASP M 196 -5.00 -10.66 -17.49
C ASP M 196 -5.60 -9.32 -17.88
N ASP M 197 -4.80 -8.39 -18.43
CA ASP M 197 -5.36 -7.15 -18.94
C ASP M 197 -6.17 -7.39 -20.21
N VAL M 198 -5.71 -8.32 -21.06
CA VAL M 198 -6.47 -8.69 -22.24
C VAL M 198 -7.69 -9.52 -21.86
N GLU M 199 -7.58 -10.33 -20.80
CA GLU M 199 -8.73 -11.09 -20.33
C GLU M 199 -9.77 -10.20 -19.67
N GLU M 200 -9.38 -8.99 -19.28
CA GLU M 200 -10.26 -8.01 -18.64
C GLU M 200 -10.85 -7.01 -19.62
N ILE M 201 -10.05 -6.46 -20.53
CA ILE M 201 -10.56 -5.48 -21.48
C ILE M 201 -11.46 -6.16 -22.51
N LEU M 202 -11.02 -7.28 -23.07
CA LEU M 202 -11.86 -8.01 -24.00
C LEU M 202 -12.93 -8.82 -23.29
N ALA M 203 -12.61 -9.35 -22.10
CA ALA M 203 -13.57 -10.01 -21.21
C ALA M 203 -14.17 -11.26 -21.84
N ILE M 204 -13.30 -12.16 -22.31
CA ILE M 204 -13.68 -13.52 -22.72
C ILE M 204 -12.62 -14.50 -22.25
N ARG M 205 -12.84 -15.79 -22.55
CA ARG M 205 -11.99 -16.88 -22.10
C ARG M 205 -10.84 -17.11 -23.07
N LEU M 206 -9.61 -17.15 -22.55
CA LEU M 206 -8.45 -17.34 -23.40
C LEU M 206 -8.34 -18.78 -23.89
N LEU M 207 -8.17 -18.93 -25.21
CA LEU M 207 -7.83 -20.24 -25.75
C LEU M 207 -6.37 -20.59 -25.46
N GLY M 208 -5.50 -19.60 -25.31
CA GLY M 208 -4.12 -19.87 -24.99
C GLY M 208 -3.24 -18.70 -25.30
N VAL M 209 -1.98 -18.81 -24.86
CA VAL M 209 -0.98 -17.75 -25.00
C VAL M 209 0.26 -18.34 -25.63
N ILE M 210 0.64 -17.83 -26.79
CA ILE M 210 1.71 -18.39 -27.61
C ILE M 210 2.90 -17.45 -27.55
N PRO M 211 4.05 -17.88 -27.02
CA PRO M 211 5.16 -16.97 -26.80
C PRO M 211 5.79 -16.49 -28.11
N GLU M 212 6.58 -15.42 -27.99
CA GLU M 212 7.49 -15.02 -29.05
C GLU M 212 8.54 -16.10 -29.27
N SER M 213 8.73 -16.52 -30.52
CA SER M 213 9.64 -17.62 -30.80
C SER M 213 10.33 -17.42 -32.13
N GLN M 214 11.62 -17.74 -32.17
CA GLN M 214 12.31 -17.81 -33.45
C GLN M 214 11.93 -19.07 -34.22
N ALA M 215 11.29 -20.04 -33.55
CA ALA M 215 10.87 -21.26 -34.23
C ALA M 215 9.74 -21.00 -35.21
N VAL M 216 8.99 -19.92 -35.02
CA VAL M 216 7.88 -19.62 -35.91
C VAL M 216 8.39 -19.19 -37.28
N LEU M 217 9.40 -18.32 -37.32
CA LEU M 217 9.97 -17.92 -38.60
C LEU M 217 10.79 -19.04 -39.23
N LYS M 218 11.39 -19.92 -38.42
CA LYS M 218 12.14 -21.02 -39.00
C LYS M 218 11.21 -22.05 -39.62
N ALA M 219 10.04 -22.27 -39.02
CA ALA M 219 9.15 -23.30 -39.53
C ALA M 219 8.52 -22.88 -40.85
N SER M 220 8.08 -21.63 -40.96
CA SER M 220 7.54 -21.16 -42.22
C SER M 220 8.62 -21.02 -43.29
N ASN M 221 9.88 -20.94 -42.89
CA ASN M 221 10.98 -20.89 -43.86
C ASN M 221 11.32 -22.25 -44.44
N GLN M 222 10.88 -23.34 -43.80
CA GLN M 222 11.12 -24.67 -44.32
C GLN M 222 9.84 -25.36 -44.76
N GLY M 223 8.68 -24.70 -44.65
CA GLY M 223 7.44 -25.21 -45.18
C GLY M 223 6.55 -25.93 -44.21
N VAL M 224 6.96 -26.11 -42.96
CA VAL M 224 6.21 -26.91 -41.99
C VAL M 224 5.43 -26.02 -41.04
N PRO M 225 4.21 -26.37 -40.66
CA PRO M 225 3.57 -25.69 -39.53
C PRO M 225 4.36 -25.90 -38.26
N VAL M 226 4.20 -24.96 -37.31
CA VAL M 226 5.02 -24.97 -36.10
C VAL M 226 4.48 -25.90 -35.03
N ILE M 227 3.25 -26.39 -35.17
CA ILE M 227 2.76 -27.41 -34.26
C ILE M 227 3.37 -28.78 -34.57
N LEU M 228 3.96 -28.94 -35.75
CA LEU M 228 4.77 -30.11 -36.09
C LEU M 228 6.21 -29.94 -35.66
N ASP M 229 6.52 -28.90 -34.89
CA ASP M 229 7.82 -28.71 -34.25
C ASP M 229 7.58 -28.71 -32.74
N GLU M 230 7.67 -29.89 -32.13
CA GLU M 230 7.32 -30.07 -30.73
C GLU M 230 8.47 -29.80 -29.78
N GLN M 231 9.69 -29.62 -30.29
CA GLN M 231 10.82 -29.32 -29.41
C GLN M 231 10.78 -27.88 -28.90
N SER M 232 10.14 -26.97 -29.63
CA SER M 232 10.17 -25.56 -29.28
C SER M 232 9.13 -25.24 -28.21
N ASP M 233 9.13 -23.97 -27.79
CA ASP M 233 8.15 -23.51 -26.81
C ASP M 233 6.81 -23.17 -27.45
N ALA M 234 6.84 -22.61 -28.66
CA ALA M 234 5.60 -22.22 -29.32
C ALA M 234 4.82 -23.45 -29.79
N GLY M 235 5.54 -24.47 -30.29
CA GLY M 235 4.86 -25.68 -30.73
C GLY M 235 4.11 -26.37 -29.61
N GLN M 236 4.68 -26.37 -28.40
CA GLN M 236 3.93 -26.80 -27.24
C GLN M 236 2.69 -25.94 -27.05
N ALA M 237 2.88 -24.61 -27.04
CA ALA M 237 1.79 -23.69 -26.76
C ALA M 237 0.71 -23.72 -27.83
N TYR M 238 1.04 -24.12 -29.07
CA TYR M 238 0.03 -24.31 -30.09
C TYR M 238 -0.71 -25.61 -29.93
N SER M 239 -0.05 -26.65 -29.41
CA SER M 239 -0.66 -27.95 -29.27
C SER M 239 -1.52 -28.07 -28.02
N ASP M 240 -1.47 -27.08 -27.15
CA ASP M 240 -2.38 -27.04 -26.00
C ASP M 240 -3.63 -26.25 -26.31
N ALA M 241 -3.52 -25.25 -27.18
CA ALA M 241 -4.68 -24.47 -27.58
C ALA M 241 -5.67 -25.30 -28.38
N VAL M 242 -5.19 -26.34 -29.07
CA VAL M 242 -6.11 -27.21 -29.80
C VAL M 242 -6.81 -28.17 -28.86
N ASP M 243 -6.14 -28.60 -27.79
CA ASP M 243 -6.83 -29.38 -26.77
C ASP M 243 -7.85 -28.53 -26.04
N ARG M 244 -7.54 -27.25 -25.80
CA ARG M 244 -8.50 -26.35 -25.18
C ARG M 244 -9.66 -26.05 -26.11
N LEU M 245 -9.49 -26.25 -27.42
CA LEU M 245 -10.62 -26.19 -28.35
C LEU M 245 -11.54 -27.36 -28.16
N LEU M 246 -11.01 -28.52 -27.75
CA LEU M 246 -11.80 -29.72 -27.57
C LEU M 246 -12.21 -29.95 -26.11
N GLY M 247 -12.35 -28.88 -25.33
CA GLY M 247 -12.85 -28.94 -23.97
C GLY M 247 -11.82 -29.23 -22.89
N LYS M 248 -10.71 -29.89 -23.23
CA LYS M 248 -9.73 -30.34 -22.23
C LYS M 248 -8.98 -29.14 -21.67
N GLU M 249 -9.31 -28.73 -20.43
CA GLU M 249 -8.70 -27.55 -19.85
C GLU M 249 -7.28 -27.84 -19.36
N ILE M 250 -6.36 -26.96 -19.73
CA ILE M 250 -4.93 -27.09 -19.43
C ILE M 250 -4.43 -25.78 -18.81
N PRO M 251 -3.61 -25.83 -17.75
CA PRO M 251 -3.05 -24.59 -17.20
C PRO M 251 -2.01 -23.97 -18.13
N HIS M 252 -2.11 -22.66 -18.32
CA HIS M 252 -1.25 -21.98 -19.30
C HIS M 252 0.21 -21.99 -18.84
N ARG M 253 1.13 -22.15 -19.79
CA ARG M 253 2.56 -22.21 -19.52
C ARG M 253 3.30 -21.09 -20.25
N PHE M 254 4.61 -21.06 -20.03
CA PHE M 254 5.57 -20.19 -20.73
C PHE M 254 5.39 -18.72 -20.44
N LEU M 255 4.68 -18.36 -19.37
CA LEU M 255 4.45 -16.95 -19.04
C LEU M 255 5.48 -16.41 -18.04
N ALA N 2 0.49 19.09 -52.12
CA ALA N 2 0.92 19.15 -53.51
C ALA N 2 1.47 17.79 -53.96
N LYS N 3 2.06 17.06 -53.02
CA LYS N 3 2.64 15.74 -53.30
C LYS N 3 1.96 14.73 -52.40
N ILE N 4 1.02 13.96 -52.95
CA ILE N 4 0.34 12.88 -52.23
C ILE N 4 1.17 11.61 -52.36
N LEU N 5 1.75 11.14 -51.27
CA LEU N 5 2.42 9.85 -51.27
C LEU N 5 1.74 8.92 -50.27
N VAL N 6 1.47 7.69 -50.71
CA VAL N 6 0.77 6.71 -49.90
C VAL N 6 1.79 5.74 -49.31
N VAL N 7 1.65 5.44 -48.03
CA VAL N 7 2.40 4.38 -47.38
C VAL N 7 1.55 3.12 -47.47
N THR N 8 2.02 2.13 -48.22
CA THR N 8 1.26 0.90 -48.45
C THR N 8 2.16 -0.31 -48.23
N SER N 9 1.54 -1.49 -48.23
CA SER N 9 2.32 -2.71 -48.13
C SER N 9 1.68 -3.91 -48.81
N GLY N 10 0.41 -4.15 -48.51
CA GLY N 10 -0.23 -5.39 -48.89
C GLY N 10 -0.28 -6.35 -47.72
N LYS N 11 0.89 -6.77 -47.25
CA LYS N 11 0.99 -7.63 -46.08
C LYS N 11 0.73 -6.82 -44.82
N GLY N 12 -0.23 -7.26 -44.00
CA GLY N 12 -0.59 -6.50 -42.82
C GLY N 12 0.43 -6.62 -41.71
N GLY N 13 0.52 -5.55 -40.92
CA GLY N 13 1.34 -5.56 -39.73
C GLY N 13 2.81 -5.30 -39.94
N VAL N 14 3.23 -4.92 -41.15
CA VAL N 14 4.64 -4.72 -41.43
C VAL N 14 5.14 -3.43 -40.78
N GLY N 15 4.26 -2.48 -40.57
CA GLY N 15 4.59 -1.25 -39.92
C GLY N 15 4.11 -0.05 -40.71
N LYS N 16 2.94 -0.13 -41.35
CA LYS N 16 2.55 0.99 -42.20
C LYS N 16 2.22 2.22 -41.35
N THR N 17 1.41 2.04 -40.32
CA THR N 17 1.05 3.16 -39.46
C THR N 17 2.28 3.71 -38.77
N THR N 18 3.17 2.83 -38.32
CA THR N 18 4.43 3.28 -37.72
C THR N 18 5.23 4.12 -38.70
N THR N 19 5.34 3.66 -39.95
CA THR N 19 6.07 4.43 -40.94
C THR N 19 5.32 5.69 -41.32
N SER N 20 3.99 5.61 -41.40
CA SER N 20 3.21 6.77 -41.79
C SER N 20 3.39 7.90 -40.78
N ALA N 21 3.24 7.61 -39.49
CA ALA N 21 3.43 8.65 -38.48
C ALA N 21 4.87 9.14 -38.43
N ALA N 22 5.83 8.26 -38.70
CA ALA N 22 7.23 8.67 -38.63
C ALA N 22 7.59 9.57 -39.80
N ILE N 23 7.21 9.17 -41.02
CA ILE N 23 7.57 9.97 -42.18
C ILE N 23 6.75 11.24 -42.25
N GLY N 24 5.51 11.20 -41.74
CA GLY N 24 4.71 12.41 -41.70
C GLY N 24 5.23 13.43 -40.71
N THR N 25 5.83 12.96 -39.62
CA THR N 25 6.46 13.86 -38.65
C THR N 25 7.84 14.30 -39.13
N GLY N 26 8.58 13.40 -39.77
CA GLY N 26 9.88 13.77 -40.29
C GLY N 26 9.82 14.90 -41.29
N LEU N 27 8.74 14.96 -42.07
CA LEU N 27 8.59 16.05 -43.04
C LEU N 27 8.05 17.33 -42.43
N ALA N 28 7.44 17.26 -41.23
CA ALA N 28 7.06 18.48 -40.53
C ALA N 28 8.23 19.08 -39.76
N LEU N 29 9.12 18.25 -39.23
CA LEU N 29 10.35 18.75 -38.63
C LEU N 29 11.21 19.48 -39.67
N ARG N 30 11.17 19.02 -40.91
CA ARG N 30 11.93 19.70 -41.96
C ARG N 30 11.32 21.06 -42.30
N GLY N 31 10.01 21.21 -42.13
CA GLY N 31 9.39 22.51 -42.34
C GLY N 31 8.19 22.50 -43.27
N PHE N 32 7.98 21.39 -43.96
CA PHE N 32 6.88 21.27 -44.91
C PHE N 32 5.55 21.16 -44.15
N LYS N 33 4.56 21.93 -44.56
CA LYS N 33 3.23 21.85 -43.95
C LYS N 33 2.55 20.56 -44.39
N THR N 34 2.43 19.60 -43.47
CA THR N 34 2.06 18.23 -43.76
C THR N 34 0.70 17.88 -43.18
N VAL N 35 0.02 16.92 -43.81
CA VAL N 35 -1.13 16.26 -43.19
C VAL N 35 -0.96 14.75 -43.37
N ILE N 36 -1.44 14.00 -42.38
CA ILE N 36 -1.48 12.54 -42.44
C ILE N 36 -2.94 12.12 -42.38
N VAL N 37 -3.36 11.30 -43.34
CA VAL N 37 -4.74 10.83 -43.40
C VAL N 37 -4.75 9.34 -43.06
N ASP N 38 -5.38 9.00 -41.93
CA ASP N 38 -5.67 7.60 -41.62
C ASP N 38 -6.78 7.11 -42.55
N PHE N 39 -6.44 6.22 -43.48
CA PHE N 39 -7.40 5.68 -44.43
C PHE N 39 -8.06 4.39 -43.96
N ASP N 40 -7.68 3.88 -42.79
CA ASP N 40 -8.24 2.65 -42.24
C ASP N 40 -9.51 3.00 -41.47
N VAL N 41 -10.58 3.20 -42.24
CA VAL N 41 -11.85 3.65 -41.71
C VAL N 41 -12.54 2.48 -41.01
N GLY N 42 -12.98 2.71 -39.78
CA GLY N 42 -13.64 1.69 -38.99
C GLY N 42 -12.72 0.85 -38.15
N LEU N 43 -11.42 0.90 -38.41
CA LEU N 43 -10.44 0.14 -37.65
C LEU N 43 -9.23 1.04 -37.39
N ARG N 44 -9.50 2.24 -36.88
CA ARG N 44 -8.51 3.31 -36.83
C ARG N 44 -7.37 2.98 -35.87
N ASN N 45 -6.17 3.40 -36.24
CA ASN N 45 -4.96 3.19 -35.46
C ASN N 45 -4.01 4.38 -35.45
N LEU N 46 -4.14 5.34 -36.37
CA LEU N 46 -3.12 6.37 -36.51
C LEU N 46 -3.17 7.38 -35.39
N ASP N 47 -4.37 7.83 -35.02
CA ASP N 47 -4.49 8.81 -33.94
C ASP N 47 -3.97 8.25 -32.62
N LEU N 48 -3.94 6.92 -32.47
CA LEU N 48 -3.47 6.34 -31.23
C LEU N 48 -1.96 6.52 -31.07
N ILE N 49 -1.20 6.36 -32.17
CA ILE N 49 0.26 6.51 -32.11
C ILE N 49 0.72 7.90 -32.53
N MET N 50 -0.17 8.75 -33.05
CA MET N 50 0.11 10.17 -33.20
C MET N 50 -0.11 10.94 -31.92
N GLY N 51 -0.67 10.29 -30.89
CA GLY N 51 -1.00 10.93 -29.63
C GLY N 51 -2.14 11.92 -29.70
N CYS N 52 -3.03 11.77 -30.68
CA CYS N 52 -4.10 12.72 -30.93
C CYS N 52 -5.47 12.17 -30.61
N GLU N 53 -5.54 11.07 -29.85
CA GLU N 53 -6.79 10.32 -29.71
C GLU N 53 -7.81 11.01 -28.82
N ARG N 54 -7.36 11.87 -27.90
CA ARG N 54 -8.26 12.59 -27.03
C ARG N 54 -8.79 13.87 -27.66
N ARG N 55 -8.15 14.36 -28.72
CA ARG N 55 -8.59 15.58 -29.38
C ARG N 55 -9.50 15.32 -30.59
N VAL N 56 -9.75 14.07 -30.96
CA VAL N 56 -10.56 13.80 -32.15
C VAL N 56 -12.02 14.10 -31.82
N VAL N 57 -12.63 14.98 -32.62
CA VAL N 57 -14.07 15.22 -32.59
C VAL N 57 -14.72 14.80 -33.91
N TYR N 58 -14.19 15.29 -35.03
CA TYR N 58 -14.64 14.92 -36.35
C TYR N 58 -13.51 14.21 -37.07
N ASP N 59 -13.86 13.32 -38.00
CA ASP N 59 -12.90 12.40 -38.59
C ASP N 59 -13.01 12.43 -40.11
N PHE N 60 -12.42 11.42 -40.75
CA PHE N 60 -12.36 11.35 -42.20
C PHE N 60 -13.75 11.15 -42.80
N VAL N 61 -14.56 10.28 -42.20
CA VAL N 61 -15.86 9.95 -42.78
C VAL N 61 -16.88 11.05 -42.53
N ASN N 62 -16.65 11.94 -41.56
CA ASN N 62 -17.51 13.10 -41.42
C ASN N 62 -17.27 14.10 -42.55
N VAL N 63 -16.01 14.32 -42.92
CA VAL N 63 -15.70 15.27 -43.99
C VAL N 63 -16.28 14.77 -45.32
N VAL N 64 -16.23 13.45 -45.53
CA VAL N 64 -16.76 12.87 -46.77
C VAL N 64 -18.28 13.08 -46.85
N ASN N 65 -19.00 12.71 -45.80
CA ASN N 65 -20.46 12.87 -45.78
C ASN N 65 -20.88 14.31 -45.59
N GLY N 66 -19.96 15.22 -45.28
CA GLY N 66 -20.32 16.61 -45.12
C GLY N 66 -20.85 16.97 -43.75
N GLU N 67 -20.66 16.11 -42.75
CA GLU N 67 -21.07 16.40 -41.38
C GLU N 67 -20.11 17.36 -40.68
N ALA N 68 -19.00 17.72 -41.32
CA ALA N 68 -18.07 18.71 -40.80
C ALA N 68 -17.23 19.22 -41.96
N THR N 69 -16.51 20.31 -41.72
CA THR N 69 -15.63 20.87 -42.72
C THR N 69 -14.23 20.30 -42.55
N LEU N 70 -13.36 20.62 -43.51
CA LEU N 70 -12.00 20.11 -43.40
C LEU N 70 -11.18 20.83 -42.34
N THR N 71 -11.53 22.07 -42.01
CA THR N 71 -10.85 22.75 -40.91
C THR N 71 -11.40 22.32 -39.56
N GLN N 72 -12.67 21.89 -39.49
CA GLN N 72 -13.25 21.41 -38.26
C GLN N 72 -12.71 20.04 -37.86
N ALA N 73 -12.22 19.27 -38.82
CA ALA N 73 -11.78 17.90 -38.55
C ALA N 73 -10.27 17.76 -38.39
N LEU N 74 -9.48 18.65 -38.99
CA LEU N 74 -8.03 18.52 -38.89
C LEU N 74 -7.56 18.83 -37.49
N ILE N 75 -6.62 18.02 -37.00
CA ILE N 75 -6.06 18.17 -35.66
C ILE N 75 -4.63 18.67 -35.79
N LYS N 76 -4.42 19.95 -35.50
CA LYS N 76 -3.07 20.47 -35.34
C LYS N 76 -2.39 19.74 -34.18
N ASP N 77 -1.11 19.40 -34.37
CA ASP N 77 -0.33 18.84 -33.27
C ASP N 77 -0.03 19.92 -32.23
N LYS N 78 0.41 19.46 -31.06
CA LYS N 78 0.84 20.36 -30.00
C LYS N 78 2.34 20.62 -30.03
N ARG N 79 3.12 19.63 -30.44
CA ARG N 79 4.58 19.75 -30.52
C ARG N 79 5.05 20.31 -31.86
N LEU N 80 4.28 20.12 -32.92
CA LEU N 80 4.62 20.60 -34.26
C LEU N 80 3.49 21.48 -34.79
N GLU N 81 3.85 22.54 -35.52
CA GLU N 81 2.86 23.39 -36.15
C GLU N 81 2.60 23.07 -37.61
N ASN N 82 3.50 22.35 -38.27
CA ASN N 82 3.28 21.97 -39.66
C ASN N 82 2.52 20.67 -39.80
N LEU N 83 2.23 19.97 -38.72
CA LEU N 83 1.69 18.62 -38.78
C LEU N 83 0.23 18.62 -38.36
N HIS N 84 -0.63 18.12 -39.24
CA HIS N 84 -2.04 17.95 -38.96
C HIS N 84 -2.45 16.51 -39.26
N VAL N 85 -3.49 16.05 -38.58
CA VAL N 85 -3.94 14.67 -38.69
C VAL N 85 -5.43 14.66 -38.98
N LEU N 86 -5.82 13.98 -40.05
CA LEU N 86 -7.24 13.72 -40.34
C LEU N 86 -7.51 12.27 -39.97
N ALA N 87 -7.98 12.05 -38.75
CA ALA N 87 -8.18 10.70 -38.24
C ALA N 87 -9.42 10.06 -38.87
N ALA N 88 -9.60 8.77 -38.64
CA ALA N 88 -10.70 7.99 -39.20
C ALA N 88 -11.69 7.61 -38.09
N SER N 89 -12.75 6.91 -38.48
CA SER N 89 -13.81 6.54 -37.56
C SER N 89 -13.62 5.13 -37.00
N GLN N 90 -14.50 4.75 -36.09
CA GLN N 90 -14.67 3.38 -35.63
C GLN N 90 -16.06 2.84 -35.90
N THR N 91 -17.04 3.71 -36.14
CA THR N 91 -18.42 3.26 -36.33
C THR N 91 -18.63 2.72 -37.74
N ARG N 92 -18.38 3.55 -38.75
CA ARG N 92 -18.61 3.19 -40.14
C ARG N 92 -17.35 2.57 -40.74
N ASP N 93 -17.52 1.50 -41.50
CA ASP N 93 -16.40 0.77 -42.08
C ASP N 93 -16.03 1.35 -43.44
N LYS N 94 -15.18 0.63 -44.19
CA LYS N 94 -14.51 1.21 -45.34
C LYS N 94 -15.38 1.27 -46.59
N ASP N 95 -16.65 0.89 -46.51
CA ASP N 95 -17.53 1.08 -47.67
C ASP N 95 -18.13 2.49 -47.73
N ALA N 96 -18.05 3.24 -46.63
CA ALA N 96 -18.59 4.59 -46.55
C ALA N 96 -17.65 5.64 -47.16
N LEU N 97 -16.64 5.21 -47.93
CA LEU N 97 -15.74 6.10 -48.63
C LEU N 97 -15.97 5.92 -50.13
N THR N 98 -16.53 6.94 -50.77
CA THR N 98 -16.71 6.91 -52.22
C THR N 98 -15.40 7.30 -52.89
N LYS N 99 -15.24 6.88 -54.15
CA LYS N 99 -14.14 7.45 -54.93
C LYS N 99 -14.37 8.94 -55.17
N GLU N 100 -15.63 9.35 -55.32
CA GLU N 100 -15.93 10.75 -55.55
C GLU N 100 -15.82 11.58 -54.29
N GLY N 101 -16.24 11.02 -53.15
CA GLY N 101 -16.17 11.76 -51.91
C GLY N 101 -14.75 11.97 -51.43
N VAL N 102 -13.90 10.94 -51.58
CA VAL N 102 -12.48 11.09 -51.26
C VAL N 102 -11.76 11.94 -52.32
N GLU N 103 -12.31 12.04 -53.53
CA GLU N 103 -11.71 12.91 -54.52
C GLU N 103 -11.82 14.37 -54.12
N LYS N 104 -12.95 14.76 -53.51
CA LYS N 104 -13.14 16.15 -53.10
C LYS N 104 -12.21 16.51 -51.95
N VAL N 105 -12.02 15.59 -51.00
CA VAL N 105 -11.16 15.88 -49.85
C VAL N 105 -9.70 15.96 -50.26
N MET N 106 -9.29 15.14 -51.22
CA MET N 106 -7.92 15.23 -51.71
C MET N 106 -7.70 16.52 -52.48
N ALA N 107 -8.76 17.05 -53.09
CA ALA N 107 -8.63 18.28 -53.86
C ALA N 107 -8.36 19.47 -52.95
N GLU N 108 -9.17 19.66 -51.92
CA GLU N 108 -8.99 20.81 -51.05
C GLU N 108 -7.89 20.60 -50.00
N LEU N 109 -7.40 19.37 -49.85
CA LEU N 109 -6.18 19.16 -49.07
C LEU N 109 -4.94 19.58 -49.85
N ARG N 110 -4.98 19.42 -51.17
CA ARG N 110 -3.83 19.77 -52.01
C ARG N 110 -3.63 21.27 -52.11
N LYS N 111 -4.68 22.07 -51.83
CA LYS N 111 -4.54 23.52 -51.90
C LYS N 111 -3.75 24.06 -50.70
N ASP N 112 -3.93 23.46 -49.53
CA ASP N 112 -3.35 23.99 -48.30
C ASP N 112 -2.02 23.35 -47.93
N PHE N 113 -1.78 22.10 -48.30
CA PHE N 113 -0.66 21.35 -47.76
C PHE N 113 0.39 21.06 -48.82
N GLU N 114 1.61 20.80 -48.33
CA GLU N 114 2.77 20.49 -49.15
C GLU N 114 2.91 18.98 -49.35
N TYR N 115 2.81 18.21 -48.26
CA TYR N 115 2.91 16.76 -48.29
C TYR N 115 1.65 16.17 -47.66
N ILE N 116 1.07 15.19 -48.35
CA ILE N 116 -0.06 14.40 -47.83
C ILE N 116 0.39 12.96 -47.69
N ILE N 117 0.41 12.44 -46.48
CA ILE N 117 0.80 11.07 -46.22
C ILE N 117 -0.46 10.25 -46.02
N CYS N 118 -0.57 9.13 -46.75
CA CYS N 118 -1.78 8.32 -46.75
C CYS N 118 -1.49 6.97 -46.12
N ASP N 119 -1.90 6.82 -44.86
CA ASP N 119 -1.73 5.57 -44.12
C ASP N 119 -2.71 4.55 -44.69
N SER N 120 -2.23 3.68 -45.59
CA SER N 120 -3.09 2.69 -46.24
C SER N 120 -3.44 1.56 -45.29
N PRO N 121 -4.66 1.03 -45.36
CA PRO N 121 -4.95 -0.23 -44.64
C PRO N 121 -4.32 -1.42 -45.34
N ALA N 122 -4.43 -2.60 -44.74
CA ALA N 122 -3.81 -3.77 -45.32
C ALA N 122 -4.70 -4.39 -46.40
N GLY N 123 -4.07 -5.09 -47.34
CA GLY N 123 -4.79 -5.86 -48.35
C GLY N 123 -4.82 -5.18 -49.71
N ILE N 124 -5.61 -5.78 -50.60
CA ILE N 124 -5.74 -5.30 -51.98
C ILE N 124 -7.20 -4.97 -52.26
N GLU N 125 -7.93 -4.54 -51.24
CA GLU N 125 -9.35 -4.32 -51.35
C GLU N 125 -9.67 -2.83 -51.50
N LYS N 126 -10.93 -2.46 -51.26
CA LYS N 126 -11.41 -1.13 -51.61
C LYS N 126 -10.83 -0.04 -50.70
N GLY N 127 -10.58 -0.34 -49.43
CA GLY N 127 -9.94 0.64 -48.56
C GLY N 127 -8.48 0.87 -48.92
N ALA N 128 -7.80 -0.17 -49.39
CA ALA N 128 -6.43 -0.03 -49.87
C ALA N 128 -6.35 0.53 -51.28
N HIS N 129 -7.46 0.53 -52.01
CA HIS N 129 -7.46 1.08 -53.36
C HIS N 129 -7.65 2.58 -53.37
N LEU N 130 -8.46 3.12 -52.45
CA LEU N 130 -8.70 4.56 -52.45
C LEU N 130 -7.49 5.34 -51.95
N ALA N 131 -6.68 4.73 -51.09
CA ALA N 131 -5.44 5.39 -50.70
C ALA N 131 -4.44 5.34 -51.86
N MET N 132 -4.39 4.23 -52.56
CA MET N 132 -3.53 4.08 -53.73
C MET N 132 -3.88 5.08 -54.82
N TYR N 133 -5.17 5.40 -54.98
CA TYR N 133 -5.66 5.95 -56.25
C TYR N 133 -5.07 7.32 -56.56
N PHE N 134 -5.30 8.31 -55.70
CA PHE N 134 -4.89 9.67 -56.01
C PHE N 134 -3.44 9.95 -55.63
N ALA N 135 -2.63 8.92 -55.43
CA ALA N 135 -1.28 9.10 -54.96
C ALA N 135 -0.34 9.49 -56.09
N ASP N 136 0.69 10.23 -55.73
CA ASP N 136 1.75 10.65 -56.64
C ASP N 136 3.02 9.84 -56.43
N GLU N 137 3.32 9.50 -55.17
CA GLU N 137 4.37 8.54 -54.83
C GLU N 137 3.79 7.48 -53.91
N ALA N 138 4.57 6.43 -53.66
CA ALA N 138 4.09 5.33 -52.83
C ALA N 138 5.30 4.70 -52.16
N ILE N 139 5.27 4.65 -50.83
CA ILE N 139 6.27 3.90 -50.08
C ILE N 139 5.68 2.51 -49.77
N VAL N 140 6.38 1.48 -50.22
CA VAL N 140 5.97 0.09 -49.96
C VAL N 140 6.77 -0.42 -48.78
N VAL N 141 6.09 -0.92 -47.76
CA VAL N 141 6.71 -1.35 -46.52
C VAL N 141 6.86 -2.87 -46.55
N THR N 142 8.02 -3.37 -46.15
CA THR N 142 8.36 -4.77 -46.37
C THR N 142 9.08 -5.32 -45.16
N ASN N 143 8.66 -6.44 -44.72
CA ASN N 143 9.51 -7.08 -43.73
C ASN N 143 10.52 -7.98 -44.45
N PRO N 144 11.74 -8.10 -43.96
CA PRO N 144 12.68 -9.02 -44.61
C PRO N 144 12.32 -10.48 -44.39
N GLU N 145 11.25 -10.94 -45.03
CA GLU N 145 10.81 -12.32 -44.94
C GLU N 145 10.16 -12.70 -46.26
N VAL N 146 10.10 -14.02 -46.52
CA VAL N 146 9.68 -14.47 -47.84
C VAL N 146 8.24 -14.06 -48.12
N SER N 147 7.37 -14.10 -47.10
CA SER N 147 5.96 -13.78 -47.31
C SER N 147 5.79 -12.30 -47.59
N SER N 148 6.42 -11.46 -46.78
CA SER N 148 6.25 -10.02 -46.92
C SER N 148 6.88 -9.45 -48.18
N VAL N 149 7.82 -10.16 -48.80
CA VAL N 149 8.33 -9.73 -50.10
C VAL N 149 7.38 -10.14 -51.22
N ARG N 150 6.78 -11.34 -51.13
CA ARG N 150 5.82 -11.75 -52.16
C ARG N 150 4.63 -10.80 -52.22
N ASP N 151 4.13 -10.36 -51.06
CA ASP N 151 2.94 -9.53 -51.02
C ASP N 151 3.24 -8.06 -51.19
N SER N 152 4.51 -7.67 -51.08
CA SER N 152 4.92 -6.35 -51.48
C SER N 152 5.27 -6.30 -52.95
N ASP N 153 5.41 -7.47 -53.58
CA ASP N 153 5.61 -7.59 -55.01
C ASP N 153 4.27 -7.49 -55.74
N ARG N 154 3.23 -8.10 -55.18
CA ARG N 154 1.88 -7.90 -55.70
C ARG N 154 1.49 -6.42 -55.63
N MET N 155 2.02 -5.69 -54.65
CA MET N 155 1.60 -4.30 -54.47
C MET N 155 2.19 -3.39 -55.54
N LEU N 156 3.46 -3.60 -55.92
CA LEU N 156 4.08 -2.75 -56.93
C LEU N 156 3.44 -2.94 -58.30
N GLY N 157 2.81 -4.08 -58.55
CA GLY N 157 2.07 -4.25 -59.78
C GLY N 157 0.71 -3.62 -59.77
N LEU N 158 0.22 -3.22 -58.60
CA LEU N 158 -1.02 -2.47 -58.47
C LEU N 158 -0.81 -0.96 -58.42
N LEU N 159 0.41 -0.51 -58.11
CA LEU N 159 0.78 0.89 -58.24
C LEU N 159 1.34 1.21 -59.61
N ALA N 160 1.02 0.39 -60.60
CA ALA N 160 1.42 0.64 -61.97
C ALA N 160 0.28 0.48 -62.94
N SER N 161 -0.85 -0.06 -62.52
CA SER N 161 -1.99 -0.35 -63.37
C SER N 161 -3.31 0.18 -62.81
N LYS N 162 -3.49 0.13 -61.49
CA LYS N 162 -4.76 0.46 -60.88
C LYS N 162 -4.79 1.88 -60.33
N SER N 163 -3.83 2.71 -60.70
CA SER N 163 -3.69 4.04 -60.11
C SER N 163 -4.66 5.00 -60.79
N GLN N 164 -4.52 6.30 -60.52
CA GLN N 164 -5.17 7.32 -61.33
C GLN N 164 -4.26 7.83 -62.43
N ARG N 165 -2.95 7.84 -62.20
CA ARG N 165 -1.98 8.19 -63.23
C ARG N 165 -1.71 7.03 -64.17
N ALA N 166 -2.40 5.90 -64.01
CA ALA N 166 -2.32 4.79 -64.95
C ALA N 166 -3.53 4.69 -65.85
N GLU N 167 -4.71 5.09 -65.35
CA GLU N 167 -5.91 5.15 -66.16
C GLU N 167 -6.05 6.48 -66.91
N LYS N 168 -5.33 7.52 -66.49
CA LYS N 168 -5.31 8.78 -67.21
C LYS N 168 -4.00 9.02 -67.95
N GLY N 169 -3.03 8.11 -67.83
CA GLY N 169 -1.87 8.13 -68.69
C GLY N 169 -0.81 9.14 -68.37
N GLU N 170 -0.78 9.69 -67.15
CA GLU N 170 0.31 10.56 -66.75
C GLU N 170 1.53 9.71 -66.41
N GLU N 171 2.57 10.34 -65.88
CA GLU N 171 3.73 9.61 -65.41
C GLU N 171 3.35 8.73 -64.22
N PRO N 172 3.82 7.48 -64.16
CA PRO N 172 3.34 6.56 -63.11
C PRO N 172 3.82 6.96 -61.73
N ILE N 173 3.27 6.27 -60.74
CA ILE N 173 3.61 6.56 -59.34
C ILE N 173 5.08 6.23 -59.08
N LYS N 174 5.80 7.17 -58.50
CA LYS N 174 7.18 6.92 -58.08
C LYS N 174 7.17 6.06 -56.82
N GLU N 175 7.68 4.84 -56.92
CA GLU N 175 7.64 3.85 -55.85
C GLU N 175 8.97 3.83 -55.08
N HIS N 176 8.87 3.57 -53.78
CA HIS N 176 10.02 3.50 -52.87
C HIS N 176 9.88 2.28 -51.98
N LEU N 177 10.99 1.61 -51.73
CA LEU N 177 11.00 0.44 -50.87
C LEU N 177 11.57 0.81 -49.50
N LEU N 178 11.00 0.24 -48.45
CA LEU N 178 11.43 0.50 -47.08
C LEU N 178 11.34 -0.80 -46.27
N LEU N 179 12.49 -1.35 -45.87
CA LEU N 179 12.48 -2.50 -44.98
C LEU N 179 12.29 -2.05 -43.54
N THR N 180 11.24 -2.53 -42.90
CA THR N 180 11.01 -2.27 -41.49
C THR N 180 11.30 -3.53 -40.69
N ARG N 181 11.42 -3.34 -39.37
CA ARG N 181 11.76 -4.36 -38.39
C ARG N 181 12.73 -5.40 -38.96
N TYR N 182 13.81 -4.87 -39.54
CA TYR N 182 14.92 -5.64 -40.05
C TYR N 182 15.80 -6.07 -38.89
N ASN N 183 16.02 -7.37 -38.75
CA ASN N 183 16.84 -7.88 -37.66
C ASN N 183 18.21 -8.28 -38.22
N PRO N 184 19.27 -7.50 -37.99
CA PRO N 184 20.56 -7.80 -38.65
C PRO N 184 21.16 -9.12 -38.20
N GLU N 185 20.84 -9.57 -36.99
CA GLU N 185 21.39 -10.80 -36.45
C GLU N 185 20.73 -12.04 -37.07
N ARG N 186 19.44 -11.95 -37.42
CA ARG N 186 18.73 -13.08 -38.03
C ARG N 186 18.98 -13.21 -39.53
N VAL N 187 19.53 -12.21 -40.20
CA VAL N 187 19.84 -12.39 -41.61
C VAL N 187 21.16 -13.12 -41.80
N THR N 188 22.01 -13.18 -40.76
CA THR N 188 23.23 -13.97 -40.85
C THR N 188 22.99 -15.43 -40.54
N LYS N 189 22.00 -15.72 -39.69
CA LYS N 189 21.57 -17.10 -39.50
C LYS N 189 20.79 -17.62 -40.70
N GLY N 190 20.40 -16.75 -41.63
CA GLY N 190 19.76 -17.14 -42.87
C GLY N 190 18.25 -17.24 -42.83
N GLU N 191 17.62 -16.98 -41.68
CA GLU N 191 16.18 -17.11 -41.54
C GLU N 191 15.42 -15.85 -41.94
N MET N 192 16.12 -14.80 -42.35
CA MET N 192 15.50 -13.63 -42.97
C MET N 192 16.28 -13.29 -44.23
N LEU N 193 15.65 -12.54 -45.12
CA LEU N 193 16.33 -12.11 -46.32
C LEU N 193 17.25 -10.93 -45.99
N SER N 194 18.37 -10.85 -46.69
CA SER N 194 19.31 -9.77 -46.45
C SER N 194 18.81 -8.48 -47.12
N VAL N 195 19.60 -7.42 -46.99
CA VAL N 195 19.22 -6.16 -47.62
C VAL N 195 19.34 -6.24 -49.14
N ASP N 196 20.15 -7.17 -49.66
CA ASP N 196 20.35 -7.27 -51.09
C ASP N 196 19.43 -8.29 -51.76
N ASP N 197 18.88 -9.23 -51.00
CA ASP N 197 17.90 -10.16 -51.56
C ASP N 197 16.60 -9.43 -51.86
N VAL N 198 16.21 -8.50 -50.98
CA VAL N 198 15.02 -7.71 -51.23
C VAL N 198 15.28 -6.70 -52.34
N GLU N 199 16.50 -6.18 -52.43
CA GLU N 199 16.84 -5.25 -53.50
C GLU N 199 16.94 -5.96 -54.85
N GLU N 200 17.08 -7.29 -54.85
CA GLU N 200 17.18 -8.08 -56.08
C GLU N 200 15.83 -8.64 -56.52
N ILE N 201 15.04 -9.19 -55.59
CA ILE N 201 13.76 -9.78 -55.94
C ILE N 201 12.76 -8.69 -56.29
N LEU N 202 12.68 -7.64 -55.46
CA LEU N 202 11.76 -6.55 -55.74
C LEU N 202 12.33 -5.62 -56.81
N ALA N 203 13.65 -5.44 -56.83
CA ALA N 203 14.35 -4.74 -57.91
C ALA N 203 13.96 -3.27 -57.99
N ILE N 204 14.01 -2.56 -56.86
CA ILE N 204 13.92 -1.11 -56.82
C ILE N 204 14.92 -0.58 -55.78
N ARG N 205 14.97 0.74 -55.65
CA ARG N 205 15.93 1.42 -54.78
C ARG N 205 15.37 1.53 -53.37
N LEU N 206 16.16 1.10 -52.38
CA LEU N 206 15.73 1.14 -50.99
C LEU N 206 15.70 2.56 -50.46
N LEU N 207 14.56 2.94 -49.87
CA LEU N 207 14.48 4.19 -49.12
C LEU N 207 15.20 4.08 -47.78
N GLY N 208 15.31 2.87 -47.23
CA GLY N 208 16.05 2.68 -46.00
C GLY N 208 15.70 1.37 -45.36
N VAL N 209 16.47 1.04 -44.32
CA VAL N 209 16.32 -0.21 -43.58
C VAL N 209 16.22 0.15 -42.10
N ILE N 210 15.11 -0.19 -41.49
CA ILE N 210 14.77 0.25 -40.14
C ILE N 210 14.89 -0.93 -39.20
N PRO N 211 15.79 -0.90 -38.22
CA PRO N 211 16.06 -2.10 -37.41
C PRO N 211 14.89 -2.48 -36.52
N GLU N 212 14.96 -3.71 -36.03
CA GLU N 212 14.12 -4.14 -34.92
C GLU N 212 14.48 -3.35 -33.66
N SER N 213 13.48 -2.78 -33.00
CA SER N 213 13.72 -1.92 -31.87
C SER N 213 12.61 -2.06 -30.83
N GLN N 214 12.99 -2.08 -29.56
CA GLN N 214 11.99 -1.92 -28.51
C GLN N 214 11.52 -0.48 -28.41
N ALA N 215 12.21 0.45 -29.06
CA ALA N 215 11.82 1.86 -29.02
C ALA N 215 10.54 2.12 -29.78
N VAL N 216 10.19 1.27 -30.76
CA VAL N 216 8.98 1.49 -31.54
C VAL N 216 7.74 1.19 -30.72
N LEU N 217 7.74 0.08 -29.97
CA LEU N 217 6.61 -0.21 -29.11
C LEU N 217 6.56 0.71 -27.89
N LYS N 218 7.71 1.19 -27.42
CA LYS N 218 7.71 2.10 -26.29
C LYS N 218 7.16 3.47 -26.70
N ALA N 219 7.44 3.89 -27.93
CA ALA N 219 7.00 5.21 -28.37
C ALA N 219 5.49 5.23 -28.61
N SER N 220 4.94 4.20 -29.25
CA SER N 220 3.49 4.16 -29.44
C SER N 220 2.74 3.93 -28.14
N ASN N 221 3.42 3.44 -27.10
CA ASN N 221 2.78 3.29 -25.79
C ASN N 221 2.70 4.59 -25.03
N GLN N 222 3.47 5.60 -25.42
CA GLN N 222 3.43 6.90 -24.78
C GLN N 222 2.91 8.00 -25.69
N GLY N 223 2.53 7.66 -26.93
CA GLY N 223 1.87 8.60 -27.80
C GLY N 223 2.75 9.33 -28.78
N VAL N 224 4.06 9.08 -28.75
CA VAL N 224 5.02 9.83 -29.57
C VAL N 224 5.41 9.01 -30.79
N PRO N 225 5.58 9.63 -31.96
CA PRO N 225 6.24 8.93 -33.07
C PRO N 225 7.69 8.62 -32.72
N VAL N 226 8.25 7.61 -33.39
CA VAL N 226 9.59 7.15 -33.03
C VAL N 226 10.69 7.98 -33.69
N ILE N 227 10.34 8.83 -34.66
CA ILE N 227 11.32 9.76 -35.20
C ILE N 227 11.55 10.94 -34.26
N LEU N 228 10.65 11.16 -33.29
CA LEU N 228 10.88 12.11 -32.20
C LEU N 228 11.61 11.48 -31.03
N ASP N 229 12.13 10.27 -31.20
CA ASP N 229 13.01 9.61 -30.23
C ASP N 229 14.33 9.38 -30.95
N GLU N 230 15.23 10.36 -30.87
CA GLU N 230 16.47 10.34 -31.63
C GLU N 230 17.59 9.59 -30.94
N GLN N 231 17.42 9.20 -29.67
CA GLN N 231 18.45 8.44 -28.97
C GLN N 231 18.52 7.00 -29.45
N SER N 232 17.44 6.45 -29.98
CA SER N 232 17.37 5.04 -30.36
C SER N 232 17.99 4.81 -31.72
N ASP N 233 18.03 3.54 -32.12
CA ASP N 233 18.56 3.17 -33.44
C ASP N 233 17.50 3.34 -34.52
N ALA N 234 16.22 3.04 -34.21
CA ALA N 234 15.18 3.16 -35.21
C ALA N 234 14.86 4.62 -35.52
N GLY N 235 14.87 5.48 -34.49
CA GLY N 235 14.61 6.89 -34.72
C GLY N 235 15.63 7.53 -35.64
N GLN N 236 16.90 7.14 -35.51
CA GLN N 236 17.91 7.56 -36.48
C GLN N 236 17.53 7.07 -37.87
N ALA N 237 17.29 5.77 -38.02
CA ALA N 237 17.04 5.18 -39.33
C ALA N 237 15.76 5.68 -39.97
N TYR N 238 14.79 6.15 -39.17
CA TYR N 238 13.61 6.76 -39.77
C TYR N 238 13.90 8.16 -40.27
N SER N 239 14.81 8.87 -39.61
CA SER N 239 15.09 10.24 -40.00
C SER N 239 16.08 10.33 -41.14
N ASP N 240 16.67 9.21 -41.56
CA ASP N 240 17.50 9.20 -42.75
C ASP N 240 16.70 8.86 -43.99
N ALA N 241 15.67 8.03 -43.82
CA ALA N 241 14.79 7.72 -44.94
C ALA N 241 14.00 8.94 -45.37
N VAL N 242 13.78 9.89 -44.46
CA VAL N 242 13.08 11.12 -44.83
C VAL N 242 14.00 12.04 -45.62
N ASP N 243 15.29 12.02 -45.32
CA ASP N 243 16.24 12.74 -46.16
C ASP N 243 16.37 12.07 -47.53
N ARG N 244 16.32 10.73 -47.57
CA ARG N 244 16.37 10.02 -48.84
C ARG N 244 15.12 10.23 -49.66
N LEU N 245 14.01 10.60 -49.02
CA LEU N 245 12.83 11.03 -49.78
C LEU N 245 13.07 12.36 -50.47
N LEU N 246 13.89 13.23 -49.88
CA LEU N 246 14.16 14.55 -50.41
C LEU N 246 15.46 14.62 -51.21
N GLY N 247 15.87 13.51 -51.83
CA GLY N 247 17.02 13.48 -52.73
C GLY N 247 18.36 13.27 -52.08
N LYS N 248 18.52 13.62 -50.81
CA LYS N 248 19.81 13.57 -50.12
C LYS N 248 20.22 12.12 -49.90
N GLU N 249 21.17 11.62 -50.67
CA GLU N 249 21.59 10.22 -50.56
C GLU N 249 22.49 10.04 -49.34
N ILE N 250 22.17 9.03 -48.52
CA ILE N 250 22.87 8.76 -47.28
C ILE N 250 23.26 7.27 -47.24
N PRO N 251 24.48 6.92 -46.81
CA PRO N 251 24.85 5.51 -46.69
C PRO N 251 24.11 4.82 -45.55
N HIS N 252 23.58 3.62 -45.82
CA HIS N 252 22.76 2.92 -44.86
C HIS N 252 23.57 2.47 -43.65
N ARG N 253 22.95 2.53 -42.47
CA ARG N 253 23.59 2.14 -41.22
C ARG N 253 22.81 1.02 -40.55
N PHE N 254 23.33 0.56 -39.41
CA PHE N 254 22.70 -0.42 -38.52
C PHE N 254 22.58 -1.81 -39.13
N LEU N 255 23.30 -2.10 -40.20
CA LEU N 255 23.19 -3.41 -40.86
C LEU N 255 24.26 -4.37 -40.34
N PRO O 37 57.11 18.56 -35.99
CA PRO O 37 58.15 17.57 -35.68
C PRO O 37 57.62 16.17 -35.44
N THR O 38 56.44 15.86 -36.00
CA THR O 38 55.90 14.50 -36.04
C THR O 38 55.69 14.17 -37.52
N LYS O 39 56.58 13.34 -38.06
CA LYS O 39 56.57 13.05 -39.49
C LYS O 39 55.38 12.17 -39.85
N VAL O 40 54.58 12.61 -40.82
CA VAL O 40 53.43 11.87 -41.29
C VAL O 40 53.74 11.29 -42.67
N VAL O 41 53.48 10.00 -42.84
CA VAL O 41 53.69 9.30 -44.10
C VAL O 41 52.33 8.87 -44.62
N LYS O 42 51.84 9.55 -45.66
CA LYS O 42 50.51 9.28 -46.19
C LYS O 42 50.50 8.37 -47.41
N THR O 43 51.66 7.92 -47.87
CA THR O 43 51.77 7.04 -49.02
C THR O 43 51.97 5.60 -48.58
N PRO O 44 51.73 4.62 -49.45
CA PRO O 44 52.08 3.23 -49.10
C PRO O 44 53.59 3.09 -48.96
N VAL O 45 54.02 2.49 -47.84
CA VAL O 45 55.44 2.32 -47.54
C VAL O 45 55.84 0.95 -48.08
N ARG O 46 56.29 0.93 -49.33
CA ARG O 46 56.44 -0.32 -50.05
C ARG O 46 57.64 -1.11 -49.52
N GLY O 47 57.71 -2.37 -49.94
CA GLY O 47 58.78 -3.24 -49.45
C GLY O 47 60.15 -2.69 -49.80
N GLY O 48 61.10 -2.92 -48.91
CA GLY O 48 62.45 -2.43 -49.09
C GLY O 48 62.68 -1.01 -48.63
N MET O 49 61.62 -0.20 -48.55
CA MET O 49 61.71 1.18 -48.10
C MET O 49 62.01 1.22 -46.60
N GLN O 50 62.67 2.29 -46.17
CA GLN O 50 62.87 2.56 -44.76
C GLN O 50 62.55 4.03 -44.50
N ILE O 51 61.75 4.30 -43.48
CA ILE O 51 61.39 5.66 -43.08
C ILE O 51 62.01 5.89 -41.71
N TYR O 52 62.68 7.03 -41.55
CA TYR O 52 63.39 7.32 -40.31
C TYR O 52 62.96 8.69 -39.79
N ALA O 53 62.02 8.70 -38.85
CA ALA O 53 61.65 9.91 -38.12
C ALA O 53 62.74 10.17 -37.09
N ALA O 54 63.58 11.17 -37.37
CA ALA O 54 64.83 11.32 -36.63
C ALA O 54 64.64 11.98 -35.28
N GLY O 55 63.59 12.80 -35.11
CA GLY O 55 63.44 13.53 -33.87
C GLY O 55 62.47 12.89 -32.88
N GLY O 56 61.29 12.52 -33.36
CA GLY O 56 60.28 11.98 -32.48
C GLY O 56 59.38 10.96 -33.13
N ASP O 57 58.06 11.19 -33.04
CA ASP O 57 57.07 10.22 -33.49
C ASP O 57 57.15 9.99 -35.00
N LEU O 58 56.42 8.98 -35.44
CA LEU O 58 56.23 8.68 -36.86
C LEU O 58 54.83 8.11 -37.01
N ILE O 59 54.00 8.78 -37.81
CA ILE O 59 52.64 8.33 -38.10
C ILE O 59 52.61 7.86 -39.54
N VAL O 60 52.19 6.63 -39.76
CA VAL O 60 52.08 6.06 -41.09
C VAL O 60 50.60 5.77 -41.34
N LEU O 61 49.99 6.51 -42.26
CA LEU O 61 48.56 6.40 -42.52
C LEU O 61 48.23 5.49 -43.70
N ALA O 62 49.12 4.57 -44.06
CA ALA O 62 48.88 3.69 -45.20
C ALA O 62 49.36 2.29 -44.85
N ALA O 63 49.30 1.39 -45.83
CA ALA O 63 49.73 0.02 -45.61
C ALA O 63 51.23 -0.07 -45.78
N VAL O 64 51.87 -0.80 -44.87
CA VAL O 64 53.31 -0.98 -44.88
C VAL O 64 53.60 -2.41 -45.34
N SER O 65 54.13 -2.53 -46.56
CA SER O 65 54.32 -3.82 -47.18
C SER O 65 55.43 -4.62 -46.49
N PRO O 66 55.38 -5.96 -46.54
CA PRO O 66 56.40 -6.77 -45.87
C PRO O 66 57.77 -6.52 -46.49
N GLY O 67 58.77 -6.34 -45.61
CA GLY O 67 60.10 -5.92 -46.00
C GLY O 67 60.39 -4.46 -45.74
N ALA O 68 59.37 -3.61 -45.71
CA ALA O 68 59.54 -2.23 -45.29
C ALA O 68 59.92 -2.18 -43.81
N GLU O 69 60.62 -1.12 -43.43
CA GLU O 69 60.95 -0.93 -42.02
C GLU O 69 60.73 0.51 -41.63
N LEU O 70 60.08 0.71 -40.48
CA LEU O 70 59.76 2.02 -39.95
C LEU O 70 60.54 2.16 -38.65
N LEU O 71 61.50 3.07 -38.60
CA LEU O 71 62.26 3.25 -37.38
C LEU O 71 62.30 4.71 -36.99
N ALA O 72 62.06 4.96 -35.71
CA ALA O 72 61.98 6.30 -35.15
C ALA O 72 62.34 6.21 -33.68
N ASP O 73 62.97 7.26 -33.15
CA ASP O 73 63.38 7.23 -31.75
C ASP O 73 62.27 7.73 -30.81
N GLY O 74 61.11 8.05 -31.33
CA GLY O 74 59.94 8.26 -30.49
C GLY O 74 58.96 7.12 -30.65
N ASN O 75 57.67 7.42 -30.71
CA ASN O 75 56.66 6.39 -30.89
C ASN O 75 56.43 6.16 -32.38
N ILE O 76 55.71 5.09 -32.69
CA ILE O 76 55.33 4.76 -34.06
C ILE O 76 53.85 4.43 -34.05
N HIS O 77 53.06 5.15 -34.83
CA HIS O 77 51.64 4.88 -34.96
C HIS O 77 51.36 4.46 -36.39
N VAL O 78 50.86 3.24 -36.57
CA VAL O 78 50.58 2.69 -37.89
C VAL O 78 49.08 2.45 -37.97
N TYR O 79 48.38 3.27 -38.74
CA TYR O 79 46.93 3.18 -38.86
C TYR O 79 46.49 2.45 -40.13
N GLY O 80 47.33 1.54 -40.63
CA GLY O 80 46.98 0.67 -41.71
C GLY O 80 47.30 -0.77 -41.36
N PRO O 81 47.35 -1.66 -42.34
CA PRO O 81 47.83 -3.02 -42.08
C PRO O 81 49.34 -3.06 -42.16
N MET O 82 50.00 -3.18 -41.01
CA MET O 82 51.46 -3.21 -41.00
C MET O 82 51.97 -4.64 -41.12
N ARG O 83 52.83 -4.87 -42.11
CA ARG O 83 53.46 -6.15 -42.31
C ARG O 83 54.98 -6.05 -42.35
N GLY O 84 55.55 -4.90 -42.01
CA GLY O 84 56.99 -4.68 -42.03
C GLY O 84 57.60 -4.72 -40.65
N ARG O 85 58.72 -4.02 -40.48
CA ARG O 85 59.48 -4.02 -39.23
C ARG O 85 59.35 -2.66 -38.58
N ALA O 86 58.77 -2.61 -37.38
CA ALA O 86 58.66 -1.40 -36.59
C ALA O 86 59.75 -1.37 -35.53
N LEU O 87 60.56 -0.31 -35.52
CA LEU O 87 61.69 -0.21 -34.59
C LEU O 87 61.57 1.12 -33.84
N ALA O 88 60.99 1.07 -32.65
CA ALA O 88 60.71 2.26 -31.86
C ALA O 88 61.85 2.56 -30.89
N GLY O 89 62.03 3.86 -30.61
CA GLY O 89 63.03 4.29 -29.64
C GLY O 89 64.43 3.85 -29.98
N VAL O 90 64.83 3.97 -31.25
CA VAL O 90 66.07 3.34 -31.72
C VAL O 90 67.30 3.91 -31.03
N LYS O 91 67.27 5.20 -30.68
CA LYS O 91 68.42 5.81 -30.01
C LYS O 91 68.22 5.84 -28.50
N GLY O 92 67.91 4.68 -27.92
CA GLY O 92 67.91 4.51 -26.47
C GLY O 92 66.83 5.25 -25.71
N ASP O 93 65.58 4.77 -25.79
CA ASP O 93 64.49 5.36 -25.03
C ASP O 93 63.49 4.25 -24.72
N ALA O 94 63.49 3.78 -23.48
CA ALA O 94 62.63 2.68 -23.08
C ALA O 94 61.20 3.11 -22.78
N THR O 95 60.81 4.32 -23.16
CA THR O 95 59.44 4.80 -23.01
C THR O 95 58.70 4.94 -24.32
N ALA O 96 59.32 4.56 -25.44
CA ALA O 96 58.67 4.56 -26.74
C ALA O 96 57.57 3.48 -26.78
N ARG O 97 56.71 3.58 -27.79
CA ARG O 97 55.59 2.67 -27.95
C ARG O 97 55.31 2.46 -29.44
N ILE O 98 54.72 1.32 -29.75
CA ILE O 98 54.26 1.02 -31.10
C ILE O 98 52.76 0.77 -31.04
N PHE O 99 52.01 1.40 -31.93
CA PHE O 99 50.57 1.20 -32.01
C PHE O 99 50.23 0.79 -33.44
N CYS O 100 49.62 -0.38 -33.58
CA CYS O 100 49.17 -0.86 -34.89
C CYS O 100 47.68 -1.09 -34.86
N GLN O 101 47.01 -0.82 -35.98
CA GLN O 101 45.61 -1.18 -36.07
C GLN O 101 45.44 -2.66 -36.38
N GLN O 102 46.38 -3.24 -37.11
CA GLN O 102 46.37 -4.66 -37.47
C GLN O 102 47.78 -5.17 -37.24
N LEU O 103 47.97 -5.96 -36.19
CA LEU O 103 49.30 -6.49 -35.86
C LEU O 103 49.63 -7.62 -36.83
N ALA O 104 50.49 -7.34 -37.80
CA ALA O 104 51.04 -8.38 -38.66
C ALA O 104 52.51 -8.12 -38.93
N ALA O 105 53.21 -7.47 -37.99
CA ALA O 105 54.58 -7.09 -38.22
C ALA O 105 55.47 -8.32 -38.33
N GLU O 106 56.57 -8.16 -39.08
CA GLU O 106 57.63 -9.16 -39.10
C GLU O 106 58.55 -9.04 -37.89
N LEU O 107 58.64 -7.83 -37.31
CA LEU O 107 59.45 -7.58 -36.13
C LEU O 107 58.93 -6.32 -35.47
N VAL O 108 58.85 -6.33 -34.14
CA VAL O 108 58.61 -5.14 -33.35
C VAL O 108 59.73 -5.06 -32.32
N SER O 109 60.25 -3.86 -32.09
CA SER O 109 61.39 -3.71 -31.20
C SER O 109 61.40 -2.31 -30.62
N ILE O 110 61.44 -2.20 -29.30
CA ILE O 110 61.55 -0.92 -28.62
C ILE O 110 62.92 -0.86 -27.95
N ALA O 111 63.75 0.09 -28.39
CA ALA O 111 65.06 0.38 -27.80
C ALA O 111 66.00 -0.81 -27.86
N GLY O 112 65.71 -1.84 -28.67
CA GLY O 112 66.61 -2.96 -28.86
C GLY O 112 65.99 -4.31 -28.54
N ASN O 113 65.03 -4.34 -27.62
CA ASN O 113 64.36 -5.59 -27.25
C ASN O 113 63.33 -5.91 -28.32
N TYR O 114 63.61 -6.93 -29.13
CA TYR O 114 62.76 -7.22 -30.27
C TYR O 114 61.82 -8.37 -29.96
N LYS O 115 61.02 -8.74 -30.96
CA LYS O 115 60.04 -9.81 -30.86
C LYS O 115 59.62 -10.13 -32.30
N VAL O 116 60.14 -11.24 -32.85
CA VAL O 116 59.92 -11.50 -34.26
C VAL O 116 58.50 -12.00 -34.50
N ALA O 117 58.10 -12.13 -35.76
CA ALA O 117 56.74 -12.52 -36.06
C ALA O 117 56.43 -13.97 -35.71
N GLU O 118 57.45 -14.79 -35.44
CA GLU O 118 57.21 -16.21 -35.23
C GLU O 118 56.49 -16.41 -33.90
N ASP O 119 56.96 -15.76 -32.85
CA ASP O 119 56.33 -15.83 -31.54
C ASP O 119 55.23 -14.79 -31.33
N LEU O 120 55.05 -13.86 -32.27
CA LEU O 120 53.89 -12.98 -32.20
C LEU O 120 52.65 -13.65 -32.75
N ARG O 121 52.79 -14.50 -33.77
CA ARG O 121 51.65 -15.24 -34.29
C ARG O 121 51.10 -16.20 -33.27
N ARG O 122 51.96 -16.70 -32.37
CA ARG O 122 51.53 -17.66 -31.37
C ARG O 122 50.58 -17.04 -30.36
N SER O 123 50.74 -15.77 -30.05
CA SER O 123 49.87 -15.09 -29.09
C SER O 123 48.55 -14.71 -29.75
N PRO O 124 47.53 -14.33 -28.96
CA PRO O 124 46.36 -13.68 -29.56
C PRO O 124 46.74 -12.28 -30.02
N GLN O 125 45.74 -11.47 -30.38
CA GLN O 125 45.96 -10.13 -30.92
C GLN O 125 46.83 -10.13 -32.17
N TRP O 126 46.93 -11.25 -32.88
CA TRP O 126 47.56 -11.24 -34.19
C TRP O 126 46.50 -10.80 -35.20
N GLY O 127 46.79 -9.74 -35.95
CA GLY O 127 45.80 -9.09 -36.79
C GLY O 127 44.83 -8.21 -36.05
N LYS O 128 45.08 -7.93 -34.77
CA LYS O 128 44.20 -7.12 -33.95
C LYS O 128 44.90 -5.81 -33.59
N ALA O 129 44.09 -4.82 -33.18
CA ALA O 129 44.65 -3.53 -32.80
C ALA O 129 45.46 -3.70 -31.51
N VAL O 130 46.74 -3.40 -31.60
CA VAL O 130 47.69 -3.82 -30.57
C VAL O 130 48.49 -2.59 -30.11
N HIS O 131 49.09 -2.72 -28.94
CA HIS O 131 49.80 -1.60 -28.32
C HIS O 131 51.03 -2.15 -27.62
N VAL O 132 52.19 -1.93 -28.20
CA VAL O 132 53.45 -2.53 -27.76
C VAL O 132 54.19 -1.51 -26.91
N SER O 133 54.72 -1.98 -25.78
CA SER O 133 55.39 -1.13 -24.82
C SER O 133 56.47 -1.95 -24.13
N LEU O 134 57.53 -1.26 -23.68
CA LEU O 134 58.66 -1.94 -23.04
C LEU O 134 58.59 -1.74 -21.54
N SER O 135 58.31 -2.82 -20.81
CA SER O 135 58.23 -2.81 -19.34
C SER O 135 59.54 -3.35 -18.81
N GLY O 136 60.46 -2.44 -18.45
CA GLY O 136 61.72 -2.83 -17.87
C GLY O 136 62.66 -3.46 -18.88
N ASP O 137 62.40 -4.72 -19.23
CA ASP O 137 63.23 -5.42 -20.19
C ASP O 137 62.45 -6.36 -21.11
N VAL O 138 61.14 -6.46 -20.95
CA VAL O 138 60.32 -7.33 -21.80
C VAL O 138 59.29 -6.50 -22.55
N LEU O 139 58.91 -6.97 -23.73
CA LEU O 139 57.87 -6.33 -24.53
C LEU O 139 56.49 -6.76 -24.05
N ASN O 140 55.54 -5.84 -24.09
CA ASN O 140 54.16 -6.14 -23.77
C ASN O 140 53.29 -6.02 -25.01
N ILE O 141 52.22 -6.80 -25.04
CA ILE O 141 51.33 -6.87 -26.20
C ILE O 141 49.91 -6.76 -25.67
N THR O 142 49.37 -5.55 -25.69
CA THR O 142 48.05 -5.27 -25.15
C THR O 142 47.04 -5.20 -26.29
N ARG O 143 45.76 -5.17 -25.94
CA ARG O 143 44.76 -5.12 -26.99
C ARG O 143 43.94 -3.83 -26.87
N PRO P 37 58.94 14.78 -25.86
CA PRO P 37 58.00 15.84 -26.24
C PRO P 37 56.68 15.31 -26.81
N THR P 38 56.31 14.09 -26.44
CA THR P 38 54.98 13.54 -26.70
C THR P 38 54.39 13.12 -25.36
N LYS P 39 53.49 13.94 -24.82
CA LYS P 39 52.95 13.72 -23.49
C LYS P 39 51.98 12.53 -23.51
N VAL P 40 52.22 11.56 -22.64
CA VAL P 40 51.39 10.36 -22.53
C VAL P 40 50.58 10.42 -21.25
N VAL P 41 49.27 10.16 -21.36
CA VAL P 41 48.35 10.12 -20.23
C VAL P 41 47.86 8.68 -20.07
N LYS P 42 48.32 7.98 -19.04
CA LYS P 42 47.98 6.58 -18.87
C LYS P 42 46.84 6.34 -17.88
N THR P 43 46.29 7.38 -17.27
CA THR P 43 45.21 7.22 -16.31
C THR P 43 43.88 7.56 -16.95
N PRO P 44 42.76 7.15 -16.36
CA PRO P 44 41.45 7.60 -16.87
C PRO P 44 41.31 9.11 -16.72
N VAL P 45 40.92 9.76 -17.81
CA VAL P 45 40.82 11.23 -17.86
C VAL P 45 39.37 11.56 -17.50
N ARG P 46 39.12 11.75 -16.21
CA ARG P 46 37.75 11.81 -15.72
C ARG P 46 37.09 13.12 -16.12
N GLY P 47 35.77 13.16 -15.96
CA GLY P 47 35.02 14.35 -16.35
C GLY P 47 35.45 15.56 -15.56
N GLY P 48 35.44 16.72 -16.22
CA GLY P 48 35.91 17.94 -15.61
C GLY P 48 37.39 18.18 -15.75
N MET P 49 38.18 17.12 -15.96
CA MET P 49 39.62 17.23 -16.19
C MET P 49 39.91 17.87 -17.54
N GLN P 50 41.06 18.55 -17.63
CA GLN P 50 41.56 19.05 -18.91
C GLN P 50 43.04 18.71 -18.99
N ILE P 51 43.45 18.16 -20.13
CA ILE P 51 44.84 17.81 -20.40
C ILE P 51 45.33 18.70 -21.52
N TYR P 52 46.49 19.33 -21.34
CA TYR P 52 47.00 20.29 -22.33
C TYR P 52 48.44 19.94 -22.68
N ALA P 53 48.63 19.24 -23.79
CA ALA P 53 49.95 18.99 -24.37
C ALA P 53 50.42 20.27 -25.05
N ALA P 54 51.34 20.99 -24.40
CA ALA P 54 51.66 22.36 -24.80
C ALA P 54 52.60 22.43 -26.00
N GLY P 55 53.43 21.42 -26.21
CA GLY P 55 54.42 21.49 -27.27
C GLY P 55 54.02 20.77 -28.54
N GLY P 56 53.57 19.52 -28.41
CA GLY P 56 53.23 18.70 -29.56
C GLY P 56 52.11 17.72 -29.32
N ASP P 57 52.36 16.45 -29.62
CA ASP P 57 51.35 15.41 -29.58
C ASP P 57 50.83 15.18 -28.17
N LEU P 58 49.74 14.42 -28.10
CA LEU P 58 49.16 13.96 -26.85
C LEU P 58 48.60 12.55 -27.09
N ILE P 59 49.10 11.58 -26.33
CA ILE P 59 48.63 10.20 -26.42
C ILE P 59 47.87 9.90 -25.14
N VAL P 60 46.62 9.48 -25.27
CA VAL P 60 45.78 9.13 -24.13
C VAL P 60 45.47 7.63 -24.23
N LEU P 61 46.00 6.85 -23.31
CA LEU P 61 45.85 5.41 -23.34
C LEU P 61 44.73 4.90 -22.45
N ALA P 62 43.76 5.75 -22.12
CA ALA P 62 42.68 5.34 -21.24
C ALA P 62 41.37 5.95 -21.73
N ALA P 63 40.31 5.73 -20.96
CA ALA P 63 39.00 6.25 -21.31
C ALA P 63 38.90 7.70 -20.87
N VAL P 64 38.34 8.54 -21.74
CA VAL P 64 38.15 9.96 -21.47
C VAL P 64 36.66 10.17 -21.22
N SER P 65 36.33 10.44 -19.95
CA SER P 65 34.95 10.51 -19.51
C SER P 65 34.26 11.75 -20.08
N PRO P 66 32.94 11.73 -20.26
CA PRO P 66 32.26 12.89 -20.84
C PRO P 66 32.41 14.12 -19.98
N GLY P 67 32.73 15.24 -20.61
CA GLY P 67 33.07 16.47 -19.91
C GLY P 67 34.54 16.79 -19.88
N ALA P 68 35.41 15.79 -19.98
CA ALA P 68 36.84 16.03 -20.11
C ALA P 68 37.15 16.71 -21.43
N GLU P 69 38.25 17.46 -21.46
CA GLU P 69 38.70 18.06 -22.71
C GLU P 69 40.20 17.89 -22.85
N LEU P 70 40.62 17.43 -24.04
CA LEU P 70 42.01 17.15 -24.35
C LEU P 70 42.39 18.12 -25.46
N LEU P 71 43.28 19.05 -25.18
CA LEU P 71 43.69 19.98 -26.22
C LEU P 71 45.20 20.04 -26.32
N ALA P 72 45.68 20.00 -27.56
CA ALA P 72 47.10 19.94 -27.86
C ALA P 72 47.30 20.61 -29.21
N ASP P 73 48.44 21.27 -29.38
CA ASP P 73 48.73 21.94 -30.64
C ASP P 73 49.38 21.02 -31.66
N GLY P 74 49.59 19.76 -31.30
CA GLY P 74 49.95 18.74 -32.27
C GLY P 74 48.79 17.79 -32.51
N ASN P 75 49.08 16.51 -32.63
CA ASN P 75 48.02 15.54 -32.85
C ASN P 75 47.47 15.07 -31.52
N ILE P 76 46.38 14.32 -31.59
CA ILE P 76 45.77 13.69 -30.42
C ILE P 76 45.48 12.25 -30.77
N HIS P 77 46.05 11.32 -30.02
CA HIS P 77 45.78 9.91 -30.21
C HIS P 77 45.06 9.40 -28.99
N VAL P 78 43.85 8.89 -29.17
CA VAL P 78 43.08 8.36 -28.05
C VAL P 78 42.87 6.88 -28.30
N TYR P 79 43.57 6.04 -27.53
CA TYR P 79 43.48 4.59 -27.67
C TYR P 79 42.54 3.96 -26.66
N GLY P 80 41.56 4.73 -26.19
CA GLY P 80 40.51 4.19 -25.36
C GLY P 80 39.16 4.63 -25.91
N PRO P 81 38.10 4.50 -25.10
CA PRO P 81 36.80 5.04 -25.50
C PRO P 81 36.71 6.52 -25.15
N MET P 82 36.76 7.37 -26.17
CA MET P 82 36.70 8.81 -25.93
C MET P 82 35.26 9.29 -25.93
N ARG P 83 34.87 9.98 -24.85
CA ARG P 83 33.56 10.60 -24.77
C ARG P 83 33.64 12.10 -24.46
N GLY P 84 34.82 12.70 -24.52
CA GLY P 84 35.01 14.11 -24.22
C GLY P 84 35.19 14.96 -25.47
N ARG P 85 35.91 16.08 -25.30
CA ARG P 85 36.15 17.04 -26.37
C ARG P 85 37.62 17.01 -26.76
N ALA P 86 37.90 16.67 -28.00
CA ALA P 86 39.26 16.69 -28.56
C ALA P 86 39.48 17.97 -29.35
N LEU P 87 40.52 18.71 -28.99
CA LEU P 87 40.82 20.01 -29.63
C LEU P 87 42.26 19.95 -30.12
N ALA P 88 42.46 19.57 -31.36
CA ALA P 88 43.81 19.37 -31.92
C ALA P 88 44.30 20.62 -32.63
N GLY P 89 45.62 20.81 -32.61
CA GLY P 89 46.23 21.95 -33.29
C GLY P 89 45.71 23.28 -32.81
N VAL P 90 45.58 23.45 -31.49
CA VAL P 90 44.85 24.59 -30.93
C VAL P 90 45.51 25.92 -31.25
N LYS P 91 46.83 25.95 -31.37
CA LYS P 91 47.54 27.20 -31.67
C LYS P 91 47.82 27.34 -33.16
N GLY P 92 46.77 27.23 -33.97
CA GLY P 92 46.84 27.53 -35.38
C GLY P 92 47.65 26.55 -36.19
N ASP P 93 47.10 25.36 -36.43
CA ASP P 93 47.77 24.36 -37.26
C ASP P 93 46.72 23.50 -37.95
N ALA P 94 46.51 23.72 -39.25
CA ALA P 94 45.51 22.97 -40.00
C ALA P 94 46.00 21.61 -40.48
N THR P 95 47.16 21.14 -39.98
CA THR P 95 47.67 19.82 -40.31
C THR P 95 47.66 18.84 -39.14
N ALA P 96 47.12 19.25 -37.98
CA ALA P 96 46.94 18.35 -36.86
C ALA P 96 45.89 17.29 -37.20
N ARG P 97 45.84 16.25 -36.37
CA ARG P 97 44.93 15.14 -36.61
C ARG P 97 44.46 14.56 -35.30
N ILE P 98 43.29 13.93 -35.32
CA ILE P 98 42.72 13.23 -34.18
C ILE P 98 42.53 11.78 -34.58
N PHE P 99 42.97 10.85 -33.74
CA PHE P 99 42.75 9.43 -33.97
C PHE P 99 42.07 8.87 -32.74
N CYS P 100 40.89 8.29 -32.92
CA CYS P 100 40.19 7.65 -31.82
C CYS P 100 39.97 6.19 -32.17
N GLN P 101 40.05 5.31 -31.17
CA GLN P 101 39.71 3.92 -31.42
C GLN P 101 38.21 3.73 -31.43
N GLN P 102 37.47 4.53 -30.65
CA GLN P 102 36.01 4.49 -30.60
C GLN P 102 35.53 5.93 -30.63
N LEU P 103 34.93 6.34 -31.76
CA LEU P 103 34.45 7.72 -31.88
C LEU P 103 33.14 7.88 -31.11
N ALA P 104 33.22 8.50 -29.93
CA ALA P 104 32.04 8.91 -29.18
C ALA P 104 32.23 10.31 -28.61
N ALA P 105 33.00 11.15 -29.30
CA ALA P 105 33.35 12.45 -28.80
C ALA P 105 32.12 13.35 -28.70
N GLU P 106 32.18 14.31 -27.78
CA GLU P 106 31.20 15.38 -27.71
C GLU P 106 31.52 16.50 -28.68
N LEU P 107 32.79 16.66 -29.02
CA LEU P 107 33.25 17.68 -29.96
C LEU P 107 34.64 17.31 -30.44
N VAL P 108 34.89 17.45 -31.73
CA VAL P 108 36.24 17.36 -32.28
C VAL P 108 36.51 18.63 -33.05
N SER P 109 37.73 19.15 -32.94
CA SER P 109 38.03 20.45 -33.54
C SER P 109 39.52 20.52 -33.84
N ILE P 110 39.84 20.79 -35.10
CA ILE P 110 41.22 21.00 -35.53
C ILE P 110 41.38 22.46 -35.93
N ALA P 111 42.24 23.17 -35.20
CA ALA P 111 42.62 24.55 -35.49
C ALA P 111 41.44 25.51 -35.48
N GLY P 112 40.29 25.12 -34.94
CA GLY P 112 39.15 26.01 -34.80
C GLY P 112 37.88 25.48 -35.43
N ASN P 113 38.01 24.68 -36.49
CA ASN P 113 36.84 24.11 -37.17
C ASN P 113 36.35 22.92 -36.37
N TYR P 114 35.20 23.07 -35.72
CA TYR P 114 34.72 22.02 -34.84
C TYR P 114 33.64 21.19 -35.52
N LYS P 115 33.12 20.23 -34.77
CA LYS P 115 32.10 19.30 -35.25
C LYS P 115 31.51 18.67 -34.00
N VAL P 116 30.31 19.08 -33.60
CA VAL P 116 29.76 18.65 -32.32
C VAL P 116 29.25 17.22 -32.42
N ALA P 117 28.86 16.64 -31.28
CA ALA P 117 28.43 15.24 -31.24
C ALA P 117 27.09 15.04 -31.92
N GLU P 118 26.36 16.10 -32.21
CA GLU P 118 25.01 15.93 -32.74
C GLU P 118 25.05 15.44 -34.18
N ASP P 119 25.89 16.07 -35.01
CA ASP P 119 26.06 15.66 -36.40
C ASP P 119 27.13 14.60 -36.62
N LEU P 120 27.88 14.23 -35.57
CA LEU P 120 28.79 13.09 -35.69
C LEU P 120 28.04 11.78 -35.55
N ARG P 121 26.97 11.76 -34.76
CA ARG P 121 26.15 10.56 -34.66
C ARG P 121 25.45 10.25 -35.98
N ARG P 122 25.13 11.29 -36.76
CA ARG P 122 24.40 11.09 -38.00
C ARG P 122 25.22 10.35 -39.04
N SER P 123 26.53 10.56 -39.09
CA SER P 123 27.35 9.86 -40.07
C SER P 123 27.60 8.44 -39.58
N PRO P 124 28.11 7.54 -40.46
CA PRO P 124 28.63 6.27 -39.97
C PRO P 124 29.92 6.50 -39.20
N GLN P 125 30.64 5.43 -38.89
CA GLN P 125 31.85 5.51 -38.08
C GLN P 125 31.59 6.13 -36.71
N TRP P 126 30.35 6.13 -36.24
CA TRP P 126 30.09 6.49 -34.85
C TRP P 126 30.32 5.26 -33.99
N GLY P 127 31.21 5.38 -33.01
CA GLY P 127 31.69 4.24 -32.25
C GLY P 127 32.73 3.40 -32.96
N LYS P 128 33.29 3.89 -34.06
CA LYS P 128 34.26 3.18 -34.87
C LYS P 128 35.62 3.86 -34.78
N ALA P 129 36.66 3.14 -35.18
CA ALA P 129 38.00 3.71 -35.21
C ALA P 129 38.06 4.76 -36.31
N VAL P 130 38.37 5.99 -35.92
CA VAL P 130 38.18 7.14 -36.79
C VAL P 130 39.48 7.93 -36.85
N HIS P 131 39.59 8.78 -37.88
CA HIS P 131 40.78 9.58 -38.13
C HIS P 131 40.33 10.91 -38.68
N VAL P 132 40.41 11.96 -37.86
CA VAL P 132 39.87 13.28 -38.19
C VAL P 132 41.00 14.16 -38.70
N SER P 133 40.74 14.87 -39.79
CA SER P 133 41.74 15.70 -40.44
C SER P 133 41.05 16.90 -41.08
N LEU P 134 41.79 17.99 -41.21
CA LEU P 134 41.24 19.23 -41.74
C LEU P 134 41.73 19.41 -43.18
N SER P 135 40.81 19.30 -44.14
CA SER P 135 41.10 19.50 -45.56
C SER P 135 40.63 20.92 -45.92
N GLY P 136 41.57 21.86 -45.89
CA GLY P 136 41.27 23.22 -46.26
C GLY P 136 40.42 23.96 -45.23
N ASP P 137 39.12 23.66 -45.20
CA ASP P 137 38.23 24.32 -44.25
C ASP P 137 37.14 23.41 -43.68
N VAL P 138 37.06 22.15 -44.09
CA VAL P 138 36.07 21.22 -43.57
C VAL P 138 36.78 20.06 -42.91
N LEU P 139 36.13 19.49 -41.89
CA LEU P 139 36.64 18.30 -41.21
C LEU P 139 36.27 17.03 -41.98
N ASN P 140 37.17 16.07 -41.98
CA ASN P 140 36.95 14.77 -42.60
C ASN P 140 36.90 13.69 -41.53
N ILE P 141 36.15 12.63 -41.82
CA ILE P 141 35.91 11.55 -40.87
C ILE P 141 36.17 10.25 -41.61
N THR P 142 37.36 9.68 -41.45
CA THR P 142 37.76 8.47 -42.15
C THR P 142 37.57 7.27 -41.23
N ARG P 143 37.67 6.08 -41.80
CA ARG P 143 37.53 4.89 -40.98
C ARG P 143 38.81 4.07 -41.06
N ALA Q 2 11.67 39.16 -19.10
CA ALA Q 2 11.15 40.25 -18.27
C ALA Q 2 11.00 39.82 -16.82
N LYS Q 3 10.76 38.52 -16.60
CA LYS Q 3 10.55 37.96 -15.27
C LYS Q 3 11.57 36.86 -15.01
N ILE Q 4 12.57 37.15 -14.19
CA ILE Q 4 13.56 36.16 -13.76
C ILE Q 4 12.99 35.43 -12.54
N LEU Q 5 12.70 34.14 -12.69
CA LEU Q 5 12.30 33.31 -11.56
C LEU Q 5 13.30 32.16 -11.41
N VAL Q 6 13.75 31.95 -10.17
CA VAL Q 6 14.76 30.95 -9.85
C VAL Q 6 14.09 29.73 -9.22
N VAL Q 7 14.49 28.54 -9.68
CA VAL Q 7 14.12 27.31 -9.01
C VAL Q 7 15.21 27.00 -7.99
N THR Q 8 14.86 27.02 -6.71
CA THR Q 8 15.83 26.76 -5.65
C THR Q 8 15.25 25.79 -4.64
N SER Q 9 16.11 25.35 -3.72
CA SER Q 9 15.67 24.46 -2.65
C SER Q 9 16.48 24.56 -1.37
N GLY Q 10 17.81 24.46 -1.49
CA GLY Q 10 18.66 24.28 -0.34
C GLY Q 10 19.08 22.83 -0.17
N LYS Q 11 18.11 21.96 0.04
CA LYS Q 11 18.37 20.52 0.12
C LYS Q 11 18.60 19.98 -1.29
N GLY Q 12 19.73 19.33 -1.50
CA GLY Q 12 20.04 18.81 -2.82
C GLY Q 12 19.22 17.58 -3.17
N GLY Q 13 18.97 17.41 -4.47
CA GLY Q 13 18.31 16.22 -4.95
C GLY Q 13 16.81 16.22 -4.87
N VAL Q 14 16.19 17.34 -4.49
CA VAL Q 14 14.74 17.38 -4.34
C VAL Q 14 14.07 17.35 -5.71
N GLY Q 15 14.75 17.84 -6.73
CA GLY Q 15 14.27 17.83 -8.09
C GLY Q 15 14.37 19.20 -8.73
N LYS Q 16 15.43 19.97 -8.47
CA LYS Q 16 15.41 21.33 -9.00
C LYS Q 16 15.53 21.31 -10.53
N THR Q 17 16.50 20.54 -11.05
CA THR Q 17 16.68 20.47 -12.49
C THR Q 17 15.46 19.89 -13.17
N THR Q 18 14.86 18.85 -12.58
CA THR Q 18 13.65 18.29 -13.15
C THR Q 18 12.54 19.32 -13.22
N THR Q 19 12.37 20.11 -12.16
CA THR Q 19 11.36 21.16 -12.16
C THR Q 19 11.75 22.30 -13.09
N SER Q 20 13.03 22.64 -13.14
CA SER Q 20 13.48 23.73 -14.00
C SER Q 20 13.21 23.39 -15.47
N ALA Q 21 13.57 22.17 -15.89
CA ALA Q 21 13.27 21.75 -17.26
C ALA Q 21 11.78 21.63 -17.49
N ALA Q 22 11.02 21.22 -16.47
CA ALA Q 22 9.58 21.04 -16.68
C ALA Q 22 8.88 22.39 -16.78
N ILE Q 23 9.20 23.30 -15.87
CA ILE Q 23 8.54 24.60 -15.89
C ILE Q 23 9.08 25.45 -17.03
N GLY Q 24 10.34 25.24 -17.41
CA GLY Q 24 10.87 25.98 -18.54
C GLY Q 24 10.23 25.59 -19.85
N THR Q 25 9.83 24.32 -19.99
CA THR Q 25 9.12 23.90 -21.19
C THR Q 25 7.65 24.26 -21.12
N GLY Q 26 7.05 24.14 -19.94
CA GLY Q 26 5.64 24.48 -19.80
C GLY Q 26 5.33 25.92 -20.14
N LEU Q 27 6.25 26.85 -19.87
CA LEU Q 27 6.02 28.24 -20.22
C LEU Q 27 6.35 28.54 -21.67
N ALA Q 28 7.10 27.68 -22.36
CA ALA Q 28 7.30 27.83 -23.79
C ALA Q 28 6.14 27.25 -24.60
N LEU Q 29 5.52 26.18 -24.13
CA LEU Q 29 4.29 25.70 -24.74
C LEU Q 29 3.17 26.74 -24.67
N ARG Q 30 3.13 27.52 -23.59
CA ARG Q 30 2.11 28.55 -23.48
C ARG Q 30 2.36 29.69 -24.47
N GLY Q 31 3.61 29.92 -24.86
CA GLY Q 31 3.89 30.89 -25.89
C GLY Q 31 4.94 31.92 -25.54
N PHE Q 32 5.34 31.98 -24.27
CA PHE Q 32 6.33 32.95 -23.84
C PHE Q 32 7.73 32.56 -24.32
N LYS Q 33 8.46 33.52 -24.88
CA LYS Q 33 9.85 33.28 -25.30
C LYS Q 33 10.72 33.14 -24.06
N THR Q 34 11.14 31.92 -23.77
CA THR Q 34 11.77 31.55 -22.52
C THR Q 34 13.22 31.14 -22.72
N VAL Q 35 14.05 31.35 -21.68
CA VAL Q 35 15.37 30.73 -21.61
C VAL Q 35 15.56 30.12 -20.23
N ILE Q 36 16.29 29.02 -20.18
CA ILE Q 36 16.65 28.37 -18.93
C ILE Q 36 18.17 28.45 -18.79
N VAL Q 37 18.64 28.96 -17.66
CA VAL Q 37 20.07 29.12 -17.41
C VAL Q 37 20.47 28.09 -16.36
N ASP Q 38 21.27 27.12 -16.77
CA ASP Q 38 21.93 26.19 -15.84
C ASP Q 38 23.01 26.94 -15.07
N PHE Q 39 22.78 27.15 -13.79
CA PHE Q 39 23.73 27.86 -12.94
C PHE Q 39 24.71 26.95 -12.21
N ASP Q 40 24.59 25.64 -12.39
CA ASP Q 40 25.50 24.69 -11.75
C ASP Q 40 26.75 24.54 -12.61
N VAL Q 41 27.63 25.51 -12.47
CA VAL Q 41 28.85 25.59 -13.27
C VAL Q 41 29.86 24.57 -12.76
N GLY Q 42 30.41 23.76 -13.66
CA GLY Q 42 31.36 22.75 -13.30
C GLY Q 42 30.76 21.41 -12.94
N LEU Q 43 29.46 21.37 -12.69
CA LEU Q 43 28.75 20.15 -12.33
C LEU Q 43 27.44 20.12 -13.11
N ARG Q 44 27.54 20.32 -14.42
CA ARG Q 44 26.38 20.60 -15.25
C ARG Q 44 25.43 19.41 -15.30
N ASN Q 45 24.14 19.71 -15.31
CA ASN Q 45 23.12 18.66 -15.36
C ASN Q 45 21.92 18.98 -16.23
N LEU Q 46 21.67 20.25 -16.58
CA LEU Q 46 20.40 20.60 -17.22
C LEU Q 46 20.33 20.18 -18.67
N ASP Q 47 21.40 20.41 -19.45
CA ASP Q 47 21.40 20.03 -20.86
C ASP Q 47 21.25 18.53 -21.04
N LEU Q 48 21.58 17.73 -20.02
CA LEU Q 48 21.47 16.29 -20.15
C LEU Q 48 20.01 15.86 -20.21
N ILE Q 49 19.13 16.49 -19.40
CA ILE Q 49 17.72 16.15 -19.37
C ILE Q 49 16.88 17.05 -20.26
N MET Q 50 17.45 18.13 -20.79
CA MET Q 50 16.81 18.88 -21.86
C MET Q 50 17.04 18.26 -23.22
N GLY Q 51 17.88 17.22 -23.31
CA GLY Q 51 18.24 16.61 -24.57
C GLY Q 51 19.10 17.46 -25.46
N CYS Q 52 19.83 18.42 -24.89
CA CYS Q 52 20.57 19.41 -25.65
C CYS Q 52 22.07 19.21 -25.53
N GLU Q 53 22.51 18.05 -25.04
CA GLU Q 53 23.91 17.89 -24.65
C GLU Q 53 24.85 17.70 -25.82
N ARG Q 54 24.35 17.22 -26.95
CA ARG Q 54 25.20 17.04 -28.12
C ARG Q 54 25.34 18.30 -28.95
N ARG Q 55 24.46 19.29 -28.75
CA ARG Q 55 24.53 20.52 -29.52
C ARG Q 55 25.33 21.62 -28.83
N VAL Q 56 25.81 21.39 -27.61
CA VAL Q 56 26.52 22.42 -26.86
C VAL Q 56 27.90 22.64 -27.47
N VAL Q 57 28.18 23.89 -27.83
CA VAL Q 57 29.52 24.32 -28.22
C VAL Q 57 30.10 25.28 -27.19
N TYR Q 58 29.36 26.33 -26.88
CA TYR Q 58 29.74 27.31 -25.88
C TYR Q 58 28.74 27.26 -24.73
N ASP Q 59 29.17 27.66 -23.55
CA ASP Q 59 28.37 27.46 -22.35
C ASP Q 59 28.22 28.73 -21.52
N PHE Q 60 27.77 28.58 -20.26
CA PHE Q 60 27.47 29.75 -19.45
C PHE Q 60 28.72 30.56 -19.15
N VAL Q 61 29.83 29.88 -18.82
CA VAL Q 61 31.04 30.57 -18.39
C VAL Q 61 31.78 31.20 -19.55
N ASN Q 62 31.49 30.81 -20.79
CA ASN Q 62 32.05 31.52 -21.93
C ASN Q 62 31.44 32.90 -22.08
N VAL Q 63 30.11 33.01 -21.95
CA VAL Q 63 29.47 34.31 -22.09
C VAL Q 63 29.94 35.28 -21.02
N VAL Q 64 30.17 34.77 -19.81
CA VAL Q 64 30.68 35.62 -18.73
C VAL Q 64 32.08 36.12 -19.06
N ASN Q 65 32.98 35.21 -19.41
CA ASN Q 65 34.36 35.58 -19.73
C ASN Q 65 34.49 36.26 -21.09
N GLY Q 66 33.45 36.25 -21.91
CA GLY Q 66 33.51 36.92 -23.20
C GLY Q 66 34.15 36.14 -24.32
N GLU Q 67 34.31 34.82 -24.16
CA GLU Q 67 34.85 33.98 -25.22
C GLU Q 67 33.82 33.68 -26.30
N ALA Q 68 32.56 34.08 -26.09
CA ALA Q 68 31.52 33.94 -27.10
C ALA Q 68 30.40 34.92 -26.75
N THR Q 69 29.50 35.12 -27.71
CA THR Q 69 28.37 36.00 -27.51
C THR Q 69 27.16 35.21 -27.00
N LEU Q 70 26.11 35.93 -26.62
CA LEU Q 70 24.92 35.25 -26.12
C LEU Q 70 24.13 34.56 -27.23
N THR Q 71 24.26 35.01 -28.47
CA THR Q 71 23.62 34.29 -29.57
C THR Q 71 24.41 33.05 -29.97
N GLN Q 72 25.74 33.07 -29.76
CA GLN Q 72 26.56 31.91 -30.05
C GLN Q 72 26.39 30.79 -29.04
N ALA Q 73 25.96 31.11 -27.82
CA ALA Q 73 25.87 30.13 -26.75
C ALA Q 73 24.48 29.56 -26.55
N LEU Q 74 23.44 30.32 -26.91
CA LEU Q 74 22.08 29.84 -26.71
C LEU Q 74 21.79 28.70 -27.67
N ILE Q 75 21.10 27.69 -27.18
CA ILE Q 75 20.71 26.53 -27.98
C ILE Q 75 19.20 26.61 -28.15
N LYS Q 76 18.77 26.99 -29.35
CA LYS Q 76 17.36 26.85 -29.71
C LYS Q 76 16.98 25.37 -29.66
N ASP Q 77 15.80 25.09 -29.12
CA ASP Q 77 15.30 23.72 -29.13
C ASP Q 77 14.89 23.29 -30.54
N LYS Q 78 14.69 21.99 -30.68
CA LYS Q 78 14.20 21.40 -31.91
C LYS Q 78 12.68 21.20 -31.88
N ARG Q 79 12.12 20.90 -30.70
CA ARG Q 79 10.68 20.69 -30.55
C ARG Q 79 9.92 21.98 -30.25
N LEU Q 80 10.58 22.97 -29.64
CA LEU Q 80 9.96 24.24 -29.30
C LEU Q 80 10.76 25.37 -29.91
N GLU Q 81 10.06 26.41 -30.36
CA GLU Q 81 10.72 27.60 -30.87
C GLU Q 81 10.84 28.71 -29.85
N ASN Q 82 10.08 28.64 -28.76
CA ASN Q 82 10.18 29.64 -27.71
C ASN Q 82 11.20 29.28 -26.64
N LEU Q 83 11.81 28.10 -26.70
CA LEU Q 83 12.64 27.60 -25.61
C LEU Q 83 14.10 27.58 -26.00
N HIS Q 84 14.93 28.25 -25.19
CA HIS Q 84 16.39 28.24 -25.36
C HIS Q 84 17.05 27.83 -24.06
N VAL Q 85 18.25 27.26 -24.17
CA VAL Q 85 18.99 26.76 -23.03
C VAL Q 85 20.41 27.30 -23.08
N LEU Q 86 20.83 27.96 -22.00
CA LEU Q 86 22.22 28.35 -21.83
C LEU Q 86 22.88 27.38 -20.85
N ALA Q 87 23.50 26.33 -21.39
CA ALA Q 87 24.04 25.27 -20.54
C ALA Q 87 25.33 25.75 -19.86
N ALA Q 88 25.82 24.95 -18.92
CA ALA Q 88 27.00 25.30 -18.14
C ALA Q 88 28.18 24.43 -18.53
N SER Q 89 29.32 24.68 -17.87
CA SER Q 89 30.55 23.97 -18.19
C SER Q 89 30.73 22.77 -17.27
N GLN Q 90 31.79 22.01 -17.52
CA GLN Q 90 32.26 20.97 -16.62
C GLN Q 90 33.67 21.24 -16.13
N THR Q 91 34.44 22.08 -16.82
CA THR Q 91 35.84 22.30 -16.47
C THR Q 91 35.99 23.26 -15.30
N ARG Q 92 35.47 24.47 -15.45
CA ARG Q 92 35.64 25.50 -14.44
C ARG Q 92 34.49 25.43 -13.43
N ASP Q 93 34.82 25.55 -12.16
CA ASP Q 93 33.84 25.41 -11.08
C ASP Q 93 33.21 26.76 -10.76
N LYS Q 94 32.47 26.83 -9.64
CA LYS Q 94 31.54 27.94 -9.41
C LYS Q 94 32.21 29.21 -8.92
N ASP Q 95 33.53 29.26 -8.79
CA ASP Q 95 34.18 30.53 -8.48
C ASP Q 95 34.42 31.38 -9.72
N ALA Q 96 34.33 30.78 -10.92
CA ALA Q 96 34.53 31.47 -12.18
C ALA Q 96 33.30 32.25 -12.64
N LEU Q 97 32.33 32.47 -11.76
CA LEU Q 97 31.16 33.31 -12.02
C LEU Q 97 31.24 34.51 -11.07
N THR Q 98 31.49 35.68 -11.62
CA THR Q 98 31.47 36.87 -10.79
C THR Q 98 30.02 37.34 -10.60
N LYS Q 99 29.79 38.11 -9.54
CA LYS Q 99 28.50 38.79 -9.44
C LYS Q 99 28.33 39.81 -10.55
N GLU Q 100 29.44 40.44 -10.98
CA GLU Q 100 29.37 41.43 -12.04
C GLU Q 100 29.23 40.80 -13.41
N GLY Q 101 29.89 39.66 -13.63
CA GLY Q 101 29.81 39.01 -14.92
C GLY Q 101 28.45 38.41 -15.20
N VAL Q 102 27.83 37.83 -14.17
CA VAL Q 102 26.48 37.30 -14.31
C VAL Q 102 25.46 38.41 -14.43
N GLU Q 103 25.78 39.62 -13.93
CA GLU Q 103 24.86 40.75 -14.08
C GLU Q 103 24.72 41.16 -15.54
N LYS Q 104 25.82 41.10 -16.31
CA LYS Q 104 25.76 41.47 -17.72
C LYS Q 104 24.92 40.50 -18.51
N VAL Q 105 25.04 39.20 -18.22
CA VAL Q 105 24.26 38.20 -18.95
C VAL Q 105 22.78 38.32 -18.60
N MET Q 106 22.46 38.66 -17.34
CA MET Q 106 21.06 38.84 -16.96
C MET Q 106 20.46 40.07 -17.62
N ALA Q 107 21.28 41.08 -17.90
CA ALA Q 107 20.77 42.31 -18.50
C ALA Q 107 20.31 42.05 -19.93
N GLU Q 108 21.18 41.47 -20.77
CA GLU Q 108 20.82 41.25 -22.16
C GLU Q 108 19.94 40.04 -22.36
N LEU Q 109 19.79 39.17 -21.36
CA LEU Q 109 18.75 38.15 -21.43
C LEU Q 109 17.38 38.76 -21.14
N ARG Q 110 17.34 39.77 -20.28
CA ARG Q 110 16.07 40.41 -19.93
C ARG Q 110 15.53 41.25 -21.08
N LYS Q 111 16.38 41.68 -22.02
CA LYS Q 111 15.91 42.46 -23.15
C LYS Q 111 15.19 41.59 -24.18
N ASP Q 112 15.65 40.36 -24.39
CA ASP Q 112 15.12 39.53 -25.47
C ASP Q 112 14.04 38.55 -25.02
N PHE Q 113 14.03 38.13 -23.77
CA PHE Q 113 13.20 37.01 -23.35
C PHE Q 113 12.09 37.47 -22.41
N GLU Q 114 11.05 36.63 -22.34
CA GLU Q 114 9.89 36.87 -21.49
C GLU Q 114 10.07 36.24 -20.10
N TYR Q 115 10.49 34.98 -20.06
CA TYR Q 115 10.71 34.26 -18.82
C TYR Q 115 12.14 33.72 -18.81
N ILE Q 116 12.83 33.95 -17.70
CA ILE Q 116 14.17 33.40 -17.45
C ILE Q 116 14.08 32.45 -16.27
N ILE Q 117 14.34 31.17 -16.50
CA ILE Q 117 14.28 30.18 -15.44
C ILE Q 117 15.71 29.87 -15.02
N CYS Q 118 16.00 29.96 -13.74
CA CYS Q 118 17.37 29.81 -13.23
C CYS Q 118 17.48 28.55 -12.37
N ASP Q 119 18.01 27.47 -12.94
CA ASP Q 119 18.20 26.21 -12.23
C ASP Q 119 19.36 26.38 -11.25
N SER Q 120 19.03 26.64 -9.98
CA SER Q 120 20.03 26.88 -8.96
C SER Q 120 20.73 25.57 -8.58
N PRO Q 121 22.04 25.61 -8.25
CA PRO Q 121 22.67 24.41 -7.66
C PRO Q 121 22.26 24.23 -6.22
N ALA Q 122 22.70 23.16 -5.57
CA ALA Q 122 22.27 22.90 -4.21
C ALA Q 122 23.11 23.69 -3.21
N GLY Q 123 22.54 23.95 -2.04
CA GLY Q 123 23.26 24.55 -0.92
C GLY Q 123 22.97 26.02 -0.73
N ILE Q 124 23.75 26.63 0.15
CA ILE Q 124 23.59 28.05 0.48
C ILE Q 124 24.89 28.79 0.20
N GLU Q 125 25.64 28.33 -0.81
CA GLU Q 125 26.94 28.89 -1.11
C GLU Q 125 26.88 29.82 -2.32
N LYS Q 126 28.05 30.14 -2.89
CA LYS Q 126 28.16 31.22 -3.86
C LYS Q 126 27.50 30.87 -5.19
N GLY Q 127 27.50 29.60 -5.60
CA GLY Q 127 26.80 29.25 -6.82
C GLY Q 127 25.29 29.32 -6.66
N ALA Q 128 24.79 29.01 -5.46
CA ALA Q 128 23.37 29.13 -5.17
C ALA Q 128 22.96 30.56 -4.86
N HIS Q 129 23.92 31.44 -4.60
CA HIS Q 129 23.63 32.83 -4.31
C HIS Q 129 23.46 33.64 -5.59
N LEU Q 130 24.23 33.33 -6.64
CA LEU Q 130 24.11 34.10 -7.87
C LEU Q 130 22.82 33.77 -8.63
N ALA Q 131 22.31 32.56 -8.48
CA ALA Q 131 21.02 32.25 -9.06
C ALA Q 131 19.91 32.96 -8.29
N MET Q 132 20.03 33.00 -6.96
CA MET Q 132 19.08 33.71 -6.11
C MET Q 132 19.04 35.21 -6.42
N TYR Q 133 20.19 35.80 -6.76
CA TYR Q 133 20.41 37.24 -6.58
C TYR Q 133 19.49 38.08 -7.45
N PHE Q 134 19.56 37.92 -8.77
CA PHE Q 134 18.84 38.80 -9.68
C PHE Q 134 17.41 38.35 -9.92
N ALA Q 135 16.87 37.50 -9.06
CA ALA Q 135 15.56 36.90 -9.29
C ALA Q 135 14.42 37.82 -8.85
N ASP Q 136 13.29 37.66 -9.53
CA ASP Q 136 12.05 38.38 -9.25
C ASP Q 136 11.05 37.51 -8.52
N GLU Q 137 10.99 36.23 -8.89
CA GLU Q 137 10.26 35.21 -8.15
C GLU Q 137 11.18 34.02 -7.90
N ALA Q 138 10.71 33.10 -7.07
CA ALA Q 138 11.51 31.94 -6.67
C ALA Q 138 10.56 30.80 -6.38
N ILE Q 139 10.76 29.68 -7.07
CA ILE Q 139 10.08 28.43 -6.73
C ILE Q 139 11.00 27.63 -5.81
N VAL Q 140 10.53 27.32 -4.61
CA VAL Q 140 11.28 26.54 -3.64
C VAL Q 140 10.79 25.12 -3.73
N VAL Q 141 11.71 24.17 -3.93
CA VAL Q 141 11.38 22.77 -4.13
C VAL Q 141 11.56 22.02 -2.82
N THR Q 142 10.61 21.17 -2.49
CA THR Q 142 10.56 20.56 -1.18
C THR Q 142 10.12 19.11 -1.28
N ASN Q 143 10.82 18.25 -0.64
CA ASN Q 143 10.22 16.94 -0.53
C ASN Q 143 9.36 16.89 0.73
N PRO Q 144 8.28 16.12 0.73
CA PRO Q 144 7.52 15.97 1.97
C PRO Q 144 8.26 15.09 2.97
N GLU Q 145 9.32 15.63 3.56
CA GLU Q 145 10.13 14.90 4.54
C GLU Q 145 10.69 15.91 5.53
N VAL Q 146 11.08 15.42 6.71
CA VAL Q 146 11.43 16.34 7.79
C VAL Q 146 12.65 17.17 7.43
N SER Q 147 13.64 16.58 6.76
CA SER Q 147 14.85 17.32 6.44
C SER Q 147 14.58 18.35 5.36
N SER Q 148 13.89 17.95 4.29
CA SER Q 148 13.69 18.85 3.16
C SER Q 148 12.77 20.01 3.47
N VAL Q 149 11.94 19.91 4.51
CA VAL Q 149 11.16 21.08 4.91
C VAL Q 149 12.01 22.02 5.77
N ARG Q 150 12.84 21.46 6.65
CA ARG Q 150 13.73 22.31 7.46
C ARG Q 150 14.70 23.07 6.58
N ASP Q 151 15.27 22.41 5.57
CA ASP Q 151 16.31 23.01 4.75
C ASP Q 151 15.74 23.83 3.62
N SER Q 152 14.44 23.71 3.35
CA SER Q 152 13.75 24.62 2.46
C SER Q 152 13.22 25.83 3.19
N ASP Q 153 13.19 25.78 4.54
CA ASP Q 153 12.81 26.92 5.37
C ASP Q 153 13.97 27.89 5.51
N ARG Q 154 15.19 27.38 5.63
CA ARG Q 154 16.37 28.23 5.58
C ARG Q 154 16.41 29.00 4.27
N MET Q 155 15.89 28.42 3.20
CA MET Q 155 15.98 29.04 1.88
C MET Q 155 15.01 30.21 1.75
N LEU Q 156 13.80 30.10 2.30
CA LEU Q 156 12.84 31.19 2.19
C LEU Q 156 13.29 32.42 2.97
N GLY Q 157 14.12 32.23 4.01
CA GLY Q 157 14.70 33.36 4.70
C GLY Q 157 15.89 33.97 4.01
N LEU Q 158 16.43 33.29 3.00
CA LEU Q 158 17.50 33.84 2.17
C LEU Q 158 16.96 34.51 0.92
N LEU Q 159 15.71 34.25 0.55
CA LEU Q 159 15.03 35.00 -0.49
C LEU Q 159 14.28 36.20 0.09
N ALA Q 160 14.69 36.67 1.27
CA ALA Q 160 14.10 37.85 1.88
C ALA Q 160 15.13 38.83 2.41
N SER Q 161 16.40 38.45 2.47
CA SER Q 161 17.45 39.29 3.02
C SER Q 161 18.65 39.40 2.11
N LYS Q 162 19.01 38.33 1.41
CA LYS Q 162 20.22 38.28 0.62
C LYS Q 162 19.96 38.53 -0.86
N SER Q 163 18.78 39.02 -1.21
CA SER Q 163 18.43 39.16 -2.61
C SER Q 163 19.06 40.44 -3.17
N GLN Q 164 18.68 40.82 -4.39
CA GLN Q 164 18.96 42.15 -4.90
C GLN Q 164 17.82 43.11 -4.62
N ARG Q 165 16.59 42.59 -4.59
CA ARG Q 165 15.43 43.37 -4.19
C ARG Q 165 15.32 43.48 -2.67
N ALA Q 166 16.30 42.96 -1.93
CA ALA Q 166 16.36 43.16 -0.49
C ALA Q 166 17.44 44.16 -0.08
N GLU Q 167 18.54 44.23 -0.84
CA GLU Q 167 19.57 45.23 -0.61
C GLU Q 167 19.29 46.54 -1.34
N LYS Q 168 18.41 46.53 -2.33
CA LYS Q 168 18.00 47.75 -3.02
C LYS Q 168 16.60 48.18 -2.63
N GLY Q 169 15.91 47.40 -1.80
CA GLY Q 169 14.68 47.85 -1.16
C GLY Q 169 13.44 47.86 -2.02
N GLU Q 170 13.43 47.12 -3.14
CA GLU Q 170 12.21 46.99 -3.93
C GLU Q 170 11.28 45.97 -3.27
N GLU Q 171 10.22 45.63 -3.97
CA GLU Q 171 9.31 44.60 -3.48
C GLU Q 171 10.05 43.26 -3.42
N PRO Q 172 9.88 42.47 -2.36
CA PRO Q 172 10.69 41.25 -2.20
C PRO Q 172 10.32 40.20 -3.23
N ILE Q 173 11.15 39.16 -3.26
CA ILE Q 173 10.94 38.07 -4.22
C ILE Q 173 9.65 37.35 -3.90
N LYS Q 174 8.78 37.20 -4.90
CA LYS Q 174 7.56 36.40 -4.75
C LYS Q 174 7.92 34.92 -4.72
N GLU Q 175 7.67 34.28 -3.58
CA GLU Q 175 8.08 32.90 -3.35
C GLU Q 175 6.94 31.93 -3.63
N HIS Q 176 7.27 30.75 -4.15
CA HIS Q 176 6.29 29.71 -4.47
C HIS Q 176 6.81 28.36 -3.97
N LEU Q 177 5.93 27.57 -3.39
CA LEU Q 177 6.32 26.25 -2.88
C LEU Q 177 5.84 25.17 -3.82
N LEU Q 178 6.66 24.16 -4.01
CA LEU Q 178 6.32 23.05 -4.90
C LEU Q 178 6.82 21.77 -4.27
N LEU Q 179 5.91 20.90 -3.82
CA LEU Q 179 6.30 19.59 -3.30
C LEU Q 179 6.54 18.64 -4.47
N THR Q 180 7.76 18.11 -4.53
CA THR Q 180 8.13 17.15 -5.54
C THR Q 180 8.23 15.76 -4.92
N ARG Q 181 8.26 14.75 -5.80
CA ARG Q 181 8.28 13.33 -5.46
C ARG Q 181 7.50 13.04 -4.18
N TYR Q 182 6.27 13.54 -4.19
CA TYR Q 182 5.28 13.34 -3.13
C TYR Q 182 4.68 11.96 -3.26
N ASN Q 183 4.76 11.16 -2.19
CA ASN Q 183 4.18 9.82 -2.23
C ASN Q 183 2.90 9.80 -1.41
N PRO Q 184 1.72 9.80 -2.04
CA PRO Q 184 0.48 9.89 -1.25
C PRO Q 184 0.24 8.69 -0.37
N GLU Q 185 0.80 7.53 -0.73
CA GLU Q 185 0.60 6.33 0.05
C GLU Q 185 1.42 6.35 1.34
N ARG Q 186 2.60 6.97 1.31
CA ARG Q 186 3.46 7.05 2.48
C ARG Q 186 3.09 8.16 3.44
N VAL Q 187 2.22 9.09 3.05
CA VAL Q 187 1.77 10.09 4.02
C VAL Q 187 0.64 9.57 4.88
N THR Q 188 -0.03 8.49 4.47
CA THR Q 188 -1.05 7.89 5.32
C THR Q 188 -0.43 6.94 6.34
N LYS Q 189 0.72 6.33 5.99
CA LYS Q 189 1.50 5.59 6.97
C LYS Q 189 2.21 6.49 7.96
N GLY Q 190 2.27 7.80 7.69
CA GLY Q 190 2.82 8.75 8.62
C GLY Q 190 4.32 8.99 8.50
N GLU Q 191 5.00 8.33 7.57
CA GLU Q 191 6.43 8.48 7.41
C GLU Q 191 6.82 9.64 6.49
N MET Q 192 5.85 10.35 5.92
CA MET Q 192 6.09 11.59 5.21
C MET Q 192 5.10 12.63 5.71
N LEU Q 193 5.42 13.89 5.47
CA LEU Q 193 4.52 14.95 5.85
C LEU Q 193 3.40 15.06 4.82
N SER Q 194 2.22 15.45 5.28
CA SER Q 194 1.10 15.59 4.36
C SER Q 194 1.24 16.90 3.59
N VAL Q 195 0.27 17.17 2.73
CA VAL Q 195 0.31 18.42 1.97
C VAL Q 195 0.01 19.62 2.85
N ASP Q 196 -0.67 19.41 3.98
CA ASP Q 196 -1.06 20.51 4.86
C ASP Q 196 -0.06 20.77 5.97
N ASP Q 197 0.77 19.79 6.33
CA ASP Q 197 1.83 20.03 7.30
C ASP Q 197 2.91 20.93 6.73
N VAL Q 198 3.22 20.76 5.44
CA VAL Q 198 4.17 21.63 4.77
C VAL Q 198 3.56 23.01 4.53
N GLU Q 199 2.25 23.07 4.29
CA GLU Q 199 1.59 24.36 4.12
C GLU Q 199 1.48 25.10 5.44
N GLU Q 200 1.63 24.40 6.57
CA GLU Q 200 1.56 24.97 7.91
C GLU Q 200 2.93 25.34 8.47
N ILE Q 201 3.92 24.45 8.33
CA ILE Q 201 5.25 24.73 8.87
C ILE Q 201 5.94 25.82 8.05
N LEU Q 202 5.90 25.71 6.73
CA LEU Q 202 6.48 26.74 5.89
C LEU Q 202 5.56 27.94 5.78
N ALA Q 203 4.24 27.72 5.78
CA ALA Q 203 3.23 28.79 5.85
C ALA Q 203 3.28 29.72 4.64
N ILE Q 204 3.24 29.11 3.44
CA ILE Q 204 3.03 29.85 2.19
C ILE Q 204 2.08 29.06 1.29
N ARG Q 205 1.80 29.62 0.12
CA ARG Q 205 0.84 29.05 -0.83
C ARG Q 205 1.52 28.05 -1.76
N LEU Q 206 0.94 26.85 -1.84
CA LEU Q 206 1.52 25.80 -2.69
C LEU Q 206 1.31 26.10 -4.16
N LEU Q 207 2.40 26.02 -4.93
CA LEU Q 207 2.28 26.04 -6.38
C LEU Q 207 1.75 24.72 -6.92
N GLY Q 208 1.99 23.61 -6.21
CA GLY Q 208 1.47 22.34 -6.65
C GLY Q 208 2.20 21.19 -5.99
N VAL Q 209 1.67 19.99 -6.20
CA VAL Q 209 2.17 18.77 -5.60
C VAL Q 209 2.37 17.74 -6.69
N ILE Q 210 3.61 17.29 -6.87
CA ILE Q 210 4.01 16.44 -7.99
C ILE Q 210 4.28 15.04 -7.46
N PRO Q 211 3.53 14.03 -7.87
CA PRO Q 211 3.65 12.70 -7.25
C PRO Q 211 4.98 12.03 -7.59
N GLU Q 212 5.28 10.99 -6.82
CA GLU Q 212 6.34 10.06 -7.17
C GLU Q 212 5.97 9.32 -8.45
N SER Q 213 6.88 9.30 -9.41
CA SER Q 213 6.57 8.72 -10.72
C SER Q 213 7.79 8.05 -11.32
N GLN Q 214 7.59 6.89 -11.92
CA GLN Q 214 8.64 6.30 -12.74
C GLN Q 214 8.79 7.02 -14.07
N ALA Q 215 7.82 7.85 -14.44
CA ALA Q 215 7.91 8.60 -15.68
C ALA Q 215 8.99 9.67 -15.63
N VAL Q 216 9.38 10.10 -14.43
CA VAL Q 216 10.39 11.15 -14.30
C VAL Q 216 11.76 10.61 -14.67
N LEU Q 217 12.09 9.40 -14.18
CA LEU Q 217 13.37 8.79 -14.55
C LEU Q 217 13.37 8.32 -16.00
N LYS Q 218 12.21 7.93 -16.55
CA LYS Q 218 12.16 7.51 -17.94
C LYS Q 218 12.35 8.69 -18.87
N ALA Q 219 11.81 9.86 -18.50
CA ALA Q 219 11.87 11.01 -19.40
C ALA Q 219 13.29 11.56 -19.48
N SER Q 220 13.98 11.66 -18.34
CA SER Q 220 15.36 12.12 -18.37
C SER Q 220 16.29 11.10 -18.99
N ASN Q 221 15.87 9.84 -19.07
CA ASN Q 221 16.67 8.80 -19.72
C ASN Q 221 16.54 8.85 -21.23
N GLN Q 222 15.53 9.53 -21.77
CA GLN Q 222 15.38 9.66 -23.21
C GLN Q 222 15.57 11.10 -23.69
N GLY Q 223 15.85 12.03 -22.79
CA GLY Q 223 16.21 13.38 -23.15
C GLY Q 223 15.09 14.39 -23.12
N VAL Q 224 13.85 13.97 -22.82
CA VAL Q 224 12.70 14.86 -22.88
C VAL Q 224 12.31 15.36 -21.48
N PRO Q 225 11.90 16.61 -21.32
CA PRO Q 225 11.26 17.00 -20.06
C PRO Q 225 9.95 16.24 -19.87
N VAL Q 226 9.55 16.11 -18.61
CA VAL Q 226 8.40 15.27 -18.27
C VAL Q 226 7.06 15.99 -18.45
N ILE Q 227 7.08 17.31 -18.64
CA ILE Q 227 5.84 18.00 -18.98
C ILE Q 227 5.46 17.77 -20.44
N LEU Q 228 6.41 17.31 -21.26
CA LEU Q 228 6.12 16.84 -22.61
C LEU Q 228 5.70 15.37 -22.63
N ASP Q 229 5.44 14.79 -21.47
CA ASP Q 229 4.87 13.46 -21.33
C ASP Q 229 3.54 13.62 -20.61
N GLU Q 230 2.46 13.82 -21.37
CA GLU Q 230 1.16 14.14 -20.80
C GLU Q 230 0.34 12.91 -20.43
N GLN Q 231 0.79 11.71 -20.80
CA GLN Q 231 0.05 10.51 -20.43
C GLN Q 231 0.22 10.16 -18.95
N SER Q 232 1.33 10.57 -18.34
CA SER Q 232 1.65 10.17 -16.98
C SER Q 232 0.91 11.05 -15.97
N ASP Q 233 1.09 10.71 -14.69
CA ASP Q 233 0.50 11.49 -13.61
C ASP Q 233 1.34 12.73 -13.28
N ALA Q 234 2.67 12.60 -13.35
CA ALA Q 234 3.52 13.74 -13.00
C ALA Q 234 3.46 14.81 -14.08
N GLY Q 235 3.40 14.41 -15.35
CA GLY Q 235 3.31 15.39 -16.42
C GLY Q 235 2.06 16.24 -16.33
N GLN Q 236 0.95 15.64 -15.92
CA GLN Q 236 -0.24 16.43 -15.59
C GLN Q 236 0.08 17.40 -14.46
N ALA Q 237 0.64 16.88 -13.36
CA ALA Q 237 0.89 17.69 -12.18
C ALA Q 237 1.91 18.79 -12.42
N TYR Q 238 2.81 18.61 -13.40
CA TYR Q 238 3.73 19.68 -13.76
C TYR Q 238 3.05 20.73 -14.63
N SER Q 239 2.08 20.32 -15.44
CA SER Q 239 1.43 21.24 -16.36
C SER Q 239 0.33 22.04 -15.69
N ASP Q 240 -0.03 21.71 -14.46
CA ASP Q 240 -0.95 22.53 -13.69
C ASP Q 240 -0.22 23.55 -12.84
N ALA Q 241 0.99 23.22 -12.40
CA ALA Q 241 1.79 24.16 -11.61
C ALA Q 241 2.21 25.37 -12.45
N VAL Q 242 2.32 25.20 -13.76
CA VAL Q 242 2.66 26.34 -14.62
C VAL Q 242 1.45 27.22 -14.84
N ASP Q 243 0.24 26.64 -14.89
CA ASP Q 243 -0.95 27.47 -14.94
C ASP Q 243 -1.15 28.20 -13.62
N ARG Q 244 -0.81 27.56 -12.51
CA ARG Q 244 -0.89 28.23 -11.21
C ARG Q 244 0.16 29.33 -11.08
N LEU Q 245 1.22 29.25 -11.88
CA LEU Q 245 2.17 30.36 -11.97
C LEU Q 245 1.56 31.56 -12.67
N LEU Q 246 0.64 31.33 -13.60
CA LEU Q 246 0.00 32.38 -14.38
C LEU Q 246 -1.37 32.77 -13.81
N GLY Q 247 -1.58 32.60 -12.50
CA GLY Q 247 -2.78 33.05 -11.82
C GLY Q 247 -3.95 32.08 -11.84
N LYS Q 248 -4.03 31.19 -12.82
CA LYS Q 248 -5.20 30.32 -13.00
C LYS Q 248 -5.23 29.26 -11.90
N GLU Q 249 -6.12 29.42 -10.93
CA GLU Q 249 -6.18 28.51 -9.79
C GLU Q 249 -6.84 27.20 -10.18
N ILE Q 250 -6.19 26.09 -9.81
CA ILE Q 250 -6.63 24.73 -10.14
C ILE Q 250 -6.65 23.90 -8.87
N PRO Q 251 -7.68 23.07 -8.64
CA PRO Q 251 -7.66 22.18 -7.45
C PRO Q 251 -6.64 21.06 -7.60
N HIS Q 252 -5.87 20.82 -6.54
CA HIS Q 252 -4.77 19.87 -6.59
C HIS Q 252 -5.30 18.44 -6.77
N ARG Q 253 -4.60 17.64 -7.56
CA ARG Q 253 -4.98 16.26 -7.84
C ARG Q 253 -3.89 15.28 -7.39
N PHE Q 254 -4.17 13.99 -7.59
CA PHE Q 254 -3.23 12.89 -7.40
C PHE Q 254 -2.83 12.66 -5.95
N LEU Q 255 -3.57 13.21 -4.99
CA LEU Q 255 -3.22 13.06 -3.58
C LEU Q 255 -3.95 11.89 -2.92
N ALA R 2 42.63 9.06 13.48
CA ALA R 2 43.87 8.69 12.79
C ALA R 2 43.62 8.53 11.29
N LYS R 3 42.41 8.11 10.93
CA LYS R 3 42.03 7.89 9.54
C LYS R 3 40.82 8.77 9.24
N ILE R 4 41.05 9.90 8.57
CA ILE R 4 39.97 10.79 8.13
C ILE R 4 39.48 10.33 6.77
N LEU R 5 38.24 9.84 6.72
CA LEU R 5 37.62 9.52 5.44
C LEU R 5 36.37 10.38 5.27
N VAL R 6 36.23 10.97 4.08
CA VAL R 6 35.13 11.86 3.78
C VAL R 6 34.09 11.10 2.95
N VAL R 7 32.83 11.26 3.32
CA VAL R 7 31.72 10.78 2.50
C VAL R 7 31.31 11.93 1.59
N THR R 8 31.50 11.76 0.28
CA THR R 8 31.22 12.81 -0.68
C THR R 8 30.41 12.24 -1.84
N SER R 9 29.94 13.14 -2.71
CA SER R 9 29.24 12.70 -3.90
C SER R 9 29.36 13.65 -5.08
N GLY R 10 29.09 14.93 -4.84
CA GLY R 10 28.92 15.88 -5.91
C GLY R 10 27.46 16.13 -6.20
N LYS R 11 26.76 15.08 -6.64
CA LYS R 11 25.32 15.16 -6.88
C LYS R 11 24.58 15.14 -5.54
N GLY R 12 23.74 16.15 -5.32
CA GLY R 12 23.05 16.26 -4.06
C GLY R 12 21.93 15.25 -3.90
N GLY R 13 21.68 14.86 -2.66
CA GLY R 13 20.55 14.01 -2.33
C GLY R 13 20.74 12.54 -2.57
N VAL R 14 21.96 12.10 -2.88
CA VAL R 14 22.19 10.69 -3.19
C VAL R 14 22.14 9.86 -1.92
N GLY R 15 22.45 10.46 -0.79
CA GLY R 15 22.38 9.78 0.49
C GLY R 15 23.66 9.97 1.28
N LYS R 16 24.29 11.16 1.22
CA LYS R 16 25.58 11.29 1.89
C LYS R 16 25.40 11.25 3.40
N THR R 17 24.45 12.05 3.92
CA THR R 17 24.21 12.06 5.36
C THR R 17 23.73 10.70 5.83
N THR R 18 22.88 10.05 5.05
CA THR R 18 22.45 8.69 5.40
C THR R 18 23.63 7.74 5.48
N THR R 19 24.53 7.80 4.50
CA THR R 19 25.70 6.95 4.54
C THR R 19 26.67 7.37 5.63
N SER R 20 26.80 8.68 5.85
CA SER R 20 27.73 9.16 6.88
C SER R 20 27.32 8.66 8.25
N ALA R 21 26.04 8.82 8.63
CA ALA R 21 25.59 8.33 9.92
C ALA R 21 25.65 6.80 10.00
N ALA R 22 25.43 6.11 8.88
CA ALA R 22 25.43 4.66 8.93
C ALA R 22 26.86 4.12 9.08
N ILE R 23 27.79 4.64 8.30
CA ILE R 23 29.16 4.13 8.36
C ILE R 23 29.85 4.61 9.62
N GLY R 24 29.46 5.79 10.12
CA GLY R 24 30.04 6.26 11.38
C GLY R 24 29.56 5.45 12.57
N THR R 25 28.33 4.95 12.51
CA THR R 25 27.83 4.07 13.56
C THR R 25 28.34 2.65 13.39
N GLY R 26 28.45 2.19 12.14
CA GLY R 26 28.97 0.85 11.91
C GLY R 26 30.37 0.67 12.45
N LEU R 27 31.19 1.73 12.41
CA LEU R 27 32.54 1.64 12.94
C LEU R 27 32.60 1.81 14.46
N ALA R 28 31.56 2.35 15.08
CA ALA R 28 31.51 2.38 16.54
C ALA R 28 30.99 1.06 17.12
N LEU R 29 30.07 0.40 16.42
CA LEU R 29 29.67 -0.95 16.81
C LEU R 29 30.85 -1.90 16.77
N ARG R 30 31.76 -1.71 15.81
CA ARG R 30 32.94 -2.57 15.74
C ARG R 30 33.89 -2.31 16.90
N GLY R 31 33.91 -1.10 17.44
CA GLY R 31 34.73 -0.83 18.61
C GLY R 31 35.65 0.38 18.48
N PHE R 32 35.78 0.90 17.26
CA PHE R 32 36.66 2.03 17.02
C PHE R 32 36.04 3.30 17.58
N LYS R 33 36.84 4.09 18.30
CA LYS R 33 36.36 5.37 18.84
C LYS R 33 36.23 6.38 17.71
N THR R 34 34.99 6.70 17.32
CA THR R 34 34.67 7.42 16.10
C THR R 34 34.10 8.80 16.40
N VAL R 35 34.29 9.72 15.47
CA VAL R 35 33.54 10.97 15.45
C VAL R 35 33.02 11.21 14.03
N ILE R 36 31.84 11.81 13.96
CA ILE R 36 31.25 12.23 12.69
C ILE R 36 31.12 13.74 12.72
N VAL R 37 31.64 14.40 11.69
CA VAL R 37 31.59 15.86 11.59
C VAL R 37 30.64 16.24 10.47
N ASP R 38 29.53 16.88 10.83
CA ASP R 38 28.66 17.51 9.85
C ASP R 38 29.35 18.75 9.28
N PHE R 39 29.75 18.70 8.02
CA PHE R 39 30.43 19.80 7.37
C PHE R 39 29.49 20.74 6.63
N ASP R 40 28.19 20.45 6.62
CA ASP R 40 27.19 21.28 5.96
C ASP R 40 26.78 22.39 6.92
N VAL R 41 27.64 23.39 7.00
CA VAL R 41 27.45 24.50 7.95
C VAL R 41 26.37 25.42 7.43
N GLY R 42 25.40 25.74 8.29
CA GLY R 42 24.31 26.61 7.92
C GLY R 42 23.10 25.90 7.35
N LEU R 43 23.26 24.64 6.95
CA LEU R 43 22.17 23.85 6.40
C LEU R 43 22.23 22.45 7.00
N ARG R 44 22.34 22.38 8.32
CA ARG R 44 22.69 21.15 9.02
C ARG R 44 21.59 20.10 8.89
N ASN R 45 22.03 18.84 8.79
CA ASN R 45 21.12 17.69 8.66
C ASN R 45 21.57 16.47 9.44
N LEU R 46 22.83 16.39 9.89
CA LEU R 46 23.34 15.14 10.45
C LEU R 46 22.79 14.90 11.84
N ASP R 47 22.76 15.93 12.69
CA ASP R 47 22.23 15.74 14.04
C ASP R 47 20.77 15.33 14.03
N LEU R 48 20.05 15.62 12.95
CA LEU R 48 18.64 15.27 12.89
C LEU R 48 18.46 13.76 12.74
N ILE R 49 19.30 13.11 11.93
CA ILE R 49 19.21 11.67 11.73
C ILE R 49 20.15 10.88 12.62
N MET R 50 21.07 11.54 13.33
CA MET R 50 21.82 10.92 14.41
C MET R 50 21.03 10.88 15.71
N GLY R 51 19.87 11.54 15.75
CA GLY R 51 19.07 11.64 16.94
C GLY R 51 19.65 12.50 18.04
N CYS R 52 20.53 13.45 17.69
CA CYS R 52 21.27 14.24 18.66
C CYS R 52 20.83 15.69 18.67
N GLU R 53 19.67 16.02 18.09
CA GLU R 53 19.32 17.40 17.81
C GLU R 53 18.91 18.16 19.06
N ARG R 54 18.44 17.47 20.09
CA ARG R 54 18.05 18.13 21.32
C ARG R 54 19.22 18.34 22.27
N ARG R 55 20.34 17.64 22.07
CA ARG R 55 21.50 17.78 22.91
C ARG R 55 22.54 18.78 22.38
N VAL R 56 22.33 19.35 21.20
CA VAL R 56 23.34 20.25 20.64
C VAL R 56 23.30 21.57 21.40
N VAL R 57 24.44 21.96 21.94
CA VAL R 57 24.64 23.29 22.52
C VAL R 57 25.68 24.08 21.73
N TYR R 58 26.86 23.50 21.52
CA TYR R 58 27.90 24.08 20.71
C TYR R 58 28.14 23.20 19.50
N ASP R 59 28.59 23.81 18.41
CA ASP R 59 28.64 23.15 17.12
C ASP R 59 30.02 23.30 16.48
N PHE R 60 30.10 23.02 15.18
CA PHE R 60 31.37 23.04 14.46
C PHE R 60 31.92 24.45 14.36
N VAL R 61 31.05 25.43 14.08
CA VAL R 61 31.53 26.79 13.86
C VAL R 61 31.87 27.50 15.17
N ASN R 62 31.39 27.00 16.30
CA ASN R 62 31.85 27.53 17.58
C ASN R 62 33.29 27.09 17.87
N VAL R 63 33.61 25.83 17.59
CA VAL R 63 34.96 25.34 17.83
C VAL R 63 35.96 26.08 16.95
N VAL R 64 35.57 26.38 15.71
CA VAL R 64 36.45 27.09 14.80
C VAL R 64 36.75 28.50 15.31
N ASN R 65 35.69 29.26 15.64
CA ASN R 65 35.86 30.61 16.15
C ASN R 65 36.37 30.66 17.58
N GLY R 66 36.42 29.52 18.27
CA GLY R 66 36.92 29.50 19.63
C GLY R 66 35.91 29.87 20.69
N GLU R 67 34.62 29.86 20.35
CA GLU R 67 33.56 30.12 21.31
C GLU R 67 33.28 28.92 22.20
N ALA R 68 33.94 27.79 21.96
CA ALA R 68 33.84 26.61 22.81
C ALA R 68 35.04 25.73 22.52
N THR R 69 35.24 24.74 23.39
CA THR R 69 36.32 23.79 23.21
C THR R 69 35.80 22.57 22.45
N LEU R 70 36.72 21.69 22.07
CA LEU R 70 36.29 20.50 21.34
C LEU R 70 35.60 19.48 22.24
N THR R 71 35.89 19.49 23.55
CA THR R 71 35.15 18.61 24.45
C THR R 71 33.80 19.20 24.83
N GLN R 72 33.65 20.53 24.80
CA GLN R 72 32.38 21.16 25.09
C GLN R 72 31.37 20.97 23.96
N ALA R 73 31.84 20.72 22.73
CA ALA R 73 30.97 20.65 21.58
C ALA R 73 30.64 19.23 21.16
N LEU R 74 31.50 18.26 21.45
CA LEU R 74 31.26 16.89 21.03
C LEU R 74 30.10 16.28 21.81
N ILE R 75 29.23 15.57 21.10
CA ILE R 75 28.06 14.93 21.70
C ILE R 75 28.28 13.43 21.72
N LYS R 76 28.57 12.89 22.90
CA LYS R 76 28.55 11.45 23.08
C LYS R 76 27.15 10.93 22.81
N ASP R 77 27.07 9.79 22.12
CA ASP R 77 25.78 9.13 21.93
C ASP R 77 25.29 8.53 23.25
N LYS R 78 24.01 8.16 23.27
CA LYS R 78 23.44 7.48 24.42
C LYS R 78 23.46 5.97 24.26
N ARG R 79 23.32 5.47 23.03
CA ARG R 79 23.33 4.04 22.75
C ARG R 79 24.73 3.50 22.51
N LEU R 80 25.66 4.33 22.05
CA LEU R 80 27.05 3.94 21.79
C LEU R 80 27.99 4.83 22.58
N GLU R 81 29.09 4.24 23.07
CA GLU R 81 30.11 5.02 23.77
C GLU R 81 31.29 5.40 22.90
N ASN R 82 31.49 4.75 21.76
CA ASN R 82 32.57 5.11 20.86
C ASN R 82 32.18 6.18 19.86
N LEU R 83 30.92 6.60 19.83
CA LEU R 83 30.43 7.47 18.77
C LEU R 83 30.17 8.86 19.32
N HIS R 84 30.81 9.86 18.71
CA HIS R 84 30.58 11.25 19.04
C HIS R 84 30.24 12.02 17.77
N VAL R 85 29.51 13.12 17.93
CA VAL R 85 29.04 13.91 16.80
C VAL R 85 29.40 15.37 17.04
N LEU R 86 30.10 15.97 16.08
CA LEU R 86 30.35 17.40 16.07
C LEU R 86 29.39 18.02 15.06
N ALA R 87 28.24 18.49 15.53
CA ALA R 87 27.20 19.00 14.65
C ALA R 87 27.59 20.39 14.12
N ALA R 88 26.81 20.88 13.16
CA ALA R 88 27.05 22.17 12.52
C ALA R 88 25.98 23.17 12.92
N SER R 89 26.09 24.39 12.41
CA SER R 89 25.19 25.48 12.78
C SER R 89 24.06 25.62 11.76
N GLN R 90 23.14 26.54 12.08
CA GLN R 90 22.13 27.02 11.14
C GLN R 90 22.25 28.51 10.90
N THR R 91 22.92 29.26 11.77
CA THR R 91 23.00 30.70 11.65
C THR R 91 24.03 31.12 10.60
N ARG R 92 25.29 30.70 10.79
CA ARG R 92 26.38 31.07 9.92
C ARG R 92 26.54 30.04 8.82
N ASP R 93 26.76 30.52 7.58
CA ASP R 93 26.86 29.63 6.43
C ASP R 93 28.31 29.20 6.21
N LYS R 94 28.60 28.58 5.06
CA LYS R 94 29.83 27.84 4.87
C LYS R 94 31.04 28.71 4.57
N ASP R 95 30.90 30.04 4.59
CA ASP R 95 32.08 30.89 4.46
C ASP R 95 32.80 31.10 5.78
N ALA R 96 32.15 30.80 6.90
CA ALA R 96 32.73 30.96 8.24
C ALA R 96 33.66 29.81 8.62
N LEU R 97 34.07 28.98 7.68
CA LEU R 97 35.04 27.91 7.89
C LEU R 97 36.31 28.25 7.12
N THR R 98 37.37 28.54 7.84
CA THR R 98 38.66 28.79 7.22
C THR R 98 39.34 27.44 6.92
N LYS R 99 40.26 27.45 5.96
CA LYS R 99 41.12 26.29 5.83
C LYS R 99 42.02 26.13 7.05
N GLU R 100 42.43 27.26 7.66
CA GLU R 100 43.30 27.20 8.82
C GLU R 100 42.51 26.83 10.08
N GLY R 101 41.28 27.32 10.20
CA GLY R 101 40.50 27.02 11.39
C GLY R 101 40.06 25.57 11.43
N VAL R 102 39.68 25.01 10.27
CA VAL R 102 39.34 23.60 10.19
C VAL R 102 40.59 22.73 10.27
N GLU R 103 41.76 23.29 9.95
CA GLU R 103 43.00 22.53 10.10
C GLU R 103 43.29 22.25 11.57
N LYS R 104 43.01 23.22 12.45
CA LYS R 104 43.27 23.02 13.87
C LYS R 104 42.34 21.98 14.47
N VAL R 105 41.06 21.99 14.07
CA VAL R 105 40.09 21.05 14.60
C VAL R 105 40.40 19.63 14.14
N MET R 106 40.86 19.48 12.90
CA MET R 106 41.22 18.16 12.41
C MET R 106 42.46 17.64 13.12
N ALA R 107 43.34 18.56 13.57
CA ALA R 107 44.56 18.16 14.25
C ALA R 107 44.24 17.54 15.60
N GLU R 108 43.47 18.24 16.43
CA GLU R 108 43.19 17.73 17.77
C GLU R 108 42.08 16.68 17.78
N LEU R 109 41.35 16.52 16.68
CA LEU R 109 40.47 15.36 16.54
C LEU R 109 41.25 14.09 16.26
N ARG R 110 42.36 14.21 15.53
CA ARG R 110 43.18 13.06 15.18
C ARG R 110 43.93 12.49 16.37
N LYS R 111 44.11 13.28 17.43
CA LYS R 111 44.81 12.77 18.62
C LYS R 111 43.91 11.83 19.43
N ASP R 112 42.61 12.11 19.47
CA ASP R 112 41.71 11.36 20.35
C ASP R 112 40.98 10.22 19.64
N PHE R 113 40.74 10.33 18.34
CA PHE R 113 39.84 9.41 17.66
C PHE R 113 40.57 8.52 16.67
N GLU R 114 39.93 7.38 16.37
CA GLU R 114 40.42 6.38 15.44
C GLU R 114 39.92 6.63 14.02
N TYR R 115 38.62 6.88 13.88
CA TYR R 115 37.99 7.17 12.60
C TYR R 115 37.27 8.50 12.68
N ILE R 116 37.48 9.34 11.68
CA ILE R 116 36.77 10.61 11.52
C ILE R 116 35.97 10.53 10.22
N ILE R 117 34.65 10.60 10.33
CA ILE R 117 33.78 10.56 9.17
C ILE R 117 33.34 11.99 8.86
N CYS R 118 33.50 12.41 7.61
CA CYS R 118 33.24 13.78 7.20
C CYS R 118 32.03 13.82 6.26
N ASP R 119 30.89 14.20 6.79
CA ASP R 119 29.67 14.32 6.00
C ASP R 119 29.79 15.56 5.12
N SER R 120 30.18 15.35 3.85
CA SER R 120 30.39 16.45 2.92
C SER R 120 29.06 17.05 2.46
N PRO R 121 28.97 18.38 2.27
CA PRO R 121 27.79 18.95 1.60
C PRO R 121 27.85 18.67 0.11
N ALA R 122 26.80 19.05 -0.62
CA ALA R 122 26.75 18.78 -2.04
C ALA R 122 27.51 19.84 -2.82
N GLY R 123 27.98 19.45 -4.01
CA GLY R 123 28.60 20.39 -4.94
C GLY R 123 30.12 20.29 -4.97
N ILE R 124 30.71 21.24 -5.69
CA ILE R 124 32.16 21.30 -5.86
C ILE R 124 32.67 22.65 -5.35
N GLU R 125 32.01 23.20 -4.35
CA GLU R 125 32.32 24.52 -3.85
C GLU R 125 33.13 24.45 -2.56
N LYS R 126 33.19 25.56 -1.83
CA LYS R 126 34.13 25.70 -0.72
C LYS R 126 33.76 24.82 0.48
N GLY R 127 32.47 24.61 0.73
CA GLY R 127 32.09 23.71 1.81
C GLY R 127 32.39 22.26 1.48
N ALA R 128 32.30 21.87 0.21
CA ALA R 128 32.67 20.54 -0.23
C ALA R 128 34.18 20.38 -0.39
N HIS R 129 34.92 21.48 -0.46
CA HIS R 129 36.36 21.39 -0.59
C HIS R 129 37.06 21.21 0.75
N LEU R 130 36.53 21.80 1.82
CA LEU R 130 37.19 21.67 3.12
C LEU R 130 37.01 20.28 3.70
N ALA R 131 35.89 19.62 3.38
CA ALA R 131 35.74 18.23 3.81
C ALA R 131 36.68 17.33 3.01
N MET R 132 36.81 17.59 1.71
CA MET R 132 37.72 16.85 0.86
C MET R 132 39.16 16.98 1.31
N TYR R 133 39.55 18.14 1.83
CA TYR R 133 40.97 18.53 1.85
C TYR R 133 41.80 17.63 2.75
N PHE R 134 41.49 17.57 4.04
CA PHE R 134 42.34 16.82 4.97
C PHE R 134 42.01 15.35 5.02
N ALA R 135 41.32 14.82 4.02
CA ALA R 135 40.87 13.44 4.07
C ALA R 135 41.97 12.48 3.65
N ASP R 136 41.89 11.28 4.19
CA ASP R 136 42.81 10.19 3.89
C ASP R 136 42.17 9.15 2.97
N GLU R 137 40.87 8.90 3.16
CA GLU R 137 40.06 8.12 2.24
C GLU R 137 38.81 8.92 1.89
N ALA R 138 38.06 8.43 0.91
CA ALA R 138 36.87 9.13 0.45
C ALA R 138 35.89 8.10 -0.08
N ILE R 139 34.69 8.08 0.47
CA ILE R 139 33.60 7.28 -0.08
C ILE R 139 32.76 8.18 -0.97
N VAL R 140 32.64 7.80 -2.25
CA VAL R 140 31.84 8.53 -3.21
C VAL R 140 30.48 7.84 -3.32
N VAL R 141 29.41 8.59 -3.13
CA VAL R 141 28.06 8.05 -3.09
C VAL R 141 27.40 8.29 -4.44
N THR R 142 26.73 7.28 -4.98
CA THR R 142 26.28 7.31 -6.36
C THR R 142 24.89 6.71 -6.47
N ASN R 143 24.04 7.38 -7.13
CA ASN R 143 22.81 6.68 -7.45
C ASN R 143 22.97 5.98 -8.78
N PRO R 144 22.38 4.81 -8.98
CA PRO R 144 22.48 4.16 -10.30
C PRO R 144 21.66 4.87 -11.35
N GLU R 145 22.12 6.05 -11.76
CA GLU R 145 21.46 6.82 -12.81
C GLU R 145 22.51 7.60 -13.58
N VAL R 146 22.16 8.01 -14.79
CA VAL R 146 23.18 8.58 -15.68
C VAL R 146 23.72 9.89 -15.10
N SER R 147 22.85 10.69 -14.46
CA SER R 147 23.30 11.98 -13.94
C SER R 147 24.21 11.78 -12.75
N SER R 148 23.82 10.91 -11.82
CA SER R 148 24.60 10.73 -10.59
C SER R 148 25.93 10.02 -10.84
N VAL R 149 26.09 9.32 -11.96
CA VAL R 149 27.39 8.77 -12.29
C VAL R 149 28.30 9.84 -12.92
N ARG R 150 27.73 10.72 -13.76
CA ARG R 150 28.54 11.80 -14.34
C ARG R 150 29.11 12.70 -13.26
N ASP R 151 28.31 13.02 -12.24
CA ASP R 151 28.74 13.97 -11.21
C ASP R 151 29.52 13.31 -10.10
N SER R 152 29.49 11.99 -10.02
CA SER R 152 30.40 11.25 -9.16
C SER R 152 31.72 10.96 -9.88
N ASP R 153 31.74 11.16 -11.19
CA ASP R 153 32.95 11.06 -12.00
C ASP R 153 33.74 12.35 -11.91
N ARG R 154 33.05 13.50 -11.92
CA ARG R 154 33.72 14.76 -11.64
C ARG R 154 34.35 14.76 -10.26
N MET R 155 33.76 14.03 -9.32
CA MET R 155 34.25 14.08 -7.95
C MET R 155 35.56 13.32 -7.78
N LEU R 156 35.71 12.17 -8.45
CA LEU R 156 36.94 11.39 -8.33
C LEU R 156 38.12 12.11 -8.94
N GLY R 157 37.88 13.02 -9.89
CA GLY R 157 38.97 13.83 -10.40
C GLY R 157 39.34 14.98 -9.51
N LEU R 158 38.52 15.30 -8.52
CA LEU R 158 38.84 16.30 -7.52
C LEU R 158 39.45 15.70 -6.25
N LEU R 159 39.28 14.40 -6.03
CA LEU R 159 39.98 13.69 -4.97
C LEU R 159 41.30 13.12 -5.46
N ALA R 160 41.85 13.69 -6.52
CA ALA R 160 43.15 13.29 -7.02
C ALA R 160 44.04 14.48 -7.33
N SER R 161 43.51 15.69 -7.30
CA SER R 161 44.23 16.90 -7.65
C SER R 161 44.06 18.01 -6.62
N LYS R 162 42.88 18.14 -6.04
CA LYS R 162 42.58 19.26 -5.16
C LYS R 162 42.74 18.90 -3.68
N SER R 163 43.35 17.77 -3.38
CA SER R 163 43.40 17.28 -2.01
C SER R 163 44.52 18.00 -1.25
N GLN R 164 44.84 17.52 -0.05
CA GLN R 164 46.07 17.92 0.62
C GLN R 164 47.21 16.96 0.34
N ARG R 165 46.89 15.68 0.14
CA ARG R 165 47.89 14.71 -0.28
C ARG R 165 48.20 14.77 -1.76
N ALA R 166 47.62 15.72 -2.48
CA ALA R 166 47.95 15.96 -3.88
C ALA R 166 48.80 17.20 -4.07
N GLU R 167 48.63 18.21 -3.22
CA GLU R 167 49.47 19.39 -3.22
C GLU R 167 50.74 19.22 -2.39
N LYS R 168 50.78 18.23 -1.49
CA LYS R 168 51.97 17.93 -0.73
C LYS R 168 52.64 16.63 -1.17
N GLY R 169 52.05 15.93 -2.14
CA GLY R 169 52.73 14.84 -2.81
C GLY R 169 52.81 13.53 -2.05
N GLU R 170 51.97 13.32 -1.04
CA GLU R 170 51.91 12.02 -0.38
C GLU R 170 51.13 11.05 -1.27
N GLU R 171 50.86 9.86 -0.74
CA GLU R 171 50.03 8.91 -1.45
C GLU R 171 48.61 9.46 -1.56
N PRO R 172 47.95 9.31 -2.72
CA PRO R 172 46.66 9.97 -2.93
C PRO R 172 45.55 9.34 -2.08
N ILE R 173 44.39 10.01 -2.09
CA ILE R 173 43.26 9.56 -1.30
C ILE R 173 42.77 8.22 -1.83
N LYS R 174 42.61 7.24 -0.93
CA LYS R 174 42.01 5.96 -1.30
C LYS R 174 40.50 6.14 -1.48
N GLU R 175 40.02 5.96 -2.70
CA GLU R 175 38.62 6.20 -3.05
C GLU R 175 37.83 4.90 -3.05
N HIS R 176 36.55 5.01 -2.66
CA HIS R 176 35.63 3.87 -2.60
C HIS R 176 34.30 4.28 -3.20
N LEU R 177 33.68 3.37 -3.94
CA LEU R 177 32.39 3.63 -4.57
C LEU R 177 31.29 2.92 -3.78
N LEU R 178 30.14 3.58 -3.66
CA LEU R 178 29.01 3.04 -2.92
C LEU R 178 27.72 3.42 -3.64
N LEU R 179 27.02 2.44 -4.22
CA LEU R 179 25.72 2.70 -4.81
C LEU R 179 24.66 2.71 -3.73
N THR R 180 23.95 3.82 -3.60
CA THR R 180 22.82 3.93 -2.69
C THR R 180 21.53 3.93 -3.48
N ARG R 181 20.42 3.71 -2.76
CA ARG R 181 19.07 3.59 -3.28
C ARG R 181 19.05 2.95 -4.65
N TYR R 182 19.71 1.80 -4.73
CA TYR R 182 19.73 0.94 -5.90
C TYR R 182 18.43 0.14 -5.96
N ASN R 183 17.72 0.26 -7.06
CA ASN R 183 16.45 -0.45 -7.22
C ASN R 183 16.66 -1.64 -8.14
N PRO R 184 16.73 -2.87 -7.63
CA PRO R 184 17.07 -4.01 -8.51
C PRO R 184 16.05 -4.27 -9.58
N GLU R 185 14.79 -3.91 -9.34
CA GLU R 185 13.72 -4.13 -10.30
C GLU R 185 13.77 -3.16 -11.47
N ARG R 186 14.23 -1.92 -11.24
CA ARG R 186 14.33 -0.93 -12.31
C ARG R 186 15.57 -1.06 -13.16
N VAL R 187 16.57 -1.83 -12.73
CA VAL R 187 17.73 -2.02 -13.59
C VAL R 187 17.48 -3.09 -14.64
N THR R 188 16.46 -3.95 -14.44
CA THR R 188 16.10 -4.93 -15.45
C THR R 188 15.18 -4.33 -16.51
N LYS R 189 14.37 -3.34 -16.14
CA LYS R 189 13.63 -2.57 -17.13
C LYS R 189 14.52 -1.64 -17.92
N GLY R 190 15.76 -1.44 -17.49
CA GLY R 190 16.75 -0.68 -18.23
C GLY R 190 16.80 0.81 -17.92
N GLU R 191 15.94 1.30 -17.03
CA GLU R 191 15.87 2.72 -16.72
C GLU R 191 16.85 3.15 -15.63
N MET R 192 17.62 2.22 -15.09
CA MET R 192 18.74 2.54 -14.20
C MET R 192 19.96 1.76 -14.68
N LEU R 193 21.13 2.21 -14.27
CA LEU R 193 22.35 1.49 -14.61
C LEU R 193 22.50 0.30 -13.68
N SER R 194 23.08 -0.78 -14.21
CA SER R 194 23.26 -1.98 -13.40
C SER R 194 24.46 -1.79 -12.47
N VAL R 195 24.77 -2.83 -11.70
CA VAL R 195 25.91 -2.77 -10.80
C VAL R 195 27.22 -2.80 -11.58
N ASP R 196 27.21 -3.32 -12.81
CA ASP R 196 28.44 -3.43 -13.60
C ASP R 196 28.65 -2.24 -14.54
N ASP R 197 27.59 -1.50 -14.88
CA ASP R 197 27.76 -0.30 -15.68
C ASP R 197 28.45 0.79 -14.86
N VAL R 198 28.11 0.88 -13.59
CA VAL R 198 28.78 1.83 -12.71
C VAL R 198 30.20 1.38 -12.40
N GLU R 199 30.41 0.07 -12.31
CA GLU R 199 31.75 -0.45 -12.08
C GLU R 199 32.64 -0.32 -13.31
N GLU R 200 32.04 -0.10 -14.49
CA GLU R 200 32.77 0.06 -15.74
C GLU R 200 33.03 1.51 -16.10
N ILE R 201 32.01 2.38 -15.96
CA ILE R 201 32.16 3.79 -16.31
C ILE R 201 33.04 4.49 -15.27
N LEU R 202 32.77 4.26 -13.99
CA LEU R 202 33.58 4.87 -12.95
C LEU R 202 34.89 4.14 -12.77
N ALA R 203 34.89 2.82 -12.94
CA ALA R 203 36.10 2.00 -13.00
C ALA R 203 36.88 2.01 -11.68
N ILE R 204 36.17 1.73 -10.58
CA ILE R 204 36.79 1.44 -9.29
C ILE R 204 36.02 0.31 -8.63
N ARG R 205 36.48 -0.09 -7.44
CA ARG R 205 35.93 -1.21 -6.70
C ARG R 205 34.77 -0.76 -5.84
N LEU R 206 33.64 -1.47 -5.96
CA LEU R 206 32.44 -1.11 -5.19
C LEU R 206 32.61 -1.47 -3.72
N LEU R 207 32.34 -0.49 -2.86
CA LEU R 207 32.23 -0.77 -1.42
C LEU R 207 30.93 -1.49 -1.10
N GLY R 208 29.89 -1.31 -1.91
CA GLY R 208 28.66 -2.03 -1.70
C GLY R 208 27.53 -1.39 -2.45
N VAL R 209 26.39 -2.08 -2.45
CA VAL R 209 25.18 -1.66 -3.16
C VAL R 209 24.04 -1.72 -2.16
N ILE R 210 23.42 -0.58 -1.91
CA ILE R 210 22.44 -0.41 -0.83
C ILE R 210 21.07 -0.27 -1.47
N PRO R 211 20.13 -1.19 -1.21
CA PRO R 211 18.86 -1.18 -1.95
C PRO R 211 17.99 0.01 -1.59
N GLU R 212 17.00 0.24 -2.44
CA GLU R 212 15.88 1.11 -2.10
C GLU R 212 15.08 0.51 -0.95
N SER R 213 14.83 1.32 0.08
CA SER R 213 14.18 0.80 1.29
C SER R 213 13.28 1.87 1.89
N GLN R 214 12.11 1.46 2.36
CA GLN R 214 11.32 2.34 3.21
C GLN R 214 11.90 2.43 4.61
N ALA R 215 12.85 1.53 4.95
CA ALA R 215 13.47 1.55 6.26
C ALA R 215 14.37 2.76 6.47
N VAL R 216 14.89 3.36 5.39
CA VAL R 216 15.78 4.49 5.52
C VAL R 216 15.01 5.74 5.94
N LEU R 217 13.85 5.98 5.32
CA LEU R 217 13.04 7.13 5.74
C LEU R 217 12.37 6.89 7.09
N LYS R 218 12.07 5.63 7.42
CA LYS R 218 11.47 5.36 8.73
C LYS R 218 12.48 5.55 9.84
N ALA R 219 13.74 5.22 9.58
CA ALA R 219 14.76 5.34 10.63
C ALA R 219 15.11 6.79 10.91
N SER R 220 15.25 7.61 9.88
CA SER R 220 15.53 9.02 10.11
C SER R 220 14.33 9.76 10.69
N ASN R 221 13.12 9.20 10.57
CA ASN R 221 11.94 9.79 11.17
C ASN R 221 11.84 9.50 12.66
N GLN R 222 12.58 8.51 13.16
CA GLN R 222 12.58 8.19 14.58
C GLN R 222 13.93 8.45 15.23
N GLY R 223 14.91 8.96 14.48
CA GLY R 223 16.16 9.40 15.06
C GLY R 223 17.29 8.39 15.02
N VAL R 224 17.05 7.19 14.50
CA VAL R 224 18.04 6.11 14.53
C VAL R 224 18.74 6.00 13.19
N PRO R 225 20.04 5.72 13.15
CA PRO R 225 20.66 5.30 11.90
C PRO R 225 20.10 3.96 11.44
N VAL R 226 20.19 3.71 10.13
CA VAL R 226 19.58 2.52 9.56
C VAL R 226 20.45 1.29 9.71
N ILE R 227 21.71 1.44 10.09
CA ILE R 227 22.54 0.28 10.41
C ILE R 227 22.20 -0.29 11.79
N LEU R 228 21.50 0.48 12.62
CA LEU R 228 20.93 -0.02 13.87
C LEU R 228 19.55 -0.62 13.67
N ASP R 229 19.13 -0.81 12.43
CA ASP R 229 17.90 -1.52 12.09
C ASP R 229 18.33 -2.71 11.24
N GLU R 230 18.63 -3.83 11.89
CA GLU R 230 19.21 -4.99 11.23
C GLU R 230 18.16 -5.91 10.62
N GLN R 231 16.87 -5.70 10.90
CA GLN R 231 15.84 -6.54 10.31
C GLN R 231 15.61 -6.22 8.83
N SER R 232 15.93 -5.00 8.39
CA SER R 232 15.63 -4.56 7.04
C SER R 232 16.70 -5.05 6.06
N ASP R 233 16.50 -4.75 4.79
CA ASP R 233 17.45 -5.10 3.75
C ASP R 233 18.59 -4.07 3.66
N ALA R 234 18.27 -2.79 3.87
CA ALA R 234 19.30 -1.75 3.78
C ALA R 234 20.25 -1.81 4.98
N GLY R 235 19.71 -2.09 6.17
CA GLY R 235 20.58 -2.18 7.34
C GLY R 235 21.60 -3.30 7.22
N GLN R 236 21.21 -4.43 6.63
CA GLN R 236 22.17 -5.47 6.31
C GLN R 236 23.24 -4.93 5.36
N ALA R 237 22.81 -4.35 4.23
CA ALA R 237 23.73 -3.91 3.20
C ALA R 237 24.63 -2.77 3.65
N TYR R 238 24.20 -1.99 4.65
CA TYR R 238 25.09 -0.97 5.20
C TYR R 238 26.14 -1.59 6.10
N SER R 239 25.80 -2.68 6.79
CA SER R 239 26.73 -3.28 7.72
C SER R 239 27.72 -4.22 7.04
N ASP R 240 27.54 -4.48 5.75
CA ASP R 240 28.54 -5.24 5.00
C ASP R 240 29.55 -4.32 4.34
N ALA R 241 29.12 -3.12 3.96
CA ALA R 241 30.05 -2.14 3.41
C ALA R 241 31.04 -1.67 4.46
N VAL R 242 30.67 -1.74 5.74
CA VAL R 242 31.59 -1.37 6.80
C VAL R 242 32.63 -2.45 7.01
N ASP R 243 32.25 -3.72 6.81
CA ASP R 243 33.25 -4.78 6.81
C ASP R 243 34.16 -4.67 5.60
N ARG R 244 33.62 -4.29 4.44
CA ARG R 244 34.42 -4.10 3.24
C ARG R 244 35.35 -2.90 3.37
N LEU R 245 35.03 -1.95 4.25
CA LEU R 245 35.99 -0.89 4.56
C LEU R 245 37.18 -1.43 5.34
N LEU R 246 36.97 -2.48 6.14
CA LEU R 246 38.01 -3.05 6.98
C LEU R 246 38.65 -4.29 6.35
N GLY R 247 38.68 -4.38 5.02
CA GLY R 247 39.38 -5.43 4.31
C GLY R 247 38.60 -6.72 4.08
N LYS R 248 37.61 -7.01 4.92
CA LYS R 248 36.88 -8.28 4.87
C LYS R 248 35.99 -8.31 3.63
N GLU R 249 36.40 -9.06 2.60
CA GLU R 249 35.63 -9.11 1.36
C GLU R 249 34.39 -9.99 1.52
N ILE R 250 33.24 -9.46 1.11
CA ILE R 250 31.95 -10.12 1.25
C ILE R 250 31.23 -10.11 -0.09
N PRO R 251 30.59 -11.22 -0.50
CA PRO R 251 29.83 -11.22 -1.76
C PRO R 251 28.57 -10.38 -1.65
N HIS R 252 28.32 -9.56 -2.67
CA HIS R 252 27.21 -8.61 -2.64
C HIS R 252 25.87 -9.33 -2.69
N ARG R 253 24.89 -8.80 -1.95
CA ARG R 253 23.56 -9.38 -1.88
C ARG R 253 22.52 -8.36 -2.35
N PHE R 254 21.25 -8.80 -2.36
CA PHE R 254 20.08 -7.98 -2.64
C PHE R 254 20.01 -7.47 -4.08
N LEU R 255 20.79 -8.05 -4.99
CA LEU R 255 20.80 -7.59 -6.38
C LEU R 255 19.83 -8.39 -7.24
N PRO S 37 23.53 -46.16 6.31
CA PRO S 37 22.74 -46.93 5.34
C PRO S 37 21.94 -46.06 4.38
N THR S 38 22.40 -44.83 4.15
CA THR S 38 21.88 -43.96 3.09
C THR S 38 23.06 -43.61 2.20
N LYS S 39 23.10 -44.22 1.02
CA LYS S 39 24.24 -44.09 0.13
C LYS S 39 24.27 -42.69 -0.49
N VAL S 40 25.40 -42.01 -0.36
CA VAL S 40 25.58 -40.67 -0.92
C VAL S 40 26.53 -40.77 -2.11
N VAL S 41 26.12 -40.19 -3.24
CA VAL S 41 26.92 -40.16 -4.46
C VAL S 41 27.30 -38.71 -4.71
N LYS S 42 28.57 -38.37 -4.48
CA LYS S 42 29.04 -36.99 -4.61
C LYS S 42 29.72 -36.70 -5.94
N THR S 43 29.83 -37.68 -6.83
CA THR S 43 30.47 -37.51 -8.12
C THR S 43 29.42 -37.37 -9.22
N PRO S 44 29.78 -36.85 -10.38
CA PRO S 44 28.82 -36.85 -11.50
C PRO S 44 28.50 -38.27 -11.94
N VAL S 45 27.22 -38.58 -12.06
CA VAL S 45 26.75 -39.93 -12.42
C VAL S 45 26.60 -39.94 -13.93
N ARG S 46 27.67 -40.31 -14.62
CA ARG S 46 27.74 -40.10 -16.06
C ARG S 46 26.82 -41.08 -16.79
N GLY S 47 26.63 -40.81 -18.08
CA GLY S 47 25.73 -41.64 -18.86
C GLY S 47 26.18 -43.09 -18.90
N GLY S 48 25.20 -43.99 -18.93
CA GLY S 48 25.48 -45.40 -18.93
C GLY S 48 25.66 -46.00 -17.55
N MET S 49 26.05 -45.20 -16.57
CA MET S 49 26.24 -45.66 -15.20
C MET S 49 24.91 -46.03 -14.56
N GLN S 50 24.96 -46.96 -13.61
CA GLN S 50 23.80 -47.26 -12.79
C GLN S 50 24.24 -47.35 -11.34
N ILE S 51 23.51 -46.68 -10.45
CA ILE S 51 23.79 -46.71 -9.02
C ILE S 51 22.62 -47.42 -8.36
N TYR S 52 22.93 -48.36 -7.46
CA TYR S 52 21.90 -49.18 -6.83
C TYR S 52 22.08 -49.13 -5.32
N ALA S 53 21.32 -48.27 -4.66
CA ALA S 53 21.22 -48.25 -3.20
C ALA S 53 20.34 -49.41 -2.78
N ALA S 54 20.97 -50.47 -2.26
CA ALA S 54 20.29 -51.75 -2.10
C ALA S 54 19.38 -51.79 -0.87
N GLY S 55 19.68 -50.99 0.16
CA GLY S 55 18.90 -51.07 1.38
C GLY S 55 17.82 -50.03 1.51
N GLY S 56 18.17 -48.77 1.26
CA GLY S 56 17.23 -47.69 1.45
C GLY S 56 17.43 -46.53 0.50
N ASP S 57 17.55 -45.32 1.05
CA ASP S 57 17.60 -44.11 0.28
C ASP S 57 18.84 -44.06 -0.61
N LEU S 58 18.83 -43.07 -1.51
CA LEU S 58 19.98 -42.76 -2.36
C LEU S 58 19.98 -41.25 -2.56
N ILE S 59 21.06 -40.59 -2.15
CA ILE S 59 21.23 -39.15 -2.32
C ILE S 59 22.31 -38.94 -3.37
N VAL S 60 21.99 -38.20 -4.42
CA VAL S 60 22.93 -37.89 -5.49
C VAL S 60 23.14 -36.38 -5.46
N LEU S 61 24.35 -35.95 -5.11
CA LEU S 61 24.64 -34.52 -4.96
C LEU S 61 25.31 -33.92 -6.19
N ALA S 62 25.15 -34.53 -7.36
CA ALA S 62 25.80 -34.04 -8.58
C ALA S 62 24.82 -34.15 -9.73
N ALA S 63 25.30 -33.81 -10.93
CA ALA S 63 24.46 -33.89 -12.12
C ALA S 63 24.46 -35.32 -12.65
N VAL S 64 23.28 -35.78 -13.02
CA VAL S 64 23.08 -37.13 -13.53
C VAL S 64 22.84 -37.02 -15.04
N SER S 65 23.81 -37.45 -15.82
CA SER S 65 23.79 -37.28 -17.26
C SER S 65 22.73 -38.18 -17.90
N PRO S 66 22.19 -37.78 -19.06
CA PRO S 66 21.15 -38.60 -19.71
C PRO S 66 21.70 -39.95 -20.11
N GLY S 67 20.93 -41.00 -19.82
CA GLY S 67 21.34 -42.37 -19.95
C GLY S 67 21.74 -43.04 -18.64
N ALA S 68 22.17 -42.26 -17.65
CA ALA S 68 22.40 -42.80 -16.32
C ALA S 68 21.08 -43.25 -15.71
N GLU S 69 21.15 -44.22 -14.80
CA GLU S 69 19.95 -44.64 -14.09
C GLU S 69 20.26 -44.80 -12.61
N LEU S 70 19.37 -44.29 -11.77
CA LEU S 70 19.51 -44.33 -10.32
C LEU S 70 18.35 -45.17 -9.81
N LEU S 71 18.64 -46.34 -9.26
CA LEU S 71 17.56 -47.16 -8.73
C LEU S 71 17.86 -47.59 -7.31
N ALA S 72 16.84 -47.48 -6.46
CA ALA S 72 16.95 -47.77 -5.04
C ALA S 72 15.56 -48.16 -4.55
N ASP S 73 15.51 -49.06 -3.57
CA ASP S 73 14.22 -49.50 -3.05
C ASP S 73 13.69 -48.61 -1.94
N GLY S 74 14.39 -47.53 -1.61
CA GLY S 74 13.83 -46.49 -0.77
C GLY S 74 13.53 -45.25 -1.58
N ASN S 75 13.82 -44.08 -1.02
CA ASN S 75 13.61 -42.84 -1.75
C ASN S 75 14.85 -42.49 -2.55
N ILE S 76 14.72 -41.51 -3.44
CA ILE S 76 15.82 -40.99 -4.25
C ILE S 76 15.78 -39.48 -4.16
N HIS S 77 16.86 -38.87 -3.69
CA HIS S 77 16.97 -37.42 -3.63
C HIS S 77 18.07 -36.99 -4.57
N VAL S 78 17.73 -36.19 -5.57
CA VAL S 78 18.70 -35.72 -6.56
C VAL S 78 18.77 -34.21 -6.45
N TYR S 79 19.89 -33.70 -5.91
CA TYR S 79 20.06 -32.28 -5.69
C TYR S 79 20.90 -31.62 -6.78
N GLY S 80 20.88 -32.18 -7.99
CA GLY S 80 21.50 -31.56 -9.13
C GLY S 80 20.51 -31.53 -10.29
N PRO S 81 20.99 -31.31 -11.50
CA PRO S 81 20.11 -31.43 -12.68
C PRO S 81 20.05 -32.87 -13.12
N MET S 82 18.92 -33.54 -12.86
CA MET S 82 18.78 -34.93 -13.25
C MET S 82 18.21 -35.04 -14.65
N ARG S 83 18.92 -35.79 -15.51
CA ARG S 83 18.48 -36.06 -16.86
C ARG S 83 18.45 -37.56 -17.16
N GLY S 84 18.60 -38.41 -16.17
CA GLY S 84 18.60 -39.86 -16.34
C GLY S 84 17.30 -40.49 -15.90
N ARG S 85 17.38 -41.76 -15.50
CA ARG S 85 16.21 -42.55 -15.12
C ARG S 85 16.23 -42.80 -13.62
N ALA S 86 15.23 -42.30 -12.92
CA ALA S 86 15.08 -42.53 -11.48
C ALA S 86 14.05 -43.64 -11.26
N LEU S 87 14.45 -44.69 -10.54
CA LEU S 87 13.59 -45.85 -10.31
C LEU S 87 13.51 -46.11 -8.81
N ALA S 88 12.47 -45.58 -8.18
CA ALA S 88 12.31 -45.65 -6.73
C ALA S 88 11.50 -46.87 -6.31
N GLY S 89 11.81 -47.38 -5.11
CA GLY S 89 11.06 -48.50 -4.56
C GLY S 89 11.05 -49.73 -5.44
N VAL S 90 12.21 -50.10 -6.00
CA VAL S 90 12.25 -51.11 -7.06
C VAL S 90 11.80 -52.47 -6.55
N LYS S 91 12.06 -52.79 -5.29
CA LYS S 91 11.63 -54.08 -4.74
C LYS S 91 10.32 -53.96 -4.00
N GLY S 92 9.30 -53.39 -4.65
CA GLY S 92 7.95 -53.40 -4.15
C GLY S 92 7.68 -52.58 -2.90
N ASP S 93 7.64 -51.26 -3.04
CA ASP S 93 7.31 -50.38 -1.93
C ASP S 93 6.61 -49.14 -2.50
N ALA S 94 5.30 -49.07 -2.33
CA ALA S 94 4.52 -47.98 -2.89
C ALA S 94 4.56 -46.72 -2.02
N THR S 95 5.48 -46.64 -1.07
CA THR S 95 5.65 -45.44 -0.25
C THR S 95 6.95 -44.71 -0.54
N ALA S 96 7.73 -45.16 -1.52
CA ALA S 96 8.93 -44.47 -1.94
C ALA S 96 8.59 -43.14 -2.62
N ARG S 97 9.60 -42.30 -2.77
CA ARG S 97 9.43 -40.97 -3.35
C ARG S 97 10.67 -40.59 -4.12
N ILE S 98 10.49 -39.71 -5.10
CA ILE S 98 11.59 -39.13 -5.85
C ILE S 98 11.56 -37.63 -5.67
N PHE S 99 12.69 -37.03 -5.34
CA PHE S 99 12.79 -35.58 -5.20
C PHE S 99 13.90 -35.08 -6.11
N CYS S 100 13.56 -34.18 -7.03
CA CYS S 100 14.55 -33.58 -7.90
C CYS S 100 14.53 -32.07 -7.73
N GLN S 101 15.71 -31.46 -7.84
CA GLN S 101 15.75 -30.00 -7.85
C GLN S 101 15.38 -29.45 -9.21
N GLN S 102 15.69 -30.19 -10.28
CA GLN S 102 15.38 -29.80 -11.65
C GLN S 102 14.84 -31.03 -12.33
N LEU S 103 13.53 -31.07 -12.58
CA LEU S 103 12.91 -32.23 -13.22
C LEU S 103 13.22 -32.22 -14.70
N ALA S 104 14.16 -33.07 -15.11
CA ALA S 104 14.42 -33.31 -16.53
C ALA S 104 14.67 -34.78 -16.79
N ALA S 105 14.06 -35.65 -15.98
CA ALA S 105 14.33 -37.08 -16.10
C ALA S 105 13.81 -37.62 -17.43
N GLU S 106 14.46 -38.69 -17.90
CA GLU S 106 13.95 -39.45 -19.03
C GLU S 106 12.85 -40.43 -18.60
N LEU S 107 12.87 -40.83 -17.33
CA LEU S 107 11.86 -41.73 -16.77
C LEU S 107 11.87 -41.59 -15.26
N VAL S 108 10.68 -41.56 -14.67
CA VAL S 108 10.52 -41.67 -13.23
C VAL S 108 9.56 -42.82 -12.97
N SER S 109 9.84 -43.63 -11.95
CA SER S 109 9.02 -44.81 -11.72
C SER S 109 9.13 -45.20 -10.27
N ILE S 110 7.99 -45.32 -9.59
CA ILE S 110 7.95 -45.79 -8.21
C ILE S 110 7.27 -47.15 -8.18
N ALA S 111 8.03 -48.17 -7.78
CA ALA S 111 7.53 -49.53 -7.59
C ALA S 111 6.97 -50.14 -8.87
N GLY S 112 7.25 -49.57 -10.04
CA GLY S 112 6.86 -50.14 -11.31
C GLY S 112 6.02 -49.20 -12.17
N ASN S 113 5.26 -48.31 -11.55
CA ASN S 113 4.43 -47.37 -12.29
C ASN S 113 5.32 -46.24 -12.79
N TYR S 114 5.57 -46.22 -14.10
CA TYR S 114 6.53 -45.27 -14.65
C TYR S 114 5.80 -44.09 -15.28
N LYS S 115 6.62 -43.18 -15.83
CA LYS S 115 6.12 -41.96 -16.47
C LYS S 115 7.28 -41.41 -17.29
N VAL S 116 7.25 -41.60 -18.61
CA VAL S 116 8.41 -41.27 -19.43
C VAL S 116 8.51 -39.76 -19.61
N ALA S 117 9.61 -39.29 -20.19
CA ALA S 117 9.82 -37.85 -20.33
C ALA S 117 8.88 -37.21 -21.33
N GLU S 118 8.20 -38.00 -22.17
CA GLU S 118 7.40 -37.40 -23.22
C GLU S 118 6.18 -36.71 -22.64
N ASP S 119 5.49 -37.38 -21.71
CA ASP S 119 4.34 -36.80 -21.03
C ASP S 119 4.71 -36.02 -19.77
N LEU S 120 5.97 -36.04 -19.35
CA LEU S 120 6.39 -35.16 -18.27
C LEU S 120 6.68 -33.76 -18.78
N ARG S 121 7.20 -33.64 -20.02
CA ARG S 121 7.43 -32.33 -20.60
C ARG S 121 6.12 -31.59 -20.83
N ARG S 122 5.04 -32.33 -21.07
CA ARG S 122 3.75 -31.71 -21.35
C ARG S 122 3.20 -31.00 -20.12
N SER S 123 3.47 -31.50 -18.93
CA SER S 123 3.00 -30.87 -17.70
C SER S 123 3.86 -29.66 -17.35
N PRO S 124 3.39 -28.80 -16.41
CA PRO S 124 4.31 -27.81 -15.83
C PRO S 124 5.32 -28.52 -14.93
N GLN S 125 6.08 -27.74 -14.16
CA GLN S 125 7.14 -28.28 -13.30
C GLN S 125 8.18 -29.07 -14.08
N TRP S 126 8.32 -28.85 -15.38
CA TRP S 126 9.44 -29.40 -16.10
C TRP S 126 10.62 -28.44 -15.93
N GLY S 127 11.74 -28.97 -15.43
CA GLY S 127 12.85 -28.14 -15.01
C GLY S 127 12.66 -27.47 -13.68
N LYS S 128 11.63 -27.83 -12.92
CA LYS S 128 11.31 -27.23 -11.63
C LYS S 128 11.53 -28.24 -10.52
N ALA S 129 11.67 -27.74 -9.30
CA ALA S 129 11.85 -28.62 -8.15
C ALA S 129 10.57 -29.40 -7.92
N VAL S 130 10.66 -30.72 -8.02
CA VAL S 130 9.49 -31.58 -8.15
C VAL S 130 9.57 -32.67 -7.10
N HIS S 131 8.42 -33.28 -6.82
CA HIS S 131 8.31 -34.28 -5.75
C HIS S 131 7.33 -35.34 -6.21
N VAL S 132 7.87 -36.51 -6.58
CA VAL S 132 7.11 -37.59 -7.20
C VAL S 132 6.74 -38.59 -6.13
N SER S 133 5.48 -39.04 -6.16
CA SER S 133 4.95 -39.94 -5.16
C SER S 133 3.89 -40.81 -5.81
N LEU S 134 3.70 -42.01 -5.28
CA LEU S 134 2.76 -42.97 -5.86
C LEU S 134 1.50 -43.00 -4.99
N SER S 135 0.39 -42.48 -5.53
CA SER S 135 -0.90 -42.48 -4.84
C SER S 135 -1.73 -43.64 -5.38
N GLY S 136 -1.72 -44.76 -4.66
CA GLY S 136 -2.51 -45.91 -5.05
C GLY S 136 -1.96 -46.61 -6.27
N ASP S 137 -2.19 -46.02 -7.45
CA ASP S 137 -1.71 -46.60 -8.70
C ASP S 137 -1.24 -45.58 -9.72
N VAL S 138 -1.32 -44.28 -9.42
CA VAL S 138 -0.88 -43.24 -10.35
C VAL S 138 0.24 -42.43 -9.71
N LEU S 139 1.11 -41.90 -10.55
CA LEU S 139 2.19 -41.02 -10.10
C LEU S 139 1.68 -39.60 -9.92
N ASN S 140 2.20 -38.92 -8.91
CA ASN S 140 1.88 -37.51 -8.69
C ASN S 140 3.12 -36.65 -8.92
N ILE S 141 2.88 -35.42 -9.35
CA ILE S 141 3.95 -34.49 -9.72
C ILE S 141 3.63 -33.17 -9.02
N THR S 142 4.24 -32.95 -7.85
CA THR S 142 3.99 -31.77 -7.04
C THR S 142 5.12 -30.77 -7.25
N ARG S 143 4.92 -29.55 -6.75
CA ARG S 143 5.96 -28.56 -6.94
C ARG S 143 6.48 -28.11 -5.58
N PRO T 37 12.67 -47.39 7.16
CA PRO T 37 13.56 -46.74 8.13
C PRO T 37 13.94 -45.30 7.74
N THR T 38 13.08 -44.65 6.95
CA THR T 38 13.18 -43.21 6.70
C THR T 38 11.85 -42.59 7.09
N LYS T 39 11.80 -41.95 8.25
CA LYS T 39 10.56 -41.43 8.78
C LYS T 39 10.13 -40.19 8.01
N VAL T 40 8.89 -40.21 7.50
CA VAL T 40 8.34 -39.11 6.72
C VAL T 40 7.28 -38.39 7.56
N VAL T 41 7.36 -37.07 7.59
CA VAL T 41 6.41 -36.21 8.30
C VAL T 41 5.68 -35.37 7.25
N LYS T 42 4.40 -35.69 7.02
CA LYS T 42 3.65 -35.00 5.97
C LYS T 42 2.75 -33.88 6.49
N THR T 43 2.71 -33.64 7.79
CA THR T 43 1.87 -32.60 8.35
C THR T 43 2.71 -31.37 8.68
N PRO T 44 2.08 -30.20 8.87
CA PRO T 44 2.85 -29.04 9.35
C PRO T 44 3.39 -29.30 10.75
N VAL T 45 4.69 -29.05 10.91
CA VAL T 45 5.38 -29.31 12.18
C VAL T 45 5.33 -28.01 12.98
N ARG T 46 4.29 -27.88 13.79
CA ARG T 46 3.98 -26.59 14.39
C ARG T 46 4.96 -26.26 15.51
N GLY T 47 4.95 -25.00 15.94
CA GLY T 47 5.88 -24.57 16.96
C GLY T 47 5.68 -25.32 18.26
N GLY T 48 6.79 -25.59 18.95
CA GLY T 48 6.74 -26.38 20.16
C GLY T 48 6.86 -27.87 19.94
N MET T 49 6.52 -28.35 18.74
CA MET T 49 6.66 -29.75 18.38
C MET T 49 8.13 -30.15 18.25
N GLN T 50 8.42 -31.42 18.50
CA GLN T 50 9.73 -31.98 18.24
C GLN T 50 9.55 -33.32 17.54
N ILE T 51 10.29 -33.54 16.45
CA ILE T 51 10.25 -34.78 15.69
C ILE T 51 11.62 -35.42 15.83
N TYR T 52 11.64 -36.71 16.17
CA TYR T 52 12.91 -37.41 16.42
C TYR T 52 12.96 -38.70 15.61
N ALA T 53 13.62 -38.65 14.45
CA ALA T 53 13.93 -39.85 13.67
C ALA T 53 15.07 -40.60 14.34
N ALA T 54 14.73 -41.69 15.02
CA ALA T 54 15.67 -42.33 15.94
C ALA T 54 16.70 -43.21 15.23
N GLY T 55 16.37 -43.76 14.07
CA GLY T 55 17.27 -44.68 13.40
C GLY T 55 18.12 -44.05 12.30
N GLY T 56 17.48 -43.30 11.41
CA GLY T 56 18.18 -42.73 10.28
C GLY T 56 17.61 -41.40 9.81
N ASP T 57 17.29 -41.31 8.52
CA ASP T 57 16.87 -40.07 7.90
C ASP T 57 15.54 -39.57 8.47
N LEU T 58 15.24 -38.32 8.11
CA LEU T 58 13.96 -37.69 8.42
C LEU T 58 13.60 -36.79 7.25
N ILE T 59 12.45 -37.04 6.63
CA ILE T 59 11.94 -36.24 5.52
C ILE T 59 10.73 -35.48 6.03
N VAL T 60 10.77 -34.17 5.91
CA VAL T 60 9.66 -33.31 6.33
C VAL T 60 9.10 -32.62 5.08
N LEU T 61 7.89 -32.98 4.70
CA LEU T 61 7.29 -32.46 3.47
C LEU T 61 6.37 -31.28 3.71
N ALA T 62 6.51 -30.57 4.83
CA ALA T 62 5.64 -29.47 5.15
C ALA T 62 6.45 -28.34 5.77
N ALA T 63 5.75 -27.29 6.18
CA ALA T 63 6.40 -26.14 6.80
C ALA T 63 6.66 -26.44 8.27
N VAL T 64 7.85 -26.07 8.74
CA VAL T 64 8.25 -26.26 10.12
C VAL T 64 8.24 -24.89 10.79
N SER T 65 7.26 -24.68 11.66
CA SER T 65 7.00 -23.39 12.27
C SER T 65 8.12 -23.03 13.25
N PRO T 66 8.37 -21.73 13.46
CA PRO T 66 9.47 -21.34 14.37
C PRO T 66 9.21 -21.84 15.78
N GLY T 67 10.27 -22.40 16.38
CA GLY T 67 10.16 -23.08 17.66
C GLY T 67 10.15 -24.59 17.60
N ALA T 68 9.72 -25.17 16.48
CA ALA T 68 9.84 -26.61 16.27
C ALA T 68 11.31 -27.03 16.19
N GLU T 69 11.58 -28.28 16.54
CA GLU T 69 12.92 -28.81 16.39
C GLU T 69 12.86 -30.21 15.81
N LEU T 70 13.67 -30.45 14.78
CA LEU T 70 13.72 -31.71 14.05
C LEU T 70 15.10 -32.28 14.29
N LEU T 71 15.20 -33.39 15.00
CA LEU T 71 16.51 -33.97 15.22
C LEU T 71 16.50 -35.44 14.85
N ALA T 72 17.56 -35.84 14.15
CA ALA T 72 17.70 -37.19 13.61
C ALA T 72 19.17 -37.50 13.53
N ASP T 73 19.52 -38.77 13.74
CA ASP T 73 20.92 -39.16 13.68
C ASP T 73 21.37 -39.51 12.28
N GLY T 74 20.48 -39.41 11.29
CA GLY T 74 20.87 -39.45 9.90
C GLY T 74 20.76 -38.08 9.26
N ASN T 75 20.26 -38.02 8.03
CA ASN T 75 20.11 -36.75 7.36
C ASN T 75 18.75 -36.15 7.69
N ILE T 76 18.56 -34.90 7.29
CA ILE T 76 17.29 -34.20 7.43
C ILE T 76 16.99 -33.54 6.10
N HIS T 77 15.87 -33.89 5.50
CA HIS T 77 15.44 -33.26 4.27
C HIS T 77 14.17 -32.47 4.56
N VAL T 78 14.19 -31.17 4.34
CA VAL T 78 13.03 -30.34 4.57
C VAL T 78 12.60 -29.75 3.24
N TYR T 79 11.49 -30.24 2.69
CA TYR T 79 10.98 -29.78 1.41
C TYR T 79 9.88 -28.75 1.55
N GLY T 80 9.87 -28.02 2.66
CA GLY T 80 8.97 -26.90 2.85
C GLY T 80 9.77 -25.69 3.30
N PRO T 81 9.07 -24.67 3.81
CA PRO T 81 9.77 -23.53 4.41
C PRO T 81 10.12 -23.85 5.87
N MET T 82 11.41 -24.06 6.13
CA MET T 82 11.83 -24.38 7.49
C MET T 82 12.18 -23.11 8.26
N ARG T 83 11.54 -22.96 9.42
CA ARG T 83 11.84 -21.86 10.33
C ARG T 83 12.23 -22.33 11.72
N GLY T 84 12.45 -23.62 11.92
CA GLY T 84 12.80 -24.18 13.22
C GLY T 84 14.27 -24.52 13.36
N ARG T 85 14.56 -25.51 14.21
CA ARG T 85 15.93 -25.94 14.50
C ARG T 85 16.14 -27.33 13.93
N ALA T 86 17.09 -27.47 13.01
CA ALA T 86 17.47 -28.75 12.44
C ALA T 86 18.74 -29.26 13.13
N LEU T 87 18.68 -30.48 13.67
CA LEU T 87 19.79 -31.07 14.42
C LEU T 87 20.09 -32.42 13.81
N ALA T 88 21.01 -32.47 12.86
CA ALA T 88 21.31 -33.68 12.12
C ALA T 88 22.47 -34.46 12.74
N GLY T 89 22.43 -35.78 12.59
CA GLY T 89 23.50 -36.63 13.11
C GLY T 89 23.70 -36.49 14.59
N VAL T 90 22.60 -36.47 15.37
CA VAL T 90 22.67 -36.08 16.77
C VAL T 90 23.50 -37.04 17.62
N LYS T 91 23.51 -38.32 17.26
CA LYS T 91 24.28 -39.32 18.03
C LYS T 91 25.64 -39.57 17.41
N GLY T 92 26.40 -38.48 17.22
CA GLY T 92 27.79 -38.56 16.81
C GLY T 92 28.01 -39.06 15.40
N ASP T 93 27.75 -38.22 14.41
CA ASP T 93 27.99 -38.57 13.01
C ASP T 93 28.31 -37.31 12.22
N ALA T 94 29.57 -37.11 11.88
CA ALA T 94 29.99 -35.91 11.15
C ALA T 94 29.77 -36.03 9.63
N THR T 95 29.03 -37.04 9.18
CA THR T 95 28.69 -37.19 7.76
C THR T 95 27.21 -36.97 7.47
N ALA T 96 26.41 -36.61 8.47
CA ALA T 96 25.02 -36.25 8.25
C ALA T 96 24.94 -34.96 7.43
N ARG T 97 23.73 -34.67 6.93
CA ARG T 97 23.53 -33.50 6.08
C ARG T 97 22.13 -32.96 6.31
N ILE T 98 21.98 -31.66 6.03
CA ILE T 98 20.68 -30.99 6.08
C ILE T 98 20.41 -30.40 4.71
N PHE T 99 19.22 -30.64 4.18
CA PHE T 99 18.81 -30.05 2.92
C PHE T 99 17.51 -29.30 3.16
N CYS T 100 17.51 -28.01 2.87
CA CYS T 100 16.30 -27.21 2.98
C CYS T 100 15.97 -26.60 1.62
N GLN T 101 14.69 -26.51 1.31
CA GLN T 101 14.32 -25.82 0.08
C GLN T 101 14.36 -24.30 0.28
N GLN T 102 14.09 -23.84 1.50
CA GLN T 102 14.13 -22.42 1.84
C GLN T 102 14.85 -22.31 3.19
N LEU T 103 16.08 -21.80 3.19
CA LEU T 103 16.84 -21.68 4.43
C LEU T 103 16.32 -20.49 5.23
N ALA T 104 15.55 -20.78 6.28
CA ALA T 104 15.15 -19.77 7.25
C ALA T 104 15.26 -20.33 8.67
N ALA T 105 16.18 -21.26 8.89
CA ALA T 105 16.29 -21.96 10.15
C ALA T 105 16.69 -21.00 11.27
N GLU T 106 16.28 -21.34 12.49
CA GLU T 106 16.78 -20.67 13.69
C GLU T 106 18.13 -21.22 14.13
N LEU T 107 18.40 -22.48 13.80
CA LEU T 107 19.65 -23.14 14.15
C LEU T 107 19.80 -24.37 13.27
N VAL T 108 21.00 -24.60 12.74
CA VAL T 108 21.34 -25.85 12.09
C VAL T 108 22.58 -26.41 12.76
N SER T 109 22.60 -27.73 12.96
CA SER T 109 23.70 -28.32 13.73
C SER T 109 23.88 -29.76 13.29
N ILE T 110 25.11 -30.10 12.88
CA ILE T 110 25.47 -31.46 12.52
C ILE T 110 26.45 -31.97 13.56
N ALA T 111 26.05 -33.01 14.29
CA ALA T 111 26.90 -33.72 15.24
C ALA T 111 27.41 -32.83 16.37
N GLY T 112 26.84 -31.64 16.55
CA GLY T 112 27.20 -30.77 17.66
C GLY T 112 27.64 -29.39 17.24
N ASN T 113 28.21 -29.26 16.05
CA ASN T 113 28.67 -27.96 15.54
C ASN T 113 27.46 -27.21 15.00
N TYR T 114 27.02 -26.16 15.70
CA TYR T 114 25.82 -25.48 15.31
C TYR T 114 26.14 -24.19 14.55
N LYS T 115 25.08 -23.48 14.20
CA LYS T 115 25.18 -22.23 13.45
C LYS T 115 23.83 -21.56 13.60
N VAL T 116 23.76 -20.51 14.44
CA VAL T 116 22.46 -19.93 14.77
C VAL T 116 21.95 -19.05 13.63
N ALA T 117 20.71 -18.59 13.74
CA ALA T 117 20.09 -17.82 12.67
C ALA T 117 20.71 -16.44 12.51
N GLU T 118 21.50 -15.99 13.48
CA GLU T 118 22.01 -14.63 13.42
C GLU T 118 23.07 -14.49 12.34
N ASP T 119 24.02 -15.42 12.30
CA ASP T 119 25.07 -15.42 11.29
C ASP T 119 24.70 -16.17 10.02
N LEU T 120 23.55 -16.85 9.98
CA LEU T 120 23.07 -17.42 8.73
C LEU T 120 22.42 -16.38 7.85
N ARG T 121 21.79 -15.37 8.45
CA ARG T 121 21.24 -14.27 7.66
C ARG T 121 22.33 -13.46 6.99
N ARG T 122 23.51 -13.39 7.61
CA ARG T 122 24.59 -12.57 7.06
C ARG T 122 25.13 -13.14 5.75
N SER T 123 25.16 -14.45 5.58
CA SER T 123 25.65 -15.02 4.34
C SER T 123 24.57 -14.93 3.27
N PRO T 124 24.92 -15.14 1.99
CA PRO T 124 23.86 -15.35 0.99
C PRO T 124 23.19 -16.69 1.21
N GLN T 125 22.38 -17.13 0.26
CA GLN T 125 21.59 -18.35 0.40
C GLN T 125 20.66 -18.31 1.61
N TRP T 126 20.35 -17.13 2.12
CA TRP T 126 19.29 -17.02 3.11
C TRP T 126 17.96 -16.98 2.39
N GLY T 127 17.06 -17.91 2.72
CA GLY T 127 15.84 -18.11 1.96
C GLY T 127 16.02 -18.87 0.67
N LYS T 128 17.18 -19.49 0.46
CA LYS T 128 17.51 -20.21 -0.76
C LYS T 128 17.63 -21.70 -0.47
N ALA T 129 17.57 -22.51 -1.53
CA ALA T 129 17.74 -23.95 -1.39
C ALA T 129 19.19 -24.23 -1.00
N VAL T 130 19.37 -24.86 0.16
CA VAL T 130 20.67 -24.94 0.82
C VAL T 130 20.97 -26.39 1.13
N HIS T 131 22.25 -26.66 1.38
CA HIS T 131 22.74 -28.00 1.66
C HIS T 131 23.87 -27.89 2.67
N VAL T 132 23.59 -28.27 3.92
CA VAL T 132 24.50 -28.08 5.04
C VAL T 132 25.28 -29.37 5.28
N SER T 133 26.59 -29.25 5.47
CA SER T 133 27.45 -30.40 5.64
C SER T 133 28.61 -30.02 6.55
N LEU T 134 29.15 -31.01 7.25
CA LEU T 134 30.22 -30.77 8.20
C LEU T 134 31.55 -31.23 7.60
N SER T 135 32.42 -30.27 7.29
CA SER T 135 33.76 -30.54 6.77
C SER T 135 34.74 -30.44 7.92
N GLY T 136 35.06 -31.58 8.52
CA GLY T 136 36.03 -31.62 9.60
C GLY T 136 35.51 -31.04 10.90
N ASP T 137 35.43 -29.71 10.98
CA ASP T 137 34.97 -29.05 12.19
C ASP T 137 34.13 -27.80 11.94
N VAL T 138 33.95 -27.38 10.69
CA VAL T 138 33.14 -26.21 10.37
C VAL T 138 31.97 -26.62 9.49
N LEU T 139 30.86 -25.89 9.62
CA LEU T 139 29.69 -26.11 8.78
C LEU T 139 29.84 -25.39 7.44
N ASN T 140 29.34 -26.02 6.39
CA ASN T 140 29.34 -25.44 5.05
C ASN T 140 27.91 -25.17 4.61
N ILE T 141 27.75 -24.17 3.75
CA ILE T 141 26.45 -23.70 3.32
C ILE T 141 26.51 -23.58 1.81
N THR T 142 26.02 -24.59 1.10
CA THR T 142 26.07 -24.63 -0.36
C THR T 142 24.74 -24.19 -0.93
N ARG T 143 24.71 -23.96 -2.22
CA ARG T 143 23.45 -23.56 -2.84
C ARG T 143 23.05 -24.57 -3.90
N ALA U 2 21.21 -8.24 42.80
CA ALA U 2 21.00 -8.05 44.23
C ALA U 2 19.51 -7.87 44.54
N LYS U 3 18.77 -7.31 43.59
CA LYS U 3 17.35 -7.02 43.76
C LYS U 3 16.55 -7.74 42.67
N ILE U 4 15.86 -8.81 43.04
CA ILE U 4 14.96 -9.53 42.16
C ILE U 4 13.59 -8.84 42.21
N LEU U 5 13.17 -8.22 41.11
CA LEU U 5 11.83 -7.68 40.99
C LEU U 5 11.10 -8.35 39.84
N VAL U 6 9.88 -8.79 40.10
CA VAL U 6 9.07 -9.52 39.13
C VAL U 6 8.02 -8.59 38.53
N VAL U 7 7.85 -8.65 37.22
CA VAL U 7 6.74 -8.00 36.54
C VAL U 7 5.61 -9.02 36.47
N THR U 8 4.51 -8.75 37.15
CA THR U 8 3.38 -9.67 37.17
C THR U 8 2.09 -8.89 36.92
N SER U 9 1.00 -9.65 36.75
CA SER U 9 -0.31 -9.05 36.58
C SER U 9 -1.48 -9.91 37.04
N GLY U 10 -1.53 -11.15 36.57
CA GLY U 10 -2.70 -11.98 36.73
C GLY U 10 -3.52 -12.03 35.45
N LYS U 11 -4.03 -10.87 35.03
CA LYS U 11 -4.75 -10.76 33.78
C LYS U 11 -3.76 -10.78 32.63
N GLY U 12 -3.94 -11.70 31.68
CA GLY U 12 -3.02 -11.81 30.57
C GLY U 12 -3.19 -10.69 29.57
N GLY U 13 -2.10 -10.35 28.90
CA GLY U 13 -2.13 -9.40 27.82
C GLY U 13 -2.10 -7.94 28.23
N VAL U 14 -1.87 -7.65 29.51
CA VAL U 14 -1.88 -6.27 29.97
C VAL U 14 -0.62 -5.55 29.50
N GLY U 15 0.46 -6.30 29.29
CA GLY U 15 1.70 -5.77 28.79
C GLY U 15 2.87 -6.18 29.65
N LYS U 16 2.89 -7.42 30.17
CA LYS U 16 3.98 -7.73 31.10
C LYS U 16 5.32 -7.78 30.36
N THR U 17 5.37 -8.50 29.24
CA THR U 17 6.61 -8.59 28.48
C THR U 17 7.05 -7.22 27.98
N THR U 18 6.11 -6.41 27.49
CA THR U 18 6.47 -5.07 27.06
C THR U 18 7.08 -4.26 28.18
N THR U 19 6.49 -4.35 29.38
CA THR U 19 7.05 -3.64 30.53
C THR U 19 8.35 -4.26 30.99
N SER U 20 8.44 -5.59 30.95
CA SER U 20 9.66 -6.26 31.38
C SER U 20 10.83 -5.86 30.49
N ALA U 21 10.64 -5.87 29.18
CA ALA U 21 11.70 -5.43 28.28
C ALA U 21 11.97 -3.93 28.43
N ALA U 22 10.95 -3.14 28.73
CA ALA U 22 11.15 -1.70 28.84
C ALA U 22 11.90 -1.36 30.12
N ILE U 23 11.47 -1.95 31.24
CA ILE U 23 12.12 -1.65 32.51
C ILE U 23 13.47 -2.33 32.59
N GLY U 24 13.62 -3.48 31.92
CA GLY U 24 14.92 -4.13 31.92
C GLY U 24 15.97 -3.36 31.15
N THR U 25 15.56 -2.64 30.11
CA THR U 25 16.49 -1.80 29.37
C THR U 25 16.70 -0.47 30.07
N GLY U 26 15.65 0.09 30.66
CA GLY U 26 15.78 1.36 31.36
C GLY U 26 16.76 1.30 32.51
N LEU U 27 16.84 0.16 33.20
CA LEU U 27 17.80 0.04 34.30
C LEU U 27 19.21 -0.28 33.82
N ALA U 28 19.37 -0.76 32.59
CA ALA U 28 20.71 -0.93 32.04
C ALA U 28 21.26 0.37 31.47
N LEU U 29 20.40 1.22 30.91
CA LEU U 29 20.84 2.56 30.52
C LEU U 29 21.33 3.36 31.72
N ARG U 30 20.71 3.17 32.88
CA ARG U 30 21.16 3.88 34.08
C ARG U 30 22.53 3.39 34.54
N GLY U 31 22.87 2.14 34.25
CA GLY U 31 24.21 1.66 34.56
C GLY U 31 24.28 0.37 35.34
N PHE U 32 23.14 -0.08 35.86
CA PHE U 32 23.10 -1.31 36.65
C PHE U 32 23.24 -2.53 35.75
N LYS U 33 24.11 -3.46 36.15
CA LYS U 33 24.27 -4.71 35.41
C LYS U 33 23.04 -5.59 35.63
N THR U 34 22.20 -5.70 34.60
CA THR U 34 20.86 -6.25 34.70
C THR U 34 20.75 -7.55 33.90
N VAL U 35 19.86 -8.44 34.33
CA VAL U 35 19.42 -9.57 33.51
C VAL U 35 17.89 -9.64 33.57
N ILE U 36 17.31 -10.07 32.46
CA ILE U 36 15.87 -10.32 32.37
C ILE U 36 15.66 -11.80 32.13
N VAL U 37 14.85 -12.43 32.96
CA VAL U 37 14.58 -13.86 32.86
C VAL U 37 13.15 -14.04 32.35
N ASP U 38 13.02 -14.54 31.13
CA ASP U 38 11.74 -14.97 30.59
C ASP U 38 11.29 -16.25 31.31
N PHE U 39 10.25 -16.14 32.13
CA PHE U 39 9.74 -17.27 32.90
C PHE U 39 8.61 -18.01 32.20
N ASP U 40 8.19 -17.55 31.01
CA ASP U 40 7.13 -18.21 30.25
C ASP U 40 7.74 -19.35 29.43
N VAL U 41 7.97 -20.46 30.11
CA VAL U 41 8.62 -21.62 29.52
C VAL U 41 7.63 -22.35 28.62
N GLY U 42 8.04 -22.63 27.40
CA GLY U 42 7.19 -23.32 26.45
C GLY U 42 6.32 -22.41 25.61
N LEU U 43 6.17 -21.15 26.01
CA LEU U 43 5.37 -20.17 25.30
C LEU U 43 6.16 -18.86 25.25
N ARG U 44 7.41 -18.96 24.80
CA ARG U 44 8.36 -17.87 24.97
C ARG U 44 7.96 -16.65 24.15
N ASN U 45 8.20 -15.47 24.72
CA ASN U 45 7.85 -14.23 24.05
C ASN U 45 8.88 -13.11 24.22
N LEU U 46 9.77 -13.17 25.21
CA LEU U 46 10.59 -12.01 25.54
C LEU U 46 11.71 -11.78 24.54
N ASP U 47 12.41 -12.84 24.13
CA ASP U 47 13.50 -12.69 23.18
C ASP U 47 13.01 -12.15 21.83
N LEU U 48 11.72 -12.31 21.54
CA LEU U 48 11.21 -11.82 20.27
C LEU U 48 11.18 -10.29 20.23
N ILE U 49 10.81 -9.66 21.34
CA ILE U 49 10.74 -8.20 21.41
C ILE U 49 12.00 -7.57 22.01
N MET U 50 12.92 -8.38 22.54
CA MET U 50 14.26 -7.92 22.88
C MET U 50 15.18 -7.92 21.66
N GLY U 51 14.72 -8.46 20.52
CA GLY U 51 15.54 -8.60 19.34
C GLY U 51 16.66 -9.60 19.46
N CYS U 52 16.51 -10.58 20.36
CA CYS U 52 17.57 -11.52 20.69
C CYS U 52 17.26 -12.93 20.21
N GLU U 53 16.27 -13.07 19.32
CA GLU U 53 15.73 -14.39 19.02
C GLU U 53 16.63 -15.21 18.09
N ARG U 54 17.47 -14.56 17.30
CA ARG U 54 18.36 -15.28 16.40
C ARG U 54 19.65 -15.71 17.08
N ARG U 55 19.98 -15.13 18.23
CA ARG U 55 21.21 -15.47 18.93
C ARG U 55 21.02 -16.56 19.98
N VAL U 56 19.78 -17.01 20.21
CA VAL U 56 19.52 -17.99 21.26
C VAL U 56 20.06 -19.34 20.84
N VAL U 57 20.91 -19.93 21.68
CA VAL U 57 21.34 -21.31 21.54
C VAL U 57 20.81 -22.16 22.68
N TYR U 58 21.05 -21.73 23.92
CA TYR U 58 20.56 -22.39 25.12
C TYR U 58 19.60 -21.46 25.83
N ASP U 59 18.68 -22.03 26.60
CA ASP U 59 17.60 -21.25 27.16
C ASP U 59 17.43 -21.46 28.66
N PHE U 60 16.28 -21.05 29.21
CA PHE U 60 16.10 -21.08 30.66
C PHE U 60 16.08 -22.52 31.18
N VAL U 61 15.41 -23.42 30.47
CA VAL U 61 15.23 -24.78 30.96
C VAL U 61 16.49 -25.63 30.80
N ASN U 62 17.44 -25.18 29.98
CA ASN U 62 18.73 -25.87 29.93
C ASN U 62 19.52 -25.62 31.20
N VAL U 63 19.55 -24.37 31.68
CA VAL U 63 20.32 -24.07 32.89
C VAL U 63 19.75 -24.82 34.08
N VAL U 64 18.43 -24.96 34.14
CA VAL U 64 17.80 -25.71 35.23
C VAL U 64 18.21 -27.19 35.16
N ASN U 65 18.05 -27.81 34.00
CA ASN U 65 18.39 -29.21 33.84
C ASN U 65 19.90 -29.47 33.77
N GLY U 66 20.71 -28.42 33.66
CA GLY U 66 22.14 -28.59 33.64
C GLY U 66 22.75 -28.97 32.30
N GLU U 67 22.00 -28.80 31.20
CA GLU U 67 22.55 -29.05 29.87
C GLU U 67 23.46 -27.94 29.39
N ALA U 68 23.55 -26.84 30.13
CA ALA U 68 24.46 -25.75 29.82
C ALA U 68 24.68 -24.93 31.09
N THR U 69 25.68 -24.08 31.04
CA THR U 69 25.98 -23.21 32.18
C THR U 69 25.29 -21.87 32.02
N LEU U 70 25.35 -21.06 33.07
CA LEU U 70 24.69 -19.75 33.01
C LEU U 70 25.42 -18.77 32.11
N THR U 71 26.73 -18.94 31.91
CA THR U 71 27.44 -18.10 30.96
C THR U 71 27.20 -18.55 29.52
N GLN U 72 26.90 -19.83 29.31
CA GLN U 72 26.58 -20.32 27.97
C GLN U 72 25.19 -19.91 27.51
N ALA U 73 24.28 -19.62 28.44
CA ALA U 73 22.89 -19.34 28.09
C ALA U 73 22.58 -17.85 28.04
N LEU U 74 23.32 -17.03 28.79
CA LEU U 74 23.04 -15.61 28.80
C LEU U 74 23.42 -14.99 27.46
N ILE U 75 22.57 -14.09 26.99
CA ILE U 75 22.80 -13.38 25.73
C ILE U 75 23.11 -11.94 26.09
N LYS U 76 24.39 -11.56 25.99
CA LYS U 76 24.75 -10.15 26.05
C LYS U 76 24.09 -9.41 24.90
N ASP U 77 23.57 -8.22 25.20
CA ASP U 77 23.01 -7.39 24.13
C ASP U 77 24.11 -6.82 23.23
N LYS U 78 23.67 -6.30 22.09
CA LYS U 78 24.54 -5.61 21.16
C LYS U 78 24.55 -4.10 21.37
N ARG U 79 23.42 -3.54 21.79
CA ARG U 79 23.30 -2.10 22.03
C ARG U 79 23.66 -1.71 23.45
N LEU U 80 23.50 -2.61 24.42
CA LEU U 80 23.80 -2.36 25.82
C LEU U 80 24.79 -3.39 26.32
N GLU U 81 25.71 -2.96 27.18
CA GLU U 81 26.65 -3.88 27.80
C GLU U 81 26.23 -4.33 29.19
N ASN U 82 25.29 -3.62 29.81
CA ASN U 82 24.77 -4.01 31.12
C ASN U 82 23.58 -4.96 31.04
N LEU U 83 23.06 -5.24 29.84
CA LEU U 83 21.80 -5.95 29.70
C LEU U 83 22.02 -7.35 29.16
N HIS U 84 21.53 -8.36 29.88
CA HIS U 84 21.56 -9.74 29.43
C HIS U 84 20.17 -10.35 29.51
N VAL U 85 19.93 -11.34 28.66
CA VAL U 85 18.62 -11.99 28.57
C VAL U 85 18.80 -13.48 28.67
N LEU U 86 18.09 -14.12 29.60
CA LEU U 86 18.01 -15.57 29.68
C LEU U 86 16.66 -15.99 29.12
N ALA U 87 16.61 -16.30 27.82
CA ALA U 87 15.35 -16.59 27.16
C ALA U 87 14.85 -17.98 27.57
N ALA U 88 13.61 -18.29 27.19
CA ALA U 88 12.98 -19.55 27.55
C ALA U 88 12.84 -20.46 26.33
N SER U 89 12.28 -21.64 26.55
CA SER U 89 12.15 -22.64 25.50
C SER U 89 10.78 -22.55 24.84
N GLN U 90 10.59 -23.36 23.81
CA GLN U 90 9.29 -23.59 23.22
C GLN U 90 8.85 -25.04 23.31
N THR U 91 9.79 -25.97 23.54
CA THR U 91 9.46 -27.40 23.53
C THR U 91 8.82 -27.84 24.84
N ARG U 92 9.54 -27.64 25.94
CA ARG U 92 9.08 -28.10 27.25
C ARG U 92 8.25 -27.02 27.91
N ASP U 93 7.13 -27.43 28.52
CA ASP U 93 6.20 -26.49 29.12
C ASP U 93 6.56 -26.23 30.58
N LYS U 94 5.65 -25.59 31.32
CA LYS U 94 6.00 -24.98 32.60
C LYS U 94 6.07 -25.97 33.76
N ASP U 95 5.88 -27.27 33.52
CA ASP U 95 6.12 -28.22 34.60
C ASP U 95 7.58 -28.63 34.71
N ALA U 96 8.39 -28.34 33.69
CA ALA U 96 9.81 -28.65 33.66
C ALA U 96 10.66 -27.65 34.43
N LEU U 97 10.05 -26.78 35.25
CA LEU U 97 10.76 -25.88 36.14
C LEU U 97 10.44 -26.29 37.57
N THR U 98 11.43 -26.81 38.28
CA THR U 98 11.22 -27.13 39.67
C THR U 98 11.37 -25.87 40.52
N LYS U 99 10.78 -25.88 41.71
CA LYS U 99 11.10 -24.82 42.66
C LYS U 99 12.56 -24.87 43.08
N GLU U 100 13.13 -26.07 43.15
CA GLU U 100 14.52 -26.22 43.56
C GLU U 100 15.48 -25.86 42.41
N GLY U 101 15.11 -26.21 41.18
CA GLY U 101 15.99 -25.91 40.06
C GLY U 101 16.07 -24.42 39.77
N VAL U 102 14.94 -23.72 39.88
CA VAL U 102 14.94 -22.28 39.69
C VAL U 102 15.63 -21.56 40.86
N GLU U 103 15.68 -22.20 42.03
CA GLU U 103 16.39 -21.60 43.15
C GLU U 103 17.90 -21.52 42.88
N LYS U 104 18.46 -22.53 42.22
CA LYS U 104 19.89 -22.51 41.93
C LYS U 104 20.24 -21.41 40.94
N VAL U 105 19.39 -21.21 39.93
CA VAL U 105 19.65 -20.17 38.94
C VAL U 105 19.51 -18.78 39.56
N MET U 106 18.56 -18.62 40.49
CA MET U 106 18.42 -17.33 41.16
C MET U 106 19.60 -17.03 42.07
N ALA U 107 20.23 -18.07 42.62
CA ALA U 107 21.36 -17.87 43.51
C ALA U 107 22.55 -17.29 42.77
N GLU U 108 22.96 -17.95 41.67
CA GLU U 108 24.15 -17.49 40.96
C GLU U 108 23.86 -16.33 40.03
N LEU U 109 22.59 -16.01 39.78
CA LEU U 109 22.29 -14.74 39.13
C LEU U 109 22.40 -13.58 40.12
N ARG U 110 22.09 -13.83 41.39
CA ARG U 110 22.17 -12.78 42.40
C ARG U 110 23.61 -12.44 42.74
N LYS U 111 24.57 -13.32 42.48
CA LYS U 111 25.96 -13.01 42.76
C LYS U 111 26.55 -12.05 41.73
N ASP U 112 26.16 -12.17 40.46
CA ASP U 112 26.78 -11.42 39.39
C ASP U 112 26.05 -10.13 39.02
N PHE U 113 24.74 -10.07 39.21
CA PHE U 113 23.93 -9.00 38.65
C PHE U 113 23.37 -8.08 39.75
N GLU U 114 23.03 -6.87 39.33
CA GLU U 114 22.46 -5.85 40.19
C GLU U 114 20.93 -5.92 40.22
N TYR U 115 20.30 -6.00 39.06
CA TYR U 115 18.86 -6.08 38.94
C TYR U 115 18.49 -7.33 38.14
N ILE U 116 17.54 -8.11 38.66
CA ILE U 116 16.99 -9.27 37.97
C ILE U 116 15.50 -8.98 37.71
N ILE U 117 15.13 -8.88 36.45
CA ILE U 117 13.74 -8.63 36.08
C ILE U 117 13.12 -9.95 35.65
N CYS U 118 11.99 -10.31 36.23
CA CYS U 118 11.36 -11.61 35.99
C CYS U 118 10.03 -11.43 35.28
N ASP U 119 10.02 -11.64 33.95
CA ASP U 119 8.80 -11.54 33.14
C ASP U 119 7.91 -12.73 33.46
N SER U 120 6.92 -12.53 34.32
CA SER U 120 6.04 -13.61 34.74
C SER U 120 5.06 -13.97 33.62
N PRO U 121 4.69 -15.24 33.47
CA PRO U 121 3.58 -15.59 32.56
C PRO U 121 2.24 -15.20 33.15
N ALA U 122 1.16 -15.38 32.41
CA ALA U 122 -0.15 -14.95 32.91
C ALA U 122 -0.75 -16.01 33.83
N GLY U 123 -1.63 -15.57 34.73
CA GLY U 123 -2.42 -16.47 35.55
C GLY U 123 -1.91 -16.57 36.98
N ILE U 124 -2.49 -17.52 37.71
CA ILE U 124 -2.14 -17.75 39.11
C ILE U 124 -1.65 -19.18 39.30
N GLU U 125 -1.03 -19.74 38.27
CA GLU U 125 -0.61 -21.13 38.29
C GLU U 125 0.89 -21.26 38.57
N LYS U 126 1.44 -22.44 38.29
CA LYS U 126 2.78 -22.78 38.75
C LYS U 126 3.87 -22.00 38.01
N GLY U 127 3.67 -21.67 36.75
CA GLY U 127 4.65 -20.84 36.07
C GLY U 127 4.66 -19.42 36.57
N ALA U 128 3.49 -18.89 36.96
CA ALA U 128 3.40 -17.57 37.56
C ALA U 128 3.79 -17.55 39.03
N HIS U 129 3.87 -18.72 39.66
CA HIS U 129 4.27 -18.81 41.06
C HIS U 129 5.77 -18.79 41.22
N LEU U 130 6.51 -19.40 40.29
CA LEU U 130 7.96 -19.44 40.42
C LEU U 130 8.59 -18.08 40.12
N ALA U 131 7.96 -17.29 39.27
CA ALA U 131 8.44 -15.92 39.07
C ALA U 131 8.16 -15.07 40.29
N MET U 132 6.98 -15.26 40.90
CA MET U 132 6.62 -14.56 42.12
C MET U 132 7.56 -14.89 43.28
N TYR U 133 8.03 -16.14 43.34
CA TYR U 133 8.49 -16.72 44.62
C TYR U 133 9.72 -16.01 45.18
N PHE U 134 10.82 -15.99 44.42
CA PHE U 134 12.08 -15.47 44.95
C PHE U 134 12.21 -13.96 44.80
N ALA U 135 11.10 -13.26 44.59
CA ALA U 135 11.14 -11.83 44.30
C ALA U 135 11.25 -11.00 45.57
N ASP U 136 11.88 -9.83 45.41
CA ASP U 136 12.04 -8.82 46.46
C ASP U 136 11.09 -7.67 46.27
N GLU U 137 10.85 -7.26 45.02
CA GLU U 137 9.80 -6.34 44.66
C GLU U 137 8.97 -6.93 43.54
N ALA U 138 7.86 -6.28 43.23
CA ALA U 138 6.93 -6.77 42.22
C ALA U 138 6.23 -5.58 41.59
N ILE U 139 6.33 -5.45 40.28
CA ILE U 139 5.53 -4.49 39.53
C ILE U 139 4.28 -5.21 39.02
N VAL U 140 3.12 -4.72 39.42
CA VAL U 140 1.85 -5.29 39.01
C VAL U 140 1.32 -4.45 37.85
N VAL U 141 1.00 -5.09 36.74
CA VAL U 141 0.59 -4.40 35.52
C VAL U 141 -0.92 -4.45 35.42
N THR U 142 -1.52 -3.32 35.06
CA THR U 142 -2.97 -3.17 35.15
C THR U 142 -3.49 -2.37 33.96
N ASN U 143 -4.50 -2.86 33.35
CA ASN U 143 -5.13 -1.95 32.41
C ASN U 143 -6.20 -1.15 33.14
N PRO U 144 -6.46 0.08 32.76
CA PRO U 144 -7.58 0.82 33.38
C PRO U 144 -8.92 0.27 32.88
N GLU U 145 -9.28 -0.91 33.34
CA GLU U 145 -10.54 -1.55 32.97
C GLU U 145 -11.01 -2.40 34.14
N VAL U 146 -12.32 -2.69 34.15
CA VAL U 146 -12.91 -3.31 35.34
C VAL U 146 -12.31 -4.69 35.59
N SER U 147 -12.06 -5.46 34.54
CA SER U 147 -11.54 -6.81 34.73
C SER U 147 -10.09 -6.77 35.20
N SER U 148 -9.26 -5.95 34.55
CA SER U 148 -7.84 -5.94 34.86
C SER U 148 -7.53 -5.35 36.23
N VAL U 149 -8.43 -4.57 36.81
CA VAL U 149 -8.22 -4.14 38.18
C VAL U 149 -8.63 -5.23 39.16
N ARG U 150 -9.73 -5.93 38.88
CA ARG U 150 -10.14 -7.04 39.75
C ARG U 150 -9.09 -8.14 39.78
N ASP U 151 -8.53 -8.48 38.61
CA ASP U 151 -7.62 -9.59 38.51
C ASP U 151 -6.20 -9.21 38.83
N SER U 152 -5.90 -7.92 38.93
CA SER U 152 -4.65 -7.44 39.48
C SER U 152 -4.73 -7.27 40.99
N ASP U 153 -5.94 -7.29 41.55
CA ASP U 153 -6.16 -7.25 42.99
C ASP U 153 -5.93 -8.62 43.61
N ARG U 154 -6.37 -9.67 42.92
CA ARG U 154 -6.04 -11.03 43.35
C ARG U 154 -4.53 -11.21 43.41
N MET U 155 -3.80 -10.51 42.55
CA MET U 155 -2.35 -10.70 42.46
C MET U 155 -1.63 -10.06 43.65
N LEU U 156 -2.09 -8.89 44.11
CA LEU U 156 -1.43 -8.23 45.23
C LEU U 156 -1.61 -9.02 46.52
N GLY U 157 -2.67 -9.81 46.62
CA GLY U 157 -2.85 -10.68 47.76
C GLY U 157 -2.05 -11.97 47.69
N LEU U 158 -1.49 -12.27 46.52
CA LEU U 158 -0.60 -13.41 46.35
C LEU U 158 0.87 -13.01 46.50
N LEU U 159 1.18 -11.73 46.41
CA LEU U 159 2.49 -11.20 46.76
C LEU U 159 2.57 -10.82 48.23
N ALA U 160 1.70 -11.38 49.06
CA ALA U 160 1.72 -11.14 50.49
C ALA U 160 1.60 -12.40 51.32
N SER U 161 1.27 -13.53 50.71
CA SER U 161 1.07 -14.79 51.43
C SER U 161 1.84 -15.94 50.81
N LYS U 162 1.96 -15.98 49.49
CA LYS U 162 2.55 -17.11 48.80
C LYS U 162 4.00 -16.87 48.41
N SER U 163 4.63 -15.83 48.95
CA SER U 163 5.97 -15.46 48.53
C SER U 163 6.98 -16.38 49.22
N GLN U 164 8.27 -16.05 49.10
CA GLN U 164 9.29 -16.65 49.95
C GLN U 164 9.55 -15.79 51.17
N ARG U 165 9.40 -14.48 51.04
CA ARG U 165 9.47 -13.58 52.18
C ARG U 165 8.19 -13.56 52.98
N ALA U 166 7.21 -14.41 52.63
CA ALA U 166 6.02 -14.59 53.43
C ALA U 166 6.00 -15.90 54.20
N GLU U 167 6.62 -16.94 53.66
CA GLU U 167 6.78 -18.20 54.36
C GLU U 167 8.04 -18.24 55.23
N LYS U 168 8.99 -17.34 54.99
CA LYS U 168 10.17 -17.23 55.83
C LYS U 168 10.13 -16.00 56.73
N GLY U 169 9.10 -15.17 56.60
CA GLY U 169 8.83 -14.13 57.57
C GLY U 169 9.69 -12.90 57.49
N GLU U 170 10.36 -12.65 56.37
CA GLU U 170 11.11 -11.41 56.19
C GLU U 170 10.14 -10.28 55.85
N GLU U 171 10.69 -9.13 55.50
CA GLU U 171 9.87 -8.01 55.06
C GLU U 171 9.16 -8.39 53.76
N PRO U 172 7.88 -8.07 53.61
CA PRO U 172 7.14 -8.54 52.43
C PRO U 172 7.61 -7.88 51.15
N ILE U 173 7.11 -8.40 50.02
CA ILE U 173 7.50 -7.89 48.73
C ILE U 173 7.00 -6.46 48.57
N LYS U 174 7.90 -5.55 48.20
CA LYS U 174 7.51 -4.17 47.89
C LYS U 174 6.79 -4.14 46.54
N GLU U 175 5.51 -3.79 46.56
CA GLU U 175 4.65 -3.83 45.38
C GLU U 175 4.57 -2.47 44.71
N HIS U 176 4.48 -2.48 43.37
CA HIS U 176 4.37 -1.25 42.58
C HIS U 176 3.30 -1.43 41.51
N LEU U 177 2.49 -0.40 41.31
CA LEU U 177 1.43 -0.46 40.33
C LEU U 177 1.83 0.32 39.08
N LEU U 178 1.47 -0.20 37.92
CA LEU U 178 1.80 0.45 36.67
C LEU U 178 0.63 0.26 35.72
N LEU U 179 -0.09 1.34 35.41
CA LEU U 179 -1.15 1.28 34.41
C LEU U 179 -0.56 1.34 33.02
N THR U 180 -0.84 0.30 32.23
CA THR U 180 -0.39 0.23 30.86
C THR U 180 -1.57 0.46 29.92
N ARG U 181 -1.25 0.73 28.66
CA ARG U 181 -2.18 1.06 27.57
C ARG U 181 -3.38 1.83 28.10
N TYR U 182 -3.06 2.90 28.83
CA TYR U 182 -4.01 3.85 29.38
C TYR U 182 -4.47 4.79 28.29
N ASN U 183 -5.77 4.87 28.05
CA ASN U 183 -6.29 5.77 27.03
C ASN U 183 -6.94 6.98 27.69
N PRO U 184 -6.29 8.15 27.70
CA PRO U 184 -6.84 9.30 28.44
C PRO U 184 -8.15 9.80 27.87
N GLU U 185 -8.38 9.57 26.58
CA GLU U 185 -9.60 10.04 25.94
C GLU U 185 -10.80 9.19 26.34
N ARG U 186 -10.60 7.89 26.56
CA ARG U 186 -11.67 6.99 26.95
C ARG U 186 -12.01 7.02 28.43
N VAL U 187 -11.18 7.63 29.26
CA VAL U 187 -11.56 7.78 30.67
C VAL U 187 -12.47 8.97 30.89
N THR U 188 -12.53 9.91 29.94
CA THR U 188 -13.48 11.01 30.05
C THR U 188 -14.85 10.60 29.54
N LYS U 189 -14.90 9.67 28.59
CA LYS U 189 -16.17 9.07 28.19
C LYS U 189 -16.71 8.10 29.23
N GLY U 190 -15.89 7.74 30.23
CA GLY U 190 -16.35 6.91 31.33
C GLY U 190 -16.24 5.41 31.11
N GLU U 191 -15.75 4.97 29.95
CA GLU U 191 -15.66 3.54 29.66
C GLU U 191 -14.37 2.91 30.15
N MET U 192 -13.46 3.70 30.73
CA MET U 192 -12.30 3.17 31.42
C MET U 192 -12.20 3.84 32.78
N LEU U 193 -11.45 3.22 33.68
CA LEU U 193 -11.24 3.81 34.99
C LEU U 193 -10.20 4.90 34.90
N SER U 194 -10.34 5.93 35.72
CA SER U 194 -9.37 7.00 35.71
C SER U 194 -8.10 6.57 36.44
N VAL U 195 -7.13 7.47 36.54
CA VAL U 195 -5.91 7.14 37.25
C VAL U 195 -6.14 7.09 38.76
N ASP U 196 -7.19 7.76 39.26
CA ASP U 196 -7.45 7.81 40.69
C ASP U 196 -8.41 6.73 41.17
N ASP U 197 -9.23 6.16 40.28
CA ASP U 197 -10.08 5.04 40.65
C ASP U 197 -9.24 3.79 40.91
N VAL U 198 -8.20 3.59 40.10
CA VAL U 198 -7.29 2.48 40.33
C VAL U 198 -6.42 2.73 41.54
N GLU U 199 -6.06 3.98 41.81
CA GLU U 199 -5.30 4.30 43.00
C GLU U 199 -6.14 4.16 44.27
N GLU U 200 -7.45 4.15 44.14
CA GLU U 200 -8.40 4.01 45.24
C GLU U 200 -8.85 2.57 45.47
N ILE U 201 -9.18 1.84 44.40
CA ILE U 201 -9.66 0.47 44.57
C ILE U 201 -8.50 -0.44 44.96
N LEU U 202 -7.36 -0.32 44.27
CA LEU U 202 -6.20 -1.10 44.65
C LEU U 202 -5.49 -0.52 45.86
N ALA U 203 -5.49 0.81 45.99
CA ALA U 203 -5.01 1.51 47.19
C ALA U 203 -3.51 1.28 47.42
N ILE U 204 -2.70 1.52 46.39
CA ILE U 204 -1.24 1.58 46.50
C ILE U 204 -0.72 2.74 45.65
N ARG U 205 0.60 2.92 45.67
CA ARG U 205 1.27 4.02 45.00
C ARG U 205 1.60 3.67 43.55
N LEU U 206 1.19 4.54 42.62
CA LEU U 206 1.43 4.29 41.21
C LEU U 206 2.89 4.47 40.84
N LEU U 207 3.46 3.47 40.16
CA LEU U 207 4.77 3.65 39.56
C LEU U 207 4.71 4.52 38.31
N GLY U 208 3.57 4.53 37.62
CA GLY U 208 3.43 5.39 36.45
C GLY U 208 2.27 4.95 35.60
N VAL U 209 1.97 5.78 34.60
CA VAL U 209 0.85 5.56 33.69
C VAL U 209 1.35 5.69 32.27
N ILE U 210 1.22 4.62 31.50
CA ILE U 210 1.80 4.49 30.16
C ILE U 210 0.67 4.56 29.14
N PRO U 211 0.66 5.58 28.27
CA PRO U 211 -0.49 5.76 27.38
C PRO U 211 -0.59 4.67 26.33
N GLU U 212 -1.77 4.61 25.71
CA GLU U 212 -1.95 3.85 24.48
C GLU U 212 -1.11 4.44 23.37
N SER U 213 -0.33 3.61 22.69
CA SER U 213 0.61 4.10 21.68
C SER U 213 0.75 3.12 20.54
N GLN U 214 0.78 3.65 19.32
CA GLN U 214 1.16 2.82 18.19
C GLN U 214 2.66 2.54 18.16
N ALA U 215 3.43 3.28 18.96
CA ALA U 215 4.87 3.06 19.01
C ALA U 215 5.21 1.74 19.69
N VAL U 216 4.30 1.20 20.51
CA VAL U 216 4.58 -0.05 21.21
C VAL U 216 4.55 -1.22 20.24
N LEU U 217 3.56 -1.26 19.34
CA LEU U 217 3.53 -2.32 18.35
C LEU U 217 4.61 -2.14 17.29
N LYS U 218 5.01 -0.89 17.00
CA LYS U 218 6.07 -0.69 16.02
C LYS U 218 7.42 -1.13 16.57
N ALA U 219 7.65 -0.92 17.87
CA ALA U 219 8.94 -1.24 18.44
C ALA U 219 9.15 -2.74 18.53
N SER U 220 8.13 -3.48 18.96
CA SER U 220 8.25 -4.93 19.00
C SER U 220 8.28 -5.54 17.61
N ASN U 221 7.82 -4.81 16.59
CA ASN U 221 7.87 -5.28 15.22
C ASN U 221 9.25 -5.12 14.60
N GLN U 222 10.12 -4.30 15.19
CA GLN U 222 11.47 -4.12 14.69
C GLN U 222 12.52 -4.64 15.67
N GLY U 223 12.11 -5.20 16.80
CA GLY U 223 13.01 -5.88 17.71
C GLY U 223 13.51 -5.05 18.88
N VAL U 224 13.15 -3.77 18.96
CA VAL U 224 13.70 -2.87 19.98
C VAL U 224 12.71 -2.69 21.12
N PRO U 225 13.15 -2.61 22.38
CA PRO U 225 12.26 -2.15 23.44
C PRO U 225 11.85 -0.71 23.19
N VAL U 226 10.69 -0.33 23.75
CA VAL U 226 10.11 0.98 23.45
C VAL U 226 10.69 2.09 24.32
N ILE U 227 11.44 1.76 25.37
CA ILE U 227 12.16 2.78 26.12
C ILE U 227 13.39 3.27 25.36
N LEU U 228 13.84 2.51 24.36
CA LEU U 228 14.86 2.96 23.42
C LEU U 228 14.26 3.74 22.26
N ASP U 229 12.98 4.09 22.34
CA ASP U 229 12.32 4.99 21.39
C ASP U 229 11.84 6.20 22.18
N GLU U 230 12.69 7.22 22.28
CA GLU U 230 12.43 8.37 23.13
C GLU U 230 11.62 9.47 22.46
N GLN U 231 11.39 9.36 21.14
CA GLN U 231 10.57 10.35 20.47
C GLN U 231 9.09 10.22 20.78
N SER U 232 8.64 9.02 21.14
CA SER U 232 7.23 8.75 21.33
C SER U 232 6.76 9.20 22.71
N ASP U 233 5.46 9.04 22.95
CA ASP U 233 4.90 9.38 24.25
C ASP U 233 5.09 8.24 25.25
N ALA U 234 4.98 7.00 24.80
CA ALA U 234 5.11 5.86 25.71
C ALA U 234 6.55 5.69 26.18
N GLY U 235 7.51 5.92 25.26
CA GLY U 235 8.91 5.79 25.64
C GLY U 235 9.31 6.78 26.73
N GLN U 236 8.77 8.00 26.68
CA GLN U 236 8.91 8.92 27.80
C GLN U 236 8.30 8.31 29.06
N ALA U 237 7.06 7.86 28.96
CA ALA U 237 6.34 7.37 30.13
C ALA U 237 6.96 6.10 30.70
N TYR U 238 7.68 5.32 29.89
CA TYR U 238 8.41 4.18 30.42
C TYR U 238 9.71 4.59 31.10
N SER U 239 10.34 5.67 30.62
CA SER U 239 11.61 6.11 31.16
C SER U 239 11.46 6.94 32.43
N ASP U 240 10.23 7.31 32.78
CA ASP U 240 9.98 7.96 34.06
C ASP U 240 9.62 6.96 35.13
N ALA U 241 8.98 5.86 34.75
CA ALA U 241 8.65 4.83 35.71
C ALA U 241 9.89 4.15 36.27
N VAL U 242 10.99 4.12 35.51
CA VAL U 242 12.22 3.54 36.02
C VAL U 242 12.92 4.50 36.98
N ASP U 243 12.80 5.81 36.75
CA ASP U 243 13.30 6.75 37.73
C ASP U 243 12.47 6.70 39.00
N ARG U 244 11.15 6.50 38.87
CA ARG U 244 10.31 6.35 40.05
C ARG U 244 10.59 5.05 40.79
N LEU U 245 11.19 4.06 40.10
CA LEU U 245 11.68 2.88 40.78
C LEU U 245 12.89 3.19 41.65
N LEU U 246 13.69 4.18 41.25
CA LEU U 246 14.90 4.56 41.97
C LEU U 246 14.68 5.76 42.91
N GLY U 247 13.45 5.95 43.39
CA GLY U 247 13.14 6.97 44.38
C GLY U 247 12.81 8.34 43.84
N LYS U 248 13.31 8.70 42.64
CA LYS U 248 13.17 10.05 42.10
C LYS U 248 11.72 10.30 41.70
N GLU U 249 11.00 11.08 42.49
CA GLU U 249 9.58 11.32 42.23
C GLU U 249 9.38 12.31 41.10
N ILE U 250 8.53 11.96 40.15
CA ILE U 250 8.25 12.74 38.94
C ILE U 250 6.74 12.91 38.81
N PRO U 251 6.24 14.11 38.45
CA PRO U 251 4.80 14.28 38.22
C PRO U 251 4.35 13.59 36.94
N HIS U 252 3.23 12.87 37.02
CA HIS U 252 2.78 12.04 35.90
C HIS U 252 2.34 12.92 34.74
N ARG U 253 2.63 12.47 33.51
CA ARG U 253 2.29 13.21 32.30
C ARG U 253 1.38 12.39 31.39
N PHE U 254 1.00 13.01 30.26
CA PHE U 254 0.26 12.38 29.16
C PHE U 254 -1.16 11.97 29.53
N LEU U 255 -1.71 12.51 30.61
CA LEU U 255 -3.07 12.15 31.04
C LEU U 255 -4.12 13.13 30.50
N ALA V 2 -23.68 -31.83 23.96
CA ALA V 2 -23.34 -32.89 23.03
C ALA V 2 -22.05 -32.55 22.27
N LYS V 3 -21.83 -31.26 22.05
CA LYS V 3 -20.64 -30.78 21.32
C LYS V 3 -19.89 -29.83 22.25
N ILE V 4 -18.80 -30.31 22.85
CA ILE V 4 -17.94 -29.48 23.69
C ILE V 4 -16.89 -28.82 22.81
N LEU V 5 -16.96 -27.50 22.67
CA LEU V 5 -15.91 -26.76 21.98
C LEU V 5 -15.28 -25.77 22.94
N VAL V 6 -13.94 -25.73 22.95
CA VAL V 6 -13.19 -24.88 23.85
C VAL V 6 -12.71 -23.66 23.08
N VAL V 7 -12.86 -22.48 23.69
CA VAL V 7 -12.27 -21.26 23.19
C VAL V 7 -10.91 -21.11 23.86
N THR V 8 -9.84 -21.20 23.09
CA THR V 8 -8.48 -21.16 23.63
C THR V 8 -7.64 -20.19 22.82
N SER V 9 -6.43 -19.92 23.32
CA SER V 9 -5.51 -19.08 22.57
C SER V 9 -4.04 -19.40 22.82
N GLY V 10 -3.67 -19.48 24.09
CA GLY V 10 -2.27 -19.52 24.48
C GLY V 10 -1.79 -18.15 24.92
N LYS V 11 -1.80 -17.19 24.00
CA LYS V 11 -1.44 -15.81 24.31
C LYS V 11 -2.58 -15.15 25.08
N GLY V 12 -2.26 -14.59 26.25
CA GLY V 12 -3.29 -14.02 27.09
C GLY V 12 -3.79 -12.68 26.57
N GLY V 13 -5.06 -12.39 26.85
CA GLY V 13 -5.64 -11.11 26.55
C GLY V 13 -6.09 -10.90 25.14
N VAL V 14 -6.10 -11.95 24.32
CA VAL V 14 -6.47 -11.79 22.91
C VAL V 14 -7.97 -11.59 22.76
N GLY V 15 -8.75 -12.09 23.72
CA GLY V 15 -10.18 -11.90 23.73
C GLY V 15 -10.90 -13.22 23.94
N LYS V 16 -10.36 -14.13 24.77
CA LYS V 16 -11.01 -15.43 24.86
C LYS V 16 -12.37 -15.31 25.55
N THR V 17 -12.39 -14.63 26.71
CA THR V 17 -13.65 -14.45 27.42
C THR V 17 -14.64 -13.68 26.59
N THR V 18 -14.16 -12.65 25.89
CA THR V 18 -15.04 -11.90 24.99
C THR V 18 -15.63 -12.80 23.92
N THR V 19 -14.80 -13.64 23.31
CA THR V 19 -15.30 -14.56 22.30
C THR V 19 -16.17 -15.64 22.92
N SER V 20 -15.80 -16.11 24.11
CA SER V 20 -16.57 -17.18 24.74
C SER V 20 -17.99 -16.72 25.04
N ALA V 21 -18.15 -15.54 25.66
CA ALA V 21 -19.49 -15.03 25.93
C ALA V 21 -20.24 -14.70 24.65
N ALA V 22 -19.54 -14.26 23.61
CA ALA V 22 -20.22 -13.90 22.37
C ALA V 22 -20.71 -15.13 21.63
N ILE V 23 -19.85 -16.15 21.49
CA ILE V 23 -20.24 -17.33 20.75
C ILE V 23 -21.21 -18.18 21.57
N GLY V 24 -21.11 -18.13 22.89
CA GLY V 24 -22.06 -18.85 23.72
C GLY V 24 -23.45 -18.24 23.67
N THR V 25 -23.53 -16.92 23.52
CA THR V 25 -24.80 -16.25 23.36
C THR V 25 -25.32 -16.37 21.94
N GLY V 26 -24.43 -16.31 20.95
CA GLY V 26 -24.85 -16.46 19.57
C GLY V 26 -25.52 -17.79 19.31
N LEU V 27 -25.08 -18.85 20.00
CA LEU V 27 -25.71 -20.16 19.83
C LEU V 27 -26.99 -20.33 20.64
N ALA V 28 -27.22 -19.48 21.65
CA ALA V 28 -28.50 -19.49 22.34
C ALA V 28 -29.56 -18.69 21.59
N LEU V 29 -29.16 -17.60 20.94
CA LEU V 29 -30.08 -16.89 20.06
C LEU V 29 -30.56 -17.78 18.92
N ARG V 30 -29.69 -18.68 18.44
CA ARG V 30 -30.10 -19.58 17.38
C ARG V 30 -31.11 -20.61 17.89
N GLY V 31 -31.04 -20.97 19.16
CA GLY V 31 -32.03 -21.87 19.73
C GLY V 31 -31.46 -23.06 20.47
N PHE V 32 -30.15 -23.28 20.33
CA PHE V 32 -29.50 -24.41 20.99
C PHE V 32 -29.38 -24.15 22.48
N LYS V 33 -29.74 -25.16 23.28
CA LYS V 33 -29.62 -25.05 24.73
C LYS V 33 -28.14 -25.13 25.13
N THR V 34 -27.56 -24.00 25.53
CA THR V 34 -26.12 -23.82 25.68
C THR V 34 -25.74 -23.63 27.15
N VAL V 35 -24.50 -24.02 27.48
CA VAL V 35 -23.87 -23.61 28.72
C VAL V 35 -22.48 -23.11 28.42
N ILE V 36 -22.03 -22.12 29.19
CA ILE V 36 -20.67 -21.60 29.13
C ILE V 36 -20.01 -21.87 30.47
N VAL V 37 -18.84 -22.50 30.45
CA VAL V 37 -18.10 -22.82 31.66
C VAL V 37 -16.86 -21.94 31.73
N ASP V 38 -16.82 -21.05 32.72
CA ASP V 38 -15.59 -20.33 33.03
C ASP V 38 -14.59 -21.29 33.67
N PHE V 39 -13.51 -21.61 32.94
CA PHE V 39 -12.49 -22.53 33.44
C PHE V 39 -11.35 -21.83 34.14
N ASP V 40 -11.37 -20.50 34.21
CA ASP V 40 -10.32 -19.73 34.87
C ASP V 40 -10.65 -19.64 36.36
N VAL V 41 -10.34 -20.73 37.06
CA VAL V 41 -10.68 -20.88 38.46
C VAL V 41 -9.73 -20.04 39.30
N GLY V 42 -10.27 -19.23 40.20
CA GLY V 42 -9.47 -18.38 41.04
C GLY V 42 -9.19 -17.01 40.48
N LEU V 43 -9.41 -16.82 39.18
CA LEU V 43 -9.19 -15.54 38.52
C LEU V 43 -10.34 -15.27 37.56
N ARG V 44 -11.56 -15.41 38.08
CA ARG V 44 -12.75 -15.46 37.24
C ARG V 44 -13.02 -14.14 36.55
N ASN V 45 -13.52 -14.22 35.32
CA ASN V 45 -13.85 -13.06 34.50
C ASN V 45 -15.13 -13.21 33.70
N LEU V 46 -15.66 -14.43 33.52
CA LEU V 46 -16.76 -14.61 32.58
C LEU V 46 -18.06 -14.08 33.13
N ASP V 47 -18.36 -14.35 34.40
CA ASP V 47 -19.61 -13.85 34.98
C ASP V 47 -19.67 -12.33 34.97
N LEU V 48 -18.52 -11.66 34.92
CA LEU V 48 -18.50 -10.21 34.93
C LEU V 48 -19.03 -9.65 33.62
N ILE V 49 -18.65 -10.26 32.49
CA ILE V 49 -19.11 -9.79 31.19
C ILE V 49 -20.34 -10.55 30.67
N MET V 50 -20.74 -11.62 31.34
CA MET V 50 -22.05 -12.24 31.10
C MET V 50 -23.16 -11.52 31.85
N GLY V 51 -22.81 -10.57 32.72
CA GLY V 51 -23.78 -9.87 33.54
C GLY V 51 -24.42 -10.69 34.63
N CYS V 52 -23.75 -11.78 35.07
CA CYS V 52 -24.32 -12.73 36.00
C CYS V 52 -23.64 -12.68 37.36
N GLU V 53 -22.89 -11.62 37.66
CA GLU V 53 -22.00 -11.62 38.81
C GLU V 53 -22.75 -11.47 40.14
N ARG V 54 -23.93 -10.88 40.11
CA ARG V 54 -24.72 -10.73 41.33
C ARG V 54 -25.55 -11.96 41.65
N ARG V 55 -25.77 -12.84 40.68
CA ARG V 55 -26.56 -14.04 40.90
C ARG V 55 -25.73 -15.27 41.26
N VAL V 56 -24.40 -15.17 41.27
CA VAL V 56 -23.58 -16.34 41.54
C VAL V 56 -23.67 -16.68 43.03
N VAL V 57 -24.07 -17.90 43.33
CA VAL V 57 -24.00 -18.46 44.67
C VAL V 57 -23.03 -19.63 44.75
N TYR V 58 -23.20 -20.61 43.86
CA TYR V 58 -22.29 -21.74 43.73
C TYR V 58 -21.62 -21.70 42.37
N ASP V 59 -20.41 -22.25 42.30
CA ASP V 59 -19.57 -22.07 41.13
C ASP V 59 -19.04 -23.42 40.65
N PHE V 60 -18.01 -23.35 39.79
CA PHE V 60 -17.46 -24.55 39.18
C PHE V 60 -16.78 -25.44 40.22
N VAL V 61 -16.04 -24.85 41.14
CA VAL V 61 -15.27 -25.65 42.09
C VAL V 61 -16.15 -26.22 43.20
N ASN V 62 -17.34 -25.66 43.41
CA ASN V 62 -18.29 -26.30 44.32
C ASN V 62 -18.85 -27.59 43.72
N VAL V 63 -19.19 -27.56 42.42
CA VAL V 63 -19.73 -28.76 41.79
C VAL V 63 -18.69 -29.88 41.77
N VAL V 64 -17.42 -29.52 41.57
CA VAL V 64 -16.36 -30.52 41.55
C VAL V 64 -16.22 -31.18 42.93
N ASN V 65 -16.09 -30.37 43.98
CA ASN V 65 -15.95 -30.91 45.33
C ASN V 65 -17.24 -31.47 45.89
N GLY V 66 -18.37 -31.26 45.21
CA GLY V 66 -19.64 -31.79 45.67
C GLY V 66 -20.33 -30.95 46.72
N GLU V 67 -19.94 -29.69 46.87
CA GLU V 67 -20.59 -28.77 47.79
C GLU V 67 -21.91 -28.24 47.24
N ALA V 68 -22.24 -28.57 46.00
CA ALA V 68 -23.52 -28.21 45.39
C ALA V 68 -23.74 -29.12 44.21
N THR V 69 -24.97 -29.10 43.69
CA THR V 69 -25.32 -29.89 42.52
C THR V 69 -25.15 -29.06 41.27
N LEU V 70 -25.27 -29.71 40.11
CA LEU V 70 -25.12 -28.96 38.87
C LEU V 70 -26.31 -28.06 38.58
N THR V 71 -27.50 -28.40 39.09
CA THR V 71 -28.64 -27.50 38.93
C THR V 71 -28.61 -26.36 39.94
N GLN V 72 -27.98 -26.57 41.10
CA GLN V 72 -27.85 -25.50 42.09
C GLN V 72 -26.86 -24.44 41.67
N ALA V 73 -25.91 -24.78 40.80
CA ALA V 73 -24.84 -23.86 40.43
C ALA V 73 -25.07 -23.16 39.10
N LEU V 74 -25.83 -23.76 38.19
CA LEU V 74 -26.05 -23.15 36.88
C LEU V 74 -26.92 -21.92 36.99
N ILE V 75 -26.54 -20.86 36.28
CA ILE V 75 -27.26 -19.59 36.29
C ILE V 75 -27.96 -19.42 34.95
N LYS V 76 -29.27 -19.62 34.94
CA LYS V 76 -30.08 -19.23 33.80
C LYS V 76 -29.96 -17.73 33.57
N ASP V 77 -29.84 -17.33 32.30
CA ASP V 77 -29.87 -15.91 31.98
C ASP V 77 -31.27 -15.35 32.16
N LYS V 78 -31.35 -14.01 32.18
CA LYS V 78 -32.64 -13.34 32.25
C LYS V 78 -33.17 -12.96 30.87
N ARG V 79 -32.27 -12.65 29.93
CA ARG V 79 -32.66 -12.28 28.57
C ARG V 79 -32.80 -13.50 27.65
N LEU V 80 -32.09 -14.58 27.94
CA LEU V 80 -32.14 -15.80 27.14
C LEU V 80 -32.53 -16.98 28.02
N GLU V 81 -33.32 -17.91 27.47
CA GLU V 81 -33.68 -19.13 28.19
C GLU V 81 -32.82 -20.33 27.85
N ASN V 82 -32.11 -20.31 26.72
CA ASN V 82 -31.23 -21.41 26.36
C ASN V 82 -29.82 -21.26 26.93
N LEU V 83 -29.52 -20.16 27.58
CA LEU V 83 -28.15 -19.85 27.98
C LEU V 83 -28.01 -19.98 29.48
N HIS V 84 -27.06 -20.82 29.91
CA HIS V 84 -26.72 -20.98 31.31
C HIS V 84 -25.22 -20.80 31.48
N VAL V 85 -24.82 -20.38 32.68
CA VAL V 85 -23.43 -20.07 32.97
C VAL V 85 -23.01 -20.81 34.23
N LEU V 86 -21.95 -21.59 34.14
CA LEU V 86 -21.31 -22.20 35.31
C LEU V 86 -20.06 -21.40 35.63
N ALA V 87 -20.19 -20.42 36.52
CA ALA V 87 -19.09 -19.51 36.82
C ALA V 87 -18.04 -20.21 37.68
N ALA V 88 -16.90 -19.55 37.87
CA ALA V 88 -15.77 -20.09 38.62
C ALA V 88 -15.60 -19.32 39.93
N SER V 89 -14.61 -19.73 40.72
CA SER V 89 -14.38 -19.15 42.04
C SER V 89 -13.33 -18.04 41.98
N GLN V 90 -13.12 -17.40 43.13
CA GLN V 90 -11.99 -16.52 43.37
C GLN V 90 -11.11 -17.00 44.53
N THR V 91 -11.62 -17.87 45.39
CA THR V 91 -10.87 -18.32 46.56
C THR V 91 -9.84 -19.38 46.19
N ARG V 92 -10.30 -20.48 45.61
CA ARG V 92 -9.44 -21.61 45.26
C ARG V 92 -8.92 -21.45 43.84
N ASP V 93 -7.64 -21.73 43.64
CA ASP V 93 -7.01 -21.55 42.34
C ASP V 93 -7.12 -22.84 41.50
N LYS V 94 -6.38 -22.90 40.40
CA LYS V 94 -6.64 -23.90 39.37
C LYS V 94 -6.09 -25.27 39.69
N ASP V 95 -5.51 -25.48 40.87
CA ASP V 95 -5.10 -26.83 41.24
C ASP V 95 -6.25 -27.64 41.84
N ALA V 96 -7.33 -26.99 42.25
CA ALA V 96 -8.49 -27.64 42.84
C ALA V 96 -9.42 -28.26 41.81
N LEU V 97 -8.97 -28.41 40.56
CA LEU V 97 -9.72 -29.07 39.50
C LEU V 97 -8.99 -30.35 39.14
N THR V 98 -9.59 -31.50 39.46
CA THR V 98 -9.01 -32.77 39.06
C THR V 98 -9.40 -33.07 37.61
N LYS V 99 -8.61 -33.92 36.95
CA LYS V 99 -9.08 -34.45 35.67
C LYS V 99 -10.31 -35.33 35.88
N GLU V 100 -10.38 -36.03 37.01
CA GLU V 100 -11.52 -36.91 37.28
C GLU V 100 -12.74 -36.11 37.71
N GLY V 101 -12.54 -35.05 38.50
CA GLY V 101 -13.67 -34.26 38.96
C GLY V 101 -14.32 -33.47 37.84
N VAL V 102 -13.50 -32.91 36.95
CA VAL V 102 -14.02 -32.22 35.77
C VAL V 102 -14.58 -33.22 34.75
N GLU V 103 -14.14 -34.47 34.80
CA GLU V 103 -14.71 -35.48 33.90
C GLU V 103 -16.17 -35.75 34.25
N LYS V 104 -16.50 -35.77 35.55
CA LYS V 104 -17.88 -36.02 35.95
C LYS V 104 -18.80 -34.89 35.56
N VAL V 105 -18.33 -33.64 35.71
CA VAL V 105 -19.16 -32.48 35.38
C VAL V 105 -19.40 -32.40 33.88
N MET V 106 -18.39 -32.74 33.08
CA MET V 106 -18.59 -32.74 31.64
C MET V 106 -19.54 -33.83 31.21
N ALA V 107 -19.59 -34.94 31.97
CA ALA V 107 -20.48 -36.04 31.63
C ALA V 107 -21.93 -35.63 31.79
N GLU V 108 -22.31 -35.10 32.96
CA GLU V 108 -23.71 -34.76 33.18
C GLU V 108 -24.09 -33.42 32.58
N LEU V 109 -23.12 -32.63 32.11
CA LEU V 109 -23.45 -31.47 31.28
C LEU V 109 -23.82 -31.89 29.87
N ARG V 110 -23.20 -32.97 29.37
CA ARG V 110 -23.47 -33.44 28.02
C ARG V 110 -24.85 -34.07 27.88
N LYS V 111 -25.45 -34.50 28.99
CA LYS V 111 -26.79 -35.08 28.92
C LYS V 111 -27.86 -34.02 28.69
N ASP V 112 -27.68 -32.84 29.28
CA ASP V 112 -28.72 -31.81 29.24
C ASP V 112 -28.53 -30.79 28.13
N PHE V 113 -27.31 -30.53 27.69
CA PHE V 113 -27.04 -29.39 26.82
C PHE V 113 -26.61 -29.83 25.43
N GLU V 114 -26.80 -28.91 24.49
CA GLU V 114 -26.45 -29.08 23.08
C GLU V 114 -25.03 -28.61 22.78
N TYR V 115 -24.69 -27.42 23.25
CA TYR V 115 -23.38 -26.82 23.08
C TYR V 115 -22.80 -26.47 24.45
N ILE V 116 -21.55 -26.85 24.66
CA ILE V 116 -20.79 -26.47 25.85
C ILE V 116 -19.60 -25.63 25.40
N ILE V 117 -19.55 -24.38 25.83
CA ILE V 117 -18.46 -23.47 25.49
C ILE V 117 -17.53 -23.41 26.68
N CYS V 118 -16.24 -23.62 26.44
CA CYS V 118 -15.24 -23.69 27.51
C CYS V 118 -14.29 -22.51 27.41
N ASP V 119 -14.50 -21.51 28.27
CA ASP V 119 -13.65 -20.33 28.32
C ASP V 119 -12.32 -20.74 28.94
N SER V 120 -11.31 -20.99 28.11
CA SER V 120 -10.00 -21.44 28.59
C SER V 120 -9.23 -20.29 29.20
N PRO V 121 -8.46 -20.55 30.29
CA PRO V 121 -7.52 -19.53 30.76
C PRO V 121 -6.32 -19.45 29.84
N ALA V 122 -5.42 -18.50 30.09
CA ALA V 122 -4.26 -18.32 29.24
C ALA V 122 -3.15 -19.28 29.61
N GLY V 123 -2.31 -19.60 28.63
CA GLY V 123 -1.10 -20.39 28.85
C GLY V 123 -1.23 -21.83 28.40
N ILE V 124 -0.23 -22.62 28.74
CA ILE V 124 -0.15 -24.03 28.35
C ILE V 124 -0.05 -24.89 29.61
N GLU V 125 -0.66 -24.43 30.69
CA GLU V 125 -0.53 -25.09 31.99
C GLU V 125 -1.78 -25.92 32.30
N LYS V 126 -1.95 -26.28 33.57
CA LYS V 126 -2.95 -27.27 33.96
C LYS V 126 -4.38 -26.73 33.84
N GLY V 127 -4.60 -25.45 34.09
CA GLY V 127 -5.92 -24.90 33.88
C GLY V 127 -6.31 -24.80 32.42
N ALA V 128 -5.33 -24.57 31.54
CA ALA V 128 -5.57 -24.56 30.11
C ALA V 128 -5.61 -25.97 29.52
N HIS V 129 -5.13 -26.97 30.26
CA HIS V 129 -5.15 -28.33 29.77
C HIS V 129 -6.49 -29.01 30.04
N LEU V 130 -7.14 -28.71 31.16
CA LEU V 130 -8.41 -29.36 31.46
C LEU V 130 -9.53 -28.84 30.58
N ALA V 131 -9.46 -27.59 30.13
CA ALA V 131 -10.44 -27.11 29.17
C ALA V 131 -10.20 -27.75 27.81
N MET V 132 -8.94 -27.88 27.43
CA MET V 132 -8.57 -28.53 26.19
C MET V 132 -9.03 -29.99 26.14
N TYR V 133 -9.01 -30.68 27.28
CA TYR V 133 -8.97 -32.14 27.27
C TYR V 133 -10.23 -32.76 26.69
N PHE V 134 -11.39 -32.50 27.29
CA PHE V 134 -12.62 -33.17 26.87
C PHE V 134 -13.29 -32.48 25.70
N ALA V 135 -12.58 -31.64 24.97
CA ALA V 135 -13.19 -30.84 23.92
C ALA V 135 -13.34 -31.65 22.65
N ASP V 136 -14.36 -31.29 21.87
CA ASP V 136 -14.63 -31.88 20.57
C ASP V 136 -14.24 -30.96 19.43
N GLU V 137 -14.41 -29.66 19.62
CA GLU V 137 -13.87 -28.63 18.74
C GLU V 137 -13.11 -27.61 19.57
N ALA V 138 -12.38 -26.72 18.89
CA ALA V 138 -11.58 -25.72 19.58
C ALA V 138 -11.47 -24.50 18.70
N ILE V 139 -11.89 -23.36 19.23
CA ILE V 139 -11.67 -22.08 18.56
C ILE V 139 -10.40 -21.46 19.14
N VAL V 140 -9.43 -21.19 18.27
CA VAL V 140 -8.18 -20.56 18.67
C VAL V 140 -8.28 -19.08 18.34
N VAL V 141 -8.03 -18.23 19.35
CA VAL V 141 -8.19 -16.79 19.23
C VAL V 141 -6.82 -16.16 18.99
N THR V 142 -6.75 -15.23 18.05
CA THR V 142 -5.46 -14.75 17.57
C THR V 142 -5.52 -13.25 17.35
N ASN V 143 -4.56 -12.57 17.84
CA ASN V 143 -4.51 -11.19 17.40
C ASN V 143 -3.64 -11.11 16.15
N PRO V 144 -3.93 -10.23 15.21
CA PRO V 144 -3.06 -10.12 14.04
C PRO V 144 -1.73 -9.46 14.37
N GLU V 145 -0.88 -10.18 15.08
CA GLU V 145 0.45 -9.69 15.44
C GLU V 145 1.39 -10.88 15.51
N VAL V 146 2.69 -10.60 15.39
CA VAL V 146 3.65 -11.69 15.24
C VAL V 146 3.68 -12.57 16.49
N SER V 147 3.53 -11.97 17.67
CA SER V 147 3.60 -12.75 18.90
C SER V 147 2.38 -13.64 19.04
N SER V 148 1.19 -13.07 18.82
CA SER V 148 -0.04 -13.83 19.01
C SER V 148 -0.24 -14.92 17.97
N VAL V 149 0.44 -14.84 16.83
CA VAL V 149 0.39 -15.95 15.88
C VAL V 149 1.35 -17.07 16.30
N ARG V 150 2.53 -16.72 16.82
CA ARG V 150 3.47 -17.75 17.28
C ARG V 150 2.86 -18.57 18.40
N ASP V 151 2.15 -17.92 19.33
CA ASP V 151 1.62 -18.62 20.50
C ASP V 151 0.27 -19.26 20.23
N SER V 152 -0.38 -18.90 19.14
CA SER V 152 -1.54 -19.63 18.67
C SER V 152 -1.13 -20.79 17.79
N ASP V 153 0.13 -20.80 17.35
CA ASP V 153 0.71 -21.91 16.61
C ASP V 153 1.13 -23.02 17.56
N ARG V 154 1.70 -22.65 18.71
CA ARG V 154 1.97 -23.63 19.76
C ARG V 154 0.68 -24.29 20.22
N MET V 155 -0.44 -23.57 20.16
CA MET V 155 -1.68 -24.11 20.70
C MET V 155 -2.26 -25.19 19.79
N LEU V 156 -2.20 -25.00 18.47
CA LEU V 156 -2.75 -26.00 17.55
C LEU V 156 -1.97 -27.31 17.60
N GLY V 157 -0.70 -27.27 18.02
CA GLY V 157 0.02 -28.50 18.22
C GLY V 157 -0.28 -29.20 19.51
N LEU V 158 -0.96 -28.52 20.44
CA LEU V 158 -1.43 -29.13 21.67
C LEU V 158 -2.88 -29.62 21.58
N LEU V 159 -3.64 -29.13 20.60
CA LEU V 159 -4.95 -29.67 20.29
C LEU V 159 -4.87 -30.78 19.26
N ALA V 160 -3.72 -31.41 19.13
CA ALA V 160 -3.55 -32.55 18.24
C ALA V 160 -2.82 -33.70 18.90
N SER V 161 -2.26 -33.49 20.09
CA SER V 161 -1.46 -34.48 20.79
C SER V 161 -1.88 -34.65 22.25
N LYS V 162 -2.25 -33.58 22.92
CA LYS V 162 -2.52 -33.60 24.35
C LYS V 162 -4.00 -33.72 24.66
N SER V 163 -4.83 -34.04 23.68
CA SER V 163 -6.27 -34.03 23.86
C SER V 163 -6.72 -35.31 24.55
N GLN V 164 -8.03 -35.55 24.59
CA GLN V 164 -8.55 -36.87 24.94
C GLN V 164 -8.81 -37.72 23.71
N ARG V 165 -9.17 -37.08 22.59
CA ARG V 165 -9.32 -37.77 21.33
C ARG V 165 -7.99 -38.02 20.64
N ALA V 166 -6.88 -37.67 21.26
CA ALA V 166 -5.55 -37.99 20.77
C ALA V 166 -4.89 -39.12 21.54
N GLU V 167 -5.20 -39.26 22.83
CA GLU V 167 -4.73 -40.37 23.63
C GLU V 167 -5.65 -41.58 23.55
N LYS V 168 -6.89 -41.40 23.10
CA LYS V 168 -7.81 -42.52 22.88
C LYS V 168 -8.03 -42.81 21.40
N GLY V 169 -7.44 -42.03 20.51
CA GLY V 169 -7.38 -42.37 19.10
C GLY V 169 -8.64 -42.15 18.30
N GLU V 170 -9.56 -41.32 18.78
CA GLU V 170 -10.73 -40.96 17.97
C GLU V 170 -10.31 -39.92 16.95
N GLU V 171 -11.30 -39.38 16.22
CA GLU V 171 -11.01 -38.30 15.29
C GLU V 171 -10.56 -37.06 16.06
N PRO V 172 -9.54 -36.36 15.58
CA PRO V 172 -8.96 -35.25 16.36
C PRO V 172 -9.91 -34.08 16.49
N ILE V 173 -9.51 -33.12 17.33
CA ILE V 173 -10.32 -31.94 17.58
C ILE V 173 -10.41 -31.10 16.32
N LYS V 174 -11.63 -30.74 15.92
CA LYS V 174 -11.82 -29.82 14.80
C LYS V 174 -11.47 -28.40 15.26
N GLU V 175 -10.42 -27.83 14.67
CA GLU V 175 -9.89 -26.54 15.06
C GLU V 175 -10.41 -25.43 14.14
N HIS V 176 -10.61 -24.25 14.72
CA HIS V 176 -11.09 -23.07 14.00
C HIS V 176 -10.26 -21.86 14.41
N LEU V 177 -9.96 -21.00 13.44
CA LEU V 177 -9.20 -19.79 13.69
C LEU V 177 -10.13 -18.58 13.73
N LEU V 178 -9.84 -17.64 14.63
CA LEU V 178 -10.66 -16.45 14.77
C LEU V 178 -9.74 -15.26 15.09
N LEU V 179 -9.60 -14.32 14.16
CA LEU V 179 -8.85 -13.09 14.45
C LEU V 179 -9.73 -12.11 15.21
N THR V 180 -9.31 -11.72 16.39
CA THR V 180 -9.98 -10.70 17.16
C THR V 180 -9.18 -9.42 17.14
N ARG V 181 -9.83 -8.33 17.54
CA ARG V 181 -9.31 -6.96 17.54
C ARG V 181 -8.36 -6.72 16.38
N TYR V 182 -8.86 -7.06 15.19
CA TYR V 182 -8.20 -6.81 13.92
C TYR V 182 -8.39 -5.36 13.54
N ASN V 183 -7.30 -4.65 13.32
CA ASN V 183 -7.37 -3.24 12.94
C ASN V 183 -7.09 -3.10 11.46
N PRO V 184 -8.11 -2.87 10.61
CA PRO V 184 -7.85 -2.88 9.16
C PRO V 184 -6.94 -1.77 8.69
N GLU V 185 -6.89 -0.66 9.43
CA GLU V 185 -6.06 0.47 9.07
C GLU V 185 -4.58 0.22 9.37
N ARG V 186 -4.26 -0.55 10.43
CA ARG V 186 -2.88 -0.85 10.77
C ARG V 186 -2.28 -1.99 9.96
N VAL V 187 -3.08 -2.78 9.25
CA VAL V 187 -2.48 -3.81 8.41
C VAL V 187 -2.01 -3.24 7.08
N THR V 188 -2.49 -2.05 6.69
CA THR V 188 -1.99 -1.41 5.48
C THR V 188 -0.71 -0.62 5.75
N LYS V 189 -0.54 -0.11 6.98
CA LYS V 189 0.74 0.45 7.37
C LYS V 189 1.80 -0.62 7.59
N GLY V 190 1.40 -1.90 7.64
CA GLY V 190 2.32 -3.00 7.73
C GLY V 190 2.70 -3.45 9.13
N GLU V 191 2.20 -2.78 10.17
CA GLU V 191 2.56 -3.09 11.54
C GLU V 191 1.70 -4.19 12.15
N MET V 192 0.73 -4.72 11.42
CA MET V 192 0.00 -5.92 11.81
C MET V 192 -0.02 -6.87 10.63
N LEU V 193 -0.27 -8.14 10.91
CA LEU V 193 -0.39 -9.12 9.84
C LEU V 193 -1.76 -9.00 9.19
N SER V 194 -1.81 -9.27 7.89
CA SER V 194 -3.08 -9.18 7.18
C SER V 194 -3.92 -10.42 7.46
N VAL V 195 -5.10 -10.47 6.83
CA VAL V 195 -5.95 -11.64 7.01
C VAL V 195 -5.39 -12.86 6.31
N ASP V 196 -4.51 -12.67 5.31
CA ASP V 196 -3.95 -13.78 4.56
C ASP V 196 -2.60 -14.25 5.10
N ASP V 197 -1.89 -13.40 5.85
CA ASP V 197 -0.65 -13.85 6.49
C ASP V 197 -0.95 -14.82 7.61
N VAL V 198 -2.03 -14.58 8.36
CA VAL V 198 -2.43 -15.50 9.40
C VAL V 198 -3.02 -16.77 8.79
N GLU V 199 -3.71 -16.65 7.66
CA GLU V 199 -4.25 -17.82 6.98
C GLU V 199 -3.15 -18.65 6.33
N GLU V 200 -1.97 -18.08 6.13
CA GLU V 200 -0.83 -18.77 5.52
C GLU V 200 0.11 -19.37 6.55
N ILE V 201 0.46 -18.62 7.60
CA ILE V 201 1.37 -19.12 8.62
C ILE V 201 0.70 -20.18 9.47
N LEU V 202 -0.52 -19.92 9.92
CA LEU V 202 -1.25 -20.91 10.71
C LEU V 202 -1.84 -22.00 9.84
N ALA V 203 -2.27 -21.65 8.63
CA ALA V 203 -2.67 -22.61 7.61
C ALA V 203 -3.92 -23.41 8.02
N ILE V 204 -4.96 -22.71 8.45
CA ILE V 204 -6.29 -23.28 8.63
C ILE V 204 -7.33 -22.27 8.14
N ARG V 205 -8.60 -22.67 8.21
CA ARG V 205 -9.72 -21.89 7.71
C ARG V 205 -10.19 -20.91 8.78
N LEU V 206 -10.31 -19.64 8.40
CA LEU V 206 -10.74 -18.60 9.34
C LEU V 206 -12.22 -18.73 9.66
N LEU V 207 -12.55 -18.76 10.96
CA LEU V 207 -13.94 -18.64 11.39
C LEU V 207 -14.45 -17.21 11.23
N GLY V 208 -13.55 -16.23 11.28
CA GLY V 208 -13.96 -14.85 11.06
C GLY V 208 -12.92 -13.89 11.56
N VAL V 209 -13.14 -12.63 11.23
CA VAL V 209 -12.23 -11.54 11.58
C VAL V 209 -13.04 -10.46 12.26
N ILE V 210 -12.73 -10.16 13.51
CA ILE V 210 -13.53 -9.31 14.37
C ILE V 210 -12.79 -7.99 14.54
N PRO V 211 -13.35 -6.86 14.10
CA PRO V 211 -12.59 -5.60 14.10
C PRO V 211 -12.32 -5.07 15.49
N GLU V 212 -11.38 -4.14 15.55
CA GLU V 212 -11.21 -3.30 16.73
C GLU V 212 -12.44 -2.42 16.93
N SER V 213 -12.98 -2.43 18.14
CA SER V 213 -14.22 -1.72 18.40
C SER V 213 -14.22 -1.15 19.81
N GLN V 214 -14.73 0.07 19.96
CA GLN V 214 -15.04 0.56 21.29
C GLN V 214 -16.29 -0.08 21.85
N ALA V 215 -17.06 -0.77 21.01
CA ALA V 215 -18.28 -1.43 21.46
C ALA V 215 -18.00 -2.63 22.37
N VAL V 216 -16.81 -3.23 22.26
CA VAL V 216 -16.49 -4.39 23.08
C VAL V 216 -16.24 -3.98 24.53
N LEU V 217 -15.49 -2.90 24.74
CA LEU V 217 -15.29 -2.42 26.11
C LEU V 217 -16.55 -1.76 26.68
N LYS V 218 -17.40 -1.17 25.83
CA LYS V 218 -18.63 -0.57 26.32
C LYS V 218 -19.62 -1.66 26.74
N ALA V 219 -19.64 -2.78 26.03
CA ALA V 219 -20.60 -3.83 26.35
C ALA V 219 -20.23 -4.55 27.65
N SER V 220 -18.95 -4.86 27.85
CA SER V 220 -18.55 -5.49 29.09
C SER V 220 -18.65 -4.54 30.28
N ASN V 221 -18.70 -3.23 30.04
CA ASN V 221 -18.88 -2.28 31.11
C ASN V 221 -20.32 -2.17 31.56
N GLN V 222 -21.27 -2.65 30.75
CA GLN V 222 -22.67 -2.63 31.11
C GLN V 222 -23.25 -4.02 31.31
N GLY V 223 -22.43 -5.06 31.16
CA GLY V 223 -22.84 -6.41 31.49
C GLY V 223 -23.36 -7.24 30.32
N VAL V 224 -23.41 -6.69 29.12
CA VAL V 224 -23.99 -7.35 27.97
C VAL V 224 -22.90 -7.95 27.09
N PRO V 225 -23.09 -9.14 26.51
CA PRO V 225 -22.21 -9.57 25.43
C PRO V 225 -22.34 -8.66 24.22
N VAL V 226 -21.30 -8.65 23.39
CA VAL V 226 -21.26 -7.72 22.26
C VAL V 226 -22.02 -8.25 21.06
N ILE V 227 -22.39 -9.53 21.05
CA ILE V 227 -23.26 -10.04 19.99
C ILE V 227 -24.71 -9.63 20.21
N LEU V 228 -25.07 -9.18 21.42
CA LEU V 228 -26.36 -8.56 21.69
C LEU V 228 -26.34 -7.06 21.43
N ASP V 229 -25.27 -6.55 20.82
CA ASP V 229 -25.20 -5.18 20.35
C ASP V 229 -25.00 -5.25 18.84
N GLU V 230 -26.11 -5.28 18.10
CA GLU V 230 -26.06 -5.51 16.66
C GLU V 230 -25.85 -4.25 15.85
N GLN V 231 -25.91 -3.07 16.48
CA GLN V 231 -25.67 -1.82 15.76
C GLN V 231 -24.19 -1.62 15.42
N SER V 232 -23.29 -2.23 16.18
CA SER V 232 -21.86 -1.99 16.02
C SER V 232 -21.29 -2.86 14.90
N ASP V 233 -20.00 -2.69 14.64
CA ASP V 233 -19.30 -3.48 13.64
C ASP V 233 -18.87 -4.84 14.21
N ALA V 234 -18.45 -4.87 15.48
CA ALA V 234 -17.99 -6.12 16.06
C ALA V 234 -19.16 -7.07 16.31
N GLY V 235 -20.31 -6.54 16.75
CA GLY V 235 -21.46 -7.39 16.98
C GLY V 235 -21.93 -8.09 15.71
N GLN V 236 -21.87 -7.40 14.58
CA GLN V 236 -22.12 -8.05 13.31
C GLN V 236 -21.13 -9.18 13.09
N ALA V 237 -19.82 -8.86 13.18
CA ALA V 237 -18.78 -9.83 12.86
C ALA V 237 -18.76 -11.00 13.83
N TYR V 238 -19.27 -10.83 15.06
CA TYR V 238 -19.37 -11.98 15.95
C TYR V 238 -20.54 -12.87 15.57
N SER V 239 -21.61 -12.28 15.03
CA SER V 239 -22.78 -13.08 14.69
C SER V 239 -22.66 -13.75 13.34
N ASP V 240 -21.62 -13.46 12.57
CA ASP V 240 -21.36 -14.20 11.34
C ASP V 240 -20.45 -15.39 11.59
N ALA V 241 -19.54 -15.27 12.55
CA ALA V 241 -18.69 -16.39 12.92
C ALA V 241 -19.49 -17.50 13.55
N VAL V 242 -20.64 -17.18 14.16
CA VAL V 242 -21.48 -18.21 14.73
C VAL V 242 -22.24 -18.95 13.63
N ASP V 243 -22.59 -18.26 12.55
CA ASP V 243 -23.15 -18.95 11.40
C ASP V 243 -22.09 -19.80 10.71
N ARG V 244 -20.84 -19.32 10.66
CA ARG V 244 -19.75 -20.10 10.09
C ARG V 244 -19.40 -21.31 10.94
N LEU V 245 -19.74 -21.29 12.23
CA LEU V 245 -19.63 -22.49 13.03
C LEU V 245 -20.66 -23.54 12.63
N LEU V 246 -21.81 -23.10 12.15
CA LEU V 246 -22.90 -23.99 11.77
C LEU V 246 -22.95 -24.26 10.27
N GLY V 247 -21.80 -24.22 9.59
CA GLY V 247 -21.69 -24.60 8.19
C GLY V 247 -21.99 -23.51 7.18
N LYS V 248 -22.79 -22.50 7.55
CA LYS V 248 -23.25 -21.47 6.61
C LYS V 248 -22.08 -20.56 6.26
N GLU V 249 -21.54 -20.71 5.05
CA GLU V 249 -20.40 -19.91 4.63
C GLU V 249 -20.83 -18.50 4.25
N ILE V 250 -20.13 -17.50 4.81
CA ILE V 250 -20.47 -16.09 4.63
C ILE V 250 -19.20 -15.34 4.20
N PRO V 251 -19.27 -14.43 3.23
CA PRO V 251 -18.09 -13.64 2.85
C PRO V 251 -17.72 -12.63 3.94
N HIS V 252 -16.42 -12.56 4.24
CA HIS V 252 -15.94 -11.73 5.34
C HIS V 252 -16.12 -10.25 5.04
N ARG V 253 -16.47 -9.48 6.06
CA ARG V 253 -16.67 -8.04 5.93
C ARG V 253 -15.72 -7.28 6.84
N PHE V 254 -15.80 -5.95 6.78
CA PHE V 254 -15.10 -5.00 7.65
C PHE V 254 -13.58 -5.01 7.45
N LEU V 255 -13.09 -5.57 6.36
CA LEU V 255 -11.64 -5.64 6.12
C LEU V 255 -11.15 -4.47 5.28
#